data_2FE0
#
_entry.id   2FE0
#
_entity_poly.entity_id   1
_entity_poly.type   'polypeptide(L)'
_entity_poly.pdbx_seq_one_letter_code
;GPLGSMGCGASSENSSVTYVNGRPTFVGEEVTKGFEKDNGLLFRIVNKKKKQWAYYNDTTQYEMHVLVTFNEDCDIKALG
KTKLEQQENGEWVASVVVYPCETEMFIEGRVNGFKSKMDALPLSEEYRQHQAEKDK
;
_entity_poly.pdbx_strand_id   A
#
# COMPACT_ATOMS: atom_id res chain seq x y z
N MET A 6 -2.84 3.74 25.57
CA MET A 6 -2.59 4.81 26.58
C MET A 6 -3.87 5.63 26.77
N GLY A 7 -4.73 5.61 25.76
CA GLY A 7 -5.98 6.35 25.83
C GLY A 7 -6.51 6.68 24.43
N CYS A 8 -5.65 7.28 23.61
CA CYS A 8 -6.04 7.63 22.25
C CYS A 8 -7.13 8.70 22.26
N GLY A 9 -8.23 8.40 22.94
CA GLY A 9 -9.34 9.36 23.02
C GLY A 9 -10.30 9.18 21.86
N ALA A 10 -10.09 8.11 21.07
CA ALA A 10 -10.94 7.83 19.93
C ALA A 10 -10.99 6.34 19.64
N SER A 11 -12.08 5.90 19.03
CA SER A 11 -12.24 4.48 18.70
C SER A 11 -11.54 4.15 17.39
N SER A 12 -10.98 2.94 17.30
CA SER A 12 -10.28 2.52 16.10
C SER A 12 -10.50 1.03 15.86
N GLU A 13 -10.26 0.59 14.63
CA GLU A 13 -10.43 -0.82 14.28
C GLU A 13 -11.72 -1.37 14.89
N ASN A 14 -12.84 -1.01 14.30
CA ASN A 14 -14.14 -1.47 14.80
C ASN A 14 -14.16 -3.00 14.87
N SER A 15 -13.57 -3.64 13.88
CA SER A 15 -13.52 -5.09 13.83
C SER A 15 -12.69 -5.58 12.66
N SER A 16 -11.46 -6.00 12.95
CA SER A 16 -10.55 -6.47 11.91
C SER A 16 -10.65 -5.60 10.67
N VAL A 17 -10.79 -6.23 9.51
CA VAL A 17 -10.89 -5.50 8.25
C VAL A 17 -11.92 -6.14 7.34
N THR A 18 -12.75 -5.31 6.73
CA THR A 18 -13.78 -5.81 5.82
C THR A 18 -13.70 -5.12 4.47
N TYR A 19 -13.73 -5.91 3.40
CA TYR A 19 -13.65 -5.36 2.05
C TYR A 19 -15.04 -5.33 1.41
N VAL A 20 -15.13 -4.71 0.23
CA VAL A 20 -16.41 -4.61 -0.46
C VAL A 20 -16.23 -4.84 -1.96
N ASN A 21 -15.39 -4.01 -2.58
CA ASN A 21 -15.15 -4.11 -4.01
C ASN A 21 -14.47 -5.45 -4.34
N GLY A 22 -13.74 -5.99 -3.37
CA GLY A 22 -13.06 -7.26 -3.57
C GLY A 22 -12.02 -7.50 -2.47
N ARG A 23 -11.62 -8.74 -2.30
CA ARG A 23 -10.63 -9.09 -1.29
C ARG A 23 -9.22 -9.01 -1.85
N PRO A 24 -8.26 -8.68 -1.03
CA PRO A 24 -6.84 -8.57 -1.45
C PRO A 24 -6.23 -9.93 -1.80
N THR A 25 -5.47 -9.97 -2.88
CA THR A 25 -4.83 -11.20 -3.31
C THR A 25 -3.59 -11.48 -2.47
N PHE A 26 -3.31 -10.60 -1.52
CA PHE A 26 -2.14 -10.77 -0.66
C PHE A 26 -2.55 -10.58 0.81
N VAL A 27 -1.98 -11.41 1.68
CA VAL A 27 -2.29 -11.34 3.10
C VAL A 27 -1.01 -11.48 3.92
N GLY A 28 -0.77 -10.52 4.82
CA GLY A 28 0.41 -10.55 5.66
C GLY A 28 0.05 -10.88 7.10
N GLU A 29 0.17 -9.91 7.99
CA GLU A 29 -0.16 -10.10 9.39
C GLU A 29 -0.86 -8.89 9.97
N GLU A 30 -0.19 -7.74 9.90
CA GLU A 30 -0.78 -6.50 10.41
C GLU A 30 -1.48 -5.74 9.29
N VAL A 31 -2.74 -5.38 9.53
CA VAL A 31 -3.52 -4.66 8.53
C VAL A 31 -4.02 -3.34 9.10
N THR A 32 -3.88 -2.27 8.32
CA THR A 32 -4.31 -0.94 8.76
C THR A 32 -4.80 -0.12 7.59
N LYS A 33 -5.61 0.89 7.86
CA LYS A 33 -6.14 1.74 6.81
C LYS A 33 -5.42 3.09 6.80
N GLY A 34 -5.00 3.52 5.62
CA GLY A 34 -4.31 4.79 5.47
C GLY A 34 -5.24 5.96 5.76
N PHE A 35 -6.24 6.14 4.91
CA PHE A 35 -7.20 7.22 5.07
C PHE A 35 -8.24 6.86 6.14
N GLU A 36 -8.48 7.79 7.06
CA GLU A 36 -9.45 7.57 8.12
C GLU A 36 -10.85 8.00 7.67
N LYS A 37 -11.25 7.55 6.50
CA LYS A 37 -12.56 7.90 5.97
C LYS A 37 -13.11 6.77 5.08
N ASP A 38 -14.42 6.56 5.15
CA ASP A 38 -15.05 5.51 4.35
C ASP A 38 -14.64 4.14 4.85
N ASN A 39 -14.98 3.10 4.10
CA ASN A 39 -14.65 1.74 4.48
C ASN A 39 -13.16 1.62 4.81
N GLY A 40 -12.35 2.43 4.14
CA GLY A 40 -10.91 2.41 4.37
C GLY A 40 -10.15 2.77 3.10
N LEU A 41 -10.82 2.65 1.95
CA LEU A 41 -10.20 2.96 0.68
C LEU A 41 -8.99 2.07 0.44
N LEU A 42 -7.89 2.37 1.12
CA LEU A 42 -6.66 1.59 0.95
C LEU A 42 -6.26 0.96 2.28
N PHE A 43 -6.01 -0.35 2.24
CA PHE A 43 -5.60 -1.06 3.45
C PHE A 43 -4.13 -1.48 3.35
N ARG A 44 -3.34 -1.07 4.33
CA ARG A 44 -1.91 -1.40 4.35
C ARG A 44 -1.70 -2.81 4.86
N ILE A 45 -1.15 -3.67 4.00
CA ILE A 45 -0.89 -5.06 4.38
C ILE A 45 0.59 -5.28 4.63
N VAL A 46 0.92 -5.86 5.78
CA VAL A 46 2.31 -6.11 6.13
C VAL A 46 2.48 -7.54 6.64
N ASN A 47 3.45 -8.25 6.07
CA ASN A 47 3.73 -9.61 6.49
C ASN A 47 5.02 -9.68 7.29
N LYS A 48 4.89 -9.79 8.61
CA LYS A 48 6.06 -9.85 9.48
C LYS A 48 6.99 -10.98 9.07
N LYS A 49 6.41 -12.04 8.52
CA LYS A 49 7.21 -13.18 8.08
C LYS A 49 8.27 -12.74 7.07
N LYS A 50 7.83 -12.35 5.88
CA LYS A 50 8.76 -11.91 4.84
C LYS A 50 9.02 -10.41 4.97
N LYS A 51 8.33 -9.77 5.90
CA LYS A 51 8.50 -8.33 6.12
C LYS A 51 8.28 -7.56 4.82
N GLN A 52 7.40 -8.07 3.97
CA GLN A 52 7.11 -7.41 2.70
C GLN A 52 5.78 -6.67 2.78
N TRP A 53 5.80 -5.40 2.41
CA TRP A 53 4.59 -4.58 2.44
C TRP A 53 3.76 -4.79 1.17
N ALA A 54 2.46 -4.58 1.29
CA ALA A 54 1.56 -4.73 0.15
C ALA A 54 0.37 -3.80 0.26
N TYR A 55 -0.09 -3.27 -0.86
CA TYR A 55 -1.22 -2.35 -0.87
C TYR A 55 -2.34 -2.87 -1.75
N TYR A 56 -3.58 -2.75 -1.28
CA TYR A 56 -4.74 -3.20 -2.06
C TYR A 56 -5.70 -2.04 -2.28
N ASN A 57 -6.01 -1.77 -3.55
CA ASN A 57 -6.92 -0.69 -3.89
C ASN A 57 -8.36 -1.19 -3.91
N ASP A 58 -9.22 -0.53 -3.13
CA ASP A 58 -10.63 -0.92 -3.06
C ASP A 58 -11.46 -0.06 -4.00
N THR A 59 -11.26 1.25 -3.95
CA THR A 59 -12.01 2.17 -4.78
C THR A 59 -11.83 1.81 -6.26
N THR A 60 -12.94 1.83 -7.00
CA THR A 60 -12.89 1.50 -8.42
C THR A 60 -13.01 2.76 -9.27
N GLN A 61 -12.86 3.92 -8.63
CA GLN A 61 -12.95 5.19 -9.33
C GLN A 61 -11.73 6.05 -9.03
N TYR A 62 -10.95 5.65 -8.04
CA TYR A 62 -9.75 6.39 -7.67
C TYR A 62 -8.54 5.46 -7.59
N GLU A 63 -7.41 5.93 -8.10
CA GLU A 63 -6.18 5.14 -8.04
C GLU A 63 -5.39 5.48 -6.79
N MET A 64 -4.83 4.46 -6.14
CA MET A 64 -4.07 4.66 -4.92
C MET A 64 -2.59 4.88 -5.23
N HIS A 65 -2.06 6.02 -4.77
CA HIS A 65 -0.65 6.32 -4.98
C HIS A 65 0.12 6.24 -3.66
N VAL A 66 1.14 5.39 -3.63
CA VAL A 66 1.93 5.23 -2.42
C VAL A 66 3.28 5.93 -2.53
N LEU A 67 3.62 6.72 -1.53
CA LEU A 67 4.88 7.43 -1.52
C LEU A 67 5.47 7.48 -0.11
N VAL A 68 6.31 6.51 0.20
CA VAL A 68 6.91 6.42 1.53
C VAL A 68 8.42 6.66 1.45
N THR A 69 8.91 7.54 2.32
CA THR A 69 10.34 7.85 2.36
C THR A 69 10.96 7.25 3.61
N PHE A 70 12.11 6.60 3.45
CA PHE A 70 12.80 5.98 4.56
C PHE A 70 14.18 6.63 4.78
N ASN A 71 14.71 6.47 5.99
CA ASN A 71 16.01 7.05 6.31
C ASN A 71 17.13 6.16 5.78
N GLU A 72 18.30 6.75 5.59
CA GLU A 72 19.45 6.01 5.08
C GLU A 72 19.62 4.70 5.83
N ASP A 73 19.63 4.78 7.16
CA ASP A 73 19.78 3.60 7.99
C ASP A 73 18.49 2.79 8.02
N CYS A 74 18.21 2.09 6.93
CA CYS A 74 17.00 1.28 6.85
C CYS A 74 17.18 0.13 5.86
N ASP A 75 17.19 -1.09 6.37
CA ASP A 75 17.36 -2.26 5.52
C ASP A 75 16.05 -2.60 4.81
N ILE A 76 15.77 -1.88 3.72
CA ILE A 76 14.55 -2.10 2.97
C ILE A 76 14.87 -2.45 1.52
N LYS A 77 13.92 -3.08 0.84
CA LYS A 77 14.12 -3.47 -0.55
C LYS A 77 12.91 -3.05 -1.40
N ALA A 78 13.10 -3.09 -2.72
CA ALA A 78 12.02 -2.71 -3.64
C ALA A 78 11.40 -3.96 -4.27
N LEU A 79 10.07 -3.98 -4.33
CA LEU A 79 9.37 -5.11 -4.92
C LEU A 79 8.69 -4.71 -6.23
N GLY A 80 8.11 -5.68 -6.92
CA GLY A 80 7.43 -5.42 -8.18
C GLY A 80 8.21 -4.41 -9.01
N LYS A 81 7.48 -3.48 -9.64
CA LYS A 81 8.12 -2.46 -10.46
C LYS A 81 8.42 -1.21 -9.64
N THR A 82 8.13 -1.29 -8.35
CA THR A 82 8.37 -0.15 -7.46
C THR A 82 9.78 0.41 -7.68
N LYS A 83 9.85 1.70 -7.97
CA LYS A 83 11.14 2.35 -8.19
C LYS A 83 11.77 2.76 -6.87
N LEU A 84 13.01 2.33 -6.65
CA LEU A 84 13.71 2.65 -5.42
C LEU A 84 15.02 3.38 -5.72
N GLU A 85 15.22 4.52 -5.08
CA GLU A 85 16.43 5.30 -5.29
C GLU A 85 16.80 6.08 -4.03
N GLN A 86 18.08 6.38 -3.87
CA GLN A 86 18.54 7.11 -2.71
C GLN A 86 18.92 8.55 -3.08
N GLN A 87 18.77 9.47 -2.13
CA GLN A 87 19.09 10.86 -2.38
C GLN A 87 20.45 11.21 -1.77
N GLU A 88 20.96 12.39 -2.10
CA GLU A 88 22.25 12.83 -1.59
C GLU A 88 22.17 13.09 -0.09
N ASN A 89 21.01 13.55 0.36
CA ASN A 89 20.81 13.84 1.78
C ASN A 89 20.95 12.56 2.61
N GLY A 90 20.70 11.43 1.97
CA GLY A 90 20.81 10.14 2.67
C GLY A 90 19.43 9.62 3.05
N GLU A 91 18.56 9.46 2.06
CA GLU A 91 17.22 8.94 2.30
C GLU A 91 16.77 8.04 1.15
N TRP A 92 15.94 7.07 1.47
CA TRP A 92 15.43 6.15 0.45
C TRP A 92 13.99 6.48 0.10
N VAL A 93 13.67 6.39 -1.20
CA VAL A 93 12.31 6.70 -1.66
C VAL A 93 11.76 5.56 -2.49
N ALA A 94 10.50 5.20 -2.25
CA ALA A 94 9.86 4.12 -2.98
C ALA A 94 8.41 4.48 -3.31
N SER A 95 8.13 4.66 -4.59
CA SER A 95 6.78 5.03 -5.02
C SER A 95 6.23 3.99 -5.99
N VAL A 96 4.92 3.77 -5.90
CA VAL A 96 4.25 2.81 -6.79
C VAL A 96 2.75 3.03 -6.79
N VAL A 97 2.14 2.94 -7.96
CA VAL A 97 0.70 3.15 -8.09
C VAL A 97 -0.02 1.81 -8.20
N VAL A 98 -1.13 1.66 -7.48
CA VAL A 98 -1.90 0.43 -7.51
C VAL A 98 -3.29 0.69 -8.10
N TYR A 99 -3.68 -0.12 -9.06
CA TYR A 99 -4.98 0.04 -9.71
C TYR A 99 -6.03 -0.85 -9.02
N PRO A 100 -7.26 -0.44 -9.05
CA PRO A 100 -8.38 -1.20 -8.42
C PRO A 100 -8.47 -2.64 -8.94
N CYS A 101 -9.11 -3.50 -8.17
CA CYS A 101 -9.26 -4.90 -8.56
C CYS A 101 -7.90 -5.51 -8.87
N GLU A 102 -6.86 -4.98 -8.23
CA GLU A 102 -5.51 -5.49 -8.46
C GLU A 102 -4.64 -5.24 -7.22
N THR A 103 -3.59 -6.05 -7.07
CA THR A 103 -2.70 -5.91 -5.93
C THR A 103 -1.23 -5.98 -6.39
N GLU A 104 -0.41 -5.07 -5.88
CA GLU A 104 0.99 -5.03 -6.24
C GLU A 104 1.88 -5.00 -5.00
N MET A 105 3.12 -5.45 -5.15
CA MET A 105 4.06 -5.46 -4.04
C MET A 105 4.71 -4.10 -3.88
N PHE A 106 5.18 -3.80 -2.67
CA PHE A 106 5.80 -2.51 -2.38
C PHE A 106 7.26 -2.70 -2.01
N ILE A 107 7.56 -2.59 -0.72
CA ILE A 107 8.93 -2.73 -0.24
C ILE A 107 9.02 -3.87 0.77
N GLU A 108 10.25 -4.34 1.02
CA GLU A 108 10.46 -5.42 1.97
C GLU A 108 11.74 -5.18 2.77
N GLY A 109 11.79 -5.75 3.97
CA GLY A 109 12.96 -5.60 4.83
C GLY A 109 12.59 -4.91 6.15
N ARG A 110 13.58 -4.34 6.81
CA ARG A 110 13.35 -3.64 8.07
C ARG A 110 13.14 -2.15 7.83
N VAL A 111 12.18 -1.57 8.53
CA VAL A 111 11.88 -0.15 8.38
C VAL A 111 12.31 0.63 9.62
N ASN A 112 13.03 1.71 9.42
CA ASN A 112 13.50 2.53 10.52
C ASN A 112 13.29 4.01 10.21
N GLY A 113 12.51 4.69 11.05
CA GLY A 113 12.24 6.11 10.85
C GLY A 113 11.90 6.39 9.39
N PHE A 114 10.62 6.46 9.08
CA PHE A 114 10.18 6.70 7.71
C PHE A 114 8.91 7.55 7.68
N LYS A 115 8.67 8.22 6.56
CA LYS A 115 7.48 9.04 6.40
C LYS A 115 6.59 8.49 5.29
N SER A 116 5.29 8.42 5.54
CA SER A 116 4.35 7.90 4.57
C SER A 116 3.41 8.98 4.08
N LYS A 117 3.23 9.05 2.76
CA LYS A 117 2.33 10.03 2.17
C LYS A 117 1.48 9.38 1.07
N MET A 118 0.17 9.44 1.24
CA MET A 118 -0.73 8.82 0.26
C MET A 118 -1.79 9.82 -0.21
N ASP A 119 -2.46 9.49 -1.30
CA ASP A 119 -3.48 10.36 -1.86
C ASP A 119 -4.47 9.55 -2.70
N ALA A 120 -5.51 10.21 -3.19
CA ALA A 120 -6.52 9.54 -4.00
C ALA A 120 -6.75 10.28 -5.31
N LEU A 121 -5.95 9.95 -6.33
CA LEU A 121 -6.08 10.58 -7.63
C LEU A 121 -7.05 9.81 -8.51
N PRO A 122 -7.71 10.48 -9.42
CA PRO A 122 -8.68 9.85 -10.35
C PRO A 122 -7.98 9.01 -11.42
N LEU A 123 -8.52 7.82 -11.67
CA LEU A 123 -7.94 6.92 -12.67
C LEU A 123 -7.52 7.71 -13.91
N SER A 124 -6.24 8.03 -13.99
CA SER A 124 -5.71 8.78 -15.12
C SER A 124 -5.80 7.96 -16.39
N GLU A 125 -5.40 8.56 -17.52
CA GLU A 125 -5.45 7.88 -18.80
C GLU A 125 -4.66 6.57 -18.74
N GLU A 126 -3.63 6.56 -17.89
CA GLU A 126 -2.79 5.37 -17.74
C GLU A 126 -3.63 4.18 -17.29
N TYR A 127 -4.63 4.44 -16.46
CA TYR A 127 -5.49 3.38 -15.96
C TYR A 127 -6.19 2.68 -17.12
N ARG A 128 -6.67 3.47 -18.09
CA ARG A 128 -7.36 2.91 -19.24
C ARG A 128 -6.44 1.96 -20.01
N GLN A 129 -5.19 2.35 -20.14
CA GLN A 129 -4.21 1.51 -20.84
C GLN A 129 -3.93 0.24 -20.04
N HIS A 130 -3.88 0.37 -18.72
CA HIS A 130 -3.63 -0.77 -17.85
C HIS A 130 -4.66 -1.87 -18.10
N GLN A 131 -5.89 -1.47 -18.42
CA GLN A 131 -6.95 -2.42 -18.68
C GLN A 131 -6.58 -3.34 -19.84
N ALA A 132 -5.89 -2.79 -20.83
CA ALA A 132 -5.48 -3.56 -21.99
C ALA A 132 -4.44 -4.62 -21.58
N GLU A 133 -3.58 -4.25 -20.65
CA GLU A 133 -2.55 -5.17 -20.17
C GLU A 133 -3.18 -6.37 -19.47
N LYS A 134 -4.29 -6.13 -18.78
CA LYS A 134 -4.98 -7.19 -18.07
C LYS A 134 -5.45 -8.27 -19.04
N ASP A 135 -5.87 -7.85 -20.23
CA ASP A 135 -6.35 -8.80 -21.23
C ASP A 135 -6.37 -8.14 -22.61
N LYS A 136 -6.39 -8.96 -23.65
CA LYS A 136 -6.42 -8.44 -25.01
C LYS A 136 -7.00 -9.48 -25.97
N MET A 6 -5.85 -22.84 26.20
CA MET A 6 -5.92 -22.22 27.56
C MET A 6 -6.12 -20.71 27.41
N GLY A 7 -6.28 -20.03 28.54
CA GLY A 7 -6.47 -18.59 28.52
C GLY A 7 -7.81 -18.23 27.87
N CYS A 8 -7.76 -17.31 26.90
CA CYS A 8 -8.97 -16.88 26.21
C CYS A 8 -8.64 -16.44 24.79
N GLY A 9 -9.61 -16.54 23.90
CA GLY A 9 -9.42 -16.14 22.51
C GLY A 9 -9.96 -17.20 21.56
N ALA A 10 -11.19 -17.64 21.81
CA ALA A 10 -11.82 -18.65 20.97
C ALA A 10 -11.98 -18.14 19.54
N SER A 11 -12.18 -16.84 19.41
CA SER A 11 -12.35 -16.24 18.09
C SER A 11 -11.09 -15.47 17.69
N SER A 12 -10.80 -15.46 16.39
CA SER A 12 -9.62 -14.76 15.88
C SER A 12 -9.82 -13.25 15.95
N GLU A 13 -11.07 -12.83 16.06
CA GLU A 13 -11.39 -11.41 16.13
C GLU A 13 -10.56 -10.62 15.11
N ASN A 14 -9.63 -9.82 15.61
CA ASN A 14 -8.77 -9.02 14.74
C ASN A 14 -9.62 -8.12 13.84
N SER A 15 -10.63 -7.49 14.42
CA SER A 15 -11.51 -6.60 13.67
C SER A 15 -10.93 -5.20 13.60
N SER A 16 -10.83 -4.66 12.39
CA SER A 16 -10.29 -3.32 12.22
C SER A 16 -10.12 -3.01 10.72
N VAL A 17 -10.73 -3.84 9.88
CA VAL A 17 -10.63 -3.64 8.44
C VAL A 17 -11.93 -4.08 7.76
N THR A 18 -12.40 -3.26 6.83
CA THR A 18 -13.64 -3.57 6.12
C THR A 18 -13.43 -3.48 4.61
N TYR A 19 -13.99 -4.44 3.87
CA TYR A 19 -13.86 -4.45 2.42
C TYR A 19 -15.23 -4.30 1.76
N VAL A 20 -15.22 -3.95 0.47
CA VAL A 20 -16.47 -3.77 -0.25
C VAL A 20 -16.31 -4.16 -1.71
N ASN A 21 -15.29 -3.60 -2.36
CA ASN A 21 -15.04 -3.88 -3.77
C ASN A 21 -14.29 -5.21 -3.93
N GLY A 22 -14.07 -5.89 -2.81
CA GLY A 22 -13.37 -7.17 -2.84
C GLY A 22 -12.18 -7.16 -1.88
N ARG A 23 -11.78 -8.35 -1.44
CA ARG A 23 -10.66 -8.46 -0.52
C ARG A 23 -9.33 -8.50 -1.27
N PRO A 24 -8.29 -8.00 -0.68
CA PRO A 24 -6.93 -7.98 -1.30
C PRO A 24 -6.51 -9.36 -1.82
N THR A 25 -5.72 -9.36 -2.88
CA THR A 25 -5.23 -10.61 -3.44
C THR A 25 -4.06 -11.15 -2.63
N PHE A 26 -3.43 -10.27 -1.84
CA PHE A 26 -2.30 -10.66 -1.01
C PHE A 26 -2.67 -10.56 0.47
N VAL A 27 -2.20 -11.53 1.25
CA VAL A 27 -2.50 -11.55 2.68
C VAL A 27 -1.21 -11.66 3.48
N GLY A 28 -1.05 -10.78 4.47
CA GLY A 28 0.14 -10.79 5.31
C GLY A 28 -0.21 -11.11 6.76
N GLU A 29 0.07 -10.17 7.65
CA GLU A 29 -0.22 -10.37 9.07
C GLU A 29 -0.82 -9.11 9.67
N GLU A 30 -0.05 -8.02 9.66
CA GLU A 30 -0.52 -6.75 10.21
C GLU A 30 -1.18 -5.91 9.12
N VAL A 31 -2.39 -5.43 9.39
CA VAL A 31 -3.10 -4.61 8.42
C VAL A 31 -3.35 -3.22 8.98
N THR A 32 -3.06 -2.20 8.17
CA THR A 32 -3.25 -0.82 8.60
C THR A 32 -3.82 0.03 7.46
N LYS A 33 -4.85 0.82 7.77
CA LYS A 33 -5.48 1.66 6.76
C LYS A 33 -4.84 3.05 6.77
N GLY A 34 -4.51 3.56 5.57
CA GLY A 34 -3.92 4.88 5.45
C GLY A 34 -4.89 5.96 5.91
N PHE A 35 -5.94 6.16 5.12
CA PHE A 35 -6.95 7.15 5.46
C PHE A 35 -8.04 6.54 6.34
N GLU A 36 -8.38 7.24 7.42
CA GLU A 36 -9.40 6.75 8.34
C GLU A 36 -10.79 7.11 7.83
N LYS A 37 -10.85 7.70 6.65
CA LYS A 37 -12.13 8.09 6.07
C LYS A 37 -12.68 6.97 5.19
N ASP A 38 -14.00 6.96 5.03
CA ASP A 38 -14.63 5.94 4.21
C ASP A 38 -14.38 4.54 4.78
N ASN A 39 -14.16 3.58 3.88
CA ASN A 39 -13.91 2.21 4.31
C ASN A 39 -12.41 1.96 4.45
N GLY A 40 -11.64 3.04 4.44
CA GLY A 40 -10.18 2.93 4.56
C GLY A 40 -9.50 3.15 3.21
N LEU A 41 -10.27 3.00 2.14
CA LEU A 41 -9.73 3.19 0.80
C LEU A 41 -8.59 2.22 0.54
N LEU A 42 -7.42 2.52 1.08
CA LEU A 42 -6.26 1.67 0.89
C LEU A 42 -5.85 1.00 2.19
N PHE A 43 -5.62 -0.31 2.15
CA PHE A 43 -5.22 -1.06 3.32
C PHE A 43 -3.76 -1.48 3.21
N ARG A 44 -2.97 -1.12 4.22
CA ARG A 44 -1.55 -1.48 4.23
C ARG A 44 -1.36 -2.90 4.72
N ILE A 45 -0.93 -3.78 3.82
CA ILE A 45 -0.70 -5.17 4.18
C ILE A 45 0.78 -5.42 4.43
N VAL A 46 1.09 -6.06 5.56
CA VAL A 46 2.47 -6.36 5.91
C VAL A 46 2.62 -7.81 6.35
N ASN A 47 3.55 -8.51 5.72
CA ASN A 47 3.80 -9.91 6.07
C ASN A 47 5.09 -10.05 6.87
N LYS A 48 4.95 -10.24 8.17
CA LYS A 48 6.12 -10.37 9.04
C LYS A 48 7.02 -11.50 8.57
N LYS A 49 6.42 -12.53 7.98
CA LYS A 49 7.18 -13.67 7.50
C LYS A 49 8.24 -13.24 6.50
N LYS A 50 7.80 -12.60 5.42
CA LYS A 50 8.72 -12.13 4.39
C LYS A 50 9.03 -10.65 4.57
N LYS A 51 8.38 -10.02 5.54
CA LYS A 51 8.59 -8.61 5.81
C LYS A 51 8.38 -7.79 4.54
N GLN A 52 7.54 -8.28 3.64
CA GLN A 52 7.25 -7.58 2.39
C GLN A 52 5.95 -6.81 2.50
N TRP A 53 6.00 -5.52 2.17
CA TRP A 53 4.81 -4.67 2.24
C TRP A 53 4.01 -4.78 0.94
N ALA A 54 2.70 -4.66 1.06
CA ALA A 54 1.83 -4.73 -0.11
C ALA A 54 0.63 -3.79 0.05
N TYR A 55 0.17 -3.24 -1.06
CA TYR A 55 -0.96 -2.32 -1.03
C TYR A 55 -2.07 -2.81 -1.95
N TYR A 56 -3.31 -2.69 -1.48
CA TYR A 56 -4.46 -3.10 -2.27
C TYR A 56 -5.48 -1.97 -2.40
N ASN A 57 -5.85 -1.66 -3.64
CA ASN A 57 -6.79 -0.57 -3.89
C ASN A 57 -8.21 -1.11 -4.02
N ASP A 58 -9.15 -0.50 -3.32
CA ASP A 58 -10.54 -0.91 -3.38
C ASP A 58 -11.34 0.03 -4.27
N THR A 59 -11.00 1.31 -4.22
CA THR A 59 -11.69 2.31 -5.03
C THR A 59 -11.60 1.96 -6.51
N THR A 60 -12.75 1.81 -7.16
CA THR A 60 -12.78 1.48 -8.58
C THR A 60 -12.97 2.74 -9.42
N GLN A 61 -12.74 3.89 -8.80
CA GLN A 61 -12.88 5.16 -9.51
C GLN A 61 -11.63 6.02 -9.34
N TYR A 62 -10.79 5.65 -8.37
CA TYR A 62 -9.56 6.39 -8.12
C TYR A 62 -8.40 5.43 -7.89
N GLU A 63 -7.22 5.83 -8.34
CA GLU A 63 -6.02 5.01 -8.16
C GLU A 63 -5.29 5.41 -6.88
N MET A 64 -4.68 4.43 -6.22
CA MET A 64 -3.96 4.68 -4.98
C MET A 64 -2.49 4.93 -5.25
N HIS A 65 -2.00 6.10 -4.83
CA HIS A 65 -0.59 6.44 -5.02
C HIS A 65 0.15 6.40 -3.68
N VAL A 66 1.13 5.52 -3.57
CA VAL A 66 1.88 5.38 -2.33
C VAL A 66 3.22 6.12 -2.42
N LEU A 67 3.54 6.87 -1.37
CA LEU A 67 4.79 7.61 -1.33
C LEU A 67 5.36 7.59 0.08
N VAL A 68 6.21 6.61 0.37
CA VAL A 68 6.79 6.48 1.70
C VAL A 68 8.28 6.76 1.65
N THR A 69 8.76 7.55 2.61
CA THR A 69 10.18 7.87 2.69
C THR A 69 10.81 7.26 3.93
N PHE A 70 11.98 6.65 3.76
CA PHE A 70 12.67 6.02 4.89
C PHE A 70 14.02 6.69 5.13
N ASN A 71 14.60 6.43 6.30
CA ASN A 71 15.91 7.00 6.64
C ASN A 71 17.03 6.15 6.04
N GLU A 72 18.18 6.77 5.82
CA GLU A 72 19.32 6.06 5.26
C GLU A 72 19.56 4.76 6.00
N ASP A 73 19.50 4.82 7.33
CA ASP A 73 19.72 3.64 8.16
C ASP A 73 18.47 2.78 8.21
N CYS A 74 18.17 2.10 7.10
CA CYS A 74 17.00 1.24 7.02
C CYS A 74 17.21 0.13 6.00
N ASP A 75 17.22 -1.11 6.47
CA ASP A 75 17.43 -2.25 5.58
C ASP A 75 16.14 -2.56 4.82
N ILE A 76 15.90 -1.80 3.76
CA ILE A 76 14.69 -2.00 2.95
C ILE A 76 15.07 -2.28 1.50
N LYS A 77 14.18 -2.95 0.78
CA LYS A 77 14.44 -3.30 -0.61
C LYS A 77 13.21 -3.04 -1.47
N ALA A 78 13.40 -2.94 -2.79
CA ALA A 78 12.29 -2.70 -3.71
C ALA A 78 11.77 -4.02 -4.27
N LEU A 79 10.47 -4.09 -4.50
CA LEU A 79 9.86 -5.30 -5.02
C LEU A 79 9.33 -5.08 -6.43
N GLY A 80 8.01 -4.92 -6.56
CA GLY A 80 7.40 -4.72 -7.86
C GLY A 80 8.01 -3.52 -8.57
N LYS A 81 7.28 -2.97 -9.53
CA LYS A 81 7.77 -1.81 -10.28
C LYS A 81 8.19 -0.69 -9.34
N THR A 82 7.93 -0.89 -8.05
CA THR A 82 8.29 0.12 -7.05
C THR A 82 9.70 0.64 -7.30
N LYS A 83 9.79 1.90 -7.69
CA LYS A 83 11.07 2.52 -7.96
C LYS A 83 11.74 2.96 -6.66
N LEU A 84 12.94 2.43 -6.40
CA LEU A 84 13.66 2.77 -5.18
C LEU A 84 14.93 3.55 -5.51
N GLU A 85 15.14 4.65 -4.81
CA GLU A 85 16.33 5.47 -5.04
C GLU A 85 16.69 6.26 -3.78
N GLN A 86 17.97 6.60 -3.65
CA GLN A 86 18.44 7.33 -2.49
C GLN A 86 18.78 8.76 -2.86
N GLN A 87 18.66 9.68 -1.91
CA GLN A 87 18.96 11.08 -2.15
C GLN A 87 20.27 11.46 -1.48
N GLU A 88 20.78 12.65 -1.81
CA GLU A 88 22.04 13.13 -1.24
C GLU A 88 21.89 13.32 0.26
N ASN A 89 20.72 13.79 0.69
CA ASN A 89 20.48 14.02 2.11
C ASN A 89 20.63 12.71 2.89
N GLY A 90 20.43 11.59 2.22
CA GLY A 90 20.56 10.29 2.86
C GLY A 90 19.19 9.74 3.24
N GLU A 91 18.31 9.62 2.26
CA GLU A 91 16.98 9.09 2.51
C GLU A 91 16.53 8.19 1.36
N TRP A 92 15.75 7.17 1.68
CA TRP A 92 15.26 6.24 0.66
C TRP A 92 13.82 6.56 0.31
N VAL A 93 13.50 6.52 -0.98
CA VAL A 93 12.15 6.80 -1.44
C VAL A 93 11.62 5.67 -2.30
N ALA A 94 10.37 5.28 -2.06
CA ALA A 94 9.75 4.21 -2.82
C ALA A 94 8.30 4.57 -3.17
N SER A 95 8.08 4.95 -4.42
CA SER A 95 6.74 5.32 -4.88
C SER A 95 6.24 4.32 -5.91
N VAL A 96 4.92 4.07 -5.87
CA VAL A 96 4.32 3.13 -6.80
C VAL A 96 2.81 3.35 -6.87
N VAL A 97 2.23 3.11 -8.03
CA VAL A 97 0.78 3.27 -8.22
C VAL A 97 0.10 1.91 -8.32
N VAL A 98 -1.01 1.76 -7.62
CA VAL A 98 -1.75 0.51 -7.63
C VAL A 98 -3.13 0.70 -8.24
N TYR A 99 -3.50 -0.19 -9.16
CA TYR A 99 -4.81 -0.10 -9.80
C TYR A 99 -5.85 -0.88 -9.01
N PRO A 100 -7.09 -0.51 -9.14
CA PRO A 100 -8.22 -1.17 -8.40
C PRO A 100 -8.31 -2.65 -8.72
N CYS A 101 -8.76 -3.43 -7.74
CA CYS A 101 -8.92 -4.87 -7.93
C CYS A 101 -7.58 -5.51 -8.30
N GLU A 102 -6.50 -4.93 -7.80
CA GLU A 102 -5.16 -5.47 -8.07
C GLU A 102 -4.23 -5.19 -6.90
N THR A 103 -3.46 -6.20 -6.52
CA THR A 103 -2.51 -6.05 -5.42
C THR A 103 -1.07 -6.24 -5.91
N GLU A 104 -0.23 -5.25 -5.67
CA GLU A 104 1.16 -5.32 -6.10
C GLU A 104 2.10 -5.23 -4.91
N MET A 105 3.35 -5.62 -5.13
CA MET A 105 4.35 -5.58 -4.06
C MET A 105 4.90 -4.18 -3.90
N PHE A 106 5.38 -3.87 -2.69
CA PHE A 106 5.93 -2.54 -2.41
C PHE A 106 7.41 -2.64 -2.06
N ILE A 107 7.71 -2.73 -0.78
CA ILE A 107 9.09 -2.85 -0.33
C ILE A 107 9.22 -3.94 0.73
N GLU A 108 10.42 -4.50 0.85
CA GLU A 108 10.67 -5.56 1.83
C GLU A 108 11.93 -5.27 2.62
N GLY A 109 12.00 -5.82 3.83
CA GLY A 109 13.17 -5.63 4.69
C GLY A 109 12.76 -5.04 6.03
N ARG A 110 13.72 -4.44 6.72
CA ARG A 110 13.44 -3.84 8.03
C ARG A 110 13.14 -2.36 7.89
N VAL A 111 12.18 -1.88 8.67
CA VAL A 111 11.80 -0.47 8.62
C VAL A 111 11.86 0.17 10.01
N ASN A 112 12.42 1.37 10.08
CA ASN A 112 12.53 2.08 11.34
C ASN A 112 12.26 3.56 11.14
N GLY A 113 11.26 4.08 11.86
CA GLY A 113 10.91 5.49 11.75
C GLY A 113 10.85 5.92 10.29
N PHE A 114 9.64 5.95 9.73
CA PHE A 114 9.47 6.33 8.33
C PHE A 114 8.25 7.22 8.15
N LYS A 115 8.24 8.01 7.09
CA LYS A 115 7.11 8.90 6.81
C LYS A 115 6.31 8.35 5.62
N SER A 116 4.99 8.25 5.81
CA SER A 116 4.12 7.73 4.77
C SER A 116 3.21 8.82 4.22
N LYS A 117 3.11 8.90 2.90
CA LYS A 117 2.25 9.88 2.26
C LYS A 117 1.49 9.25 1.10
N MET A 118 0.17 9.30 1.14
CA MET A 118 -0.65 8.71 0.09
C MET A 118 -1.75 9.68 -0.34
N ASP A 119 -2.45 9.32 -1.42
CA ASP A 119 -3.52 10.15 -1.95
C ASP A 119 -4.45 9.33 -2.83
N ALA A 120 -5.55 9.92 -3.25
CA ALA A 120 -6.50 9.23 -4.12
C ALA A 120 -6.70 9.98 -5.42
N LEU A 121 -5.84 9.70 -6.40
CA LEU A 121 -5.93 10.36 -7.70
C LEU A 121 -6.89 9.62 -8.61
N PRO A 122 -7.52 10.32 -9.51
CA PRO A 122 -8.48 9.73 -10.49
C PRO A 122 -7.77 8.88 -11.55
N LEU A 123 -8.44 7.85 -12.04
CA LEU A 123 -7.85 6.98 -13.05
C LEU A 123 -7.77 7.70 -14.39
N SER A 124 -6.58 7.68 -14.98
CA SER A 124 -6.37 8.34 -16.26
C SER A 124 -6.53 7.34 -17.41
N GLU A 125 -6.17 7.78 -18.62
CA GLU A 125 -6.29 6.92 -19.80
C GLU A 125 -5.38 5.69 -19.64
N GLU A 126 -4.26 5.88 -18.95
CA GLU A 126 -3.32 4.78 -18.74
C GLU A 126 -4.01 3.60 -18.09
N TYR A 127 -4.90 3.88 -17.15
CA TYR A 127 -5.65 2.82 -16.46
C TYR A 127 -6.59 2.12 -17.44
N ARG A 128 -7.23 2.90 -18.29
CA ARG A 128 -8.16 2.34 -19.27
C ARG A 128 -7.46 1.28 -20.12
N GLN A 129 -6.23 1.59 -20.53
CA GLN A 129 -5.46 0.66 -21.33
C GLN A 129 -5.04 -0.56 -20.51
N HIS A 130 -4.69 -0.32 -19.26
CA HIS A 130 -4.29 -1.41 -18.37
C HIS A 130 -5.38 -2.47 -18.28
N GLN A 131 -6.63 -2.03 -18.48
CA GLN A 131 -7.75 -2.96 -18.42
C GLN A 131 -8.12 -3.44 -19.81
N ALA A 132 -7.97 -2.55 -20.80
CA ALA A 132 -8.30 -2.90 -22.18
C ALA A 132 -7.35 -3.97 -22.70
N GLU A 133 -6.09 -3.90 -22.26
CA GLU A 133 -5.09 -4.87 -22.69
C GLU A 133 -5.43 -6.27 -22.18
N LYS A 134 -6.08 -6.32 -21.02
CA LYS A 134 -6.47 -7.59 -20.43
C LYS A 134 -7.31 -8.40 -21.39
N ASP A 135 -8.17 -7.71 -22.14
CA ASP A 135 -9.04 -8.38 -23.11
C ASP A 135 -9.86 -9.47 -22.43
N LYS A 136 -10.43 -9.14 -21.27
CA LYS A 136 -11.24 -10.10 -20.53
C LYS A 136 -10.41 -11.34 -20.17
N MET A 6 -16.99 10.16 33.01
CA MET A 6 -16.49 8.77 33.21
C MET A 6 -15.90 8.26 31.89
N GLY A 7 -15.64 6.95 31.84
CA GLY A 7 -15.08 6.35 30.64
C GLY A 7 -16.17 6.04 29.62
N CYS A 8 -15.78 5.42 28.51
CA CYS A 8 -16.72 5.06 27.47
C CYS A 8 -16.30 3.79 26.76
N GLY A 9 -17.24 3.16 26.06
CA GLY A 9 -16.94 1.93 25.33
C GLY A 9 -15.80 2.14 24.33
N ALA A 10 -14.66 1.51 24.62
CA ALA A 10 -13.50 1.64 23.74
C ALA A 10 -13.74 0.90 22.42
N SER A 11 -13.14 1.40 21.34
CA SER A 11 -13.30 0.79 20.04
C SER A 11 -12.40 -0.44 19.91
N SER A 12 -11.65 -0.72 20.97
CA SER A 12 -10.75 -1.87 20.96
C SER A 12 -11.54 -3.17 20.80
N GLU A 13 -12.85 -3.09 21.02
CA GLU A 13 -13.71 -4.26 20.89
C GLU A 13 -13.60 -4.86 19.49
N ASN A 14 -13.36 -4.00 18.50
CA ASN A 14 -13.24 -4.46 17.12
C ASN A 14 -12.08 -3.76 16.43
N SER A 15 -11.54 -4.39 15.39
CA SER A 15 -10.42 -3.82 14.65
C SER A 15 -10.12 -4.65 13.41
N SER A 16 -11.00 -5.61 13.11
CA SER A 16 -10.81 -6.47 11.95
C SER A 16 -10.76 -5.64 10.67
N VAL A 17 -10.98 -6.30 9.54
CA VAL A 17 -10.96 -5.61 8.25
C VAL A 17 -12.09 -6.13 7.36
N THR A 18 -12.79 -5.21 6.70
CA THR A 18 -13.89 -5.59 5.81
C THR A 18 -13.70 -4.97 4.44
N TYR A 19 -13.84 -5.79 3.40
CA TYR A 19 -13.69 -5.31 2.04
C TYR A 19 -15.06 -5.20 1.35
N VAL A 20 -15.08 -4.55 0.20
CA VAL A 20 -16.33 -4.38 -0.54
C VAL A 20 -16.12 -4.57 -2.04
N ASN A 21 -15.25 -3.73 -2.61
CA ASN A 21 -14.97 -3.81 -4.04
C ASN A 21 -14.32 -5.14 -4.40
N GLY A 22 -13.61 -5.72 -3.43
CA GLY A 22 -12.94 -7.00 -3.65
C GLY A 22 -11.96 -7.30 -2.52
N ARG A 23 -11.59 -8.58 -2.41
CA ARG A 23 -10.65 -8.99 -1.37
C ARG A 23 -9.22 -8.97 -1.89
N PRO A 24 -8.28 -8.70 -1.04
CA PRO A 24 -6.84 -8.67 -1.40
C PRO A 24 -6.26 -10.06 -1.63
N THR A 25 -5.43 -10.20 -2.66
CA THR A 25 -4.82 -11.48 -2.97
C THR A 25 -3.55 -11.68 -2.15
N PHE A 26 -3.32 -10.79 -1.20
CA PHE A 26 -2.13 -10.89 -0.34
C PHE A 26 -2.50 -10.62 1.11
N VAL A 27 -2.10 -11.53 1.99
CA VAL A 27 -2.40 -11.40 3.42
C VAL A 27 -1.12 -11.54 4.24
N GLY A 28 -0.89 -10.57 5.13
CA GLY A 28 0.30 -10.60 5.97
C GLY A 28 -0.09 -10.85 7.43
N GLU A 29 0.17 -9.84 8.27
CA GLU A 29 -0.16 -9.96 9.69
C GLU A 29 -0.80 -8.68 10.21
N GLU A 30 -0.08 -7.57 10.10
CA GLU A 30 -0.60 -6.28 10.54
C GLU A 30 -1.33 -5.58 9.41
N VAL A 31 -2.63 -5.36 9.61
CA VAL A 31 -3.45 -4.71 8.59
C VAL A 31 -4.05 -3.42 9.14
N THR A 32 -3.93 -2.35 8.36
CA THR A 32 -4.46 -1.05 8.78
C THR A 32 -5.09 -0.33 7.59
N LYS A 33 -5.77 0.77 7.87
CA LYS A 33 -6.42 1.55 6.82
C LYS A 33 -5.78 2.93 6.71
N GLY A 34 -4.85 3.07 5.77
CA GLY A 34 -4.16 4.35 5.56
C GLY A 34 -5.10 5.51 5.85
N PHE A 35 -5.99 5.80 4.90
CA PHE A 35 -6.94 6.89 5.06
C PHE A 35 -7.93 6.58 6.18
N GLU A 36 -8.21 7.58 7.00
CA GLU A 36 -9.14 7.40 8.12
C GLU A 36 -10.54 7.84 7.72
N LYS A 37 -10.87 7.67 6.43
CA LYS A 37 -12.18 8.06 5.94
C LYS A 37 -12.79 6.94 5.10
N ASP A 38 -14.11 6.97 4.94
CA ASP A 38 -14.80 5.95 4.17
C ASP A 38 -14.52 4.55 4.73
N ASN A 39 -14.51 3.56 3.86
CA ASN A 39 -14.27 2.19 4.28
C ASN A 39 -12.77 1.92 4.38
N GLY A 40 -11.98 2.97 4.49
CA GLY A 40 -10.54 2.84 4.59
C GLY A 40 -9.88 3.01 3.22
N LEU A 41 -10.65 2.74 2.18
CA LEU A 41 -10.14 2.87 0.82
C LEU A 41 -8.95 1.93 0.60
N LEU A 42 -7.79 2.34 1.08
CA LEU A 42 -6.58 1.52 0.92
C LEU A 42 -6.21 0.87 2.25
N PHE A 43 -5.89 -0.42 2.19
CA PHE A 43 -5.50 -1.16 3.39
C PHE A 43 -4.01 -1.48 3.35
N ARG A 44 -3.31 -1.14 4.42
CA ARG A 44 -1.87 -1.40 4.51
C ARG A 44 -1.63 -2.82 5.02
N ILE A 45 -1.12 -3.68 4.15
CA ILE A 45 -0.84 -5.06 4.52
C ILE A 45 0.65 -5.26 4.72
N VAL A 46 1.02 -5.87 5.84
CA VAL A 46 2.42 -6.12 6.14
C VAL A 46 2.63 -7.57 6.60
N ASN A 47 3.54 -8.27 5.94
CA ASN A 47 3.83 -9.66 6.29
C ASN A 47 5.12 -9.75 7.09
N LYS A 48 5.00 -9.96 8.40
CA LYS A 48 6.16 -10.06 9.27
C LYS A 48 7.06 -11.21 8.85
N LYS A 49 6.44 -12.27 8.31
CA LYS A 49 7.19 -13.44 7.89
C LYS A 49 8.21 -13.06 6.81
N LYS A 50 7.73 -12.38 5.77
CA LYS A 50 8.62 -11.97 4.68
C LYS A 50 8.98 -10.50 4.81
N LYS A 51 8.37 -9.82 5.79
CA LYS A 51 8.62 -8.41 6.00
C LYS A 51 8.36 -7.61 4.73
N GLN A 52 7.55 -8.17 3.84
CA GLN A 52 7.23 -7.50 2.59
C GLN A 52 5.89 -6.77 2.70
N TRP A 53 5.90 -5.49 2.35
CA TRP A 53 4.68 -4.69 2.41
C TRP A 53 3.84 -4.88 1.15
N ALA A 54 2.53 -4.68 1.27
CA ALA A 54 1.64 -4.83 0.14
C ALA A 54 0.45 -3.88 0.27
N TYR A 55 -0.03 -3.37 -0.86
CA TYR A 55 -1.16 -2.45 -0.86
C TYR A 55 -2.28 -2.96 -1.75
N TYR A 56 -3.51 -2.85 -1.27
CA TYR A 56 -4.67 -3.29 -2.04
C TYR A 56 -5.63 -2.13 -2.25
N ASN A 57 -5.92 -1.84 -3.52
CA ASN A 57 -6.83 -0.74 -3.85
C ASN A 57 -8.26 -1.25 -4.01
N ASP A 58 -9.20 -0.59 -3.35
CA ASP A 58 -10.60 -0.98 -3.42
C ASP A 58 -11.39 0.01 -4.28
N THR A 59 -11.02 1.28 -4.20
CA THR A 59 -11.69 2.32 -4.97
C THR A 59 -11.63 2.01 -6.46
N THR A 60 -12.79 1.86 -7.09
CA THR A 60 -12.84 1.56 -8.51
C THR A 60 -13.02 2.85 -9.32
N GLN A 61 -12.81 3.99 -8.67
CA GLN A 61 -12.95 5.27 -9.34
C GLN A 61 -11.68 6.11 -9.16
N TYR A 62 -10.85 5.71 -8.21
CA TYR A 62 -9.60 6.43 -7.96
C TYR A 62 -8.45 5.45 -7.76
N GLU A 63 -7.26 5.83 -8.21
CA GLU A 63 -6.09 4.99 -8.06
C GLU A 63 -5.33 5.36 -6.78
N MET A 64 -4.75 4.35 -6.14
CA MET A 64 -4.01 4.58 -4.90
C MET A 64 -2.53 4.81 -5.19
N HIS A 65 -2.02 5.96 -4.77
CA HIS A 65 -0.61 6.28 -4.97
C HIS A 65 0.15 6.21 -3.63
N VAL A 66 1.17 5.35 -3.58
CA VAL A 66 1.95 5.19 -2.36
C VAL A 66 3.28 5.95 -2.47
N LEU A 67 3.59 6.73 -1.45
CA LEU A 67 4.83 7.49 -1.43
C LEU A 67 5.42 7.51 -0.02
N VAL A 68 6.29 6.54 0.27
CA VAL A 68 6.91 6.46 1.59
C VAL A 68 8.41 6.70 1.50
N THR A 69 8.91 7.56 2.37
CA THR A 69 10.34 7.86 2.40
C THR A 69 10.99 7.28 3.67
N PHE A 70 12.14 6.64 3.51
CA PHE A 70 12.83 6.05 4.65
C PHE A 70 14.20 6.70 4.84
N ASN A 71 14.73 6.58 6.05
CA ASN A 71 16.04 7.15 6.35
C ASN A 71 17.15 6.28 5.79
N GLU A 72 18.32 6.88 5.57
CA GLU A 72 19.46 6.15 5.04
C GLU A 72 19.64 4.83 5.78
N ASP A 73 19.58 4.90 7.11
CA ASP A 73 19.74 3.70 7.93
C ASP A 73 18.44 2.91 7.98
N CYS A 74 18.15 2.18 6.90
CA CYS A 74 16.94 1.37 6.83
C CYS A 74 17.11 0.21 5.86
N ASP A 75 17.14 -1.01 6.39
CA ASP A 75 17.31 -2.19 5.56
C ASP A 75 16.01 -2.52 4.84
N ILE A 76 15.75 -1.81 3.74
CA ILE A 76 14.53 -2.03 2.98
C ILE A 76 14.86 -2.36 1.53
N LYS A 77 13.91 -2.98 0.83
CA LYS A 77 14.11 -3.34 -0.56
C LYS A 77 12.91 -2.91 -1.41
N ALA A 78 13.06 -3.03 -2.73
CA ALA A 78 11.98 -2.65 -3.65
C ALA A 78 11.36 -3.90 -4.29
N LEU A 79 10.04 -3.92 -4.36
CA LEU A 79 9.34 -5.04 -4.96
C LEU A 79 8.63 -4.62 -6.24
N GLY A 80 8.08 -5.58 -6.96
CA GLY A 80 7.36 -5.29 -8.19
C GLY A 80 8.08 -4.22 -9.00
N LYS A 81 7.30 -3.28 -9.56
CA LYS A 81 7.88 -2.20 -10.35
C LYS A 81 8.28 -1.03 -9.45
N THR A 82 7.99 -1.16 -8.17
CA THR A 82 8.30 -0.11 -7.21
C THR A 82 9.71 0.44 -7.45
N LYS A 83 9.80 1.72 -7.81
CA LYS A 83 11.09 2.34 -8.07
C LYS A 83 11.74 2.77 -6.76
N LEU A 84 12.99 2.34 -6.55
CA LEU A 84 13.71 2.67 -5.33
C LEU A 84 15.00 3.41 -5.66
N GLU A 85 15.19 4.57 -5.04
CA GLU A 85 16.38 5.37 -5.27
C GLU A 85 16.78 6.13 -4.02
N GLN A 86 18.07 6.45 -3.89
CA GLN A 86 18.55 7.18 -2.73
C GLN A 86 18.88 8.62 -3.10
N GLN A 87 18.78 9.51 -2.12
CA GLN A 87 19.07 10.92 -2.36
C GLN A 87 20.44 11.29 -1.79
N GLU A 88 20.94 12.45 -2.18
CA GLU A 88 22.24 12.91 -1.70
C GLU A 88 22.21 13.13 -0.20
N ASN A 89 21.07 13.62 0.30
CA ASN A 89 20.92 13.88 1.73
C ASN A 89 21.03 12.58 2.52
N GLY A 90 20.73 11.47 1.87
CA GLY A 90 20.82 10.17 2.52
C GLY A 90 19.43 9.68 2.95
N GLU A 91 18.56 9.49 1.97
CA GLU A 91 17.21 8.99 2.24
C GLU A 91 16.73 8.06 1.12
N TRP A 92 15.94 7.07 1.49
CA TRP A 92 15.42 6.12 0.52
C TRP A 92 13.97 6.44 0.19
N VAL A 93 13.62 6.40 -1.10
CA VAL A 93 12.26 6.69 -1.53
C VAL A 93 11.71 5.54 -2.38
N ALA A 94 10.44 5.21 -2.16
CA ALA A 94 9.80 4.14 -2.91
C ALA A 94 8.37 4.50 -3.26
N SER A 95 8.12 4.79 -4.53
CA SER A 95 6.79 5.18 -4.97
C SER A 95 6.25 4.18 -6.00
N VAL A 96 4.94 3.93 -5.94
CA VAL A 96 4.31 3.01 -6.87
C VAL A 96 2.80 3.23 -6.90
N VAL A 97 2.21 3.06 -8.08
CA VAL A 97 0.77 3.25 -8.22
C VAL A 97 0.05 1.90 -8.29
N VAL A 98 -1.05 1.78 -7.56
CA VAL A 98 -1.82 0.54 -7.55
C VAL A 98 -3.20 0.77 -8.16
N TYR A 99 -3.56 -0.08 -9.11
CA TYR A 99 -4.86 0.03 -9.77
C TYR A 99 -5.91 -0.78 -9.03
N PRO A 100 -7.16 -0.44 -9.17
CA PRO A 100 -8.29 -1.13 -8.49
C PRO A 100 -8.40 -2.59 -8.92
N CYS A 101 -9.00 -3.41 -8.06
CA CYS A 101 -9.17 -4.83 -8.37
C CYS A 101 -7.82 -5.47 -8.70
N GLU A 102 -6.74 -4.86 -8.23
CA GLU A 102 -5.41 -5.38 -8.48
C GLU A 102 -4.51 -5.14 -7.27
N THR A 103 -3.59 -6.07 -7.03
CA THR A 103 -2.67 -5.95 -5.90
C THR A 103 -1.23 -6.05 -6.38
N GLU A 104 -0.37 -5.21 -5.83
CA GLU A 104 1.05 -5.21 -6.22
C GLU A 104 1.94 -5.17 -4.98
N MET A 105 3.21 -5.51 -5.17
CA MET A 105 4.17 -5.50 -4.07
C MET A 105 4.77 -4.12 -3.90
N PHE A 106 5.24 -3.82 -2.69
CA PHE A 106 5.83 -2.52 -2.40
C PHE A 106 7.29 -2.67 -2.02
N ILE A 107 7.58 -2.57 -0.72
CA ILE A 107 8.95 -2.70 -0.24
C ILE A 107 9.06 -3.85 0.76
N GLU A 108 10.29 -4.32 0.98
CA GLU A 108 10.52 -5.41 1.92
C GLU A 108 11.78 -5.16 2.73
N GLY A 109 11.84 -5.73 3.93
CA GLY A 109 13.00 -5.56 4.80
C GLY A 109 12.59 -4.93 6.13
N ARG A 110 13.57 -4.34 6.82
CA ARG A 110 13.31 -3.70 8.10
C ARG A 110 13.09 -2.20 7.91
N VAL A 111 12.11 -1.66 8.64
CA VAL A 111 11.81 -0.23 8.54
C VAL A 111 11.99 0.45 9.89
N ASN A 112 12.69 1.58 9.89
CA ASN A 112 12.94 2.32 11.12
C ASN A 112 12.80 3.82 10.87
N GLY A 113 11.85 4.45 11.55
CA GLY A 113 11.62 5.88 11.38
C GLY A 113 11.48 6.24 9.91
N PHE A 114 10.24 6.35 9.45
CA PHE A 114 9.97 6.67 8.05
C PHE A 114 8.72 7.54 7.92
N LYS A 115 8.63 8.27 6.82
CA LYS A 115 7.47 9.12 6.57
C LYS A 115 6.62 8.54 5.45
N SER A 116 5.33 8.37 5.72
CA SER A 116 4.42 7.81 4.73
C SER A 116 3.44 8.86 4.22
N LYS A 117 3.25 8.90 2.90
CA LYS A 117 2.32 9.84 2.30
C LYS A 117 1.50 9.15 1.22
N MET A 118 0.17 9.22 1.36
CA MET A 118 -0.71 8.59 0.39
C MET A 118 -1.79 9.55 -0.08
N ASP A 119 -2.42 9.22 -1.20
CA ASP A 119 -3.47 10.06 -1.77
C ASP A 119 -4.39 9.24 -2.66
N ALA A 120 -5.49 9.85 -3.11
CA ALA A 120 -6.43 9.16 -3.98
C ALA A 120 -6.65 9.94 -5.27
N LEU A 121 -5.80 9.68 -6.25
CA LEU A 121 -5.89 10.36 -7.54
C LEU A 121 -6.88 9.65 -8.45
N PRO A 122 -7.52 10.38 -9.32
CA PRO A 122 -8.51 9.81 -10.29
C PRO A 122 -7.84 8.97 -11.38
N LEU A 123 -8.52 7.93 -11.83
CA LEU A 123 -7.97 7.07 -12.87
C LEU A 123 -7.90 7.82 -14.20
N SER A 124 -6.68 8.09 -14.65
CA SER A 124 -6.48 8.80 -15.91
C SER A 124 -6.48 7.83 -17.08
N GLU A 125 -6.07 8.32 -18.25
CA GLU A 125 -6.02 7.49 -19.44
C GLU A 125 -5.08 6.30 -19.22
N GLU A 126 -4.07 6.50 -18.40
CA GLU A 126 -3.10 5.44 -18.12
C GLU A 126 -3.82 4.20 -17.61
N TYR A 127 -4.79 4.40 -16.74
CA TYR A 127 -5.56 3.29 -16.18
C TYR A 127 -6.37 2.60 -17.27
N ARG A 128 -6.98 3.40 -18.14
CA ARG A 128 -7.78 2.85 -19.23
C ARG A 128 -6.93 1.94 -20.11
N GLN A 129 -5.70 2.36 -20.39
CA GLN A 129 -4.80 1.55 -21.21
C GLN A 129 -4.35 0.32 -20.44
N HIS A 130 -4.11 0.49 -19.14
CA HIS A 130 -3.68 -0.63 -18.31
C HIS A 130 -4.67 -1.79 -18.41
N GLN A 131 -5.96 -1.47 -18.33
CA GLN A 131 -6.99 -2.50 -18.42
C GLN A 131 -7.07 -3.05 -19.84
N ALA A 132 -6.83 -2.18 -20.82
CA ALA A 132 -6.88 -2.59 -22.22
C ALA A 132 -5.69 -3.49 -22.55
N GLU A 133 -4.49 -3.00 -22.29
CA GLU A 133 -3.28 -3.77 -22.57
C GLU A 133 -3.21 -5.00 -21.67
N LYS A 134 -3.98 -4.97 -20.58
CA LYS A 134 -4.00 -6.10 -19.65
C LYS A 134 -3.99 -7.42 -20.40
N ASP A 135 -4.94 -7.58 -21.32
CA ASP A 135 -5.02 -8.81 -22.10
C ASP A 135 -4.79 -10.03 -21.21
N LYS A 136 -5.37 -10.00 -20.01
CA LYS A 136 -5.23 -11.11 -19.07
C LYS A 136 -3.76 -11.48 -18.91
N MET A 6 -11.21 -8.69 28.77
CA MET A 6 -11.56 -9.01 27.35
C MET A 6 -10.31 -9.42 26.60
N GLY A 7 -9.25 -8.64 26.75
CA GLY A 7 -7.99 -8.93 26.08
C GLY A 7 -7.50 -10.34 26.41
N CYS A 8 -7.78 -10.78 27.64
CA CYS A 8 -7.38 -12.11 28.07
C CYS A 8 -7.98 -13.18 27.15
N GLY A 9 -9.29 -13.37 27.26
CA GLY A 9 -9.97 -14.36 26.43
C GLY A 9 -9.70 -14.11 24.95
N ALA A 10 -9.63 -12.84 24.57
CA ALA A 10 -9.39 -12.48 23.18
C ALA A 10 -10.25 -13.32 22.25
N SER A 11 -11.31 -13.90 22.80
CA SER A 11 -12.21 -14.73 22.01
C SER A 11 -12.78 -13.94 20.82
N SER A 12 -13.01 -12.65 21.04
CA SER A 12 -13.55 -11.80 19.99
C SER A 12 -12.59 -11.74 18.80
N GLU A 13 -13.15 -11.53 17.61
CA GLU A 13 -12.34 -11.45 16.41
C GLU A 13 -11.30 -10.35 16.53
N ASN A 14 -11.65 -9.28 17.22
CA ASN A 14 -10.73 -8.16 17.40
C ASN A 14 -10.27 -7.61 16.05
N SER A 15 -11.22 -7.43 15.14
CA SER A 15 -10.91 -6.92 13.81
C SER A 15 -10.92 -5.39 13.81
N SER A 16 -10.03 -4.80 13.02
CA SER A 16 -9.95 -3.34 12.94
C SER A 16 -9.89 -2.90 11.49
N VAL A 17 -10.32 -3.77 10.59
CA VAL A 17 -10.32 -3.45 9.16
C VAL A 17 -11.54 -4.07 8.48
N THR A 18 -12.11 -3.32 7.52
CA THR A 18 -13.28 -3.81 6.80
C THR A 18 -13.11 -3.59 5.30
N TYR A 19 -13.79 -4.40 4.51
CA TYR A 19 -13.72 -4.30 3.06
C TYR A 19 -15.11 -4.14 2.45
N VAL A 20 -15.16 -3.71 1.20
CA VAL A 20 -16.44 -3.50 0.52
C VAL A 20 -16.34 -3.94 -0.94
N ASN A 21 -15.41 -3.34 -1.67
CA ASN A 21 -15.23 -3.66 -3.08
C ASN A 21 -14.64 -5.06 -3.25
N GLY A 22 -13.97 -5.54 -2.21
CA GLY A 22 -13.36 -6.86 -2.26
C GLY A 22 -12.11 -6.92 -1.38
N ARG A 23 -11.68 -8.15 -1.06
CA ARG A 23 -10.51 -8.32 -0.22
C ARG A 23 -9.25 -8.48 -1.08
N PRO A 24 -8.15 -7.98 -0.61
CA PRO A 24 -6.85 -8.06 -1.34
C PRO A 24 -6.52 -9.48 -1.78
N THR A 25 -5.76 -9.60 -2.86
CA THR A 25 -5.35 -10.90 -3.37
C THR A 25 -4.12 -11.41 -2.61
N PHE A 26 -3.39 -10.49 -2.01
CA PHE A 26 -2.19 -10.85 -1.26
C PHE A 26 -2.51 -10.98 0.23
N VAL A 27 -1.91 -11.97 0.87
CA VAL A 27 -2.13 -12.19 2.30
C VAL A 27 -0.97 -11.65 3.12
N GLY A 28 -1.21 -11.43 4.41
CA GLY A 28 -0.17 -10.91 5.30
C GLY A 28 -0.56 -11.10 6.76
N GLU A 29 -0.18 -10.14 7.59
CA GLU A 29 -0.49 -10.21 9.02
C GLU A 29 -1.10 -8.89 9.50
N GLU A 30 -0.25 -7.88 9.63
CA GLU A 30 -0.71 -6.56 10.08
C GLU A 30 -1.47 -5.84 8.96
N VAL A 31 -2.71 -5.45 9.25
CA VAL A 31 -3.52 -4.76 8.26
C VAL A 31 -4.11 -3.48 8.85
N THR A 32 -3.94 -2.37 8.13
CA THR A 32 -4.45 -1.10 8.60
C THR A 32 -4.84 -0.21 7.42
N LYS A 33 -5.66 0.80 7.69
CA LYS A 33 -6.11 1.71 6.63
C LYS A 33 -5.24 2.96 6.60
N GLY A 34 -4.83 3.36 5.41
CA GLY A 34 -4.00 4.56 5.25
C GLY A 34 -4.82 5.81 5.52
N PHE A 35 -5.86 6.02 4.72
CA PHE A 35 -6.72 7.18 4.89
C PHE A 35 -7.69 6.97 6.05
N GLU A 36 -8.00 8.04 6.76
CA GLU A 36 -8.93 7.97 7.88
C GLU A 36 -10.34 8.33 7.44
N LYS A 37 -10.63 8.14 6.16
CA LYS A 37 -11.94 8.45 5.62
C LYS A 37 -12.58 7.22 5.01
N ASP A 38 -13.92 7.21 4.97
CA ASP A 38 -14.64 6.08 4.39
C ASP A 38 -14.28 4.79 5.10
N ASN A 39 -14.42 3.67 4.40
CA ASN A 39 -14.11 2.37 4.99
C ASN A 39 -12.62 2.26 5.26
N GLY A 40 -11.81 2.90 4.42
CA GLY A 40 -10.36 2.87 4.60
C GLY A 40 -9.66 3.21 3.29
N LEU A 41 -10.35 3.01 2.18
CA LEU A 41 -9.79 3.31 0.86
C LEU A 41 -8.55 2.44 0.60
N LEU A 42 -7.43 2.81 1.22
CA LEU A 42 -6.19 2.07 1.03
C LEU A 42 -5.86 1.27 2.28
N PHE A 43 -5.53 -0.01 2.09
CA PHE A 43 -5.19 -0.87 3.20
C PHE A 43 -3.72 -1.29 3.12
N ARG A 44 -3.01 -1.15 4.23
CA ARG A 44 -1.60 -1.52 4.28
C ARG A 44 -1.44 -2.99 4.68
N ILE A 45 -0.91 -3.79 3.76
CA ILE A 45 -0.71 -5.21 4.02
C ILE A 45 0.76 -5.51 4.25
N VAL A 46 1.07 -6.19 5.35
CA VAL A 46 2.45 -6.54 5.68
C VAL A 46 2.57 -8.02 6.01
N ASN A 47 3.55 -8.68 5.40
CA ASN A 47 3.76 -10.09 5.65
C ASN A 47 5.04 -10.30 6.48
N LYS A 48 4.85 -10.57 7.77
CA LYS A 48 5.98 -10.77 8.66
C LYS A 48 6.88 -11.90 8.16
N LYS A 49 6.27 -12.85 7.43
CA LYS A 49 7.02 -13.97 6.90
C LYS A 49 8.22 -13.49 6.08
N LYS A 50 7.93 -12.70 5.04
CA LYS A 50 8.99 -12.18 4.18
C LYS A 50 9.21 -10.70 4.44
N LYS A 51 8.45 -10.15 5.38
CA LYS A 51 8.56 -8.73 5.71
C LYS A 51 8.37 -7.86 4.47
N GLN A 52 7.58 -8.36 3.53
CA GLN A 52 7.32 -7.62 2.29
C GLN A 52 6.00 -6.86 2.39
N TRP A 53 6.04 -5.57 2.13
CA TRP A 53 4.83 -4.75 2.19
C TRP A 53 4.03 -4.87 0.89
N ALA A 54 2.72 -4.68 0.99
CA ALA A 54 1.85 -4.76 -0.17
C ALA A 54 0.65 -3.82 -0.02
N TYR A 55 0.22 -3.24 -1.14
CA TYR A 55 -0.90 -2.32 -1.11
C TYR A 55 -2.04 -2.82 -1.99
N TYR A 56 -3.27 -2.62 -1.54
CA TYR A 56 -4.44 -3.05 -2.29
C TYR A 56 -5.44 -1.91 -2.43
N ASN A 57 -5.80 -1.58 -3.66
CA ASN A 57 -6.75 -0.50 -3.91
C ASN A 57 -8.18 -1.02 -3.91
N ASP A 58 -9.07 -0.30 -3.24
CA ASP A 58 -10.47 -0.70 -3.17
C ASP A 58 -11.32 0.23 -4.04
N THR A 59 -10.96 1.50 -4.07
CA THR A 59 -11.70 2.48 -4.87
C THR A 59 -11.60 2.13 -6.36
N THR A 60 -12.75 1.87 -6.97
CA THR A 60 -12.79 1.53 -8.38
C THR A 60 -12.94 2.77 -9.24
N GLN A 61 -12.76 3.93 -8.63
CA GLN A 61 -12.88 5.20 -9.34
C GLN A 61 -11.62 6.03 -9.18
N TYR A 62 -10.83 5.72 -8.17
CA TYR A 62 -9.57 6.43 -7.93
C TYR A 62 -8.44 5.46 -7.63
N GLU A 63 -7.25 5.77 -8.13
CA GLU A 63 -6.09 4.93 -7.89
C GLU A 63 -5.34 5.40 -6.64
N MET A 64 -4.82 4.46 -5.87
CA MET A 64 -4.09 4.79 -4.65
C MET A 64 -2.60 4.91 -4.92
N HIS A 65 -2.06 6.11 -4.73
CA HIS A 65 -0.63 6.34 -4.94
C HIS A 65 0.14 6.20 -3.64
N VAL A 66 1.18 5.38 -3.66
CA VAL A 66 1.98 5.15 -2.46
C VAL A 66 3.28 5.96 -2.51
N LEU A 67 3.55 6.70 -1.44
CA LEU A 67 4.78 7.48 -1.35
C LEU A 67 5.31 7.49 0.07
N VAL A 68 6.20 6.54 0.36
CA VAL A 68 6.77 6.42 1.70
C VAL A 68 8.27 6.71 1.67
N THR A 69 8.72 7.51 2.63
CA THR A 69 10.14 7.85 2.72
C THR A 69 10.76 7.22 3.97
N PHE A 70 11.94 6.65 3.81
CA PHE A 70 12.63 6.01 4.93
C PHE A 70 13.98 6.68 5.18
N ASN A 71 14.57 6.39 6.34
CA ASN A 71 15.87 6.96 6.68
C ASN A 71 16.99 6.14 6.04
N GLU A 72 18.14 6.78 5.87
CA GLU A 72 19.29 6.10 5.27
C GLU A 72 19.54 4.76 5.95
N ASP A 73 19.57 4.78 7.28
CA ASP A 73 19.80 3.55 8.04
C ASP A 73 18.52 2.72 8.12
N CYS A 74 18.21 2.02 7.03
CA CYS A 74 17.02 1.17 7.00
C CYS A 74 17.20 0.04 6.00
N ASP A 75 17.21 -1.19 6.51
CA ASP A 75 17.37 -2.36 5.65
C ASP A 75 16.08 -2.65 4.90
N ILE A 76 15.85 -1.92 3.81
CA ILE A 76 14.65 -2.09 3.01
C ILE A 76 15.01 -2.38 1.56
N LYS A 77 14.09 -3.01 0.84
CA LYS A 77 14.32 -3.34 -0.57
C LYS A 77 13.12 -2.93 -1.42
N ALA A 78 13.33 -2.85 -2.73
CA ALA A 78 12.26 -2.47 -3.65
C ALA A 78 11.70 -3.71 -4.34
N LEU A 79 10.37 -3.76 -4.44
CA LEU A 79 9.71 -4.90 -5.07
C LEU A 79 9.06 -4.46 -6.38
N GLY A 80 8.55 -5.44 -7.14
CA GLY A 80 7.89 -5.15 -8.41
C GLY A 80 8.63 -4.05 -9.17
N LYS A 81 7.88 -3.13 -9.75
CA LYS A 81 8.48 -2.04 -10.51
C LYS A 81 8.74 -0.84 -9.62
N THR A 82 8.40 -0.98 -8.34
CA THR A 82 8.59 0.11 -7.39
C THR A 82 9.97 0.73 -7.55
N LYS A 83 9.99 2.04 -7.84
CA LYS A 83 11.26 2.74 -8.02
C LYS A 83 11.87 3.11 -6.67
N LEU A 84 13.12 2.75 -6.48
CA LEU A 84 13.81 3.05 -5.22
C LEU A 84 15.11 3.80 -5.49
N GLU A 85 15.30 4.91 -4.77
CA GLU A 85 16.51 5.72 -4.95
C GLU A 85 16.84 6.46 -3.66
N GLN A 86 18.10 6.84 -3.51
CA GLN A 86 18.54 7.56 -2.32
C GLN A 86 18.83 9.02 -2.65
N GLN A 87 18.66 9.89 -1.66
CA GLN A 87 18.91 11.32 -1.87
C GLN A 87 20.23 11.73 -1.21
N GLU A 88 20.70 12.92 -1.54
CA GLU A 88 21.95 13.42 -0.97
C GLU A 88 21.83 13.57 0.55
N ASN A 89 20.65 13.98 1.00
CA ASN A 89 20.41 14.17 2.42
C ASN A 89 20.58 12.85 3.17
N GLY A 90 20.39 11.74 2.46
CA GLY A 90 20.53 10.43 3.07
C GLY A 90 19.18 9.84 3.46
N GLU A 91 18.30 9.69 2.46
CA GLU A 91 16.98 9.14 2.70
C GLU A 91 16.55 8.25 1.53
N TRP A 92 15.77 7.21 1.83
CA TRP A 92 15.29 6.30 0.80
C TRP A 92 13.84 6.61 0.45
N VAL A 93 13.53 6.59 -0.85
CA VAL A 93 12.18 6.87 -1.29
C VAL A 93 11.67 5.76 -2.20
N ALA A 94 10.44 5.32 -1.95
CA ALA A 94 9.84 4.27 -2.76
C ALA A 94 8.39 4.62 -3.12
N SER A 95 8.14 4.83 -4.40
CA SER A 95 6.80 5.20 -4.87
C SER A 95 6.32 4.22 -5.93
N VAL A 96 5.03 3.92 -5.90
CA VAL A 96 4.44 3.01 -6.89
C VAL A 96 2.92 3.19 -6.94
N VAL A 97 2.37 3.15 -8.15
CA VAL A 97 0.94 3.32 -8.32
C VAL A 97 0.23 1.96 -8.36
N VAL A 98 -0.93 1.88 -7.71
CA VAL A 98 -1.69 0.64 -7.66
C VAL A 98 -3.06 0.83 -8.31
N TYR A 99 -3.43 -0.10 -9.18
CA TYR A 99 -4.72 -0.01 -9.85
C TYR A 99 -5.78 -0.81 -9.09
N PRO A 100 -7.02 -0.42 -9.23
CA PRO A 100 -8.15 -1.09 -8.51
C PRO A 100 -8.28 -2.56 -8.90
N CYS A 101 -8.79 -3.37 -7.99
CA CYS A 101 -8.97 -4.79 -8.25
C CYS A 101 -7.63 -5.44 -8.56
N GLU A 102 -6.56 -4.92 -7.96
CA GLU A 102 -5.23 -5.47 -8.17
C GLU A 102 -4.36 -5.25 -6.94
N THR A 103 -3.33 -6.08 -6.79
CA THR A 103 -2.43 -5.96 -5.66
C THR A 103 -0.98 -6.09 -6.11
N GLU A 104 -0.20 -5.03 -5.93
CA GLU A 104 1.19 -5.03 -6.35
C GLU A 104 2.11 -5.04 -5.14
N MET A 105 3.39 -5.35 -5.38
CA MET A 105 4.38 -5.38 -4.31
C MET A 105 4.97 -3.99 -4.07
N PHE A 106 5.46 -3.77 -2.85
CA PHE A 106 6.03 -2.48 -2.51
C PHE A 106 7.49 -2.63 -2.10
N ILE A 107 7.76 -2.57 -0.80
CA ILE A 107 9.12 -2.70 -0.29
C ILE A 107 9.21 -3.86 0.68
N GLU A 108 10.43 -4.36 0.89
CA GLU A 108 10.65 -5.48 1.80
C GLU A 108 11.90 -5.23 2.65
N GLY A 109 11.92 -5.83 3.84
CA GLY A 109 13.06 -5.68 4.74
C GLY A 109 12.63 -5.08 6.06
N ARG A 110 13.59 -4.50 6.79
CA ARG A 110 13.30 -3.90 8.08
C ARG A 110 13.07 -2.40 7.94
N VAL A 111 12.10 -1.89 8.67
CA VAL A 111 11.78 -0.46 8.61
C VAL A 111 11.85 0.17 9.99
N ASN A 112 12.44 1.36 10.05
CA ASN A 112 12.58 2.08 11.32
C ASN A 112 12.27 3.56 11.12
N GLY A 113 11.29 4.06 11.87
CA GLY A 113 10.91 5.47 11.77
C GLY A 113 10.84 5.90 10.31
N PHE A 114 9.63 5.90 9.75
CA PHE A 114 9.46 6.29 8.35
C PHE A 114 8.21 7.16 8.19
N LYS A 115 8.20 7.96 7.13
CA LYS A 115 7.04 8.82 6.85
C LYS A 115 6.27 8.28 5.66
N SER A 116 4.94 8.16 5.83
CA SER A 116 4.09 7.64 4.76
C SER A 116 3.16 8.72 4.24
N LYS A 117 3.03 8.78 2.92
CA LYS A 117 2.15 9.76 2.29
C LYS A 117 1.42 9.12 1.11
N MET A 118 0.08 9.21 1.12
CA MET A 118 -0.71 8.63 0.05
C MET A 118 -1.79 9.59 -0.42
N ASP A 119 -2.35 9.32 -1.59
CA ASP A 119 -3.40 10.16 -2.15
C ASP A 119 -4.35 9.33 -3.02
N ALA A 120 -5.45 9.94 -3.44
CA ALA A 120 -6.42 9.24 -4.27
C ALA A 120 -6.66 9.99 -5.58
N LEU A 121 -5.90 9.63 -6.61
CA LEU A 121 -6.02 10.28 -7.91
C LEU A 121 -7.02 9.53 -8.79
N PRO A 122 -7.68 10.22 -9.67
CA PRO A 122 -8.67 9.62 -10.60
C PRO A 122 -8.00 8.83 -11.73
N LEU A 123 -8.52 7.64 -12.00
CA LEU A 123 -7.96 6.79 -13.05
C LEU A 123 -7.90 7.55 -14.37
N SER A 124 -6.79 7.38 -15.10
CA SER A 124 -6.62 8.05 -16.37
C SER A 124 -6.67 7.06 -17.52
N GLU A 125 -6.41 7.53 -18.73
CA GLU A 125 -6.42 6.67 -19.91
C GLU A 125 -5.51 5.47 -19.70
N GLU A 126 -4.42 5.68 -18.95
CA GLU A 126 -3.47 4.61 -18.68
C GLU A 126 -4.16 3.44 -18.00
N TYR A 127 -5.09 3.75 -17.10
CA TYR A 127 -5.81 2.71 -16.38
C TYR A 127 -6.64 1.88 -17.35
N ARG A 128 -7.34 2.56 -18.26
CA ARG A 128 -8.18 1.87 -19.23
C ARG A 128 -7.34 0.90 -20.05
N GLN A 129 -6.14 1.32 -20.42
CA GLN A 129 -5.24 0.47 -21.19
C GLN A 129 -4.78 -0.72 -20.36
N HIS A 130 -4.55 -0.48 -19.07
CA HIS A 130 -4.11 -1.54 -18.17
C HIS A 130 -5.13 -2.69 -18.16
N GLN A 131 -6.37 -2.37 -18.48
CA GLN A 131 -7.42 -3.38 -18.52
C GLN A 131 -7.25 -4.29 -19.73
N ALA A 132 -6.51 -3.81 -20.72
CA ALA A 132 -6.29 -4.57 -21.95
C ALA A 132 -5.71 -5.94 -21.61
N GLU A 133 -4.61 -5.95 -20.87
CA GLU A 133 -3.95 -7.19 -20.49
C GLU A 133 -4.88 -8.06 -19.66
N LYS A 134 -5.78 -7.41 -18.91
CA LYS A 134 -6.72 -8.14 -18.07
C LYS A 134 -7.96 -8.54 -18.88
N ASP A 135 -7.99 -8.11 -20.14
CA ASP A 135 -9.13 -8.42 -21.01
C ASP A 135 -10.44 -7.98 -20.36
N LYS A 136 -10.45 -6.78 -19.82
CA LYS A 136 -11.65 -6.25 -19.17
C LYS A 136 -12.12 -7.19 -18.07
N MET A 6 -28.66 -7.01 23.91
CA MET A 6 -28.95 -7.62 25.24
C MET A 6 -28.26 -6.80 26.33
N GLY A 7 -27.81 -5.61 25.97
CA GLY A 7 -27.13 -4.74 26.92
C GLY A 7 -25.64 -5.00 26.95
N CYS A 8 -25.18 -5.84 26.01
CA CYS A 8 -23.76 -6.16 25.93
C CYS A 8 -23.37 -6.53 24.51
N GLY A 9 -22.09 -6.36 24.18
CA GLY A 9 -21.61 -6.68 22.84
C GLY A 9 -20.45 -5.77 22.45
N ALA A 10 -19.74 -5.26 23.46
CA ALA A 10 -18.61 -4.37 23.21
C ALA A 10 -17.52 -5.10 22.44
N SER A 11 -17.41 -6.40 22.67
CA SER A 11 -16.40 -7.21 21.99
C SER A 11 -15.06 -6.50 21.99
N SER A 12 -14.91 -5.52 22.89
CA SER A 12 -13.67 -4.77 22.99
C SER A 12 -13.12 -4.46 21.60
N GLU A 13 -13.92 -3.79 20.78
CA GLU A 13 -13.51 -3.43 19.44
C GLU A 13 -13.05 -4.68 18.67
N ASN A 14 -13.86 -5.09 17.69
CA ASN A 14 -13.54 -6.26 16.89
C ASN A 14 -12.16 -6.12 16.26
N SER A 15 -11.80 -4.89 15.90
CA SER A 15 -10.52 -4.62 15.28
C SER A 15 -10.20 -5.67 14.22
N SER A 16 -10.50 -5.36 12.97
CA SER A 16 -10.25 -6.27 11.87
C SER A 16 -10.09 -5.52 10.56
N VAL A 17 -10.63 -6.08 9.48
CA VAL A 17 -10.54 -5.46 8.17
C VAL A 17 -11.84 -5.64 7.39
N THR A 18 -12.32 -4.56 6.79
CA THR A 18 -13.56 -4.62 6.01
C THR A 18 -13.32 -4.18 4.58
N TYR A 19 -13.96 -4.86 3.64
CA TYR A 19 -13.82 -4.53 2.23
C TYR A 19 -15.16 -4.16 1.62
N VAL A 20 -15.15 -3.71 0.37
CA VAL A 20 -16.38 -3.33 -0.31
C VAL A 20 -16.34 -3.74 -1.78
N ASN A 21 -15.30 -3.29 -2.48
CA ASN A 21 -15.17 -3.60 -3.90
C ASN A 21 -14.67 -5.04 -4.08
N GLY A 22 -14.00 -5.57 -3.07
CA GLY A 22 -13.49 -6.93 -3.12
C GLY A 22 -12.36 -7.13 -2.13
N ARG A 23 -11.87 -8.37 -2.03
CA ARG A 23 -10.79 -8.68 -1.11
C ARG A 23 -9.43 -8.53 -1.81
N PRO A 24 -8.39 -8.35 -1.05
CA PRO A 24 -7.00 -8.22 -1.58
C PRO A 24 -6.45 -9.56 -2.06
N THR A 25 -5.72 -9.53 -3.16
CA THR A 25 -5.11 -10.74 -3.71
C THR A 25 -3.92 -11.17 -2.88
N PHE A 26 -3.43 -10.25 -2.03
CA PHE A 26 -2.29 -10.55 -1.17
C PHE A 26 -2.67 -10.38 0.29
N VAL A 27 -2.00 -11.13 1.16
CA VAL A 27 -2.28 -11.06 2.59
C VAL A 27 -0.98 -11.04 3.39
N GLY A 28 -1.10 -10.90 4.72
CA GLY A 28 0.07 -10.86 5.58
C GLY A 28 -0.32 -11.15 7.02
N GLU A 29 -0.17 -10.15 7.89
CA GLU A 29 -0.50 -10.31 9.29
C GLU A 29 -1.10 -9.03 9.86
N GLU A 30 -0.35 -7.95 9.75
CA GLU A 30 -0.81 -6.65 10.25
C GLU A 30 -1.50 -5.87 9.14
N VAL A 31 -2.72 -5.39 9.41
CA VAL A 31 -3.47 -4.64 8.42
C VAL A 31 -4.14 -3.43 9.07
N THR A 32 -4.03 -2.28 8.42
CA THR A 32 -4.63 -1.06 8.95
C THR A 32 -5.08 -0.14 7.80
N LYS A 33 -5.99 0.77 8.10
CA LYS A 33 -6.49 1.69 7.09
C LYS A 33 -5.52 2.85 6.90
N GLY A 34 -5.04 3.00 5.67
CA GLY A 34 -4.10 4.08 5.35
C GLY A 34 -4.66 5.43 5.76
N PHE A 35 -5.68 5.89 5.05
CA PHE A 35 -6.30 7.17 5.35
C PHE A 35 -7.14 7.07 6.62
N GLU A 36 -8.38 7.56 6.55
CA GLU A 36 -9.27 7.52 7.69
C GLU A 36 -10.68 7.92 7.29
N LYS A 37 -11.19 7.28 6.24
CA LYS A 37 -12.54 7.58 5.75
C LYS A 37 -13.13 6.37 5.03
N ASP A 38 -14.44 6.25 5.08
CA ASP A 38 -15.12 5.14 4.42
C ASP A 38 -14.66 3.80 5.01
N ASN A 39 -14.37 2.84 4.14
CA ASN A 39 -13.94 1.53 4.58
C ASN A 39 -12.41 1.48 4.68
N GLY A 40 -11.79 2.66 4.60
CA GLY A 40 -10.33 2.74 4.68
C GLY A 40 -9.72 2.92 3.29
N LEU A 41 -10.51 2.62 2.27
CA LEU A 41 -10.05 2.77 0.89
C LEU A 41 -8.85 1.86 0.63
N LEU A 42 -7.69 2.27 1.13
CA LEU A 42 -6.46 1.49 0.93
C LEU A 42 -6.04 0.83 2.24
N PHE A 43 -5.69 -0.46 2.16
CA PHE A 43 -5.26 -1.20 3.34
C PHE A 43 -3.77 -1.51 3.24
N ARG A 44 -3.06 -1.36 4.37
CA ARG A 44 -1.63 -1.63 4.40
C ARG A 44 -1.38 -3.09 4.79
N ILE A 45 -1.05 -3.91 3.80
CA ILE A 45 -0.79 -5.32 4.05
C ILE A 45 0.69 -5.54 4.35
N VAL A 46 0.97 -6.16 5.50
CA VAL A 46 2.35 -6.41 5.90
C VAL A 46 2.52 -7.86 6.35
N ASN A 47 3.51 -8.54 5.78
CA ASN A 47 3.77 -9.93 6.13
C ASN A 47 5.08 -10.03 6.94
N LYS A 48 4.95 -10.20 8.24
CA LYS A 48 6.13 -10.30 9.10
C LYS A 48 7.04 -11.44 8.65
N LYS A 49 6.44 -12.49 8.09
CA LYS A 49 7.20 -13.64 7.63
C LYS A 49 8.28 -13.21 6.65
N LYS A 50 7.88 -12.51 5.60
CA LYS A 50 8.82 -12.05 4.58
C LYS A 50 9.10 -10.56 4.76
N LYS A 51 8.39 -9.94 5.70
CA LYS A 51 8.58 -8.51 5.96
C LYS A 51 8.39 -7.70 4.68
N GLN A 52 7.52 -8.18 3.80
CA GLN A 52 7.27 -7.49 2.53
C GLN A 52 5.95 -6.73 2.61
N TRP A 53 6.01 -5.43 2.32
CA TRP A 53 4.81 -4.60 2.35
C TRP A 53 4.05 -4.70 1.03
N ALA A 54 2.73 -4.62 1.12
CA ALA A 54 1.88 -4.70 -0.08
C ALA A 54 0.66 -3.81 0.07
N TYR A 55 0.18 -3.27 -1.04
CA TYR A 55 -0.97 -2.39 -1.02
C TYR A 55 -2.08 -2.93 -1.93
N TYR A 56 -3.33 -2.70 -1.52
CA TYR A 56 -4.47 -3.15 -2.30
C TYR A 56 -5.49 -2.02 -2.46
N ASN A 57 -5.78 -1.68 -3.71
CA ASN A 57 -6.73 -0.60 -3.99
C ASN A 57 -8.15 -1.16 -4.14
N ASP A 58 -9.12 -0.47 -3.56
CA ASP A 58 -10.51 -0.89 -3.63
C ASP A 58 -11.33 0.08 -4.47
N THR A 59 -11.00 1.37 -4.34
CA THR A 59 -11.72 2.40 -5.08
C THR A 59 -11.63 2.13 -6.58
N THR A 60 -12.79 2.03 -7.23
CA THR A 60 -12.82 1.77 -8.67
C THR A 60 -12.99 3.08 -9.45
N GLN A 61 -12.79 4.20 -8.76
CA GLN A 61 -12.93 5.51 -9.39
C GLN A 61 -11.67 6.34 -9.17
N TYR A 62 -10.81 5.89 -8.25
CA TYR A 62 -9.57 6.60 -7.96
C TYR A 62 -8.43 5.62 -7.78
N GLU A 63 -7.24 6.02 -8.21
CA GLU A 63 -6.05 5.18 -8.07
C GLU A 63 -5.32 5.51 -6.77
N MET A 64 -4.71 4.49 -6.17
CA MET A 64 -3.99 4.68 -4.91
C MET A 64 -2.50 4.90 -5.17
N HIS A 65 -2.01 6.08 -4.80
CA HIS A 65 -0.60 6.40 -4.99
C HIS A 65 0.14 6.34 -3.65
N VAL A 66 1.18 5.52 -3.58
CA VAL A 66 1.94 5.37 -2.34
C VAL A 66 3.29 6.09 -2.45
N LEU A 67 3.63 6.85 -1.42
CA LEU A 67 4.90 7.57 -1.39
C LEU A 67 5.47 7.59 0.02
N VAL A 68 6.31 6.60 0.32
CA VAL A 68 6.90 6.50 1.65
C VAL A 68 8.41 6.75 1.58
N THR A 69 8.90 7.61 2.47
CA THR A 69 10.32 7.92 2.52
C THR A 69 10.94 7.37 3.80
N PHE A 70 12.06 6.66 3.66
CA PHE A 70 12.75 6.08 4.81
C PHE A 70 14.12 6.71 5.00
N ASN A 71 14.66 6.59 6.21
CA ASN A 71 15.97 7.14 6.51
C ASN A 71 17.08 6.27 5.90
N GLU A 72 18.23 6.89 5.65
CA GLU A 72 19.36 6.15 5.08
C GLU A 72 19.60 4.85 5.83
N ASP A 73 19.57 4.94 7.15
CA ASP A 73 19.79 3.75 7.99
C ASP A 73 18.52 2.92 8.07
N CYS A 74 18.21 2.21 6.99
CA CYS A 74 17.03 1.36 6.96
C CYS A 74 17.21 0.21 5.95
N ASP A 75 17.25 -1.01 6.46
CA ASP A 75 17.43 -2.17 5.59
C ASP A 75 16.13 -2.51 4.87
N ILE A 76 15.84 -1.78 3.80
CA ILE A 76 14.63 -2.00 3.04
C ILE A 76 14.96 -2.27 1.57
N LYS A 77 14.07 -2.98 0.89
CA LYS A 77 14.28 -3.32 -0.51
C LYS A 77 13.06 -2.91 -1.35
N ALA A 78 13.22 -2.98 -2.67
CA ALA A 78 12.13 -2.61 -3.57
C ALA A 78 11.53 -3.85 -4.22
N LEU A 79 10.21 -3.86 -4.37
CA LEU A 79 9.52 -4.99 -4.96
C LEU A 79 8.76 -4.56 -6.22
N GLY A 80 8.19 -5.53 -6.92
CA GLY A 80 7.43 -5.23 -8.13
C GLY A 80 8.08 -4.11 -8.93
N LYS A 81 7.26 -3.19 -9.43
CA LYS A 81 7.78 -2.08 -10.22
C LYS A 81 8.19 -0.92 -9.31
N THR A 82 7.97 -1.10 -8.01
CA THR A 82 8.32 -0.06 -7.04
C THR A 82 9.71 0.49 -7.32
N LYS A 83 9.79 1.76 -7.65
CA LYS A 83 11.08 2.40 -7.92
C LYS A 83 11.74 2.86 -6.63
N LEU A 84 12.97 2.40 -6.40
CA LEU A 84 13.70 2.76 -5.20
C LEU A 84 14.99 3.49 -5.55
N GLU A 85 15.22 4.62 -4.89
CA GLU A 85 16.42 5.41 -5.15
C GLU A 85 16.83 6.19 -3.90
N GLN A 86 18.11 6.49 -3.79
CA GLN A 86 18.61 7.23 -2.64
C GLN A 86 18.91 8.68 -3.01
N GLN A 87 18.79 9.57 -2.05
CA GLN A 87 19.05 11.00 -2.28
C GLN A 87 20.42 11.39 -1.75
N GLU A 88 20.86 12.59 -2.11
CA GLU A 88 22.16 13.07 -1.66
C GLU A 88 22.17 13.29 -0.15
N ASN A 89 21.03 13.72 0.38
CA ASN A 89 20.91 13.97 1.82
C ASN A 89 21.01 12.66 2.59
N GLY A 90 20.69 11.56 1.93
CA GLY A 90 20.76 10.25 2.57
C GLY A 90 19.38 9.78 3.00
N GLU A 91 18.51 9.56 2.03
CA GLU A 91 17.16 9.09 2.32
C GLU A 91 16.68 8.14 1.23
N TRP A 92 15.86 7.17 1.62
CA TRP A 92 15.33 6.20 0.66
C TRP A 92 13.88 6.52 0.32
N VAL A 93 13.54 6.42 -0.96
CA VAL A 93 12.19 6.73 -1.40
C VAL A 93 11.64 5.61 -2.28
N ALA A 94 10.41 5.19 -2.01
CA ALA A 94 9.79 4.12 -2.79
C ALA A 94 8.36 4.51 -3.17
N SER A 95 8.15 4.83 -4.44
CA SER A 95 6.84 5.23 -4.92
C SER A 95 6.29 4.21 -5.91
N VAL A 96 4.98 4.00 -5.87
CA VAL A 96 4.35 3.05 -6.78
C VAL A 96 2.84 3.30 -6.84
N VAL A 97 2.27 3.21 -8.04
CA VAL A 97 0.85 3.43 -8.22
C VAL A 97 0.09 2.11 -8.26
N VAL A 98 -1.03 2.04 -7.56
CA VAL A 98 -1.83 0.83 -7.51
C VAL A 98 -3.17 1.04 -8.20
N TYR A 99 -3.57 0.08 -9.02
CA TYR A 99 -4.84 0.17 -9.74
C TYR A 99 -5.92 -0.62 -9.00
N PRO A 100 -7.15 -0.24 -9.17
CA PRO A 100 -8.30 -0.91 -8.50
C PRO A 100 -8.37 -2.40 -8.85
N CYS A 101 -8.94 -3.18 -7.94
CA CYS A 101 -9.08 -4.62 -8.16
C CYS A 101 -7.74 -5.23 -8.56
N GLU A 102 -6.67 -4.80 -7.88
CA GLU A 102 -5.34 -5.31 -8.17
C GLU A 102 -4.43 -5.15 -6.96
N THR A 103 -3.39 -5.96 -6.89
CA THR A 103 -2.44 -5.89 -5.78
C THR A 103 -1.00 -5.95 -6.29
N GLU A 104 -0.12 -5.23 -5.63
CA GLU A 104 1.29 -5.20 -6.04
C GLU A 104 2.20 -5.21 -4.82
N MET A 105 3.47 -5.55 -5.04
CA MET A 105 4.44 -5.56 -3.96
C MET A 105 5.09 -4.19 -3.80
N PHE A 106 5.35 -3.80 -2.55
CA PHE A 106 5.93 -2.50 -2.26
C PHE A 106 7.41 -2.65 -1.91
N ILE A 107 7.71 -2.56 -0.62
CA ILE A 107 9.09 -2.69 -0.16
C ILE A 107 9.21 -3.80 0.88
N GLU A 108 10.41 -4.36 1.00
CA GLU A 108 10.65 -5.45 1.95
C GLU A 108 11.91 -5.17 2.76
N GLY A 109 11.98 -5.77 3.94
CA GLY A 109 13.15 -5.60 4.80
C GLY A 109 12.75 -4.98 6.15
N ARG A 110 13.73 -4.40 6.83
CA ARG A 110 13.46 -3.79 8.14
C ARG A 110 13.18 -2.30 7.97
N VAL A 111 12.21 -1.80 8.73
CA VAL A 111 11.84 -0.39 8.65
C VAL A 111 11.99 0.28 10.01
N ASN A 112 12.58 1.47 10.01
CA ASN A 112 12.78 2.22 11.25
C ASN A 112 12.72 3.72 10.98
N GLY A 113 11.72 4.38 11.57
CA GLY A 113 11.56 5.81 11.39
C GLY A 113 11.41 6.15 9.91
N PHE A 114 10.17 6.35 9.47
CA PHE A 114 9.91 6.67 8.08
C PHE A 114 8.65 7.51 7.93
N LYS A 115 8.58 8.29 6.86
CA LYS A 115 7.41 9.13 6.61
C LYS A 115 6.57 8.54 5.49
N SER A 116 5.26 8.46 5.72
CA SER A 116 4.35 7.89 4.73
C SER A 116 3.35 8.93 4.25
N LYS A 117 3.17 9.02 2.94
CA LYS A 117 2.22 9.95 2.35
C LYS A 117 1.42 9.27 1.24
N MET A 118 0.11 9.20 1.41
CA MET A 118 -0.74 8.55 0.41
C MET A 118 -1.84 9.50 -0.07
N ASP A 119 -2.45 9.16 -1.20
CA ASP A 119 -3.50 9.98 -1.77
C ASP A 119 -4.38 9.14 -2.70
N ALA A 120 -5.50 9.72 -3.14
CA ALA A 120 -6.40 9.01 -4.04
C ALA A 120 -6.69 9.84 -5.28
N LEU A 121 -5.86 9.68 -6.30
CA LEU A 121 -6.02 10.42 -7.54
C LEU A 121 -6.99 9.70 -8.47
N PRO A 122 -7.48 10.40 -9.47
CA PRO A 122 -8.43 9.82 -10.46
C PRO A 122 -7.74 8.90 -11.46
N LEU A 123 -8.49 7.94 -11.99
CA LEU A 123 -7.94 7.00 -12.96
C LEU A 123 -7.87 7.64 -14.34
N SER A 124 -6.65 7.90 -14.81
CA SER A 124 -6.48 8.51 -16.12
C SER A 124 -6.60 7.47 -17.22
N GLU A 125 -6.16 7.84 -18.43
CA GLU A 125 -6.23 6.93 -19.56
C GLU A 125 -5.32 5.73 -19.35
N GLU A 126 -4.22 5.96 -18.63
CA GLU A 126 -3.27 4.89 -18.35
C GLU A 126 -3.97 3.68 -17.72
N TYR A 127 -4.93 3.97 -16.83
CA TYR A 127 -5.67 2.92 -16.16
C TYR A 127 -6.51 2.12 -17.17
N ARG A 128 -7.16 2.84 -18.08
CA ARG A 128 -7.98 2.20 -19.09
C ARG A 128 -7.17 1.18 -19.89
N GLN A 129 -5.93 1.55 -20.20
CA GLN A 129 -5.06 0.67 -20.95
C GLN A 129 -4.66 -0.53 -20.10
N HIS A 130 -4.42 -0.29 -18.82
CA HIS A 130 -4.05 -1.36 -17.90
C HIS A 130 -5.09 -2.47 -17.91
N GLN A 131 -6.35 -2.09 -18.11
CA GLN A 131 -7.43 -3.06 -18.15
C GLN A 131 -7.21 -4.07 -19.27
N ALA A 132 -6.37 -3.71 -20.23
CA ALA A 132 -6.09 -4.59 -21.35
C ALA A 132 -4.96 -5.55 -21.02
N GLU A 133 -3.77 -4.99 -20.77
CA GLU A 133 -2.60 -5.80 -20.47
C GLU A 133 -2.92 -6.82 -19.38
N LYS A 134 -3.71 -6.38 -18.40
CA LYS A 134 -4.07 -7.27 -17.29
C LYS A 134 -5.19 -8.22 -17.70
N ASP A 135 -5.75 -7.97 -18.89
CA ASP A 135 -6.83 -8.82 -19.40
C ASP A 135 -6.46 -9.42 -20.75
N LYS A 136 -6.32 -10.74 -20.79
CA LYS A 136 -5.96 -11.42 -22.02
C LYS A 136 -6.07 -12.93 -21.84
N MET A 6 -11.07 10.56 16.51
CA MET A 6 -10.45 10.13 17.80
C MET A 6 -11.45 10.34 18.93
N GLY A 7 -11.97 9.24 19.47
CA GLY A 7 -12.94 9.33 20.56
C GLY A 7 -12.30 9.89 21.83
N CYS A 8 -13.07 10.64 22.59
CA CYS A 8 -12.57 11.24 23.82
C CYS A 8 -12.05 10.16 24.77
N GLY A 9 -12.72 9.01 24.77
CA GLY A 9 -12.31 7.90 25.63
C GLY A 9 -11.11 7.17 25.04
N ALA A 10 -10.44 6.38 25.88
CA ALA A 10 -9.27 5.63 25.43
C ALA A 10 -9.67 4.63 24.35
N SER A 11 -8.77 4.40 23.40
CA SER A 11 -9.02 3.46 22.32
C SER A 11 -8.33 2.13 22.59
N SER A 12 -8.87 1.06 22.03
CA SER A 12 -8.31 -0.27 22.21
C SER A 12 -7.12 -0.48 21.27
N GLU A 13 -6.84 0.53 20.44
CA GLU A 13 -5.74 0.44 19.50
C GLU A 13 -5.87 -0.81 18.63
N ASN A 14 -7.03 -1.46 18.71
CA ASN A 14 -7.27 -2.66 17.93
C ASN A 14 -8.51 -2.48 17.05
N SER A 15 -8.34 -2.70 15.74
CA SER A 15 -9.45 -2.56 14.81
C SER A 15 -9.39 -3.64 13.74
N SER A 16 -10.56 -4.11 13.30
CA SER A 16 -10.63 -5.14 12.28
C SER A 16 -10.39 -4.55 10.89
N VAL A 17 -10.97 -5.17 9.88
CA VAL A 17 -10.82 -4.70 8.52
C VAL A 17 -12.11 -4.90 7.73
N THR A 18 -12.49 -3.88 6.96
CA THR A 18 -13.72 -3.95 6.17
C THR A 18 -13.43 -3.59 4.72
N TYR A 19 -14.04 -4.35 3.80
CA TYR A 19 -13.84 -4.11 2.37
C TYR A 19 -15.17 -3.73 1.71
N VAL A 20 -15.09 -3.30 0.45
CA VAL A 20 -16.30 -2.90 -0.27
C VAL A 20 -16.24 -3.40 -1.72
N ASN A 21 -15.12 -3.12 -2.38
CA ASN A 21 -14.95 -3.50 -3.78
C ASN A 21 -14.38 -4.91 -3.87
N GLY A 22 -14.21 -5.56 -2.73
CA GLY A 22 -13.69 -6.92 -2.70
C GLY A 22 -12.50 -7.03 -1.76
N ARG A 23 -12.02 -8.25 -1.54
CA ARG A 23 -10.88 -8.47 -0.66
C ARG A 23 -9.57 -8.37 -1.44
N PRO A 24 -8.51 -8.01 -0.77
CA PRO A 24 -7.17 -7.90 -1.39
C PRO A 24 -6.69 -9.22 -1.99
N THR A 25 -5.89 -9.13 -3.04
CA THR A 25 -5.36 -10.33 -3.69
C THR A 25 -4.10 -10.80 -2.98
N PHE A 26 -3.73 -10.11 -1.90
CA PHE A 26 -2.55 -10.48 -1.14
C PHE A 26 -2.86 -10.51 0.36
N VAL A 27 -2.23 -11.43 1.08
CA VAL A 27 -2.46 -11.56 2.50
C VAL A 27 -1.14 -11.61 3.26
N GLY A 28 -1.10 -10.96 4.43
CA GLY A 28 0.10 -10.95 5.24
C GLY A 28 -0.22 -11.29 6.69
N GLU A 29 -0.06 -10.30 7.57
CA GLU A 29 -0.34 -10.51 8.99
C GLU A 29 -0.94 -9.25 9.61
N GLU A 30 -0.15 -8.18 9.60
CA GLU A 30 -0.62 -6.91 10.15
C GLU A 30 -1.30 -6.07 9.08
N VAL A 31 -2.57 -5.74 9.29
CA VAL A 31 -3.31 -4.96 8.32
C VAL A 31 -3.62 -3.57 8.88
N THR A 32 -3.43 -2.55 8.05
CA THR A 32 -3.69 -1.18 8.47
C THR A 32 -4.43 -0.41 7.38
N LYS A 33 -4.87 0.80 7.72
CA LYS A 33 -5.59 1.63 6.74
C LYS A 33 -5.05 3.05 6.76
N GLY A 34 -4.45 3.47 5.65
CA GLY A 34 -3.91 4.81 5.55
C GLY A 34 -4.98 5.86 5.86
N PHE A 35 -5.99 5.94 5.02
CA PHE A 35 -7.08 6.89 5.21
C PHE A 35 -8.20 6.26 6.05
N GLU A 36 -8.51 6.89 7.17
CA GLU A 36 -9.57 6.38 8.05
C GLU A 36 -10.94 6.67 7.44
N LYS A 37 -10.99 7.67 6.56
CA LYS A 37 -12.25 8.03 5.92
C LYS A 37 -12.85 6.84 5.19
N ASP A 38 -14.16 6.89 4.95
CA ASP A 38 -14.84 5.81 4.26
C ASP A 38 -14.60 4.48 4.97
N ASN A 39 -14.47 3.41 4.18
CA ASN A 39 -14.24 2.08 4.74
C ASN A 39 -12.75 1.80 4.88
N GLY A 40 -11.94 2.83 4.65
CA GLY A 40 -10.49 2.68 4.74
C GLY A 40 -9.82 2.97 3.40
N LEU A 41 -10.60 2.88 2.33
CA LEU A 41 -10.08 3.14 0.99
C LEU A 41 -8.89 2.22 0.69
N LEU A 42 -7.73 2.58 1.22
CA LEU A 42 -6.52 1.79 1.00
C LEU A 42 -6.13 1.06 2.28
N PHE A 43 -5.89 -0.24 2.16
CA PHE A 43 -5.50 -1.05 3.31
C PHE A 43 -4.04 -1.47 3.20
N ARG A 44 -3.26 -1.17 4.24
CA ARG A 44 -1.84 -1.53 4.25
C ARG A 44 -1.65 -2.97 4.70
N ILE A 45 -1.01 -3.77 3.87
CA ILE A 45 -0.77 -5.18 4.19
C ILE A 45 0.72 -5.42 4.43
N VAL A 46 1.03 -6.09 5.54
CA VAL A 46 2.42 -6.37 5.88
C VAL A 46 2.58 -7.83 6.31
N ASN A 47 3.54 -8.51 5.70
CA ASN A 47 3.80 -9.91 6.04
C ASN A 47 5.13 -10.04 6.80
N LYS A 48 5.04 -10.23 8.12
CA LYS A 48 6.22 -10.35 8.94
C LYS A 48 7.13 -11.46 8.41
N LYS A 49 6.52 -12.49 7.83
CA LYS A 49 7.28 -13.61 7.29
C LYS A 49 8.46 -13.10 6.46
N LYS A 50 8.15 -12.53 5.30
CA LYS A 50 9.19 -12.00 4.43
C LYS A 50 9.35 -10.50 4.62
N LYS A 51 8.52 -9.92 5.48
CA LYS A 51 8.57 -8.49 5.76
C LYS A 51 8.37 -7.69 4.47
N GLN A 52 7.49 -8.17 3.61
CA GLN A 52 7.21 -7.48 2.35
C GLN A 52 5.91 -6.69 2.47
N TRP A 53 5.99 -5.40 2.15
CA TRP A 53 4.82 -4.53 2.23
C TRP A 53 4.00 -4.61 0.94
N ALA A 54 2.69 -4.52 1.07
CA ALA A 54 1.80 -4.58 -0.08
C ALA A 54 0.61 -3.66 0.11
N TYR A 55 0.12 -3.07 -0.98
CA TYR A 55 -1.02 -2.18 -0.91
C TYR A 55 -2.13 -2.64 -1.85
N TYR A 56 -3.37 -2.60 -1.35
CA TYR A 56 -4.51 -3.01 -2.15
C TYR A 56 -5.49 -1.86 -2.32
N ASN A 57 -5.83 -1.55 -3.57
CA ASN A 57 -6.75 -0.44 -3.84
C ASN A 57 -8.18 -0.97 -4.00
N ASP A 58 -9.12 -0.29 -3.35
CA ASP A 58 -10.52 -0.69 -3.43
C ASP A 58 -11.30 0.26 -4.33
N THR A 59 -11.00 1.55 -4.21
CA THR A 59 -11.68 2.56 -5.03
C THR A 59 -11.47 2.27 -6.52
N THR A 60 -12.56 1.98 -7.22
CA THR A 60 -12.49 1.69 -8.64
C THR A 60 -12.55 2.98 -9.46
N GLN A 61 -12.75 4.10 -8.78
CA GLN A 61 -12.82 5.39 -9.45
C GLN A 61 -11.46 6.09 -9.44
N TYR A 62 -10.82 6.10 -8.27
CA TYR A 62 -9.51 6.73 -8.15
C TYR A 62 -8.44 5.70 -7.85
N GLU A 63 -7.21 5.99 -8.29
CA GLU A 63 -6.10 5.08 -8.04
C GLU A 63 -5.35 5.49 -6.77
N MET A 64 -4.76 4.50 -6.10
CA MET A 64 -4.03 4.77 -4.87
C MET A 64 -2.54 4.98 -5.15
N HIS A 65 -2.03 6.13 -4.75
CA HIS A 65 -0.61 6.44 -4.95
C HIS A 65 0.14 6.36 -3.62
N VAL A 66 1.11 5.45 -3.56
CA VAL A 66 1.89 5.27 -2.33
C VAL A 66 3.20 6.05 -2.40
N LEU A 67 3.50 6.78 -1.34
CA LEU A 67 4.75 7.55 -1.28
C LEU A 67 5.31 7.52 0.14
N VAL A 68 6.18 6.56 0.41
CA VAL A 68 6.78 6.43 1.74
C VAL A 68 8.28 6.72 1.69
N THR A 69 8.74 7.52 2.64
CA THR A 69 10.17 7.85 2.72
C THR A 69 10.80 7.23 3.95
N PHE A 70 11.97 6.62 3.77
CA PHE A 70 12.67 5.99 4.88
C PHE A 70 14.02 6.65 5.12
N ASN A 71 14.59 6.42 6.31
CA ASN A 71 15.88 6.99 6.64
C ASN A 71 17.01 6.18 6.03
N GLU A 72 18.19 6.78 5.91
CA GLU A 72 19.34 6.09 5.35
C GLU A 72 19.54 4.74 6.01
N ASP A 73 19.58 4.73 7.33
CA ASP A 73 19.77 3.49 8.08
C ASP A 73 18.49 2.67 8.07
N CYS A 74 18.22 2.01 6.95
CA CYS A 74 17.02 1.18 6.82
C CYS A 74 17.23 0.09 5.79
N ASP A 75 17.26 -1.16 6.24
CA ASP A 75 17.46 -2.29 5.34
C ASP A 75 16.17 -2.59 4.57
N ILE A 76 15.91 -1.82 3.53
CA ILE A 76 14.72 -2.01 2.72
C ILE A 76 15.09 -2.22 1.26
N LYS A 77 14.20 -2.88 0.52
CA LYS A 77 14.44 -3.15 -0.89
C LYS A 77 13.18 -2.92 -1.71
N ALA A 78 13.36 -2.74 -3.02
CA ALA A 78 12.22 -2.52 -3.91
C ALA A 78 11.71 -3.84 -4.47
N LEU A 79 10.40 -3.96 -4.57
CA LEU A 79 9.79 -5.19 -5.07
C LEU A 79 9.32 -5.01 -6.52
N GLY A 80 8.02 -4.79 -6.69
CA GLY A 80 7.46 -4.62 -8.03
C GLY A 80 8.13 -3.46 -8.75
N LYS A 81 7.41 -2.86 -9.69
CA LYS A 81 7.95 -1.73 -10.46
C LYS A 81 8.31 -0.59 -9.52
N THR A 82 8.04 -0.76 -8.24
CA THR A 82 8.33 0.28 -7.26
C THR A 82 9.73 0.85 -7.47
N LYS A 83 9.80 2.13 -7.81
CA LYS A 83 11.08 2.78 -8.04
C LYS A 83 11.73 3.16 -6.71
N LEU A 84 12.95 2.67 -6.50
CA LEU A 84 13.67 2.96 -5.26
C LEU A 84 14.96 3.72 -5.55
N GLU A 85 15.19 4.79 -4.81
CA GLU A 85 16.40 5.60 -5.00
C GLU A 85 16.75 6.34 -3.71
N GLN A 86 18.03 6.68 -3.57
CA GLN A 86 18.48 7.39 -2.37
C GLN A 86 18.84 8.83 -2.72
N GLN A 87 18.70 9.73 -1.74
CA GLN A 87 19.02 11.13 -1.96
C GLN A 87 20.34 11.49 -1.28
N GLU A 88 20.85 12.67 -1.60
CA GLU A 88 22.11 13.12 -1.01
C GLU A 88 21.97 13.30 0.50
N ASN A 89 20.80 13.76 0.92
CA ASN A 89 20.54 13.98 2.34
C ASN A 89 20.67 12.66 3.11
N GLY A 90 20.45 11.56 2.41
CA GLY A 90 20.56 10.24 3.03
C GLY A 90 19.17 9.70 3.40
N GLU A 91 18.30 9.60 2.39
CA GLU A 91 16.96 9.07 2.61
C GLU A 91 16.52 8.21 1.44
N TRP A 92 15.74 7.17 1.74
CA TRP A 92 15.26 6.28 0.70
C TRP A 92 13.80 6.60 0.34
N VAL A 93 13.49 6.57 -0.95
CA VAL A 93 12.14 6.87 -1.41
C VAL A 93 11.61 5.75 -2.28
N ALA A 94 10.36 5.36 -2.04
CA ALA A 94 9.73 4.29 -2.83
C ALA A 94 8.30 4.67 -3.18
N SER A 95 8.07 5.02 -4.43
CA SER A 95 6.74 5.40 -4.89
C SER A 95 6.22 4.43 -5.95
N VAL A 96 4.93 4.16 -5.90
CA VAL A 96 4.31 3.24 -6.86
C VAL A 96 2.80 3.44 -6.89
N VAL A 97 2.20 3.27 -8.07
CA VAL A 97 0.76 3.42 -8.21
C VAL A 97 0.08 2.06 -8.27
N VAL A 98 -1.00 1.90 -7.53
CA VAL A 98 -1.73 0.64 -7.50
C VAL A 98 -3.11 0.80 -8.11
N TYR A 99 -3.49 -0.14 -8.97
CA TYR A 99 -4.79 -0.08 -9.62
C TYR A 99 -5.83 -0.86 -8.83
N PRO A 100 -7.08 -0.53 -8.99
CA PRO A 100 -8.20 -1.22 -8.28
C PRO A 100 -8.20 -2.72 -8.54
N CYS A 101 -8.91 -3.45 -7.68
CA CYS A 101 -9.00 -4.91 -7.83
C CYS A 101 -7.65 -5.48 -8.22
N GLU A 102 -6.58 -4.79 -7.85
CA GLU A 102 -5.24 -5.26 -8.15
C GLU A 102 -4.29 -4.94 -7.00
N THR A 103 -3.52 -5.94 -6.58
CA THR A 103 -2.58 -5.76 -5.48
C THR A 103 -1.15 -5.91 -5.98
N GLU A 104 -0.35 -4.87 -5.77
CA GLU A 104 1.04 -4.89 -6.23
C GLU A 104 2.00 -4.89 -5.03
N MET A 105 3.23 -5.32 -5.26
CA MET A 105 4.23 -5.35 -4.20
C MET A 105 4.85 -3.97 -4.01
N PHE A 106 5.27 -3.68 -2.78
CA PHE A 106 5.86 -2.39 -2.47
C PHE A 106 7.35 -2.55 -2.15
N ILE A 107 7.67 -2.53 -0.86
CA ILE A 107 9.06 -2.69 -0.42
C ILE A 107 9.17 -3.80 0.61
N GLU A 108 10.36 -4.37 0.74
CA GLU A 108 10.59 -5.45 1.70
C GLU A 108 11.88 -5.21 2.48
N GLY A 109 11.94 -5.75 3.68
CA GLY A 109 13.13 -5.60 4.52
C GLY A 109 12.76 -4.99 5.87
N ARG A 110 13.76 -4.45 6.56
CA ARG A 110 13.53 -3.84 7.86
C ARG A 110 13.26 -2.34 7.71
N VAL A 111 12.33 -1.83 8.51
CA VAL A 111 11.97 -0.42 8.45
C VAL A 111 12.15 0.24 9.81
N ASN A 112 12.78 1.42 9.82
CA ASN A 112 13.01 2.15 11.06
C ASN A 112 12.68 3.62 10.88
N GLY A 113 11.75 4.12 11.67
CA GLY A 113 11.35 5.52 11.57
C GLY A 113 11.19 5.94 10.12
N PHE A 114 9.95 5.95 9.64
CA PHE A 114 9.68 6.31 8.26
C PHE A 114 8.43 7.18 8.15
N LYS A 115 8.33 7.96 7.09
CA LYS A 115 7.17 8.80 6.86
C LYS A 115 6.36 8.28 5.68
N SER A 116 5.06 8.09 5.91
CA SER A 116 4.18 7.56 4.87
C SER A 116 3.26 8.65 4.33
N LYS A 117 3.12 8.69 3.01
CA LYS A 117 2.25 9.68 2.37
C LYS A 117 1.51 9.03 1.19
N MET A 118 0.19 9.12 1.21
CA MET A 118 -0.62 8.53 0.14
C MET A 118 -1.69 9.50 -0.33
N ASP A 119 -2.38 9.12 -1.41
CA ASP A 119 -3.44 9.95 -1.96
C ASP A 119 -4.29 9.14 -2.94
N ALA A 120 -5.41 9.72 -3.37
CA ALA A 120 -6.30 9.04 -4.29
C ALA A 120 -6.59 9.91 -5.51
N LEU A 121 -5.81 9.72 -6.57
CA LEU A 121 -5.99 10.50 -7.79
C LEU A 121 -6.84 9.73 -8.79
N PRO A 122 -7.53 10.44 -9.64
CA PRO A 122 -8.37 9.83 -10.71
C PRO A 122 -7.60 8.81 -11.55
N LEU A 123 -8.32 7.95 -12.26
CA LEU A 123 -7.69 6.94 -13.09
C LEU A 123 -7.39 7.51 -14.47
N SER A 124 -6.13 7.45 -14.88
CA SER A 124 -5.73 7.97 -16.18
C SER A 124 -6.00 6.95 -17.27
N GLU A 125 -5.69 7.32 -18.52
CA GLU A 125 -5.89 6.42 -19.64
C GLU A 125 -5.09 5.14 -19.45
N GLU A 126 -3.97 5.24 -18.75
CA GLU A 126 -3.12 4.09 -18.50
C GLU A 126 -3.90 2.98 -17.81
N TYR A 127 -4.79 3.36 -16.90
CA TYR A 127 -5.61 2.40 -16.18
C TYR A 127 -6.52 1.65 -17.14
N ARG A 128 -7.16 2.39 -18.03
CA ARG A 128 -8.07 1.78 -19.00
C ARG A 128 -7.34 0.71 -19.81
N GLN A 129 -6.11 1.01 -20.20
CA GLN A 129 -5.30 0.05 -20.96
C GLN A 129 -4.90 -1.13 -20.08
N HIS A 130 -4.62 -0.85 -18.81
CA HIS A 130 -4.23 -1.90 -17.88
C HIS A 130 -5.32 -2.95 -17.77
N GLN A 131 -6.58 -2.51 -17.87
CA GLN A 131 -7.71 -3.43 -17.79
C GLN A 131 -7.56 -4.55 -18.82
N ALA A 132 -7.03 -4.21 -19.99
CA ALA A 132 -6.83 -5.20 -21.05
C ALA A 132 -5.78 -6.22 -20.63
N GLU A 133 -4.61 -5.73 -20.23
CA GLU A 133 -3.53 -6.59 -19.79
C GLU A 133 -3.89 -7.27 -18.47
N LYS A 134 -4.79 -6.64 -17.72
CA LYS A 134 -5.22 -7.18 -16.44
C LYS A 134 -5.57 -8.67 -16.57
N ASP A 135 -6.29 -9.00 -17.63
CA ASP A 135 -6.68 -10.38 -17.87
C ASP A 135 -5.54 -11.17 -18.51
N LYS A 136 -5.07 -12.20 -17.81
CA LYS A 136 -3.98 -13.02 -18.31
C LYS A 136 -3.89 -14.34 -17.55
N MET A 6 -3.10 6.90 19.64
CA MET A 6 -4.16 6.18 20.42
C MET A 6 -4.31 6.84 21.79
N GLY A 7 -3.26 7.51 22.23
CA GLY A 7 -3.28 8.18 23.53
C GLY A 7 -4.46 9.16 23.61
N CYS A 8 -4.75 9.81 22.49
CA CYS A 8 -5.86 10.77 22.46
C CYS A 8 -7.19 10.06 22.73
N GLY A 9 -7.32 8.85 22.21
CA GLY A 9 -8.55 8.08 22.41
C GLY A 9 -8.91 7.29 21.16
N ALA A 10 -9.17 5.99 21.34
CA ALA A 10 -9.50 5.12 20.22
C ALA A 10 -10.82 5.58 19.58
N SER A 11 -10.92 5.41 18.27
CA SER A 11 -12.12 5.81 17.55
C SER A 11 -12.78 4.58 16.91
N SER A 12 -14.12 4.61 16.82
CA SER A 12 -14.85 3.51 16.23
C SER A 12 -14.50 3.35 14.76
N GLU A 13 -14.05 4.45 14.15
CA GLU A 13 -13.68 4.42 12.73
C GLU A 13 -12.51 3.48 12.50
N ASN A 14 -11.61 3.41 13.48
CA ASN A 14 -10.44 2.55 13.38
C ASN A 14 -10.65 1.25 14.17
N SER A 15 -11.91 0.85 14.30
CA SER A 15 -12.23 -0.37 15.02
C SER A 15 -11.48 -1.56 14.45
N SER A 16 -11.51 -1.70 13.13
CA SER A 16 -10.83 -2.79 12.46
C SER A 16 -10.69 -2.53 10.97
N VAL A 17 -10.79 -3.57 10.16
CA VAL A 17 -10.68 -3.43 8.72
C VAL A 17 -11.92 -4.01 8.03
N THR A 18 -12.40 -3.31 7.01
CA THR A 18 -13.58 -3.77 6.28
C THR A 18 -13.37 -3.62 4.77
N TYR A 19 -14.03 -4.46 3.99
CA TYR A 19 -13.92 -4.41 2.55
C TYR A 19 -15.30 -4.31 1.90
N VAL A 20 -15.34 -3.82 0.67
CA VAL A 20 -16.61 -3.68 -0.05
C VAL A 20 -16.44 -4.07 -1.52
N ASN A 21 -15.51 -3.40 -2.20
CA ASN A 21 -15.28 -3.69 -3.61
C ASN A 21 -14.74 -5.10 -3.80
N GLY A 22 -14.09 -5.62 -2.76
CA GLY A 22 -13.52 -6.97 -2.82
C GLY A 22 -12.38 -7.12 -1.82
N ARG A 23 -11.87 -8.34 -1.71
CA ARG A 23 -10.77 -8.62 -0.78
C ARG A 23 -9.44 -8.65 -1.52
N PRO A 24 -8.43 -8.06 -0.95
CA PRO A 24 -7.07 -8.02 -1.56
C PRO A 24 -6.62 -9.40 -2.06
N THR A 25 -5.82 -9.40 -3.12
CA THR A 25 -5.32 -10.65 -3.68
C THR A 25 -4.06 -11.10 -2.92
N PHE A 26 -3.66 -10.30 -1.94
CA PHE A 26 -2.47 -10.63 -1.14
C PHE A 26 -2.81 -10.60 0.34
N VAL A 27 -2.29 -11.57 1.08
CA VAL A 27 -2.54 -11.65 2.52
C VAL A 27 -1.23 -11.79 3.28
N GLY A 28 -1.05 -10.94 4.30
CA GLY A 28 0.16 -10.98 5.11
C GLY A 28 -0.16 -11.36 6.55
N GLU A 29 -0.13 -10.37 7.44
CA GLU A 29 -0.43 -10.60 8.84
C GLU A 29 -1.09 -9.38 9.47
N GLU A 30 -0.39 -8.25 9.44
CA GLU A 30 -0.93 -7.02 9.99
C GLU A 30 -1.56 -6.16 8.90
N VAL A 31 -2.81 -5.79 9.10
CA VAL A 31 -3.52 -4.97 8.13
C VAL A 31 -3.88 -3.61 8.72
N THR A 32 -3.76 -2.57 7.90
CA THR A 32 -4.07 -1.22 8.34
C THR A 32 -4.70 -0.42 7.22
N LYS A 33 -5.21 0.78 7.55
CA LYS A 33 -5.85 1.63 6.56
C LYS A 33 -5.30 3.04 6.64
N GLY A 34 -4.51 3.43 5.64
CA GLY A 34 -3.93 4.76 5.60
C GLY A 34 -4.96 5.82 6.02
N PHE A 35 -5.92 6.06 5.13
CA PHE A 35 -6.97 7.03 5.42
C PHE A 35 -8.04 6.43 6.31
N GLU A 36 -8.32 7.09 7.43
CA GLU A 36 -9.34 6.60 8.35
C GLU A 36 -10.74 6.86 7.79
N LYS A 37 -10.85 7.89 6.97
CA LYS A 37 -12.14 8.24 6.38
C LYS A 37 -12.64 7.12 5.46
N ASP A 38 -13.93 7.11 5.18
CA ASP A 38 -14.52 6.09 4.33
C ASP A 38 -14.24 4.70 4.88
N ASN A 39 -14.31 3.70 4.01
CA ASN A 39 -14.08 2.32 4.43
C ASN A 39 -12.58 2.04 4.54
N GLY A 40 -11.78 3.09 4.43
CA GLY A 40 -10.33 2.95 4.52
C GLY A 40 -9.67 3.24 3.19
N LEU A 41 -10.39 2.98 2.11
CA LEU A 41 -9.87 3.23 0.77
C LEU A 41 -8.62 2.37 0.52
N LEU A 42 -7.50 2.81 1.10
CA LEU A 42 -6.25 2.08 0.93
C LEU A 42 -5.94 1.24 2.16
N PHE A 43 -5.71 -0.05 1.95
CA PHE A 43 -5.40 -0.95 3.05
C PHE A 43 -3.93 -1.36 3.01
N ARG A 44 -3.23 -1.14 4.12
CA ARG A 44 -1.81 -1.49 4.19
C ARG A 44 -1.64 -2.92 4.67
N ILE A 45 -1.10 -3.77 3.81
CA ILE A 45 -0.88 -5.16 4.15
C ILE A 45 0.59 -5.43 4.42
N VAL A 46 0.88 -6.07 5.54
CA VAL A 46 2.25 -6.37 5.92
C VAL A 46 2.40 -7.84 6.31
N ASN A 47 3.40 -8.50 5.71
CA ASN A 47 3.64 -9.91 6.00
C ASN A 47 4.89 -10.07 6.85
N LYS A 48 4.70 -10.28 8.15
CA LYS A 48 5.82 -10.43 9.07
C LYS A 48 6.77 -11.52 8.58
N LYS A 49 6.22 -12.51 7.88
CA LYS A 49 7.03 -13.61 7.36
C LYS A 49 8.22 -13.06 6.57
N LYS A 50 7.95 -12.50 5.40
CA LYS A 50 9.01 -11.93 4.57
C LYS A 50 9.17 -10.44 4.85
N LYS A 51 8.32 -9.91 5.73
CA LYS A 51 8.37 -8.50 6.06
C LYS A 51 8.20 -7.63 4.82
N GLN A 52 7.43 -8.14 3.85
CA GLN A 52 7.21 -7.40 2.62
C GLN A 52 5.88 -6.66 2.68
N TRP A 53 5.92 -5.37 2.37
CA TRP A 53 4.72 -4.54 2.40
C TRP A 53 3.94 -4.67 1.10
N ALA A 54 2.62 -4.68 1.21
CA ALA A 54 1.76 -4.79 0.03
C ALA A 54 0.56 -3.85 0.15
N TYR A 55 0.14 -3.29 -0.97
CA TYR A 55 -0.99 -2.37 -0.97
C TYR A 55 -2.08 -2.85 -1.93
N TYR A 56 -3.33 -2.70 -1.51
CA TYR A 56 -4.46 -3.10 -2.34
C TYR A 56 -5.43 -1.94 -2.53
N ASN A 57 -5.78 -1.67 -3.77
CA ASN A 57 -6.70 -0.58 -4.08
C ASN A 57 -8.14 -1.08 -4.14
N ASP A 58 -9.02 -0.39 -3.41
CA ASP A 58 -10.42 -0.78 -3.38
C ASP A 58 -11.25 0.16 -4.25
N THR A 59 -10.92 1.44 -4.22
CA THR A 59 -11.63 2.43 -5.02
C THR A 59 -11.56 2.08 -6.50
N THR A 60 -12.72 1.82 -7.09
CA THR A 60 -12.77 1.47 -8.52
C THR A 60 -12.91 2.72 -9.37
N GLN A 61 -12.95 3.88 -8.71
CA GLN A 61 -13.08 5.14 -9.43
C GLN A 61 -11.82 5.98 -9.30
N TYR A 62 -10.97 5.62 -8.33
CA TYR A 62 -9.73 6.34 -8.11
C TYR A 62 -8.57 5.37 -7.90
N GLU A 63 -7.38 5.78 -8.31
CA GLU A 63 -6.19 4.94 -8.13
C GLU A 63 -5.48 5.31 -6.83
N MET A 64 -4.94 4.30 -6.16
CA MET A 64 -4.24 4.52 -4.89
C MET A 64 -2.74 4.72 -5.13
N HIS A 65 -2.23 5.87 -4.71
CA HIS A 65 -0.81 6.17 -4.86
C HIS A 65 -0.09 6.07 -3.53
N VAL A 66 1.04 5.36 -3.51
CA VAL A 66 1.80 5.17 -2.28
C VAL A 66 3.13 5.92 -2.36
N LEU A 67 3.44 6.67 -1.31
CA LEU A 67 4.70 7.41 -1.27
C LEU A 67 5.26 7.40 0.16
N VAL A 68 6.16 6.46 0.44
CA VAL A 68 6.75 6.36 1.76
C VAL A 68 8.25 6.63 1.71
N THR A 69 8.72 7.50 2.60
CA THR A 69 10.14 7.84 2.66
C THR A 69 10.77 7.22 3.90
N PHE A 70 11.93 6.58 3.71
CA PHE A 70 12.63 5.95 4.83
C PHE A 70 13.98 6.63 5.07
N ASN A 71 14.52 6.44 6.26
CA ASN A 71 15.82 7.02 6.60
C ASN A 71 16.95 6.20 6.02
N GLU A 72 18.09 6.85 5.77
CA GLU A 72 19.24 6.16 5.20
C GLU A 72 19.50 4.85 5.94
N ASP A 73 19.43 4.90 7.27
CA ASP A 73 19.65 3.71 8.07
C ASP A 73 18.42 2.82 8.08
N CYS A 74 18.15 2.16 6.95
CA CYS A 74 17.01 1.27 6.85
C CYS A 74 17.26 0.20 5.79
N ASP A 75 17.38 -1.04 6.24
CA ASP A 75 17.62 -2.15 5.33
C ASP A 75 16.33 -2.55 4.62
N ILE A 76 15.98 -1.80 3.58
CA ILE A 76 14.76 -2.07 2.82
C ILE A 76 15.08 -2.30 1.35
N LYS A 77 14.18 -2.97 0.66
CA LYS A 77 14.37 -3.26 -0.76
C LYS A 77 13.11 -2.91 -1.56
N ALA A 78 13.28 -2.78 -2.87
CA ALA A 78 12.15 -2.44 -3.74
C ALA A 78 11.57 -3.70 -4.36
N LEU A 79 10.23 -3.76 -4.42
CA LEU A 79 9.55 -4.91 -4.99
C LEU A 79 8.77 -4.51 -6.25
N GLY A 80 8.31 -5.51 -6.99
CA GLY A 80 7.54 -5.25 -8.20
C GLY A 80 8.20 -4.17 -9.05
N LYS A 81 7.40 -3.24 -9.55
CA LYS A 81 7.92 -2.16 -10.38
C LYS A 81 8.25 -0.94 -9.52
N THR A 82 7.98 -1.05 -8.22
CA THR A 82 8.25 0.05 -7.31
C THR A 82 9.65 0.61 -7.53
N LYS A 83 9.72 1.91 -7.82
CA LYS A 83 11.01 2.56 -8.06
C LYS A 83 11.65 2.99 -6.75
N LEU A 84 12.90 2.58 -6.54
CA LEU A 84 13.61 2.94 -5.33
C LEU A 84 14.89 3.69 -5.65
N GLU A 85 15.10 4.82 -4.97
CA GLU A 85 16.29 5.63 -5.20
C GLU A 85 16.67 6.39 -3.93
N GLN A 86 17.95 6.70 -3.79
CA GLN A 86 18.43 7.42 -2.62
C GLN A 86 18.81 8.86 -2.99
N GLN A 87 18.67 9.77 -2.04
CA GLN A 87 19.01 11.17 -2.27
C GLN A 87 20.34 11.52 -1.61
N GLU A 88 20.85 12.71 -1.93
CA GLU A 88 22.12 13.15 -1.36
C GLU A 88 21.99 13.35 0.14
N ASN A 89 20.81 13.79 0.58
CA ASN A 89 20.57 14.02 2.00
C ASN A 89 20.65 12.71 2.78
N GLY A 90 20.39 11.60 2.09
CA GLY A 90 20.45 10.29 2.71
C GLY A 90 19.05 9.80 3.07
N GLU A 91 18.17 9.76 2.07
CA GLU A 91 16.81 9.29 2.29
C GLU A 91 16.38 8.35 1.16
N TRP A 92 15.64 7.31 1.52
CA TRP A 92 15.16 6.35 0.53
C TRP A 92 13.71 6.66 0.14
N VAL A 93 13.44 6.66 -1.15
CA VAL A 93 12.09 6.95 -1.64
C VAL A 93 11.55 5.78 -2.45
N ALA A 94 10.33 5.35 -2.12
CA ALA A 94 9.70 4.25 -2.83
C ALA A 94 8.26 4.58 -3.17
N SER A 95 8.00 4.84 -4.45
CA SER A 95 6.65 5.18 -4.89
C SER A 95 6.13 4.16 -5.90
N VAL A 96 4.84 3.90 -5.85
CA VAL A 96 4.21 2.95 -6.77
C VAL A 96 2.70 3.15 -6.80
N VAL A 97 2.12 3.05 -8.00
CA VAL A 97 0.68 3.24 -8.15
C VAL A 97 -0.01 1.88 -8.21
N VAL A 98 -1.11 1.76 -7.45
CA VAL A 98 -1.87 0.52 -7.42
C VAL A 98 -3.24 0.72 -8.05
N TYR A 99 -3.60 -0.17 -8.97
CA TYR A 99 -4.89 -0.07 -9.65
C TYR A 99 -5.93 -0.94 -8.95
N PRO A 100 -7.18 -0.59 -9.06
CA PRO A 100 -8.29 -1.35 -8.41
C PRO A 100 -8.37 -2.79 -8.91
N CYS A 101 -8.87 -3.68 -8.07
CA CYS A 101 -8.99 -5.08 -8.42
C CYS A 101 -7.61 -5.68 -8.70
N GLU A 102 -6.59 -5.10 -8.09
CA GLU A 102 -5.23 -5.58 -8.28
C GLU A 102 -4.39 -5.34 -7.02
N THR A 103 -3.34 -6.13 -6.85
CA THR A 103 -2.47 -5.98 -5.69
C THR A 103 -1.00 -6.10 -6.10
N GLU A 104 -0.23 -5.04 -5.86
CA GLU A 104 1.19 -5.04 -6.23
C GLU A 104 2.06 -5.03 -4.99
N MET A 105 3.33 -5.42 -5.16
CA MET A 105 4.27 -5.44 -4.04
C MET A 105 4.89 -4.06 -3.84
N PHE A 106 5.33 -3.80 -2.61
CA PHE A 106 5.92 -2.51 -2.29
C PHE A 106 7.39 -2.68 -1.88
N ILE A 107 7.65 -2.59 -0.58
CA ILE A 107 9.01 -2.74 -0.07
C ILE A 107 9.05 -3.77 1.04
N GLU A 108 10.24 -4.35 1.27
CA GLU A 108 10.40 -5.34 2.31
C GLU A 108 11.66 -5.05 3.13
N GLY A 109 11.96 -5.93 4.09
CA GLY A 109 13.14 -5.77 4.93
C GLY A 109 12.77 -5.09 6.25
N ARG A 110 13.76 -4.44 6.86
CA ARG A 110 13.53 -3.76 8.14
C ARG A 110 13.25 -2.28 7.91
N VAL A 111 12.31 -1.74 8.67
CA VAL A 111 11.96 -0.33 8.54
C VAL A 111 12.37 0.45 9.78
N ASN A 112 13.02 1.59 9.56
CA ASN A 112 13.47 2.43 10.66
C ASN A 112 13.21 3.89 10.37
N GLY A 113 12.43 4.55 11.23
CA GLY A 113 12.11 5.96 11.05
C GLY A 113 11.77 6.24 9.59
N PHE A 114 10.47 6.30 9.29
CA PHE A 114 10.03 6.56 7.93
C PHE A 114 8.75 7.38 7.92
N LYS A 115 8.51 8.07 6.81
CA LYS A 115 7.29 8.88 6.68
C LYS A 115 6.42 8.33 5.56
N SER A 116 5.12 8.24 5.82
CA SER A 116 4.18 7.70 4.84
C SER A 116 3.23 8.79 4.35
N LYS A 117 3.04 8.85 3.04
CA LYS A 117 2.13 9.83 2.44
C LYS A 117 1.39 9.20 1.26
N MET A 118 0.07 9.22 1.32
CA MET A 118 -0.75 8.64 0.25
C MET A 118 -1.80 9.62 -0.24
N ASP A 119 -2.49 9.25 -1.30
CA ASP A 119 -3.53 10.10 -1.87
C ASP A 119 -4.46 9.27 -2.77
N ALA A 120 -5.55 9.89 -3.21
CA ALA A 120 -6.51 9.19 -4.06
C ALA A 120 -6.69 9.95 -5.37
N LEU A 121 -5.87 9.63 -6.36
CA LEU A 121 -5.96 10.28 -7.66
C LEU A 121 -6.89 9.51 -8.59
N PRO A 122 -7.51 10.20 -9.51
CA PRO A 122 -8.46 9.57 -10.48
C PRO A 122 -7.73 8.67 -11.48
N LEU A 123 -8.36 7.56 -11.84
CA LEU A 123 -7.78 6.63 -12.78
C LEU A 123 -7.31 7.36 -14.03
N SER A 124 -6.00 7.53 -14.16
CA SER A 124 -5.43 8.21 -15.31
C SER A 124 -5.64 7.39 -16.59
N GLU A 125 -5.42 8.03 -17.74
CA GLU A 125 -5.60 7.34 -19.01
C GLU A 125 -4.83 6.02 -19.03
N GLU A 126 -3.75 5.96 -18.25
CA GLU A 126 -2.94 4.75 -18.18
C GLU A 126 -3.76 3.59 -17.62
N TYR A 127 -4.68 3.90 -16.72
CA TYR A 127 -5.53 2.88 -16.12
C TYR A 127 -6.29 2.11 -17.20
N ARG A 128 -6.84 2.84 -18.16
CA ARG A 128 -7.58 2.22 -19.25
C ARG A 128 -6.72 1.20 -19.98
N GLN A 129 -5.45 1.55 -20.19
CA GLN A 129 -4.52 0.66 -20.86
C GLN A 129 -4.20 -0.54 -19.97
N HIS A 130 -4.06 -0.29 -18.67
CA HIS A 130 -3.75 -1.37 -17.73
C HIS A 130 -4.81 -2.46 -17.80
N GLN A 131 -6.05 -2.06 -18.06
CA GLN A 131 -7.14 -3.02 -18.17
C GLN A 131 -6.83 -4.08 -19.21
N ALA A 132 -6.07 -3.70 -20.23
CA ALA A 132 -5.70 -4.63 -21.29
C ALA A 132 -4.71 -5.66 -20.78
N GLU A 133 -3.83 -5.24 -19.87
CA GLU A 133 -2.84 -6.13 -19.31
C GLU A 133 -3.51 -7.21 -18.45
N LYS A 134 -4.55 -6.82 -17.74
CA LYS A 134 -5.28 -7.76 -16.88
C LYS A 134 -5.87 -8.89 -17.71
N ASP A 135 -6.24 -8.57 -18.95
CA ASP A 135 -6.84 -9.57 -19.84
C ASP A 135 -5.75 -10.24 -20.67
N LYS A 136 -5.93 -11.54 -20.92
CA LYS A 136 -4.96 -12.29 -21.71
C LYS A 136 -3.65 -12.46 -20.94
N MET A 6 -25.87 -14.61 23.64
CA MET A 6 -26.27 -13.34 23.00
C MET A 6 -25.46 -12.19 23.58
N GLY A 7 -25.19 -11.17 22.76
CA GLY A 7 -24.43 -10.02 23.22
C GLY A 7 -25.33 -9.02 23.93
N CYS A 8 -24.74 -7.90 24.35
CA CYS A 8 -25.49 -6.86 25.05
C CYS A 8 -25.19 -5.48 24.46
N GLY A 9 -26.22 -4.66 24.32
CA GLY A 9 -26.05 -3.32 23.78
C GLY A 9 -25.03 -2.54 24.58
N ALA A 10 -24.14 -1.83 23.88
CA ALA A 10 -23.11 -1.04 24.54
C ALA A 10 -22.35 -0.19 23.53
N SER A 11 -21.11 0.14 23.85
CA SER A 11 -20.29 0.96 22.96
C SER A 11 -20.10 0.26 21.62
N SER A 12 -19.85 1.05 20.58
CA SER A 12 -19.66 0.49 19.24
C SER A 12 -18.21 0.68 18.80
N GLU A 13 -17.74 -0.24 17.95
CA GLU A 13 -16.37 -0.16 17.46
C GLU A 13 -16.18 -1.12 16.27
N ASN A 14 -15.68 -2.32 16.56
CA ASN A 14 -15.46 -3.31 15.52
C ASN A 14 -14.53 -2.75 14.44
N SER A 15 -13.44 -2.13 14.87
CA SER A 15 -12.48 -1.55 13.94
C SER A 15 -12.09 -2.58 12.87
N SER A 16 -11.07 -3.38 13.18
CA SER A 16 -10.62 -4.40 12.25
C SER A 16 -10.56 -3.85 10.82
N VAL A 17 -10.90 -4.69 9.86
CA VAL A 17 -10.89 -4.26 8.45
C VAL A 17 -12.12 -4.80 7.72
N THR A 18 -12.71 -3.96 6.89
CA THR A 18 -13.90 -4.36 6.13
C THR A 18 -13.77 -3.94 4.66
N TYR A 19 -13.61 -4.92 3.79
CA TYR A 19 -13.48 -4.66 2.37
C TYR A 19 -14.84 -4.30 1.76
N VAL A 20 -14.82 -3.76 0.54
CA VAL A 20 -16.06 -3.37 -0.11
C VAL A 20 -16.01 -3.72 -1.60
N ASN A 21 -15.03 -3.16 -2.30
CA ASN A 21 -14.89 -3.41 -3.74
C ASN A 21 -14.44 -4.84 -4.00
N GLY A 22 -13.75 -5.42 -3.04
CA GLY A 22 -13.26 -6.79 -3.18
C GLY A 22 -12.14 -7.08 -2.18
N ARG A 23 -11.64 -8.31 -2.20
CA ARG A 23 -10.57 -8.71 -1.29
C ARG A 23 -9.22 -8.64 -2.00
N PRO A 24 -8.19 -8.33 -1.26
CA PRO A 24 -6.80 -8.24 -1.82
C PRO A 24 -6.24 -9.61 -2.19
N THR A 25 -5.49 -9.66 -3.28
CA THR A 25 -4.89 -10.91 -3.74
C THR A 25 -3.68 -11.28 -2.89
N PHE A 26 -3.25 -10.33 -2.04
CA PHE A 26 -2.10 -10.57 -1.19
C PHE A 26 -2.52 -10.50 0.28
N VAL A 27 -1.95 -11.40 1.08
CA VAL A 27 -2.27 -11.44 2.51
C VAL A 27 -1.01 -11.65 3.34
N GLY A 28 -0.80 -10.78 4.32
CA GLY A 28 0.37 -10.90 5.18
C GLY A 28 -0.03 -11.31 6.60
N GLU A 29 0.00 -10.36 7.52
CA GLU A 29 -0.36 -10.64 8.91
C GLU A 29 -1.01 -9.42 9.55
N GLU A 30 -0.29 -8.31 9.54
CA GLU A 30 -0.82 -7.07 10.12
C GLU A 30 -1.47 -6.21 9.05
N VAL A 31 -2.71 -5.81 9.29
CA VAL A 31 -3.43 -4.98 8.33
C VAL A 31 -3.74 -3.61 8.94
N THR A 32 -3.52 -2.56 8.15
CA THR A 32 -3.77 -1.20 8.62
C THR A 32 -4.24 -0.32 7.46
N LYS A 33 -5.20 0.55 7.76
CA LYS A 33 -5.73 1.45 6.74
C LYS A 33 -4.94 2.74 6.69
N GLY A 34 -4.63 3.20 5.48
CA GLY A 34 -3.88 4.44 5.31
C GLY A 34 -4.78 5.66 5.49
N PHE A 35 -5.81 5.76 4.67
CA PHE A 35 -6.74 6.88 4.75
C PHE A 35 -7.74 6.67 5.88
N GLU A 36 -7.83 7.63 6.78
CA GLU A 36 -8.77 7.54 7.89
C GLU A 36 -10.20 7.72 7.41
N LYS A 37 -10.37 8.51 6.35
CA LYS A 37 -11.70 8.75 5.79
C LYS A 37 -12.29 7.47 5.21
N ASP A 38 -13.61 7.37 5.24
CA ASP A 38 -14.28 6.19 4.70
C ASP A 38 -13.79 4.93 5.41
N ASN A 39 -14.25 3.77 4.94
CA ASN A 39 -13.86 2.51 5.54
C ASN A 39 -12.34 2.41 5.67
N GLY A 40 -11.64 2.98 4.69
CA GLY A 40 -10.17 2.96 4.70
C GLY A 40 -9.62 3.08 3.29
N LEU A 41 -10.45 2.77 2.30
CA LEU A 41 -10.03 2.85 0.91
C LEU A 41 -8.87 1.90 0.64
N LEU A 42 -7.66 2.31 1.07
CA LEU A 42 -6.48 1.49 0.87
C LEU A 42 -6.09 0.79 2.17
N PHE A 43 -5.94 -0.53 2.12
CA PHE A 43 -5.55 -1.30 3.29
C PHE A 43 -4.09 -1.73 3.20
N ARG A 44 -3.30 -1.32 4.17
CA ARG A 44 -1.88 -1.67 4.18
C ARG A 44 -1.68 -3.11 4.63
N ILE A 45 -1.04 -3.91 3.79
CA ILE A 45 -0.81 -5.32 4.11
C ILE A 45 0.67 -5.55 4.43
N VAL A 46 0.93 -6.20 5.56
CA VAL A 46 2.31 -6.47 5.97
C VAL A 46 2.46 -7.92 6.42
N ASN A 47 3.47 -8.60 5.89
CA ASN A 47 3.72 -9.98 6.26
C ASN A 47 5.02 -10.10 7.04
N LYS A 48 4.92 -10.20 8.36
CA LYS A 48 6.09 -10.30 9.22
C LYS A 48 7.01 -11.41 8.74
N LYS A 49 6.43 -12.45 8.15
CA LYS A 49 7.21 -13.58 7.66
C LYS A 49 8.36 -13.10 6.78
N LYS A 50 8.04 -12.36 5.74
CA LYS A 50 9.05 -11.83 4.83
C LYS A 50 9.19 -10.32 5.00
N LYS A 51 8.36 -9.75 5.85
CA LYS A 51 8.40 -8.31 6.10
C LYS A 51 8.23 -7.54 4.79
N GLN A 52 7.42 -8.08 3.89
CA GLN A 52 7.18 -7.44 2.60
C GLN A 52 5.90 -6.63 2.64
N TRP A 53 6.00 -5.34 2.36
CA TRP A 53 4.83 -4.46 2.36
C TRP A 53 4.09 -4.54 1.03
N ALA A 54 2.76 -4.48 1.10
CA ALA A 54 1.94 -4.55 -0.11
C ALA A 54 0.72 -3.65 0.04
N TYR A 55 0.21 -3.17 -1.08
CA TYR A 55 -0.97 -2.31 -1.07
C TYR A 55 -2.03 -2.80 -2.06
N TYR A 56 -3.28 -2.74 -1.65
CA TYR A 56 -4.38 -3.17 -2.51
C TYR A 56 -5.37 -2.02 -2.73
N ASN A 57 -5.53 -1.62 -3.98
CA ASN A 57 -6.45 -0.53 -4.30
C ASN A 57 -7.88 -1.02 -4.37
N ASP A 58 -8.79 -0.28 -3.76
CA ASP A 58 -10.20 -0.65 -3.76
C ASP A 58 -11.02 0.35 -4.56
N THR A 59 -10.72 1.63 -4.39
CA THR A 59 -11.43 2.69 -5.10
C THR A 59 -11.33 2.47 -6.61
N THR A 60 -12.46 2.13 -7.23
CA THR A 60 -12.49 1.89 -8.67
C THR A 60 -12.57 3.20 -9.43
N GLN A 61 -12.72 4.31 -8.70
CA GLN A 61 -12.80 5.62 -9.32
C GLN A 61 -11.43 6.29 -9.33
N TYR A 62 -10.75 6.25 -8.20
CA TYR A 62 -9.43 6.86 -8.09
C TYR A 62 -8.35 5.79 -7.87
N GLU A 63 -7.13 6.10 -8.29
CA GLU A 63 -6.02 5.18 -8.11
C GLU A 63 -5.28 5.48 -6.81
N MET A 64 -4.69 4.43 -6.22
CA MET A 64 -3.96 4.60 -4.97
C MET A 64 -2.48 4.84 -5.23
N HIS A 65 -1.98 5.99 -4.77
CA HIS A 65 -0.57 6.33 -4.94
C HIS A 65 0.15 6.26 -3.61
N VAL A 66 1.20 5.44 -3.54
CA VAL A 66 1.95 5.28 -2.30
C VAL A 66 3.27 6.04 -2.38
N LEU A 67 3.58 6.78 -1.32
CA LEU A 67 4.83 7.53 -1.26
C LEU A 67 5.38 7.54 0.16
N VAL A 68 6.24 6.57 0.46
CA VAL A 68 6.81 6.46 1.79
C VAL A 68 8.31 6.75 1.75
N THR A 69 8.78 7.53 2.73
CA THR A 69 10.19 7.87 2.80
C THR A 69 10.83 7.21 4.03
N PHE A 70 12.03 6.67 3.85
CA PHE A 70 12.73 6.01 4.96
C PHE A 70 14.07 6.68 5.22
N ASN A 71 14.67 6.36 6.35
CA ASN A 71 15.97 6.92 6.71
C ASN A 71 17.11 6.10 6.11
N GLU A 72 18.23 6.76 5.86
CA GLU A 72 19.39 6.08 5.27
C GLU A 72 19.66 4.77 6.01
N ASP A 73 19.59 4.82 7.34
CA ASP A 73 19.84 3.63 8.15
C ASP A 73 18.58 2.76 8.22
N CYS A 74 18.29 2.08 7.12
CA CYS A 74 17.11 1.21 7.07
C CYS A 74 17.32 0.09 6.05
N ASP A 75 17.33 -1.15 6.53
CA ASP A 75 17.52 -2.29 5.65
C ASP A 75 16.24 -2.59 4.88
N ILE A 76 16.01 -1.86 3.80
CA ILE A 76 14.82 -2.04 2.99
C ILE A 76 15.19 -2.29 1.54
N LYS A 77 14.26 -2.88 0.78
CA LYS A 77 14.50 -3.17 -0.62
C LYS A 77 13.24 -2.95 -1.45
N ALA A 78 13.40 -2.89 -2.76
CA ALA A 78 12.26 -2.68 -3.65
C ALA A 78 11.74 -4.01 -4.17
N LEU A 79 10.43 -4.13 -4.26
CA LEU A 79 9.81 -5.37 -4.73
C LEU A 79 9.35 -5.23 -6.18
N GLY A 80 8.05 -5.02 -6.36
CA GLY A 80 7.49 -4.88 -7.70
C GLY A 80 8.15 -3.73 -8.45
N LYS A 81 7.41 -3.13 -9.38
CA LYS A 81 7.96 -2.03 -10.18
C LYS A 81 8.31 -0.85 -9.27
N THR A 82 8.08 -1.01 -7.97
CA THR A 82 8.37 0.05 -7.02
C THR A 82 9.77 0.62 -7.26
N LYS A 83 9.82 1.89 -7.65
CA LYS A 83 11.09 2.54 -7.92
C LYS A 83 11.76 2.96 -6.61
N LEU A 84 12.95 2.43 -6.36
CA LEU A 84 13.68 2.74 -5.14
C LEU A 84 14.96 3.50 -5.46
N GLU A 85 15.16 4.62 -4.76
CA GLU A 85 16.34 5.45 -4.98
C GLU A 85 16.69 6.23 -3.72
N GLN A 86 17.96 6.59 -3.58
CA GLN A 86 18.41 7.33 -2.41
C GLN A 86 18.71 8.78 -2.79
N GLN A 87 18.53 9.69 -1.84
CA GLN A 87 18.78 11.11 -2.08
C GLN A 87 20.12 11.52 -1.49
N GLU A 88 20.47 12.79 -1.67
CA GLU A 88 21.75 13.30 -1.15
C GLU A 88 21.69 13.44 0.37
N ASN A 89 20.57 13.93 0.87
CA ASN A 89 20.40 14.12 2.30
C ASN A 89 20.59 12.80 3.05
N GLY A 90 20.33 11.69 2.35
CA GLY A 90 20.50 10.38 2.94
C GLY A 90 19.15 9.77 3.32
N GLU A 91 18.25 9.70 2.35
CA GLU A 91 16.93 9.11 2.58
C GLU A 91 16.54 8.21 1.42
N TRP A 92 15.74 7.20 1.71
CA TRP A 92 15.28 6.26 0.68
C TRP A 92 13.83 6.56 0.30
N VAL A 93 13.56 6.59 -1.00
CA VAL A 93 12.21 6.87 -1.48
C VAL A 93 11.68 5.69 -2.28
N ALA A 94 10.40 5.38 -2.08
CA ALA A 94 9.78 4.27 -2.80
C ALA A 94 8.33 4.61 -3.14
N SER A 95 8.08 4.88 -4.41
CA SER A 95 6.73 5.24 -4.86
C SER A 95 6.23 4.23 -5.88
N VAL A 96 4.92 3.97 -5.86
CA VAL A 96 4.33 3.03 -6.80
C VAL A 96 2.81 3.24 -6.87
N VAL A 97 2.24 3.02 -8.05
CA VAL A 97 0.80 3.19 -8.24
C VAL A 97 0.11 1.83 -8.33
N VAL A 98 -1.01 1.69 -7.63
CA VAL A 98 -1.76 0.44 -7.65
C VAL A 98 -3.15 0.66 -8.24
N TYR A 99 -3.55 -0.23 -9.15
CA TYR A 99 -4.85 -0.12 -9.79
C TYR A 99 -5.91 -0.87 -8.98
N PRO A 100 -7.12 -0.39 -9.03
CA PRO A 100 -8.24 -1.00 -8.25
C PRO A 100 -8.21 -2.53 -8.29
N CYS A 101 -8.57 -3.09 -9.44
CA CYS A 101 -8.59 -4.55 -9.58
C CYS A 101 -7.19 -5.08 -9.83
N GLU A 102 -6.23 -4.64 -9.03
CA GLU A 102 -4.85 -5.07 -9.18
C GLU A 102 -4.07 -4.86 -7.88
N THR A 103 -3.13 -5.75 -7.61
CA THR A 103 -2.32 -5.63 -6.40
C THR A 103 -0.84 -5.77 -6.74
N GLU A 104 -0.02 -4.87 -6.19
CA GLU A 104 1.41 -4.90 -6.47
C GLU A 104 2.21 -4.90 -5.16
N MET A 105 3.44 -5.37 -5.22
CA MET A 105 4.30 -5.40 -4.05
C MET A 105 4.99 -4.05 -3.86
N PHE A 106 5.20 -3.68 -2.60
CA PHE A 106 5.83 -2.40 -2.29
C PHE A 106 7.30 -2.60 -1.94
N ILE A 107 7.62 -2.52 -0.66
CA ILE A 107 8.99 -2.70 -0.20
C ILE A 107 9.05 -3.74 0.91
N GLU A 108 10.25 -4.28 1.15
CA GLU A 108 10.43 -5.29 2.18
C GLU A 108 11.67 -4.98 3.02
N GLY A 109 11.96 -5.85 3.99
CA GLY A 109 13.13 -5.66 4.84
C GLY A 109 12.73 -5.04 6.18
N ARG A 110 13.70 -4.44 6.86
CA ARG A 110 13.45 -3.82 8.16
C ARG A 110 13.17 -2.34 7.99
N VAL A 111 12.25 -1.81 8.80
CA VAL A 111 11.90 -0.39 8.72
C VAL A 111 11.96 0.25 10.10
N ASN A 112 12.54 1.44 10.17
CA ASN A 112 12.65 2.16 11.43
C ASN A 112 12.33 3.64 11.23
N GLY A 113 11.35 4.14 11.97
CA GLY A 113 10.96 5.54 11.85
C GLY A 113 10.90 5.97 10.39
N PHE A 114 9.71 5.92 9.81
CA PHE A 114 9.53 6.29 8.41
C PHE A 114 8.33 7.20 8.23
N LYS A 115 8.35 7.98 7.15
CA LYS A 115 7.24 8.88 6.86
C LYS A 115 6.41 8.35 5.69
N SER A 116 5.11 8.22 5.91
CA SER A 116 4.22 7.69 4.88
C SER A 116 3.28 8.77 4.36
N LYS A 117 3.14 8.85 3.04
CA LYS A 117 2.25 9.82 2.43
C LYS A 117 1.52 9.19 1.24
N MET A 118 0.19 9.20 1.31
CA MET A 118 -0.62 8.60 0.24
C MET A 118 -1.67 9.59 -0.26
N ASP A 119 -2.24 9.28 -1.41
CA ASP A 119 -3.27 10.13 -2.00
C ASP A 119 -4.15 9.33 -2.95
N ALA A 120 -5.26 9.92 -3.38
CA ALA A 120 -6.17 9.25 -4.30
C ALA A 120 -6.45 10.11 -5.53
N LEU A 121 -5.73 9.83 -6.61
CA LEU A 121 -5.90 10.59 -7.84
C LEU A 121 -6.81 9.85 -8.81
N PRO A 122 -7.50 10.58 -9.65
CA PRO A 122 -8.39 9.98 -10.68
C PRO A 122 -7.67 8.94 -11.53
N LEU A 123 -8.45 8.02 -12.12
CA LEU A 123 -7.88 6.98 -12.95
C LEU A 123 -7.68 7.50 -14.38
N SER A 124 -6.42 7.59 -14.80
CA SER A 124 -6.10 8.09 -16.13
C SER A 124 -6.57 7.08 -17.19
N GLU A 125 -6.55 7.51 -18.45
CA GLU A 125 -6.98 6.64 -19.54
C GLU A 125 -6.15 5.35 -19.55
N GLU A 126 -4.94 5.44 -19.02
CA GLU A 126 -4.06 4.27 -18.96
C GLU A 126 -4.71 3.15 -18.18
N TYR A 127 -5.46 3.51 -17.15
CA TYR A 127 -6.14 2.52 -16.32
C TYR A 127 -7.17 1.75 -17.16
N ARG A 128 -7.91 2.48 -17.98
CA ARG A 128 -8.92 1.86 -18.83
C ARG A 128 -8.30 0.77 -19.69
N GLN A 129 -7.12 1.04 -20.23
CA GLN A 129 -6.42 0.07 -21.05
C GLN A 129 -5.95 -1.12 -20.21
N HIS A 130 -5.52 -0.83 -18.99
CA HIS A 130 -5.05 -1.88 -18.09
C HIS A 130 -6.14 -2.92 -17.86
N GLN A 131 -7.39 -2.47 -17.88
CA GLN A 131 -8.53 -3.37 -17.68
C GLN A 131 -8.53 -4.46 -18.75
N ALA A 132 -8.15 -4.10 -19.97
CA ALA A 132 -8.11 -5.06 -21.07
C ALA A 132 -7.07 -6.13 -20.79
N GLU A 133 -5.98 -5.75 -20.15
CA GLU A 133 -4.92 -6.70 -19.83
C GLU A 133 -5.42 -7.77 -18.87
N LYS A 134 -6.33 -7.38 -17.98
CA LYS A 134 -6.89 -8.32 -17.01
C LYS A 134 -7.58 -9.48 -17.73
N ASP A 135 -8.19 -9.19 -18.87
CA ASP A 135 -8.87 -10.23 -19.64
C ASP A 135 -7.90 -11.31 -20.07
N LYS A 136 -6.68 -10.91 -20.41
CA LYS A 136 -5.66 -11.86 -20.83
C LYS A 136 -4.92 -12.42 -19.63
N MET A 6 -4.26 5.75 24.79
CA MET A 6 -3.80 7.11 24.37
C MET A 6 -3.97 7.25 22.86
N GLY A 7 -4.80 8.21 22.46
CA GLY A 7 -5.04 8.46 21.04
C GLY A 7 -5.97 7.39 20.47
N CYS A 8 -6.93 6.94 21.27
CA CYS A 8 -7.87 5.93 20.83
C CYS A 8 -8.60 6.39 19.57
N GLY A 9 -8.87 7.68 19.48
CA GLY A 9 -9.56 8.24 18.33
C GLY A 9 -11.05 7.92 18.38
N ALA A 10 -11.64 8.05 19.57
CA ALA A 10 -13.07 7.78 19.73
C ALA A 10 -13.42 6.44 19.11
N SER A 11 -14.56 6.39 18.44
CA SER A 11 -15.02 5.15 17.80
C SER A 11 -14.95 3.99 18.77
N SER A 12 -15.35 2.81 18.31
CA SER A 12 -15.32 1.62 19.15
C SER A 12 -13.89 1.31 19.60
N GLU A 13 -13.76 0.76 20.80
CA GLU A 13 -12.44 0.42 21.34
C GLU A 13 -11.80 -0.70 20.51
N ASN A 14 -12.63 -1.61 20.01
CA ASN A 14 -12.13 -2.72 19.20
C ASN A 14 -11.97 -2.29 17.75
N SER A 15 -11.17 -3.05 16.99
CA SER A 15 -10.95 -2.73 15.59
C SER A 15 -10.66 -4.00 14.80
N SER A 16 -10.81 -3.92 13.48
CA SER A 16 -10.57 -5.08 12.62
C SER A 16 -10.36 -4.62 11.18
N VAL A 17 -10.89 -5.41 10.25
CA VAL A 17 -10.76 -5.09 8.82
C VAL A 17 -12.05 -5.40 8.08
N THR A 18 -12.46 -4.50 7.20
CA THR A 18 -13.68 -4.69 6.42
C THR A 18 -13.44 -4.39 4.94
N TYR A 19 -13.99 -5.23 4.08
CA TYR A 19 -13.84 -5.03 2.65
C TYR A 19 -15.21 -4.91 1.98
N VAL A 20 -15.21 -4.48 0.72
CA VAL A 20 -16.45 -4.29 -0.02
C VAL A 20 -16.30 -4.74 -1.47
N ASN A 21 -15.29 -4.20 -2.14
CA ASN A 21 -15.06 -4.53 -3.54
C ASN A 21 -14.33 -5.87 -3.67
N GLY A 22 -14.08 -6.50 -2.53
CA GLY A 22 -13.38 -7.79 -2.53
C GLY A 22 -12.23 -7.80 -1.54
N ARG A 23 -11.68 -8.98 -1.30
CA ARG A 23 -10.57 -9.10 -0.36
C ARG A 23 -9.24 -9.14 -1.11
N PRO A 24 -8.26 -8.43 -0.62
CA PRO A 24 -6.90 -8.38 -1.24
C PRO A 24 -6.39 -9.76 -1.61
N THR A 25 -5.61 -9.84 -2.69
CA THR A 25 -5.03 -11.11 -3.12
C THR A 25 -3.81 -11.45 -2.28
N PHE A 26 -3.42 -10.53 -1.42
CA PHE A 26 -2.26 -10.74 -0.55
C PHE A 26 -2.62 -10.50 0.91
N VAL A 27 -2.17 -11.39 1.79
CA VAL A 27 -2.46 -11.27 3.21
C VAL A 27 -1.20 -11.44 4.04
N GLY A 28 -0.94 -10.49 4.94
CA GLY A 28 0.23 -10.55 5.78
C GLY A 28 -0.14 -10.85 7.23
N GLU A 29 0.11 -9.89 8.12
CA GLU A 29 -0.21 -10.06 9.52
C GLU A 29 -0.89 -8.82 10.09
N GLU A 30 -0.20 -7.69 10.02
CA GLU A 30 -0.75 -6.43 10.51
C GLU A 30 -1.51 -5.71 9.39
N VAL A 31 -2.75 -5.33 9.67
CA VAL A 31 -3.56 -4.64 8.68
C VAL A 31 -3.99 -3.28 9.20
N THR A 32 -3.84 -2.25 8.36
CA THR A 32 -4.22 -0.89 8.76
C THR A 32 -4.72 -0.11 7.54
N LYS A 33 -5.25 1.08 7.79
CA LYS A 33 -5.77 1.91 6.72
C LYS A 33 -5.03 3.25 6.68
N GLY A 34 -4.29 3.48 5.61
CA GLY A 34 -3.53 4.71 5.45
C GLY A 34 -4.39 5.92 5.82
N PHE A 35 -5.34 6.25 4.95
CA PHE A 35 -6.23 7.38 5.20
C PHE A 35 -7.06 7.15 6.45
N GLU A 36 -8.24 7.76 6.51
CA GLU A 36 -9.12 7.62 7.65
C GLU A 36 -10.57 7.88 7.26
N LYS A 37 -10.83 7.84 5.96
CA LYS A 37 -12.18 8.09 5.46
C LYS A 37 -12.80 6.79 4.93
N ASP A 38 -14.08 6.83 4.61
CA ASP A 38 -14.77 5.66 4.10
C ASP A 38 -14.35 4.41 4.87
N ASN A 39 -14.65 3.25 4.30
CA ASN A 39 -14.29 1.98 4.94
C ASN A 39 -12.79 1.92 5.20
N GLY A 40 -12.02 2.56 4.32
CA GLY A 40 -10.57 2.58 4.46
C GLY A 40 -9.89 2.81 3.12
N LEU A 41 -10.60 2.51 2.04
CA LEU A 41 -10.07 2.70 0.70
C LEU A 41 -8.80 1.88 0.51
N LEU A 42 -7.69 2.37 1.07
CA LEU A 42 -6.42 1.67 0.94
C LEU A 42 -6.03 1.03 2.27
N PHE A 43 -5.69 -0.25 2.23
CA PHE A 43 -5.32 -0.97 3.44
C PHE A 43 -3.83 -1.29 3.44
N ARG A 44 -3.21 -1.16 4.61
CA ARG A 44 -1.77 -1.43 4.73
C ARG A 44 -1.54 -2.88 5.12
N ILE A 45 -1.11 -3.70 4.17
CA ILE A 45 -0.86 -5.10 4.43
C ILE A 45 0.63 -5.35 4.65
N VAL A 46 0.96 -6.01 5.76
CA VAL A 46 2.35 -6.29 6.08
C VAL A 46 2.51 -7.73 6.56
N ASN A 47 3.45 -8.44 5.96
CA ASN A 47 3.70 -9.83 6.33
C ASN A 47 5.02 -9.95 7.10
N LYS A 48 4.92 -10.09 8.41
CA LYS A 48 6.11 -10.19 9.26
C LYS A 48 7.03 -11.30 8.74
N LYS A 49 6.43 -12.33 8.15
CA LYS A 49 7.21 -13.45 7.62
C LYS A 49 8.36 -12.94 6.76
N LYS A 50 8.02 -12.40 5.60
CA LYS A 50 9.04 -11.87 4.69
C LYS A 50 9.17 -10.37 4.85
N LYS A 51 8.33 -9.79 5.71
CA LYS A 51 8.36 -8.35 5.95
C LYS A 51 8.16 -7.58 4.64
N GLN A 52 7.32 -8.12 3.76
CA GLN A 52 7.05 -7.48 2.49
C GLN A 52 5.77 -6.65 2.56
N TRP A 53 5.87 -5.39 2.19
CA TRP A 53 4.72 -4.50 2.22
C TRP A 53 3.92 -4.60 0.92
N ALA A 54 2.61 -4.57 1.03
CA ALA A 54 1.74 -4.66 -0.14
C ALA A 54 0.54 -3.73 0.01
N TYR A 55 0.04 -3.22 -1.11
CA TYR A 55 -1.09 -2.31 -1.10
C TYR A 55 -2.23 -2.86 -1.95
N TYR A 56 -3.46 -2.70 -1.46
CA TYR A 56 -4.63 -3.16 -2.18
C TYR A 56 -5.66 -2.05 -2.31
N ASN A 57 -6.00 -1.69 -3.54
CA ASN A 57 -6.97 -0.63 -3.78
C ASN A 57 -8.39 -1.17 -3.71
N ASP A 58 -9.14 -0.69 -2.72
CA ASP A 58 -10.53 -1.13 -2.54
C ASP A 58 -11.44 -0.42 -3.54
N THR A 59 -11.18 0.86 -3.77
CA THR A 59 -11.98 1.64 -4.70
C THR A 59 -11.95 1.02 -6.10
N THR A 60 -12.87 1.45 -6.95
CA THR A 60 -12.93 0.93 -8.32
C THR A 60 -12.88 2.07 -9.32
N GLN A 61 -12.68 3.29 -8.83
CA GLN A 61 -12.60 4.45 -9.69
C GLN A 61 -11.52 5.42 -9.22
N TYR A 62 -10.80 5.01 -8.18
CA TYR A 62 -9.73 5.85 -7.63
C TYR A 62 -8.42 5.07 -7.58
N GLU A 63 -7.36 5.67 -8.12
CA GLU A 63 -6.03 5.06 -8.07
C GLU A 63 -5.26 5.53 -6.86
N MET A 64 -4.68 4.57 -6.12
CA MET A 64 -3.93 4.91 -4.92
C MET A 64 -2.45 5.11 -5.24
N HIS A 65 -1.94 6.30 -4.96
CA HIS A 65 -0.54 6.60 -5.20
C HIS A 65 0.25 6.55 -3.90
N VAL A 66 1.09 5.54 -3.75
CA VAL A 66 1.88 5.37 -2.54
C VAL A 66 3.18 6.15 -2.62
N LEU A 67 3.50 6.88 -1.56
CA LEU A 67 4.74 7.64 -1.51
C LEU A 67 5.32 7.61 -0.10
N VAL A 68 6.18 6.65 0.18
CA VAL A 68 6.78 6.51 1.50
C VAL A 68 8.27 6.79 1.46
N THR A 69 8.76 7.54 2.45
CA THR A 69 10.18 7.86 2.52
C THR A 69 10.81 7.22 3.75
N PHE A 70 11.97 6.60 3.56
CA PHE A 70 12.66 5.95 4.68
C PHE A 70 14.01 6.60 4.93
N ASN A 71 14.55 6.38 6.11
CA ASN A 71 15.85 6.94 6.46
C ASN A 71 16.98 6.12 5.85
N GLU A 72 18.15 6.73 5.70
CA GLU A 72 19.29 6.05 5.11
C GLU A 72 19.51 4.71 5.80
N ASP A 73 19.57 4.73 7.13
CA ASP A 73 19.78 3.50 7.90
C ASP A 73 18.50 2.67 7.94
N CYS A 74 18.20 1.99 6.84
CA CYS A 74 17.00 1.15 6.77
C CYS A 74 17.19 0.04 5.75
N ASP A 75 17.21 -1.20 6.24
CA ASP A 75 17.39 -2.35 5.35
C ASP A 75 16.11 -2.64 4.59
N ILE A 76 15.87 -1.90 3.52
CA ILE A 76 14.67 -2.09 2.72
C ILE A 76 15.02 -2.35 1.26
N LYS A 77 14.10 -2.97 0.54
CA LYS A 77 14.33 -3.28 -0.88
C LYS A 77 13.05 -3.08 -1.68
N ALA A 78 13.21 -2.94 -2.99
CA ALA A 78 12.06 -2.74 -3.87
C ALA A 78 11.53 -4.09 -4.37
N LEU A 79 10.22 -4.20 -4.46
CA LEU A 79 9.60 -5.44 -4.92
C LEU A 79 9.12 -5.31 -6.36
N GLY A 80 7.83 -5.02 -6.53
CA GLY A 80 7.26 -4.89 -7.86
C GLY A 80 7.98 -3.81 -8.66
N LYS A 81 7.26 -3.15 -9.57
CA LYS A 81 7.86 -2.11 -10.39
C LYS A 81 8.19 -0.89 -9.55
N THR A 82 7.92 -0.97 -8.26
CA THR A 82 8.18 0.14 -7.35
C THR A 82 9.58 0.68 -7.57
N LYS A 83 9.67 1.94 -8.00
CA LYS A 83 10.96 2.56 -8.24
C LYS A 83 11.63 2.95 -6.92
N LEU A 84 12.81 2.41 -6.69
CA LEU A 84 13.55 2.70 -5.46
C LEU A 84 14.85 3.43 -5.77
N GLU A 85 15.09 4.55 -5.08
CA GLU A 85 16.30 5.33 -5.30
C GLU A 85 16.66 6.11 -4.04
N GLN A 86 17.96 6.38 -3.87
CA GLN A 86 18.42 7.11 -2.71
C GLN A 86 18.87 8.51 -3.10
N GLN A 87 18.76 9.45 -2.17
CA GLN A 87 19.17 10.82 -2.43
C GLN A 87 20.48 11.15 -1.73
N GLU A 88 21.08 12.28 -2.08
CA GLU A 88 22.33 12.70 -1.47
C GLU A 88 22.15 12.92 0.03
N ASN A 89 20.99 13.49 0.40
CA ASN A 89 20.70 13.76 1.80
C ASN A 89 20.74 12.47 2.61
N GLY A 90 20.50 11.34 1.94
CA GLY A 90 20.52 10.04 2.61
C GLY A 90 19.11 9.59 2.95
N GLU A 91 18.25 9.55 1.94
CA GLU A 91 16.86 9.11 2.14
C GLU A 91 16.44 8.17 1.01
N TRP A 92 15.69 7.13 1.36
CA TRP A 92 15.21 6.18 0.36
C TRP A 92 13.78 6.50 -0.04
N VAL A 93 13.53 6.58 -1.34
CA VAL A 93 12.21 6.89 -1.84
C VAL A 93 11.64 5.70 -2.63
N ALA A 94 10.38 5.39 -2.36
CA ALA A 94 9.71 4.28 -3.05
C ALA A 94 8.26 4.63 -3.36
N SER A 95 7.99 4.95 -4.62
CA SER A 95 6.65 5.32 -5.03
C SER A 95 6.11 4.35 -6.07
N VAL A 96 4.81 4.07 -6.00
CA VAL A 96 4.18 3.16 -6.95
C VAL A 96 2.67 3.36 -6.95
N VAL A 97 2.07 3.28 -8.14
CA VAL A 97 0.63 3.45 -8.27
C VAL A 97 -0.07 2.10 -8.39
N VAL A 98 -1.12 1.90 -7.62
CA VAL A 98 -1.87 0.64 -7.66
C VAL A 98 -3.21 0.84 -8.32
N TYR A 99 -3.57 -0.06 -9.24
CA TYR A 99 -4.83 0.02 -9.94
C TYR A 99 -5.90 -0.79 -9.22
N PRO A 100 -7.14 -0.40 -9.35
CA PRO A 100 -8.28 -1.09 -8.68
C PRO A 100 -8.42 -2.54 -9.14
N CYS A 101 -8.90 -3.39 -8.24
CA CYS A 101 -9.08 -4.80 -8.56
C CYS A 101 -7.73 -5.46 -8.83
N GLU A 102 -6.67 -4.87 -8.29
CA GLU A 102 -5.33 -5.42 -8.48
C GLU A 102 -4.46 -5.14 -7.26
N THR A 103 -3.70 -6.14 -6.83
CA THR A 103 -2.82 -5.99 -5.68
C THR A 103 -1.37 -6.16 -6.10
N GLU A 104 -0.56 -5.11 -5.86
CA GLU A 104 0.84 -5.14 -6.23
C GLU A 104 1.73 -5.10 -5.00
N MET A 105 2.99 -5.49 -5.16
CA MET A 105 3.93 -5.49 -4.05
C MET A 105 4.57 -4.11 -3.91
N PHE A 106 5.02 -3.81 -2.70
CA PHE A 106 5.64 -2.50 -2.43
C PHE A 106 7.12 -2.68 -2.10
N ILE A 107 7.45 -2.60 -0.82
CA ILE A 107 8.84 -2.78 -0.38
C ILE A 107 8.92 -3.81 0.74
N GLU A 108 10.12 -4.36 0.94
CA GLU A 108 10.32 -5.35 1.98
C GLU A 108 11.57 -5.03 2.79
N GLY A 109 11.88 -5.88 3.76
CA GLY A 109 13.05 -5.69 4.60
C GLY A 109 12.67 -5.05 5.94
N ARG A 110 13.64 -4.44 6.60
CA ARG A 110 13.39 -3.81 7.89
C ARG A 110 13.09 -2.33 7.72
N VAL A 111 12.16 -1.82 8.52
CA VAL A 111 11.78 -0.40 8.43
C VAL A 111 11.84 0.25 9.80
N ASN A 112 12.39 1.46 9.85
CA ASN A 112 12.50 2.20 11.10
C ASN A 112 12.20 3.68 10.88
N GLY A 113 11.20 4.18 11.58
CA GLY A 113 10.81 5.58 11.46
C GLY A 113 10.74 5.98 9.98
N PHE A 114 9.53 6.00 9.43
CA PHE A 114 9.36 6.35 8.03
C PHE A 114 8.22 7.35 7.86
N LYS A 115 8.20 8.03 6.72
CA LYS A 115 7.15 9.01 6.45
C LYS A 115 6.15 8.45 5.43
N SER A 116 4.89 8.39 5.83
CA SER A 116 3.85 7.86 4.95
C SER A 116 3.06 8.99 4.29
N LYS A 117 3.11 9.03 2.96
CA LYS A 117 2.37 10.04 2.21
C LYS A 117 1.56 9.39 1.10
N MET A 118 0.24 9.52 1.18
CA MET A 118 -0.63 8.91 0.19
C MET A 118 -1.68 9.90 -0.30
N ASP A 119 -2.41 9.53 -1.34
CA ASP A 119 -3.44 10.39 -1.91
C ASP A 119 -4.45 9.55 -2.69
N ALA A 120 -5.53 10.20 -3.14
CA ALA A 120 -6.56 9.50 -3.90
C ALA A 120 -6.83 10.21 -5.22
N LEU A 121 -6.08 9.86 -6.25
CA LEU A 121 -6.27 10.46 -7.56
C LEU A 121 -7.16 9.58 -8.43
N PRO A 122 -7.82 10.18 -9.39
CA PRO A 122 -8.71 9.45 -10.34
C PRO A 122 -7.92 8.69 -11.40
N LEU A 123 -8.39 7.49 -11.74
CA LEU A 123 -7.72 6.66 -12.73
C LEU A 123 -7.27 7.52 -13.91
N SER A 124 -5.97 7.80 -13.97
CA SER A 124 -5.44 8.62 -15.05
C SER A 124 -5.55 7.89 -16.39
N GLU A 125 -5.27 8.61 -17.47
CA GLU A 125 -5.35 8.02 -18.80
C GLU A 125 -4.53 6.73 -18.87
N GLU A 126 -3.48 6.67 -18.07
CA GLU A 126 -2.62 5.49 -18.05
C GLU A 126 -3.42 4.26 -17.65
N TYR A 127 -4.40 4.45 -16.76
CA TYR A 127 -5.23 3.34 -16.31
C TYR A 127 -5.94 2.70 -17.50
N ARG A 128 -6.41 3.54 -18.42
CA ARG A 128 -7.11 3.05 -19.60
C ARG A 128 -6.21 2.10 -20.40
N GLN A 129 -4.94 2.47 -20.52
CA GLN A 129 -3.98 1.65 -21.24
C GLN A 129 -3.71 0.34 -20.50
N HIS A 130 -3.68 0.43 -19.18
CA HIS A 130 -3.44 -0.76 -18.36
C HIS A 130 -4.48 -1.84 -18.66
N GLN A 131 -5.65 -1.42 -19.14
CA GLN A 131 -6.71 -2.35 -19.47
C GLN A 131 -6.34 -3.19 -20.68
N ALA A 132 -5.39 -2.69 -21.47
CA ALA A 132 -4.97 -3.39 -22.68
C ALA A 132 -3.78 -4.30 -22.38
N GLU A 133 -2.69 -3.70 -21.89
CA GLU A 133 -1.48 -4.46 -21.59
C GLU A 133 -1.82 -5.75 -20.86
N LYS A 134 -2.75 -5.66 -19.91
CA LYS A 134 -3.16 -6.81 -19.13
C LYS A 134 -4.05 -7.74 -19.97
N ASP A 135 -4.96 -7.14 -20.72
CA ASP A 135 -5.87 -7.91 -21.56
C ASP A 135 -5.10 -8.56 -22.71
N LYS A 136 -4.26 -7.78 -23.37
CA LYS A 136 -3.48 -8.29 -24.49
C LYS A 136 -4.33 -9.19 -25.38
N MET A 6 -31.70 -5.95 26.77
CA MET A 6 -31.10 -4.64 27.14
C MET A 6 -30.53 -3.97 25.90
N GLY A 7 -29.52 -3.13 26.09
CA GLY A 7 -28.89 -2.43 24.98
C GLY A 7 -27.46 -2.02 25.33
N CYS A 8 -26.80 -2.84 26.15
CA CYS A 8 -25.43 -2.54 26.55
C CYS A 8 -24.44 -3.14 25.56
N GLY A 9 -23.57 -2.30 25.01
CA GLY A 9 -22.58 -2.75 24.04
C GLY A 9 -21.35 -3.33 24.76
N ALA A 10 -20.34 -3.69 23.97
CA ALA A 10 -19.11 -4.25 24.54
C ALA A 10 -17.91 -3.88 23.66
N SER A 11 -16.74 -3.79 24.29
CA SER A 11 -15.52 -3.45 23.56
C SER A 11 -14.93 -4.70 22.91
N SER A 12 -15.63 -5.82 23.04
CA SER A 12 -15.16 -7.07 22.46
C SER A 12 -15.04 -6.95 20.95
N GLU A 13 -15.85 -6.08 20.35
CA GLU A 13 -15.83 -5.89 18.91
C GLU A 13 -14.44 -5.43 18.46
N ASN A 14 -14.00 -5.95 17.31
CA ASN A 14 -12.70 -5.60 16.78
C ASN A 14 -12.84 -4.81 15.47
N SER A 15 -12.10 -3.72 15.36
CA SER A 15 -12.15 -2.89 14.16
C SER A 15 -11.79 -3.71 12.92
N SER A 16 -10.75 -4.53 13.05
CA SER A 16 -10.30 -5.37 11.93
C SER A 16 -10.34 -4.58 10.63
N VAL A 17 -10.65 -5.26 9.54
CA VAL A 17 -10.70 -4.63 8.23
C VAL A 17 -11.85 -5.19 7.41
N THR A 18 -12.61 -4.30 6.77
CA THR A 18 -13.74 -4.73 5.95
C THR A 18 -13.59 -4.22 4.52
N TYR A 19 -13.76 -5.13 3.56
CA TYR A 19 -13.65 -4.75 2.15
C TYR A 19 -15.03 -4.62 1.52
N VAL A 20 -15.07 -4.16 0.28
CA VAL A 20 -16.33 -3.98 -0.43
C VAL A 20 -16.17 -4.24 -1.91
N ASN A 21 -15.26 -3.51 -2.54
CA ASN A 21 -15.03 -3.66 -3.98
C ASN A 21 -14.47 -5.04 -4.29
N GLY A 22 -13.78 -5.63 -3.31
CA GLY A 22 -13.20 -6.95 -3.50
C GLY A 22 -12.21 -7.28 -2.39
N ARG A 23 -11.76 -8.53 -2.34
CA ARG A 23 -10.81 -8.95 -1.32
C ARG A 23 -9.39 -8.90 -1.86
N PRO A 24 -8.43 -8.67 -1.00
CA PRO A 24 -6.99 -8.62 -1.39
C PRO A 24 -6.41 -10.01 -1.62
N THR A 25 -5.62 -10.13 -2.69
CA THR A 25 -5.00 -11.42 -3.02
C THR A 25 -3.77 -11.66 -2.16
N PHE A 26 -3.47 -10.71 -1.29
CA PHE A 26 -2.30 -10.82 -0.42
C PHE A 26 -2.70 -10.57 1.03
N VAL A 27 -2.21 -11.42 1.94
CA VAL A 27 -2.52 -11.27 3.35
C VAL A 27 -1.28 -11.48 4.20
N GLY A 28 -0.96 -10.50 5.05
CA GLY A 28 0.21 -10.60 5.91
C GLY A 28 -0.20 -10.85 7.36
N GLU A 29 -0.04 -9.84 8.20
CA GLU A 29 -0.40 -9.96 9.61
C GLU A 29 -0.91 -8.63 10.15
N GLU A 30 -0.06 -7.60 10.06
CA GLU A 30 -0.45 -6.27 10.54
C GLU A 30 -1.09 -5.47 9.42
N VAL A 31 -2.41 -5.31 9.52
CA VAL A 31 -3.15 -4.57 8.50
C VAL A 31 -3.57 -3.21 9.03
N THR A 32 -3.52 -2.20 8.16
CA THR A 32 -3.89 -0.85 8.56
C THR A 32 -4.55 -0.11 7.40
N LYS A 33 -5.10 1.07 7.67
CA LYS A 33 -5.76 1.86 6.64
C LYS A 33 -5.30 3.31 6.71
N GLY A 34 -4.44 3.71 5.77
CA GLY A 34 -3.95 5.08 5.74
C GLY A 34 -5.06 6.08 6.04
N PHE A 35 -6.01 6.20 5.10
CA PHE A 35 -7.13 7.11 5.29
C PHE A 35 -8.22 6.45 6.13
N GLU A 36 -8.49 7.04 7.29
CA GLU A 36 -9.52 6.51 8.18
C GLU A 36 -10.90 6.70 7.59
N LYS A 37 -11.07 7.77 6.80
CA LYS A 37 -12.35 8.06 6.17
C LYS A 37 -12.79 6.90 5.29
N ASP A 38 -14.09 6.83 5.01
CA ASP A 38 -14.62 5.77 4.17
C ASP A 38 -14.24 4.41 4.73
N ASN A 39 -14.56 3.35 3.98
CA ASN A 39 -14.24 1.99 4.42
C ASN A 39 -12.76 1.87 4.75
N GLY A 40 -11.93 2.61 4.03
CA GLY A 40 -10.49 2.58 4.26
C GLY A 40 -9.73 3.01 3.01
N LEU A 41 -10.36 2.83 1.85
CA LEU A 41 -9.73 3.20 0.58
C LEU A 41 -8.45 2.41 0.37
N LEU A 42 -7.39 2.80 1.08
CA LEU A 42 -6.10 2.13 0.96
C LEU A 42 -5.78 1.35 2.23
N PHE A 43 -5.51 0.06 2.06
CA PHE A 43 -5.18 -0.80 3.20
C PHE A 43 -3.71 -1.21 3.15
N ARG A 44 -3.00 -0.96 4.25
CA ARG A 44 -1.58 -1.30 4.32
C ARG A 44 -1.40 -2.72 4.87
N ILE A 45 -0.87 -3.60 4.04
CA ILE A 45 -0.65 -4.98 4.46
C ILE A 45 0.83 -5.25 4.68
N VAL A 46 1.15 -5.89 5.80
CA VAL A 46 2.55 -6.19 6.12
C VAL A 46 2.69 -7.62 6.60
N ASN A 47 3.61 -8.36 5.98
CA ASN A 47 3.85 -9.74 6.36
C ASN A 47 5.19 -9.89 7.09
N LYS A 48 5.13 -9.96 8.42
CA LYS A 48 6.35 -10.07 9.22
C LYS A 48 7.18 -11.26 8.76
N LYS A 49 6.52 -12.30 8.28
CA LYS A 49 7.22 -13.49 7.81
C LYS A 49 8.26 -13.13 6.75
N LYS A 50 7.81 -12.39 5.73
CA LYS A 50 8.71 -11.99 4.65
C LYS A 50 9.04 -10.50 4.77
N LYS A 51 8.45 -9.83 5.74
CA LYS A 51 8.68 -8.40 5.94
C LYS A 51 8.41 -7.63 4.65
N GLN A 52 7.55 -8.18 3.80
CA GLN A 52 7.23 -7.52 2.54
C GLN A 52 5.91 -6.77 2.65
N TRP A 53 5.90 -5.51 2.24
CA TRP A 53 4.70 -4.69 2.31
C TRP A 53 3.86 -4.87 1.05
N ALA A 54 2.55 -4.70 1.19
CA ALA A 54 1.64 -4.84 0.06
C ALA A 54 0.45 -3.91 0.21
N TYR A 55 -0.07 -3.42 -0.91
CA TYR A 55 -1.22 -2.52 -0.88
C TYR A 55 -2.34 -3.05 -1.76
N TYR A 56 -3.58 -2.90 -1.29
CA TYR A 56 -4.74 -3.34 -2.04
C TYR A 56 -5.72 -2.19 -2.26
N ASN A 57 -5.91 -1.81 -3.51
CA ASN A 57 -6.81 -0.71 -3.83
C ASN A 57 -8.24 -1.22 -4.00
N ASP A 58 -9.19 -0.54 -3.35
CA ASP A 58 -10.58 -0.93 -3.42
C ASP A 58 -11.37 0.06 -4.28
N THR A 59 -11.00 1.33 -4.18
CA THR A 59 -11.68 2.38 -4.94
C THR A 59 -11.61 2.07 -6.43
N THR A 60 -12.76 1.89 -7.06
CA THR A 60 -12.82 1.59 -8.48
C THR A 60 -12.92 2.87 -9.30
N GLN A 61 -12.93 4.01 -8.61
CA GLN A 61 -13.03 5.30 -9.29
C GLN A 61 -11.67 6.00 -9.29
N TYR A 62 -10.99 5.99 -8.15
CA TYR A 62 -9.69 6.64 -8.04
C TYR A 62 -8.60 5.60 -7.82
N GLU A 63 -7.38 5.92 -8.26
CA GLU A 63 -6.25 5.02 -8.09
C GLU A 63 -5.50 5.36 -6.79
N MET A 64 -4.94 4.33 -6.17
CA MET A 64 -4.22 4.52 -4.91
C MET A 64 -2.74 4.74 -5.17
N HIS A 65 -2.22 5.87 -4.70
CA HIS A 65 -0.80 6.18 -4.87
C HIS A 65 -0.08 6.10 -3.52
N VAL A 66 1.05 5.41 -3.51
CA VAL A 66 1.82 5.24 -2.27
C VAL A 66 3.16 5.98 -2.38
N LEU A 67 3.48 6.73 -1.33
CA LEU A 67 4.74 7.46 -1.30
C LEU A 67 5.32 7.46 0.11
N VAL A 68 6.19 6.49 0.39
CA VAL A 68 6.80 6.38 1.71
C VAL A 68 8.30 6.64 1.64
N THR A 69 8.79 7.46 2.56
CA THR A 69 10.22 7.77 2.61
C THR A 69 10.85 7.17 3.86
N PHE A 70 12.02 6.55 3.68
CA PHE A 70 12.71 5.95 4.81
C PHE A 70 14.08 6.59 5.01
N ASN A 71 14.68 6.34 6.18
CA ASN A 71 15.99 6.90 6.49
C ASN A 71 17.09 6.04 5.88
N GLU A 72 18.25 6.64 5.65
CA GLU A 72 19.38 5.92 5.07
C GLU A 72 19.61 4.61 5.81
N ASP A 73 19.61 4.67 7.14
CA ASP A 73 19.83 3.49 7.95
C ASP A 73 18.56 2.63 7.98
N CYS A 74 18.27 1.98 6.87
CA CYS A 74 17.09 1.12 6.79
C CYS A 74 17.29 0.04 5.73
N ASP A 75 17.35 -1.22 6.18
CA ASP A 75 17.54 -2.33 5.26
C ASP A 75 16.26 -2.62 4.49
N ILE A 76 16.03 -1.85 3.42
CA ILE A 76 14.83 -2.03 2.62
C ILE A 76 15.18 -2.09 1.13
N LYS A 77 14.29 -2.66 0.34
CA LYS A 77 14.51 -2.77 -1.10
C LYS A 77 13.21 -2.55 -1.87
N ALA A 78 13.25 -2.81 -3.17
CA ALA A 78 12.08 -2.64 -4.01
C ALA A 78 11.57 -3.99 -4.52
N LEU A 79 10.25 -4.16 -4.55
CA LEU A 79 9.66 -5.40 -5.00
C LEU A 79 9.18 -5.28 -6.44
N GLY A 80 7.88 -5.07 -6.62
CA GLY A 80 7.31 -4.95 -7.96
C GLY A 80 7.94 -3.80 -8.72
N LYS A 81 7.15 -3.11 -9.53
CA LYS A 81 7.65 -1.98 -10.31
C LYS A 81 8.07 -0.84 -9.39
N THR A 82 7.83 -1.01 -8.09
CA THR A 82 8.18 0.01 -7.13
C THR A 82 9.59 0.54 -7.39
N LYS A 83 9.69 1.82 -7.73
CA LYS A 83 10.98 2.43 -8.00
C LYS A 83 11.64 2.86 -6.70
N LEU A 84 12.85 2.34 -6.45
CA LEU A 84 13.58 2.68 -5.24
C LEU A 84 14.86 3.44 -5.57
N GLU A 85 15.07 4.56 -4.90
CA GLU A 85 16.26 5.37 -5.13
C GLU A 85 16.63 6.15 -3.88
N GLN A 86 17.91 6.46 -3.74
CA GLN A 86 18.39 7.20 -2.57
C GLN A 86 18.69 8.64 -2.95
N GLN A 87 18.55 9.55 -1.98
CA GLN A 87 18.82 10.97 -2.22
C GLN A 87 20.20 11.35 -1.68
N GLU A 88 20.61 12.58 -1.95
CA GLU A 88 21.92 13.06 -1.50
C GLU A 88 21.89 13.28 0.02
N ASN A 89 20.74 13.69 0.54
CA ASN A 89 20.61 13.94 1.97
C ASN A 89 20.79 12.65 2.76
N GLY A 90 20.51 11.52 2.10
CA GLY A 90 20.66 10.22 2.75
C GLY A 90 19.30 9.66 3.16
N GLU A 91 18.40 9.53 2.19
CA GLU A 91 17.07 8.98 2.46
C GLU A 91 16.62 8.09 1.31
N TRP A 92 15.77 7.12 1.62
CA TRP A 92 15.26 6.20 0.61
C TRP A 92 13.82 6.53 0.26
N VAL A 93 13.50 6.47 -1.03
CA VAL A 93 12.15 6.77 -1.49
C VAL A 93 11.60 5.64 -2.35
N ALA A 94 10.34 5.28 -2.12
CA ALA A 94 9.71 4.21 -2.87
C ALA A 94 8.27 4.58 -3.22
N SER A 95 8.04 4.89 -4.49
CA SER A 95 6.70 5.28 -4.95
C SER A 95 6.17 4.27 -5.96
N VAL A 96 4.86 4.03 -5.92
CA VAL A 96 4.24 3.08 -6.84
C VAL A 96 2.73 3.32 -6.89
N VAL A 97 2.13 3.02 -8.04
CA VAL A 97 0.70 3.20 -8.21
C VAL A 97 -0.02 1.85 -8.30
N VAL A 98 -1.12 1.72 -7.58
CA VAL A 98 -1.88 0.47 -7.57
C VAL A 98 -3.28 0.70 -8.13
N TYR A 99 -3.64 -0.09 -9.14
CA TYR A 99 -4.96 0.04 -9.76
C TYR A 99 -6.00 -0.77 -8.98
N PRO A 100 -7.25 -0.44 -9.14
CA PRO A 100 -8.36 -1.15 -8.43
C PRO A 100 -8.51 -2.60 -8.87
N CYS A 101 -9.06 -3.42 -7.99
CA CYS A 101 -9.26 -4.84 -8.30
C CYS A 101 -7.92 -5.50 -8.62
N GLU A 102 -6.83 -4.83 -8.25
CA GLU A 102 -5.50 -5.35 -8.50
C GLU A 102 -4.60 -5.17 -7.27
N THR A 103 -3.61 -6.05 -7.13
CA THR A 103 -2.70 -5.97 -6.00
C THR A 103 -1.26 -6.04 -6.48
N GLU A 104 -0.40 -5.18 -5.92
CA GLU A 104 1.00 -5.14 -6.32
C GLU A 104 1.90 -5.11 -5.08
N MET A 105 3.16 -5.51 -5.26
CA MET A 105 4.11 -5.52 -4.16
C MET A 105 4.73 -4.13 -3.98
N PHE A 106 5.14 -3.83 -2.75
CA PHE A 106 5.73 -2.53 -2.46
C PHE A 106 7.21 -2.68 -2.13
N ILE A 107 7.53 -2.66 -0.84
CA ILE A 107 8.92 -2.81 -0.41
C ILE A 107 9.05 -3.93 0.61
N GLU A 108 10.28 -4.39 0.83
CA GLU A 108 10.53 -5.47 1.78
C GLU A 108 11.84 -5.22 2.53
N GLY A 109 11.93 -5.76 3.74
CA GLY A 109 13.14 -5.60 4.54
C GLY A 109 12.80 -5.02 5.92
N ARG A 110 13.79 -4.41 6.55
CA ARG A 110 13.59 -3.83 7.87
C ARG A 110 13.27 -2.34 7.75
N VAL A 111 12.31 -1.88 8.55
CA VAL A 111 11.91 -0.48 8.52
C VAL A 111 12.04 0.15 9.90
N ASN A 112 12.59 1.36 9.93
CA ASN A 112 12.78 2.07 11.19
C ASN A 112 12.69 3.58 10.97
N GLY A 113 11.70 4.20 11.60
CA GLY A 113 11.52 5.65 11.46
C GLY A 113 11.36 6.03 9.99
N PHE A 114 10.11 6.18 9.56
CA PHE A 114 9.83 6.53 8.17
C PHE A 114 8.58 7.40 8.07
N LYS A 115 8.44 8.08 6.94
CA LYS A 115 7.28 8.94 6.71
C LYS A 115 6.44 8.40 5.56
N SER A 116 5.14 8.24 5.82
CA SER A 116 4.24 7.71 4.80
C SER A 116 3.27 8.78 4.32
N LYS A 117 3.11 8.88 3.01
CA LYS A 117 2.19 9.85 2.42
C LYS A 117 1.44 9.22 1.25
N MET A 118 0.11 9.23 1.31
CA MET A 118 -0.70 8.64 0.25
C MET A 118 -1.79 9.61 -0.20
N ASP A 119 -2.44 9.27 -1.31
CA ASP A 119 -3.49 10.11 -1.86
C ASP A 119 -4.42 9.28 -2.76
N ALA A 120 -5.53 9.89 -3.19
CA ALA A 120 -6.47 9.20 -4.05
C ALA A 120 -6.69 9.98 -5.34
N LEU A 121 -5.83 9.74 -6.33
CA LEU A 121 -5.94 10.44 -7.62
C LEU A 121 -6.93 9.72 -8.53
N PRO A 122 -7.58 10.46 -9.39
CA PRO A 122 -8.57 9.90 -10.36
C PRO A 122 -7.90 9.08 -11.46
N LEU A 123 -8.57 8.03 -11.92
CA LEU A 123 -8.03 7.19 -12.97
C LEU A 123 -7.96 7.95 -14.28
N SER A 124 -6.86 7.76 -15.02
CA SER A 124 -6.68 8.44 -16.29
C SER A 124 -6.47 7.44 -17.42
N GLU A 125 -5.92 7.91 -18.53
CA GLU A 125 -5.67 7.04 -19.67
C GLU A 125 -4.75 5.89 -19.29
N GLU A 126 -3.83 6.16 -18.36
CA GLU A 126 -2.91 5.14 -17.90
C GLU A 126 -3.65 3.95 -17.33
N TYR A 127 -4.72 4.22 -16.59
CA TYR A 127 -5.52 3.15 -16.00
C TYR A 127 -6.25 2.38 -17.09
N ARG A 128 -6.79 3.10 -18.07
CA ARG A 128 -7.52 2.46 -19.17
C ARG A 128 -6.60 1.50 -19.93
N GLN A 129 -5.36 1.93 -20.15
CA GLN A 129 -4.40 1.10 -20.85
C GLN A 129 -4.05 -0.13 -20.03
N HIS A 130 -3.95 0.04 -18.72
CA HIS A 130 -3.63 -1.06 -17.82
C HIS A 130 -4.63 -2.19 -18.00
N GLN A 131 -5.72 -1.91 -18.71
CA GLN A 131 -6.75 -2.92 -18.95
C GLN A 131 -6.45 -3.68 -20.25
N ALA A 132 -5.67 -3.08 -21.13
CA ALA A 132 -5.33 -3.70 -22.40
C ALA A 132 -4.34 -4.84 -22.18
N GLU A 133 -3.31 -4.57 -21.38
CA GLU A 133 -2.29 -5.58 -21.12
C GLU A 133 -2.91 -6.84 -20.54
N LYS A 134 -4.02 -6.68 -19.83
CA LYS A 134 -4.72 -7.81 -19.22
C LYS A 134 -5.08 -8.84 -20.30
N ASP A 135 -5.22 -8.37 -21.53
CA ASP A 135 -5.57 -9.26 -22.64
C ASP A 135 -4.78 -8.89 -23.89
N LYS A 136 -4.92 -9.71 -24.92
CA LYS A 136 -4.21 -9.47 -26.18
C LYS A 136 -4.87 -8.33 -26.95
N MET A 6 -23.88 -18.82 24.55
CA MET A 6 -24.18 -18.63 23.11
C MET A 6 -22.92 -18.16 22.39
N GLY A 7 -22.20 -17.24 23.01
CA GLY A 7 -20.97 -16.72 22.42
C GLY A 7 -19.90 -17.80 22.33
N CYS A 8 -19.30 -17.93 21.15
CA CYS A 8 -18.26 -18.93 20.94
C CYS A 8 -17.06 -18.66 21.84
N GLY A 9 -16.75 -17.38 22.04
CA GLY A 9 -15.62 -16.99 22.88
C GLY A 9 -15.63 -15.50 23.15
N ALA A 10 -14.50 -14.97 23.58
CA ALA A 10 -14.38 -13.55 23.87
C ALA A 10 -14.83 -12.73 22.68
N SER A 11 -15.45 -11.57 22.95
CA SER A 11 -15.93 -10.70 21.89
C SER A 11 -14.77 -10.24 21.01
N SER A 12 -13.57 -10.17 21.59
CA SER A 12 -12.40 -9.75 20.85
C SER A 12 -12.64 -8.40 20.18
N GLU A 13 -11.57 -7.80 19.68
CA GLU A 13 -11.69 -6.50 19.01
C GLU A 13 -12.61 -6.60 17.80
N ASN A 14 -13.47 -5.59 17.63
CA ASN A 14 -14.40 -5.57 16.51
C ASN A 14 -13.79 -4.84 15.32
N SER A 15 -12.54 -4.42 15.46
CA SER A 15 -11.85 -3.72 14.39
C SER A 15 -11.73 -4.60 13.15
N SER A 16 -10.96 -5.67 13.26
CA SER A 16 -10.76 -6.59 12.15
C SER A 16 -10.62 -5.81 10.84
N VAL A 17 -10.83 -6.51 9.72
CA VAL A 17 -10.72 -5.88 8.41
C VAL A 17 -11.91 -6.27 7.53
N THR A 18 -12.42 -5.29 6.78
CA THR A 18 -13.56 -5.55 5.90
C THR A 18 -13.29 -4.98 4.51
N TYR A 19 -13.91 -5.59 3.51
CA TYR A 19 -13.74 -5.13 2.13
C TYR A 19 -15.10 -4.96 1.46
N VAL A 20 -15.10 -4.37 0.27
CA VAL A 20 -16.34 -4.14 -0.46
C VAL A 20 -16.15 -4.40 -1.95
N ASN A 21 -15.22 -3.68 -2.56
CA ASN A 21 -14.96 -3.84 -3.99
C ASN A 21 -14.44 -5.24 -4.29
N GLY A 22 -13.76 -5.84 -3.32
CA GLY A 22 -13.22 -7.18 -3.49
C GLY A 22 -12.19 -7.50 -2.41
N ARG A 23 -11.75 -8.75 -2.37
CA ARG A 23 -10.76 -9.16 -1.37
C ARG A 23 -9.35 -9.08 -1.95
N PRO A 24 -8.38 -8.83 -1.11
CA PRO A 24 -6.95 -8.74 -1.53
C PRO A 24 -6.33 -10.11 -1.76
N THR A 25 -5.55 -10.23 -2.82
CA THR A 25 -4.90 -11.49 -3.14
C THR A 25 -3.68 -11.72 -2.24
N PHE A 26 -3.26 -10.66 -1.55
CA PHE A 26 -2.12 -10.76 -0.65
C PHE A 26 -2.55 -10.53 0.79
N VAL A 27 -2.14 -11.43 1.68
CA VAL A 27 -2.50 -11.32 3.09
C VAL A 27 -1.27 -11.57 3.97
N GLY A 28 -0.96 -10.59 4.83
CA GLY A 28 0.18 -10.71 5.72
C GLY A 28 -0.27 -11.05 7.14
N GLU A 29 -0.21 -10.06 8.02
CA GLU A 29 -0.62 -10.27 9.40
C GLU A 29 -1.21 -8.99 9.99
N GLU A 30 -0.45 -7.91 9.91
CA GLU A 30 -0.91 -6.61 10.42
C GLU A 30 -1.52 -5.78 9.30
N VAL A 31 -2.74 -5.32 9.52
CA VAL A 31 -3.44 -4.51 8.52
C VAL A 31 -3.75 -3.12 9.07
N THR A 32 -3.53 -2.10 8.25
CA THR A 32 -3.77 -0.73 8.67
C THR A 32 -4.33 0.10 7.51
N LYS A 33 -5.36 0.89 7.78
CA LYS A 33 -5.97 1.71 6.75
C LYS A 33 -5.23 3.05 6.63
N GLY A 34 -4.53 3.24 5.52
CA GLY A 34 -3.80 4.47 5.28
C GLY A 34 -4.70 5.69 5.45
N PHE A 35 -5.84 5.67 4.77
CA PHE A 35 -6.80 6.77 4.87
C PHE A 35 -7.77 6.53 6.00
N GLU A 36 -7.96 7.56 6.83
CA GLU A 36 -8.88 7.46 7.96
C GLU A 36 -10.27 7.89 7.55
N LYS A 37 -10.52 7.96 6.24
CA LYS A 37 -11.82 8.37 5.73
C LYS A 37 -12.47 7.25 4.94
N ASP A 38 -13.80 7.20 4.96
CA ASP A 38 -14.53 6.17 4.23
C ASP A 38 -14.12 4.78 4.73
N ASN A 39 -14.37 3.77 3.90
CA ASN A 39 -14.03 2.40 4.26
C ASN A 39 -12.52 2.19 4.24
N GLY A 40 -11.78 3.21 4.64
CA GLY A 40 -10.32 3.13 4.67
C GLY A 40 -9.76 3.17 3.25
N LEU A 41 -10.58 2.80 2.28
CA LEU A 41 -10.15 2.81 0.88
C LEU A 41 -8.98 1.87 0.68
N LEU A 42 -7.80 2.30 1.10
CA LEU A 42 -6.60 1.47 0.95
C LEU A 42 -6.20 0.85 2.28
N PHE A 43 -5.88 -0.44 2.24
CA PHE A 43 -5.47 -1.14 3.46
C PHE A 43 -4.00 -1.54 3.37
N ARG A 44 -3.21 -1.11 4.35
CA ARG A 44 -1.79 -1.42 4.38
C ARG A 44 -1.56 -2.81 4.94
N ILE A 45 -1.18 -3.75 4.05
CA ILE A 45 -0.94 -5.12 4.47
C ILE A 45 0.54 -5.35 4.73
N VAL A 46 0.85 -5.98 5.85
CA VAL A 46 2.24 -6.24 6.21
C VAL A 46 2.40 -7.68 6.71
N ASN A 47 3.34 -8.41 6.12
CA ASN A 47 3.59 -9.78 6.52
C ASN A 47 4.89 -9.88 7.31
N LYS A 48 4.77 -10.01 8.63
CA LYS A 48 5.93 -10.08 9.50
C LYS A 48 6.88 -11.19 9.04
N LYS A 49 6.30 -12.26 8.51
CA LYS A 49 7.11 -13.39 8.04
C LYS A 49 8.29 -12.90 7.22
N LYS A 50 8.01 -12.29 6.07
CA LYS A 50 9.05 -11.76 5.22
C LYS A 50 9.15 -10.24 5.36
N LYS A 51 8.27 -9.68 6.18
CA LYS A 51 8.26 -8.24 6.40
C LYS A 51 8.13 -7.49 5.08
N GLN A 52 7.33 -8.05 4.17
CA GLN A 52 7.11 -7.41 2.87
C GLN A 52 5.80 -6.63 2.88
N TRP A 53 5.88 -5.35 2.53
CA TRP A 53 4.70 -4.49 2.51
C TRP A 53 3.93 -4.67 1.21
N ALA A 54 2.60 -4.58 1.29
CA ALA A 54 1.76 -4.73 0.12
C ALA A 54 0.54 -3.83 0.23
N TYR A 55 0.00 -3.42 -0.92
CA TYR A 55 -1.16 -2.55 -0.94
C TYR A 55 -2.25 -3.11 -1.86
N TYR A 56 -3.50 -3.03 -1.41
CA TYR A 56 -4.62 -3.50 -2.21
C TYR A 56 -5.64 -2.39 -2.42
N ASN A 57 -5.79 -1.96 -3.67
CA ASN A 57 -6.73 -0.90 -4.00
C ASN A 57 -8.15 -1.44 -4.08
N ASP A 58 -9.09 -0.72 -3.47
CA ASP A 58 -10.49 -1.14 -3.49
C ASP A 58 -11.31 -0.21 -4.37
N THR A 59 -11.07 1.09 -4.25
CA THR A 59 -11.81 2.08 -5.03
C THR A 59 -11.64 1.79 -6.52
N THR A 60 -12.77 1.73 -7.23
CA THR A 60 -12.75 1.48 -8.66
C THR A 60 -12.87 2.78 -9.45
N GLN A 61 -12.75 3.90 -8.74
CA GLN A 61 -12.85 5.21 -9.38
C GLN A 61 -11.55 5.99 -9.23
N TYR A 62 -10.90 5.81 -8.08
CA TYR A 62 -9.65 6.51 -7.81
C TYR A 62 -8.50 5.53 -7.66
N GLU A 63 -7.31 5.93 -8.12
CA GLU A 63 -6.13 5.08 -8.00
C GLU A 63 -5.38 5.41 -6.72
N MET A 64 -4.78 4.39 -6.11
CA MET A 64 -4.04 4.58 -4.88
C MET A 64 -2.55 4.81 -5.16
N HIS A 65 -2.06 5.97 -4.75
CA HIS A 65 -0.64 6.29 -4.94
C HIS A 65 0.10 6.24 -3.61
N VAL A 66 1.11 5.38 -3.54
CA VAL A 66 1.87 5.22 -2.30
C VAL A 66 3.21 5.97 -2.40
N LEU A 67 3.53 6.71 -1.35
CA LEU A 67 4.79 7.45 -1.31
C LEU A 67 5.37 7.44 0.11
N VAL A 68 6.22 6.45 0.38
CA VAL A 68 6.82 6.32 1.70
C VAL A 68 8.32 6.60 1.65
N THR A 69 8.79 7.45 2.54
CA THR A 69 10.21 7.78 2.60
C THR A 69 10.85 7.17 3.83
N PHE A 70 12.03 6.59 3.66
CA PHE A 70 12.75 5.96 4.77
C PHE A 70 14.09 6.64 5.00
N ASN A 71 14.65 6.45 6.19
CA ASN A 71 15.94 7.04 6.52
C ASN A 71 17.08 6.18 5.98
N GLU A 72 18.23 6.81 5.75
CA GLU A 72 19.39 6.09 5.24
C GLU A 72 19.62 4.80 6.03
N ASP A 73 19.50 4.89 7.34
CA ASP A 73 19.69 3.73 8.20
C ASP A 73 18.46 2.83 8.18
N CYS A 74 18.22 2.19 7.04
CA CYS A 74 17.07 1.30 6.90
C CYS A 74 17.35 0.23 5.85
N ASP A 75 17.39 -1.03 6.29
CA ASP A 75 17.64 -2.14 5.38
C ASP A 75 16.38 -2.49 4.60
N ILE A 76 16.10 -1.72 3.55
CA ILE A 76 14.92 -1.96 2.74
C ILE A 76 15.30 -2.05 1.26
N LYS A 77 14.41 -2.64 0.47
CA LYS A 77 14.66 -2.78 -0.97
C LYS A 77 13.37 -2.58 -1.76
N ALA A 78 13.43 -2.88 -3.06
CA ALA A 78 12.26 -2.74 -3.91
C ALA A 78 11.76 -4.10 -4.37
N LEU A 79 10.44 -4.25 -4.43
CA LEU A 79 9.85 -5.51 -4.85
C LEU A 79 9.35 -5.43 -6.30
N GLY A 80 8.06 -5.20 -6.46
CA GLY A 80 7.46 -5.11 -7.80
C GLY A 80 8.12 -3.99 -8.60
N LYS A 81 7.32 -3.28 -9.37
CA LYS A 81 7.84 -2.18 -10.21
C LYS A 81 8.23 -1.00 -9.33
N THR A 82 7.92 -1.09 -8.04
CA THR A 82 8.24 0.00 -7.11
C THR A 82 9.65 0.52 -7.35
N LYS A 83 9.76 1.77 -7.75
CA LYS A 83 11.06 2.37 -8.02
C LYS A 83 11.71 2.81 -6.71
N LEU A 84 12.91 2.29 -6.44
CA LEU A 84 13.63 2.63 -5.24
C LEU A 84 14.91 3.40 -5.56
N GLU A 85 15.09 4.53 -4.89
CA GLU A 85 16.27 5.36 -5.11
C GLU A 85 16.63 6.14 -3.84
N GLN A 86 17.91 6.48 -3.71
CA GLN A 86 18.36 7.21 -2.54
C GLN A 86 18.72 8.65 -2.91
N GLN A 87 18.58 9.56 -1.96
CA GLN A 87 18.89 10.97 -2.21
C GLN A 87 20.23 11.33 -1.59
N GLU A 88 20.73 12.52 -1.94
CA GLU A 88 22.01 12.98 -1.41
C GLU A 88 21.91 13.21 0.10
N ASN A 89 20.76 13.71 0.54
CA ASN A 89 20.55 13.98 1.96
C ASN A 89 20.73 12.70 2.78
N GLY A 90 20.49 11.56 2.14
CA GLY A 90 20.64 10.27 2.81
C GLY A 90 19.28 9.71 3.20
N GLU A 91 18.39 9.58 2.21
CA GLU A 91 17.07 9.03 2.45
C GLU A 91 16.63 8.14 1.30
N TRP A 92 15.82 7.12 1.61
CA TRP A 92 15.33 6.22 0.58
C TRP A 92 13.90 6.54 0.20
N VAL A 93 13.61 6.50 -1.10
CA VAL A 93 12.25 6.80 -1.58
C VAL A 93 11.71 5.63 -2.39
N ALA A 94 10.45 5.30 -2.15
CA ALA A 94 9.81 4.20 -2.87
C ALA A 94 8.35 4.54 -3.20
N SER A 95 8.09 4.84 -4.47
CA SER A 95 6.74 5.21 -4.89
C SER A 95 6.22 4.20 -5.91
N VAL A 96 4.91 3.96 -5.86
CA VAL A 96 4.29 3.02 -6.79
C VAL A 96 2.79 3.24 -6.84
N VAL A 97 2.19 3.03 -8.02
CA VAL A 97 0.76 3.22 -8.18
C VAL A 97 0.05 1.86 -8.30
N VAL A 98 -1.06 1.73 -7.60
CA VAL A 98 -1.82 0.48 -7.63
C VAL A 98 -3.20 0.71 -8.23
N TYR A 99 -3.56 -0.11 -9.22
CA TYR A 99 -4.86 0.02 -9.87
C TYR A 99 -5.89 -0.85 -9.18
N PRO A 100 -7.14 -0.50 -9.30
CA PRO A 100 -8.26 -1.26 -8.67
C PRO A 100 -8.35 -2.69 -9.19
N CYS A 101 -8.94 -3.58 -8.39
CA CYS A 101 -9.08 -4.97 -8.78
C CYS A 101 -7.71 -5.60 -9.03
N GLU A 102 -6.66 -4.87 -8.67
CA GLU A 102 -5.30 -5.36 -8.86
C GLU A 102 -4.48 -5.14 -7.59
N THR A 103 -3.52 -6.03 -7.35
CA THR A 103 -2.67 -5.93 -6.18
C THR A 103 -1.20 -6.03 -6.57
N GLU A 104 -0.37 -5.20 -5.95
CA GLU A 104 1.05 -5.19 -6.26
C GLU A 104 1.88 -5.13 -4.98
N MET A 105 3.12 -5.59 -5.05
CA MET A 105 4.01 -5.58 -3.89
C MET A 105 4.67 -4.22 -3.75
N PHE A 106 5.05 -3.88 -2.52
CA PHE A 106 5.69 -2.60 -2.26
C PHE A 106 7.17 -2.79 -1.92
N ILE A 107 7.49 -2.75 -0.64
CA ILE A 107 8.88 -2.94 -0.20
C ILE A 107 8.95 -3.92 0.96
N GLU A 108 10.13 -4.46 1.20
CA GLU A 108 10.34 -5.40 2.30
C GLU A 108 11.63 -5.10 3.04
N GLY A 109 11.94 -5.92 4.04
CA GLY A 109 13.16 -5.73 4.83
C GLY A 109 12.84 -5.06 6.17
N ARG A 110 13.85 -4.43 6.75
CA ARG A 110 13.68 -3.76 8.04
C ARG A 110 13.38 -2.28 7.84
N VAL A 111 12.40 -1.77 8.58
CA VAL A 111 12.03 -0.36 8.47
C VAL A 111 12.43 0.41 9.72
N ASN A 112 13.11 1.53 9.52
CA ASN A 112 13.54 2.36 10.64
C ASN A 112 13.26 3.82 10.36
N GLY A 113 12.46 4.44 11.23
CA GLY A 113 12.12 5.86 11.06
C GLY A 113 11.76 6.15 9.61
N PHE A 114 10.47 6.15 9.31
CA PHE A 114 10.01 6.41 7.96
C PHE A 114 8.77 7.30 7.96
N LYS A 115 8.44 7.87 6.80
CA LYS A 115 7.26 8.72 6.68
C LYS A 115 6.40 8.26 5.51
N SER A 116 5.12 8.04 5.79
CA SER A 116 4.19 7.57 4.77
C SER A 116 3.30 8.70 4.28
N LYS A 117 3.14 8.78 2.96
CA LYS A 117 2.28 9.81 2.37
C LYS A 117 1.48 9.22 1.20
N MET A 118 0.16 9.31 1.29
CA MET A 118 -0.70 8.76 0.25
C MET A 118 -1.71 9.79 -0.24
N ASP A 119 -2.38 9.48 -1.34
CA ASP A 119 -3.37 10.40 -1.90
C ASP A 119 -4.38 9.62 -2.74
N ALA A 120 -5.43 10.30 -3.20
CA ALA A 120 -6.45 9.66 -4.02
C ALA A 120 -6.62 10.39 -5.34
N LEU A 121 -5.84 9.99 -6.34
CA LEU A 121 -5.91 10.60 -7.65
C LEU A 121 -6.93 9.89 -8.53
N PRO A 122 -7.54 10.59 -9.44
CA PRO A 122 -8.55 10.00 -10.37
C PRO A 122 -7.90 9.15 -11.46
N LEU A 123 -8.55 8.05 -11.82
CA LEU A 123 -8.04 7.16 -12.85
C LEU A 123 -7.98 7.88 -14.20
N SER A 124 -6.77 8.16 -14.66
CA SER A 124 -6.60 8.84 -15.94
C SER A 124 -6.72 7.85 -17.09
N GLU A 125 -6.48 8.33 -18.31
CA GLU A 125 -6.56 7.47 -19.49
C GLU A 125 -5.58 6.32 -19.37
N GLU A 126 -4.50 6.54 -18.62
CA GLU A 126 -3.48 5.51 -18.44
C GLU A 126 -4.10 4.25 -17.84
N TYR A 127 -5.02 4.44 -16.89
CA TYR A 127 -5.69 3.32 -16.25
C TYR A 127 -6.54 2.55 -17.25
N ARG A 128 -7.22 3.29 -18.12
CA ARG A 128 -8.08 2.67 -19.13
C ARG A 128 -7.28 1.72 -20.00
N GLN A 129 -6.06 2.12 -20.34
CA GLN A 129 -5.18 1.29 -21.17
C GLN A 129 -4.72 0.07 -20.38
N HIS A 130 -4.46 0.26 -19.09
CA HIS A 130 -4.00 -0.83 -18.24
C HIS A 130 -5.01 -1.97 -18.26
N GLN A 131 -6.26 -1.66 -18.56
CA GLN A 131 -7.31 -2.67 -18.59
C GLN A 131 -7.08 -3.63 -19.75
N ALA A 132 -6.33 -3.17 -20.75
CA ALA A 132 -6.06 -3.99 -21.93
C ALA A 132 -4.78 -4.80 -21.73
N GLU A 133 -3.67 -4.09 -21.53
CA GLU A 133 -2.37 -4.74 -21.38
C GLU A 133 -2.49 -5.94 -20.44
N LYS A 134 -3.24 -5.77 -19.35
CA LYS A 134 -3.42 -6.85 -18.39
C LYS A 134 -4.32 -7.94 -18.96
N ASP A 135 -5.14 -7.56 -19.93
CA ASP A 135 -6.05 -8.52 -20.55
C ASP A 135 -5.34 -9.32 -21.64
N LYS A 136 -5.29 -10.63 -21.47
CA LYS A 136 -4.63 -11.50 -22.43
C LYS A 136 -3.17 -11.09 -22.61
N MET A 6 -21.33 -22.83 16.50
CA MET A 6 -22.08 -21.59 16.18
C MET A 6 -21.28 -20.38 16.64
N GLY A 7 -20.50 -20.56 17.69
CA GLY A 7 -19.68 -19.47 18.23
C GLY A 7 -18.64 -19.04 17.22
N CYS A 8 -18.39 -17.73 17.15
CA CYS A 8 -17.41 -17.20 16.22
C CYS A 8 -16.85 -15.88 16.74
N GLY A 9 -17.30 -15.47 17.93
CA GLY A 9 -16.84 -14.22 18.52
C GLY A 9 -17.51 -13.01 17.88
N ALA A 10 -18.76 -13.21 17.46
CA ALA A 10 -19.51 -12.13 16.82
C ALA A 10 -19.79 -11.02 17.82
N SER A 11 -19.64 -9.77 17.37
CA SER A 11 -19.88 -8.63 18.24
C SER A 11 -18.92 -8.64 19.42
N SER A 12 -18.11 -9.68 19.50
CA SER A 12 -17.14 -9.81 20.60
C SER A 12 -15.73 -9.53 20.09
N GLU A 13 -15.59 -9.37 18.79
CA GLU A 13 -14.29 -9.11 18.19
C GLU A 13 -13.86 -7.67 18.48
N ASN A 14 -12.55 -7.48 18.68
CA ASN A 14 -12.02 -6.15 18.96
C ASN A 14 -11.67 -5.44 17.67
N SER A 15 -10.64 -5.94 16.98
CA SER A 15 -10.20 -5.34 15.73
C SER A 15 -10.36 -6.32 14.58
N SER A 16 -10.67 -5.79 13.40
CA SER A 16 -10.85 -6.65 12.23
C SER A 16 -10.67 -5.82 10.95
N VAL A 17 -11.01 -6.43 9.81
CA VAL A 17 -10.88 -5.74 8.53
C VAL A 17 -12.13 -5.96 7.68
N THR A 18 -12.61 -4.88 7.07
CA THR A 18 -13.81 -4.97 6.23
C THR A 18 -13.53 -4.39 4.85
N TYR A 19 -14.02 -5.07 3.82
CA TYR A 19 -13.83 -4.61 2.44
C TYR A 19 -15.18 -4.26 1.80
N VAL A 20 -15.12 -3.64 0.64
CA VAL A 20 -16.35 -3.25 -0.06
C VAL A 20 -16.31 -3.74 -1.51
N ASN A 21 -15.27 -3.36 -2.23
CA ASN A 21 -15.14 -3.75 -3.63
C ASN A 21 -14.70 -5.21 -3.74
N GLY A 22 -14.04 -5.71 -2.70
CA GLY A 22 -13.57 -7.08 -2.69
C GLY A 22 -12.36 -7.24 -1.77
N ARG A 23 -11.91 -8.48 -1.61
CA ARG A 23 -10.77 -8.76 -0.75
C ARG A 23 -9.46 -8.59 -1.52
N PRO A 24 -8.39 -8.31 -0.83
CA PRO A 24 -7.05 -8.13 -1.45
C PRO A 24 -6.51 -9.44 -2.01
N THR A 25 -5.80 -9.35 -3.13
CA THR A 25 -5.22 -10.53 -3.76
C THR A 25 -4.01 -11.02 -2.96
N PHE A 26 -3.39 -10.10 -2.22
CA PHE A 26 -2.23 -10.45 -1.40
C PHE A 26 -2.61 -10.47 0.07
N VAL A 27 -2.16 -11.51 0.78
CA VAL A 27 -2.47 -11.64 2.20
C VAL A 27 -1.17 -11.73 3.02
N GLY A 28 -1.12 -10.96 4.09
CA GLY A 28 0.07 -10.96 4.95
C GLY A 28 -0.29 -11.37 6.37
N GLU A 29 -0.24 -10.41 7.30
CA GLU A 29 -0.57 -10.69 8.69
C GLU A 29 -1.19 -9.47 9.35
N GLU A 30 -0.42 -8.37 9.38
CA GLU A 30 -0.91 -7.13 9.97
C GLU A 30 -1.56 -6.25 8.92
N VAL A 31 -2.79 -5.80 9.19
CA VAL A 31 -3.50 -4.95 8.26
C VAL A 31 -3.84 -3.60 8.91
N THR A 32 -3.59 -2.53 8.18
CA THR A 32 -3.87 -1.19 8.70
C THR A 32 -4.41 -0.29 7.60
N LYS A 33 -5.47 0.46 7.92
CA LYS A 33 -6.07 1.35 6.93
C LYS A 33 -5.25 2.62 6.78
N GLY A 34 -5.03 3.04 5.54
CA GLY A 34 -4.26 4.24 5.26
C GLY A 34 -5.12 5.49 5.41
N PHE A 35 -6.19 5.56 4.63
CA PHE A 35 -7.09 6.71 4.69
C PHE A 35 -8.12 6.52 5.79
N GLU A 36 -8.22 7.51 6.68
CA GLU A 36 -9.17 7.45 7.78
C GLU A 36 -10.59 7.62 7.27
N LYS A 37 -10.73 8.19 6.07
CA LYS A 37 -12.03 8.42 5.48
C LYS A 37 -12.64 7.10 4.99
N ASP A 38 -13.97 7.05 4.92
CA ASP A 38 -14.65 5.84 4.47
C ASP A 38 -14.18 4.63 5.28
N ASN A 39 -14.60 3.45 4.83
CA ASN A 39 -14.22 2.21 5.52
C ASN A 39 -12.71 2.14 5.71
N GLY A 40 -11.97 2.63 4.71
CA GLY A 40 -10.52 2.62 4.77
C GLY A 40 -9.91 2.80 3.38
N LEU A 41 -10.69 2.50 2.36
CA LEU A 41 -10.23 2.65 0.98
C LEU A 41 -9.01 1.76 0.74
N LEU A 42 -7.85 2.20 1.21
CA LEU A 42 -6.63 1.44 1.03
C LEU A 42 -6.21 0.76 2.33
N PHE A 43 -5.92 -0.53 2.26
CA PHE A 43 -5.52 -1.28 3.43
C PHE A 43 -4.03 -1.63 3.36
N ARG A 44 -3.28 -1.20 4.36
CA ARG A 44 -1.85 -1.48 4.41
C ARG A 44 -1.59 -2.92 4.87
N ILE A 45 -1.16 -3.76 3.92
CA ILE A 45 -0.91 -5.16 4.24
C ILE A 45 0.58 -5.38 4.49
N VAL A 46 0.89 -6.07 5.59
CA VAL A 46 2.28 -6.34 5.95
C VAL A 46 2.45 -7.78 6.42
N ASN A 47 3.42 -8.48 5.85
CA ASN A 47 3.69 -9.86 6.24
C ASN A 47 4.96 -9.94 7.07
N LYS A 48 4.79 -10.05 8.39
CA LYS A 48 5.93 -10.12 9.30
C LYS A 48 6.91 -11.19 8.86
N LYS A 49 6.39 -12.26 8.29
CA LYS A 49 7.23 -13.36 7.83
C LYS A 49 8.38 -12.84 6.98
N LYS A 50 8.05 -12.37 5.77
CA LYS A 50 9.07 -11.84 4.87
C LYS A 50 9.20 -10.34 5.05
N LYS A 51 8.34 -9.76 5.88
CA LYS A 51 8.36 -8.33 6.13
C LYS A 51 8.22 -7.54 4.82
N GLN A 52 7.38 -8.05 3.92
CA GLN A 52 7.15 -7.40 2.64
C GLN A 52 5.84 -6.60 2.68
N TRP A 53 5.94 -5.31 2.39
CA TRP A 53 4.75 -4.46 2.40
C TRP A 53 3.97 -4.61 1.10
N ALA A 54 2.65 -4.48 1.20
CA ALA A 54 1.78 -4.59 0.03
C ALA A 54 0.56 -3.69 0.17
N TYR A 55 0.11 -3.12 -0.94
CA TYR A 55 -1.05 -2.25 -0.91
C TYR A 55 -2.12 -2.73 -1.88
N TYR A 56 -3.37 -2.71 -1.43
CA TYR A 56 -4.49 -3.15 -2.27
C TYR A 56 -5.51 -2.03 -2.42
N ASN A 57 -5.80 -1.66 -3.66
CA ASN A 57 -6.75 -0.60 -3.93
C ASN A 57 -8.16 -1.16 -4.11
N ASP A 58 -9.11 -0.65 -3.34
CA ASP A 58 -10.49 -1.10 -3.44
C ASP A 58 -11.31 -0.13 -4.27
N THR A 59 -11.00 1.15 -4.15
CA THR A 59 -11.73 2.18 -4.91
C THR A 59 -11.63 1.91 -6.40
N THR A 60 -12.77 1.77 -7.06
CA THR A 60 -12.80 1.51 -8.50
C THR A 60 -12.97 2.82 -9.27
N GLN A 61 -12.81 3.93 -8.58
CA GLN A 61 -12.97 5.24 -9.22
C GLN A 61 -11.71 6.08 -9.02
N TYR A 62 -10.86 5.66 -8.09
CA TYR A 62 -9.62 6.38 -7.82
C TYR A 62 -8.47 5.41 -7.59
N GLU A 63 -7.28 5.77 -8.07
CA GLU A 63 -6.11 4.94 -7.90
C GLU A 63 -5.36 5.33 -6.62
N MET A 64 -4.73 4.34 -5.98
CA MET A 64 -4.00 4.61 -4.75
C MET A 64 -2.51 4.82 -5.05
N HIS A 65 -2.01 6.00 -4.68
CA HIS A 65 -0.60 6.32 -4.89
C HIS A 65 0.18 6.18 -3.59
N VAL A 66 1.20 5.33 -3.61
CA VAL A 66 2.02 5.11 -2.42
C VAL A 66 3.33 5.86 -2.51
N LEU A 67 3.62 6.66 -1.48
CA LEU A 67 4.86 7.43 -1.45
C LEU A 67 5.43 7.47 -0.04
N VAL A 68 6.28 6.50 0.28
CA VAL A 68 6.86 6.43 1.61
C VAL A 68 8.37 6.69 1.56
N THR A 69 8.84 7.56 2.45
CA THR A 69 10.26 7.89 2.50
C THR A 69 10.89 7.32 3.76
N PHE A 70 12.04 6.68 3.61
CA PHE A 70 12.73 6.08 4.75
C PHE A 70 14.11 6.74 4.95
N ASN A 71 14.65 6.59 6.16
CA ASN A 71 15.95 7.17 6.46
C ASN A 71 17.07 6.26 5.96
N GLU A 72 18.24 6.84 5.73
CA GLU A 72 19.39 6.08 5.26
C GLU A 72 19.56 4.80 6.07
N ASP A 73 19.41 4.92 7.39
CA ASP A 73 19.54 3.77 8.27
C ASP A 73 18.28 2.92 8.24
N CYS A 74 18.04 2.25 7.11
CA CYS A 74 16.87 1.40 6.97
C CYS A 74 17.12 0.30 5.95
N ASP A 75 17.18 -0.94 6.41
CA ASP A 75 17.43 -2.07 5.53
C ASP A 75 16.14 -2.47 4.81
N ILE A 76 15.78 -1.70 3.79
CA ILE A 76 14.55 -1.98 3.03
C ILE A 76 14.89 -2.31 1.58
N LYS A 77 13.99 -3.03 0.93
CA LYS A 77 14.20 -3.42 -0.47
C LYS A 77 13.01 -3.00 -1.33
N ALA A 78 13.19 -3.05 -2.64
CA ALA A 78 12.12 -2.67 -3.56
C ALA A 78 11.49 -3.92 -4.19
N LEU A 79 10.17 -3.93 -4.27
CA LEU A 79 9.45 -5.06 -4.84
C LEU A 79 8.75 -4.64 -6.13
N GLY A 80 8.18 -5.62 -6.83
CA GLY A 80 7.46 -5.35 -8.07
C GLY A 80 8.19 -4.31 -8.90
N LYS A 81 7.44 -3.37 -9.47
CA LYS A 81 8.03 -2.32 -10.29
C LYS A 81 8.42 -1.12 -9.43
N THR A 82 8.10 -1.20 -8.14
CA THR A 82 8.41 -0.11 -7.22
C THR A 82 9.83 0.39 -7.44
N LYS A 83 9.96 1.67 -7.76
CA LYS A 83 11.28 2.26 -8.00
C LYS A 83 11.90 2.70 -6.68
N LEU A 84 13.13 2.26 -6.43
CA LEU A 84 13.83 2.62 -5.20
C LEU A 84 15.13 3.35 -5.51
N GLU A 85 15.33 4.49 -4.86
CA GLU A 85 16.53 5.28 -5.07
C GLU A 85 16.88 6.09 -3.82
N GLN A 86 18.16 6.40 -3.65
CA GLN A 86 18.61 7.16 -2.49
C GLN A 86 18.97 8.58 -2.90
N GLN A 87 18.84 9.51 -1.96
CA GLN A 87 19.16 10.92 -2.23
C GLN A 87 20.47 11.30 -1.56
N GLU A 88 21.00 12.47 -1.93
CA GLU A 88 22.25 12.95 -1.35
C GLU A 88 22.10 13.19 0.14
N ASN A 89 20.93 13.69 0.53
CA ASN A 89 20.66 13.96 1.94
C ASN A 89 20.82 12.69 2.78
N GLY A 90 20.64 11.54 2.14
CA GLY A 90 20.76 10.27 2.83
C GLY A 90 19.39 9.71 3.20
N GLU A 91 18.50 9.61 2.23
CA GLU A 91 17.17 9.08 2.46
C GLU A 91 16.75 8.16 1.31
N TRP A 92 15.89 7.19 1.63
CA TRP A 92 15.40 6.26 0.62
C TRP A 92 13.98 6.62 0.20
N VAL A 93 13.69 6.44 -1.08
CA VAL A 93 12.36 6.76 -1.59
C VAL A 93 11.81 5.59 -2.41
N ALA A 94 10.56 5.22 -2.13
CA ALA A 94 9.92 4.12 -2.84
C ALA A 94 8.48 4.48 -3.20
N SER A 95 8.24 4.74 -4.48
CA SER A 95 6.91 5.13 -4.93
C SER A 95 6.38 4.12 -5.97
N VAL A 96 5.08 3.87 -5.91
CA VAL A 96 4.45 2.95 -6.85
C VAL A 96 2.94 3.15 -6.87
N VAL A 97 2.36 3.11 -8.06
CA VAL A 97 0.92 3.29 -8.21
C VAL A 97 0.21 1.94 -8.30
N VAL A 98 -0.90 1.81 -7.59
CA VAL A 98 -1.67 0.57 -7.60
C VAL A 98 -3.07 0.81 -8.18
N TYR A 99 -3.46 -0.02 -9.13
CA TYR A 99 -4.78 0.10 -9.74
C TYR A 99 -5.81 -0.72 -8.99
N PRO A 100 -7.06 -0.36 -9.11
CA PRO A 100 -8.17 -1.08 -8.43
C PRO A 100 -8.26 -2.54 -8.86
N CYS A 101 -8.81 -3.38 -7.98
CA CYS A 101 -8.96 -4.79 -8.28
C CYS A 101 -7.60 -5.43 -8.56
N GLU A 102 -6.54 -4.73 -8.17
CA GLU A 102 -5.18 -5.23 -8.39
C GLU A 102 -4.32 -4.98 -7.16
N THR A 103 -3.43 -5.92 -6.87
CA THR A 103 -2.54 -5.79 -5.71
C THR A 103 -1.09 -5.99 -6.13
N GLU A 104 -0.25 -5.01 -5.81
CA GLU A 104 1.16 -5.08 -6.17
C GLU A 104 2.04 -5.03 -4.93
N MET A 105 3.31 -5.42 -5.10
CA MET A 105 4.25 -5.41 -3.99
C MET A 105 4.88 -4.04 -3.82
N PHE A 106 5.31 -3.74 -2.59
CA PHE A 106 5.92 -2.44 -2.30
C PHE A 106 7.39 -2.61 -1.93
N ILE A 107 7.68 -2.50 -0.63
CA ILE A 107 9.05 -2.65 -0.16
C ILE A 107 9.14 -3.75 0.89
N GLU A 108 10.34 -4.30 1.07
CA GLU A 108 10.54 -5.36 2.06
C GLU A 108 11.82 -5.11 2.86
N GLY A 109 11.87 -5.67 4.05
CA GLY A 109 13.05 -5.51 4.91
C GLY A 109 12.67 -4.82 6.22
N ARG A 110 13.68 -4.27 6.90
CA ARG A 110 13.44 -3.59 8.17
C ARG A 110 13.17 -2.11 7.94
N VAL A 111 12.21 -1.56 8.69
CA VAL A 111 11.86 -0.15 8.55
C VAL A 111 12.23 0.63 9.80
N ASN A 112 12.90 1.76 9.62
CA ASN A 112 13.31 2.60 10.75
C ASN A 112 13.09 4.07 10.42
N GLY A 113 12.27 4.73 11.23
CA GLY A 113 11.99 6.15 11.02
C GLY A 113 11.69 6.42 9.56
N PHE A 114 10.42 6.50 9.21
CA PHE A 114 10.02 6.74 7.82
C PHE A 114 8.74 7.57 7.76
N LYS A 115 8.55 8.25 6.63
CA LYS A 115 7.35 9.06 6.43
C LYS A 115 6.48 8.47 5.33
N SER A 116 5.18 8.37 5.60
CA SER A 116 4.25 7.80 4.64
C SER A 116 3.31 8.87 4.09
N LYS A 117 3.13 8.89 2.78
CA LYS A 117 2.24 9.83 2.13
C LYS A 117 1.43 9.14 1.03
N MET A 118 0.11 9.19 1.16
CA MET A 118 -0.76 8.53 0.19
C MET A 118 -1.87 9.48 -0.27
N ASP A 119 -2.46 9.16 -1.42
CA ASP A 119 -3.53 9.98 -1.98
C ASP A 119 -4.42 9.14 -2.88
N ALA A 120 -5.55 9.72 -3.29
CA ALA A 120 -6.48 9.01 -4.17
C ALA A 120 -6.80 9.85 -5.41
N LEU A 121 -6.05 9.64 -6.48
CA LEU A 121 -6.25 10.38 -7.71
C LEU A 121 -7.27 9.66 -8.60
N PRO A 122 -7.76 10.35 -9.60
CA PRO A 122 -8.75 9.78 -10.55
C PRO A 122 -8.10 8.95 -11.65
N LEU A 123 -8.64 7.76 -11.89
CA LEU A 123 -8.08 6.88 -12.92
C LEU A 123 -8.00 7.61 -14.26
N SER A 124 -6.78 7.88 -14.71
CA SER A 124 -6.59 8.57 -15.98
C SER A 124 -6.64 7.58 -17.13
N GLU A 125 -6.36 8.07 -18.34
CA GLU A 125 -6.37 7.22 -19.53
C GLU A 125 -5.40 6.05 -19.34
N GLU A 126 -4.34 6.28 -18.58
CA GLU A 126 -3.35 5.24 -18.34
C GLU A 126 -4.00 4.01 -17.72
N TYR A 127 -4.96 4.25 -16.83
CA TYR A 127 -5.67 3.15 -16.18
C TYR A 127 -6.42 2.31 -17.21
N ARG A 128 -7.12 2.99 -18.11
CA ARG A 128 -7.90 2.30 -19.14
C ARG A 128 -6.98 1.42 -19.99
N GLN A 129 -5.81 1.95 -20.33
CA GLN A 129 -4.84 1.21 -21.13
C GLN A 129 -4.34 -0.02 -20.36
N HIS A 130 -4.15 0.16 -19.06
CA HIS A 130 -3.66 -0.94 -18.22
C HIS A 130 -4.61 -2.12 -18.29
N GLN A 131 -5.91 -1.84 -18.27
CA GLN A 131 -6.92 -2.89 -18.32
C GLN A 131 -6.63 -3.86 -19.45
N ALA A 132 -5.85 -3.40 -20.42
CA ALA A 132 -5.49 -4.25 -21.57
C ALA A 132 -4.74 -5.49 -21.10
N GLU A 133 -3.98 -5.35 -20.01
CA GLU A 133 -3.21 -6.46 -19.49
C GLU A 133 -4.12 -7.48 -18.81
N LYS A 134 -5.25 -7.00 -18.29
CA LYS A 134 -6.20 -7.88 -17.63
C LYS A 134 -6.67 -8.98 -18.58
N ASP A 135 -6.90 -8.60 -19.84
CA ASP A 135 -7.36 -9.56 -20.83
C ASP A 135 -7.16 -9.00 -22.24
N LYS A 136 -7.23 -9.88 -23.24
CA LYS A 136 -7.07 -9.46 -24.62
C LYS A 136 -7.39 -10.62 -25.58
N MET A 6 -4.22 -10.63 26.78
CA MET A 6 -5.70 -10.51 26.62
C MET A 6 -6.22 -11.74 25.88
N GLY A 7 -7.22 -12.39 26.46
CA GLY A 7 -7.81 -13.58 25.86
C GLY A 7 -8.27 -13.30 24.43
N CYS A 8 -8.72 -12.07 24.20
CA CYS A 8 -9.19 -11.68 22.87
C CYS A 8 -10.10 -12.75 22.29
N GLY A 9 -11.11 -13.16 23.07
CA GLY A 9 -12.04 -14.18 22.62
C GLY A 9 -12.67 -13.79 21.29
N ALA A 10 -12.84 -12.49 21.08
CA ALA A 10 -13.43 -12.00 19.84
C ALA A 10 -12.79 -10.68 19.43
N SER A 11 -12.89 -10.37 18.14
CA SER A 11 -12.31 -9.13 17.63
C SER A 11 -13.08 -7.92 18.14
N SER A 12 -12.35 -6.85 18.43
CA SER A 12 -12.98 -5.62 18.94
C SER A 12 -13.68 -4.88 17.81
N GLU A 13 -14.56 -3.96 18.19
CA GLU A 13 -15.30 -3.18 17.20
C GLU A 13 -14.57 -1.87 16.90
N ASN A 14 -14.82 -1.32 15.72
CA ASN A 14 -14.19 -0.07 15.32
C ASN A 14 -12.67 -0.20 15.39
N SER A 15 -12.15 -1.31 14.90
CA SER A 15 -10.70 -1.53 14.91
C SER A 15 -10.32 -2.60 13.90
N SER A 16 -11.25 -3.51 13.61
CA SER A 16 -11.00 -4.58 12.65
C SER A 16 -10.87 -4.02 11.24
N VAL A 17 -11.06 -4.89 10.25
CA VAL A 17 -10.96 -4.46 8.86
C VAL A 17 -12.13 -5.03 8.05
N THR A 18 -12.67 -4.21 7.15
CA THR A 18 -13.79 -4.63 6.32
C THR A 18 -13.55 -4.26 4.86
N TYR A 19 -14.19 -5.00 3.95
CA TYR A 19 -14.04 -4.74 2.53
C TYR A 19 -15.40 -4.59 1.86
N VAL A 20 -15.41 -4.08 0.63
CA VAL A 20 -16.65 -3.88 -0.09
C VAL A 20 -16.50 -4.28 -1.55
N ASN A 21 -15.54 -3.65 -2.23
CA ASN A 21 -15.30 -3.93 -3.64
C ASN A 21 -14.72 -5.33 -3.82
N GLY A 22 -14.05 -5.83 -2.79
CA GLY A 22 -13.45 -7.16 -2.85
C GLY A 22 -12.30 -7.28 -1.85
N ARG A 23 -11.66 -8.44 -1.84
CA ARG A 23 -10.54 -8.67 -0.94
C ARG A 23 -9.21 -8.63 -1.69
N PRO A 24 -8.22 -8.04 -1.11
CA PRO A 24 -6.86 -7.94 -1.73
C PRO A 24 -6.38 -9.28 -2.31
N THR A 25 -5.66 -9.21 -3.41
CA THR A 25 -5.13 -10.41 -4.04
C THR A 25 -3.94 -10.96 -3.26
N PHE A 26 -3.18 -10.05 -2.64
CA PHE A 26 -2.01 -10.45 -1.87
C PHE A 26 -2.39 -10.66 -0.41
N VAL A 27 -1.84 -11.71 0.19
CA VAL A 27 -2.13 -12.01 1.60
C VAL A 27 -0.93 -11.66 2.47
N GLY A 28 -1.18 -11.47 3.77
CA GLY A 28 -0.12 -11.13 4.70
C GLY A 28 -0.50 -11.51 6.13
N GLU A 29 -0.36 -10.56 7.04
CA GLU A 29 -0.69 -10.81 8.44
C GLU A 29 -1.29 -9.56 9.08
N GLU A 30 -0.47 -8.52 9.22
CA GLU A 30 -0.92 -7.28 9.82
C GLU A 30 -1.51 -6.36 8.75
N VAL A 31 -2.73 -5.89 9.00
CA VAL A 31 -3.40 -5.00 8.05
C VAL A 31 -3.77 -3.68 8.73
N THR A 32 -3.44 -2.58 8.07
CA THR A 32 -3.74 -1.26 8.62
C THR A 32 -4.30 -0.35 7.53
N LYS A 33 -5.26 0.50 7.92
CA LYS A 33 -5.87 1.42 6.97
C LYS A 33 -5.02 2.68 6.81
N GLY A 34 -4.83 3.11 5.57
CA GLY A 34 -4.04 4.30 5.29
C GLY A 34 -4.84 5.56 5.58
N PHE A 35 -5.97 5.70 4.90
CA PHE A 35 -6.82 6.87 5.09
C PHE A 35 -7.78 6.65 6.25
N GLU A 36 -7.90 7.66 7.12
CA GLU A 36 -8.80 7.56 8.26
C GLU A 36 -10.23 7.88 7.85
N LYS A 37 -10.41 8.28 6.60
CA LYS A 37 -11.74 8.60 6.08
C LYS A 37 -12.29 7.46 5.23
N ASP A 38 -13.60 7.44 5.05
CA ASP A 38 -14.24 6.41 4.24
C ASP A 38 -13.90 5.02 4.79
N ASN A 39 -14.12 3.99 3.98
CA ASN A 39 -13.85 2.63 4.40
C ASN A 39 -12.35 2.33 4.32
N GLY A 40 -11.54 3.28 4.78
CA GLY A 40 -10.10 3.11 4.77
C GLY A 40 -9.54 3.22 3.35
N LEU A 41 -10.37 2.88 2.37
CA LEU A 41 -9.96 2.95 0.97
C LEU A 41 -8.79 2.02 0.72
N LEU A 42 -7.59 2.45 1.13
CA LEU A 42 -6.39 1.64 0.93
C LEU A 42 -5.97 0.97 2.23
N PHE A 43 -5.71 -0.32 2.17
CA PHE A 43 -5.28 -1.07 3.34
C PHE A 43 -3.80 -1.46 3.23
N ARG A 44 -3.03 -1.15 4.25
CA ARG A 44 -1.61 -1.47 4.25
C ARG A 44 -1.39 -2.93 4.68
N ILE A 45 -0.95 -3.76 3.74
CA ILE A 45 -0.71 -5.16 4.03
C ILE A 45 0.77 -5.41 4.33
N VAL A 46 1.04 -6.06 5.46
CA VAL A 46 2.41 -6.34 5.85
C VAL A 46 2.56 -7.79 6.28
N ASN A 47 3.55 -8.47 5.71
CA ASN A 47 3.80 -9.86 6.06
C ASN A 47 5.08 -10.00 6.88
N LYS A 48 4.91 -10.17 8.20
CA LYS A 48 6.06 -10.27 9.09
C LYS A 48 6.98 -11.41 8.64
N LYS A 49 6.39 -12.44 8.04
CA LYS A 49 7.17 -13.58 7.57
C LYS A 49 8.26 -13.14 6.61
N LYS A 50 7.84 -12.61 5.45
CA LYS A 50 8.79 -12.15 4.45
C LYS A 50 9.10 -10.67 4.63
N LYS A 51 8.39 -10.04 5.57
CA LYS A 51 8.59 -8.62 5.84
C LYS A 51 8.45 -7.80 4.56
N GLN A 52 7.49 -8.18 3.73
CA GLN A 52 7.26 -7.46 2.47
C GLN A 52 5.96 -6.66 2.54
N TRP A 53 6.04 -5.38 2.25
CA TRP A 53 4.87 -4.51 2.27
C TRP A 53 4.10 -4.61 0.96
N ALA A 54 2.78 -4.45 1.04
CA ALA A 54 1.94 -4.52 -0.14
C ALA A 54 0.73 -3.61 0.02
N TYR A 55 0.23 -3.08 -1.10
CA TYR A 55 -0.92 -2.19 -1.07
C TYR A 55 -2.00 -2.66 -2.05
N TYR A 56 -3.26 -2.57 -1.63
CA TYR A 56 -4.37 -2.98 -2.47
C TYR A 56 -5.39 -1.86 -2.61
N ASN A 57 -5.67 -1.47 -3.84
CA ASN A 57 -6.63 -0.40 -4.10
C ASN A 57 -8.04 -0.95 -4.17
N ASP A 58 -8.88 -0.56 -3.21
CA ASP A 58 -10.26 -1.01 -3.17
C ASP A 58 -11.14 -0.10 -4.01
N THR A 59 -10.83 1.19 -4.00
CA THR A 59 -11.61 2.16 -4.78
C THR A 59 -11.51 1.85 -6.26
N THR A 60 -12.66 1.87 -6.94
CA THR A 60 -12.69 1.59 -8.37
C THR A 60 -12.86 2.88 -9.16
N GLN A 61 -12.77 4.01 -8.48
CA GLN A 61 -12.91 5.31 -9.12
C GLN A 61 -11.59 6.06 -9.12
N TYR A 62 -10.88 6.01 -8.00
CA TYR A 62 -9.60 6.69 -7.87
C TYR A 62 -8.47 5.70 -7.69
N GLU A 63 -7.28 6.05 -8.17
CA GLU A 63 -6.11 5.19 -8.03
C GLU A 63 -5.34 5.53 -6.76
N MET A 64 -4.72 4.53 -6.16
CA MET A 64 -3.96 4.75 -4.93
C MET A 64 -2.49 4.98 -5.24
N HIS A 65 -1.98 6.13 -4.81
CA HIS A 65 -0.56 6.44 -5.01
C HIS A 65 0.18 6.44 -3.68
N VAL A 66 1.16 5.56 -3.55
CA VAL A 66 1.91 5.44 -2.32
C VAL A 66 3.27 6.13 -2.44
N LEU A 67 3.61 6.92 -1.43
CA LEU A 67 4.89 7.62 -1.42
C LEU A 67 5.45 7.66 0.00
N VAL A 68 6.25 6.67 0.35
CA VAL A 68 6.83 6.59 1.69
C VAL A 68 8.33 6.83 1.65
N THR A 69 8.81 7.70 2.53
CA THR A 69 10.23 8.00 2.60
C THR A 69 10.84 7.42 3.87
N PHE A 70 11.97 6.74 3.73
CA PHE A 70 12.63 6.13 4.89
C PHE A 70 14.00 6.77 5.12
N ASN A 71 14.51 6.62 6.33
CA ASN A 71 15.82 7.18 6.68
C ASN A 71 16.94 6.29 6.14
N GLU A 72 18.11 6.87 5.95
CA GLU A 72 19.26 6.12 5.45
C GLU A 72 19.44 4.83 6.25
N ASP A 73 19.47 4.95 7.57
CA ASP A 73 19.65 3.79 8.43
C ASP A 73 18.37 2.95 8.46
N CYS A 74 18.09 2.26 7.36
CA CYS A 74 16.91 1.42 7.28
C CYS A 74 17.13 0.29 6.27
N ASP A 75 17.15 -0.94 6.77
CA ASP A 75 17.35 -2.11 5.90
C ASP A 75 16.09 -2.40 5.09
N ILE A 76 15.92 -1.69 4.00
CA ILE A 76 14.74 -1.88 3.14
C ILE A 76 15.17 -2.12 1.70
N LYS A 77 14.26 -2.69 0.91
CA LYS A 77 14.56 -2.97 -0.49
C LYS A 77 13.29 -2.86 -1.33
N ALA A 78 13.47 -2.68 -2.64
CA ALA A 78 12.33 -2.58 -3.55
C ALA A 78 11.88 -3.97 -4.00
N LEU A 79 10.60 -4.08 -4.36
CA LEU A 79 10.06 -5.36 -4.78
C LEU A 79 9.68 -5.32 -6.27
N GLY A 80 8.39 -5.23 -6.54
CA GLY A 80 7.91 -5.22 -7.92
C GLY A 80 7.39 -3.84 -8.31
N LYS A 81 7.78 -3.38 -9.49
CA LYS A 81 7.31 -2.09 -9.99
C LYS A 81 7.87 -0.96 -9.14
N THR A 82 7.64 -1.04 -7.83
CA THR A 82 8.10 0.00 -6.92
C THR A 82 9.56 0.34 -7.19
N LYS A 83 9.82 1.61 -7.50
CA LYS A 83 11.17 2.06 -7.77
C LYS A 83 11.82 2.60 -6.50
N LEU A 84 13.01 2.10 -6.19
CA LEU A 84 13.72 2.53 -4.99
C LEU A 84 14.96 3.34 -5.36
N GLU A 85 15.13 4.49 -4.72
CA GLU A 85 16.28 5.34 -5.00
C GLU A 85 16.66 6.15 -3.75
N GLN A 86 17.95 6.39 -3.59
CA GLN A 86 18.44 7.14 -2.44
C GLN A 86 18.91 8.53 -2.86
N GLN A 87 18.83 9.48 -1.93
CA GLN A 87 19.26 10.85 -2.23
C GLN A 87 20.57 11.16 -1.52
N GLU A 88 21.16 12.30 -1.88
CA GLU A 88 22.43 12.71 -1.27
C GLU A 88 22.25 12.97 0.22
N ASN A 89 21.10 13.55 0.58
CA ASN A 89 20.82 13.86 1.98
C ASN A 89 20.87 12.59 2.83
N GLY A 90 20.62 11.46 2.18
CA GLY A 90 20.65 10.17 2.89
C GLY A 90 19.23 9.71 3.23
N GLU A 91 18.37 9.66 2.22
CA GLU A 91 17.00 9.22 2.43
C GLU A 91 16.56 8.28 1.31
N TRP A 92 15.75 7.28 1.66
CA TRP A 92 15.27 6.32 0.67
C TRP A 92 13.85 6.67 0.23
N VAL A 93 13.60 6.57 -1.07
CA VAL A 93 12.29 6.88 -1.61
C VAL A 93 11.73 5.70 -2.38
N ALA A 94 10.47 5.37 -2.12
CA ALA A 94 9.82 4.26 -2.79
C ALA A 94 8.38 4.61 -3.16
N SER A 95 8.13 4.82 -4.45
CA SER A 95 6.79 5.18 -4.91
C SER A 95 6.26 4.12 -5.86
N VAL A 96 4.95 3.90 -5.81
CA VAL A 96 4.31 2.91 -6.68
C VAL A 96 2.81 3.17 -6.77
N VAL A 97 2.26 3.04 -7.97
CA VAL A 97 0.83 3.25 -8.17
C VAL A 97 0.10 1.91 -8.27
N VAL A 98 -1.00 1.79 -7.54
CA VAL A 98 -1.78 0.56 -7.53
C VAL A 98 -3.14 0.79 -8.15
N TYR A 99 -3.55 -0.10 -9.05
CA TYR A 99 -4.85 0.01 -9.70
C TYR A 99 -5.89 -0.82 -8.97
N PRO A 100 -7.13 -0.43 -9.07
CA PRO A 100 -8.26 -1.14 -8.41
C PRO A 100 -8.32 -2.62 -8.80
N CYS A 101 -8.89 -3.44 -7.92
CA CYS A 101 -9.01 -4.87 -8.20
C CYS A 101 -7.64 -5.47 -8.50
N GLU A 102 -6.59 -4.77 -8.07
CA GLU A 102 -5.23 -5.25 -8.30
C GLU A 102 -4.37 -5.03 -7.07
N THR A 103 -3.31 -5.84 -6.94
CA THR A 103 -2.41 -5.74 -5.80
C THR A 103 -0.97 -5.89 -6.25
N GLU A 104 -0.16 -4.86 -6.00
CA GLU A 104 1.24 -4.88 -6.40
C GLU A 104 2.15 -4.90 -5.17
N MET A 105 3.42 -5.22 -5.39
CA MET A 105 4.39 -5.27 -4.29
C MET A 105 4.98 -3.89 -4.04
N PHE A 106 5.32 -3.62 -2.78
CA PHE A 106 5.90 -2.33 -2.41
C PHE A 106 7.37 -2.50 -2.04
N ILE A 107 7.65 -2.47 -0.74
CA ILE A 107 9.02 -2.63 -0.26
C ILE A 107 9.08 -3.69 0.83
N GLU A 108 10.29 -4.19 1.10
CA GLU A 108 10.47 -5.21 2.12
C GLU A 108 11.68 -4.88 3.01
N GLY A 109 11.95 -5.76 3.97
CA GLY A 109 13.09 -5.55 4.86
C GLY A 109 12.62 -4.94 6.19
N ARG A 110 13.56 -4.35 6.92
CA ARG A 110 13.24 -3.74 8.20
C ARG A 110 12.96 -2.24 8.03
N VAL A 111 12.01 -1.73 8.78
CA VAL A 111 11.66 -0.31 8.70
C VAL A 111 11.75 0.35 10.07
N ASN A 112 12.34 1.53 10.10
CA ASN A 112 12.48 2.27 11.36
C ASN A 112 12.45 3.77 11.10
N GLY A 113 11.45 4.44 11.67
CA GLY A 113 11.31 5.88 11.49
C GLY A 113 11.20 6.23 10.01
N PHE A 114 9.97 6.47 9.55
CA PHE A 114 9.75 6.80 8.14
C PHE A 114 8.50 7.65 7.99
N LYS A 115 8.45 8.43 6.90
CA LYS A 115 7.30 9.28 6.63
C LYS A 115 6.46 8.69 5.50
N SER A 116 5.15 8.63 5.71
CA SER A 116 4.25 8.06 4.71
C SER A 116 3.33 9.13 4.13
N LYS A 117 3.17 9.12 2.81
CA LYS A 117 2.29 10.07 2.14
C LYS A 117 1.47 9.37 1.07
N MET A 118 0.15 9.37 1.25
CA MET A 118 -0.73 8.71 0.29
C MET A 118 -1.80 9.67 -0.22
N ASP A 119 -2.42 9.30 -1.33
CA ASP A 119 -3.47 10.13 -1.93
C ASP A 119 -4.36 9.29 -2.83
N ALA A 120 -5.46 9.88 -3.30
CA ALA A 120 -6.39 9.18 -4.18
C ALA A 120 -6.66 9.98 -5.44
N LEU A 121 -5.83 9.78 -6.45
CA LEU A 121 -5.99 10.49 -7.71
C LEU A 121 -6.96 9.76 -8.63
N PRO A 122 -7.48 10.46 -9.62
CA PRO A 122 -8.44 9.87 -10.60
C PRO A 122 -7.75 8.88 -11.54
N LEU A 123 -8.52 7.92 -12.05
CA LEU A 123 -7.99 6.92 -12.96
C LEU A 123 -7.87 7.50 -14.37
N SER A 124 -6.64 7.72 -14.81
CA SER A 124 -6.41 8.27 -16.14
C SER A 124 -6.66 7.21 -17.22
N GLU A 125 -6.55 7.61 -18.47
CA GLU A 125 -6.76 6.69 -19.58
C GLU A 125 -5.85 5.47 -19.43
N GLU A 126 -4.68 5.68 -18.84
CA GLU A 126 -3.73 4.59 -18.64
C GLU A 126 -4.39 3.43 -17.92
N TYR A 127 -5.24 3.75 -16.95
CA TYR A 127 -5.94 2.73 -16.18
C TYR A 127 -6.82 1.88 -17.10
N ARG A 128 -7.52 2.55 -18.01
CA ARG A 128 -8.41 1.85 -18.93
C ARG A 128 -7.63 0.83 -19.74
N GLN A 129 -6.43 1.20 -20.16
CA GLN A 129 -5.58 0.29 -20.92
C GLN A 129 -5.09 -0.86 -20.05
N HIS A 130 -4.81 -0.56 -18.79
CA HIS A 130 -4.33 -1.57 -17.86
C HIS A 130 -5.35 -2.70 -17.73
N GLN A 131 -6.56 -2.46 -18.23
CA GLN A 131 -7.61 -3.47 -18.17
C GLN A 131 -7.47 -4.45 -19.34
N ALA A 132 -6.72 -4.06 -20.36
CA ALA A 132 -6.52 -4.91 -21.52
C ALA A 132 -5.75 -6.18 -21.14
N GLU A 133 -4.66 -5.99 -20.39
CA GLU A 133 -3.84 -7.12 -19.98
C GLU A 133 -4.64 -8.06 -19.08
N LYS A 134 -5.51 -7.48 -18.25
CA LYS A 134 -6.33 -8.27 -17.35
C LYS A 134 -7.31 -9.15 -18.14
N ASP A 135 -7.69 -8.67 -19.31
CA ASP A 135 -8.63 -9.41 -20.16
C ASP A 135 -8.26 -9.26 -21.62
N LYS A 136 -8.64 -8.13 -22.21
CA LYS A 136 -8.35 -7.87 -23.61
C LYS A 136 -8.68 -6.42 -23.98
N MET A 6 -6.47 3.01 32.73
CA MET A 6 -7.81 3.60 32.48
C MET A 6 -7.66 4.91 31.70
N GLY A 7 -6.64 4.97 30.85
CA GLY A 7 -6.39 6.16 30.06
C GLY A 7 -4.94 6.22 29.59
N CYS A 8 -4.02 5.95 30.51
CA CYS A 8 -2.60 5.97 30.18
C CYS A 8 -2.29 4.98 29.06
N GLY A 9 -3.01 3.86 29.06
CA GLY A 9 -2.80 2.85 28.03
C GLY A 9 -4.01 1.93 27.92
N ALA A 10 -4.95 2.30 27.05
CA ALA A 10 -6.15 1.50 26.87
C ALA A 10 -5.81 0.12 26.34
N SER A 11 -4.71 0.04 25.59
CA SER A 11 -4.27 -1.23 25.02
C SER A 11 -5.42 -1.92 24.28
N SER A 12 -5.17 -3.13 23.81
CA SER A 12 -6.19 -3.88 23.08
C SER A 12 -6.90 -2.98 22.08
N GLU A 13 -6.21 -2.65 21.00
CA GLU A 13 -6.78 -1.79 19.96
C GLU A 13 -8.00 -2.46 19.33
N ASN A 14 -7.98 -3.79 19.28
CA ASN A 14 -9.09 -4.53 18.69
C ASN A 14 -9.37 -4.05 17.27
N SER A 15 -8.31 -3.88 16.49
CA SER A 15 -8.45 -3.43 15.11
C SER A 15 -9.07 -4.53 14.24
N SER A 16 -9.63 -4.14 13.11
CA SER A 16 -10.26 -5.09 12.20
C SER A 16 -10.11 -4.63 10.76
N VAL A 17 -10.33 -5.55 9.82
CA VAL A 17 -10.22 -5.23 8.41
C VAL A 17 -11.53 -5.53 7.68
N THR A 18 -11.93 -4.64 6.78
CA THR A 18 -13.16 -4.82 6.02
C THR A 18 -12.94 -4.46 4.56
N TYR A 19 -13.61 -5.19 3.68
CA TYR A 19 -13.50 -4.93 2.24
C TYR A 19 -14.89 -4.90 1.60
N VAL A 20 -14.98 -4.25 0.44
CA VAL A 20 -16.25 -4.13 -0.26
C VAL A 20 -16.05 -4.32 -1.76
N ASN A 21 -15.21 -3.49 -2.36
CA ASN A 21 -14.96 -3.56 -3.79
C ASN A 21 -14.30 -4.89 -4.15
N GLY A 22 -13.58 -5.47 -3.18
CA GLY A 22 -12.90 -6.74 -3.41
C GLY A 22 -11.89 -7.02 -2.31
N ARG A 23 -11.54 -8.30 -2.14
CA ARG A 23 -10.58 -8.68 -1.12
C ARG A 23 -9.16 -8.65 -1.67
N PRO A 24 -8.20 -8.46 -0.81
CA PRO A 24 -6.76 -8.40 -1.21
C PRO A 24 -6.18 -9.78 -1.50
N THR A 25 -5.49 -9.90 -2.63
CA THR A 25 -4.87 -11.17 -3.01
C THR A 25 -3.74 -11.52 -2.05
N PHE A 26 -3.09 -10.51 -1.50
CA PHE A 26 -1.99 -10.72 -0.57
C PHE A 26 -2.43 -10.41 0.85
N VAL A 27 -2.14 -11.32 1.78
CA VAL A 27 -2.52 -11.14 3.17
C VAL A 27 -1.33 -11.43 4.09
N GLY A 28 -1.01 -10.48 4.95
CA GLY A 28 0.10 -10.64 5.87
C GLY A 28 -0.40 -10.88 7.30
N GLU A 29 -0.16 -9.92 8.18
CA GLU A 29 -0.60 -10.03 9.56
C GLU A 29 -1.07 -8.69 10.09
N GLU A 30 -0.18 -7.71 10.08
CA GLU A 30 -0.52 -6.37 10.56
C GLU A 30 -1.18 -5.56 9.43
N VAL A 31 -2.47 -5.30 9.59
CA VAL A 31 -3.22 -4.55 8.58
C VAL A 31 -3.61 -3.18 9.12
N THR A 32 -3.63 -2.19 8.24
CA THR A 32 -4.00 -0.84 8.62
C THR A 32 -4.71 -0.11 7.48
N LYS A 33 -5.24 1.07 7.77
CA LYS A 33 -5.94 1.84 6.75
C LYS A 33 -5.38 3.26 6.68
N GLY A 34 -4.55 3.51 5.68
CA GLY A 34 -3.97 4.83 5.50
C GLY A 34 -4.99 5.93 5.76
N PHE A 35 -5.98 6.03 4.87
CA PHE A 35 -7.02 7.04 5.03
C PHE A 35 -8.00 6.63 6.12
N GLU A 36 -8.26 7.56 7.05
CA GLU A 36 -9.17 7.29 8.15
C GLU A 36 -10.61 7.58 7.73
N LYS A 37 -10.81 7.87 6.45
CA LYS A 37 -12.13 8.17 5.93
C LYS A 37 -12.68 7.00 5.14
N ASP A 38 -14.00 6.95 5.02
CA ASP A 38 -14.65 5.86 4.27
C ASP A 38 -14.26 4.50 4.85
N ASN A 39 -14.63 3.44 4.16
CA ASN A 39 -14.33 2.09 4.62
C ASN A 39 -12.84 1.97 4.95
N GLY A 40 -12.01 2.70 4.21
CA GLY A 40 -10.57 2.66 4.43
C GLY A 40 -9.81 3.05 3.17
N LEU A 41 -10.46 2.88 2.02
CA LEU A 41 -9.84 3.23 0.74
C LEU A 41 -8.58 2.39 0.52
N LEU A 42 -7.50 2.79 1.16
CA LEU A 42 -6.23 2.08 1.02
C LEU A 42 -5.91 1.29 2.29
N PHE A 43 -5.64 0.00 2.13
CA PHE A 43 -5.30 -0.85 3.26
C PHE A 43 -3.84 -1.30 3.16
N ARG A 44 -3.09 -1.06 4.23
CA ARG A 44 -1.67 -1.45 4.25
C ARG A 44 -1.53 -2.88 4.76
N ILE A 45 -0.86 -3.72 3.99
CA ILE A 45 -0.65 -5.10 4.36
C ILE A 45 0.84 -5.38 4.61
N VAL A 46 1.15 -5.96 5.77
CA VAL A 46 2.52 -6.26 6.12
C VAL A 46 2.65 -7.71 6.61
N ASN A 47 3.58 -8.45 6.01
CA ASN A 47 3.81 -9.84 6.40
C ASN A 47 5.11 -9.96 7.19
N LYS A 48 5.00 -10.09 8.50
CA LYS A 48 6.17 -10.20 9.36
C LYS A 48 7.05 -11.36 8.90
N LYS A 49 6.43 -12.38 8.32
CA LYS A 49 7.17 -13.55 7.85
C LYS A 49 8.27 -13.11 6.88
N LYS A 50 7.88 -12.66 5.69
CA LYS A 50 8.84 -12.21 4.69
C LYS A 50 9.13 -10.72 4.86
N LYS A 51 8.43 -10.08 5.77
CA LYS A 51 8.62 -8.66 6.02
C LYS A 51 8.44 -7.86 4.73
N GLN A 52 7.52 -8.32 3.87
CA GLN A 52 7.26 -7.64 2.61
C GLN A 52 5.97 -6.83 2.70
N TRP A 53 6.06 -5.55 2.37
CA TRP A 53 4.90 -4.67 2.41
C TRP A 53 4.08 -4.79 1.13
N ALA A 54 2.76 -4.67 1.27
CA ALA A 54 1.87 -4.77 0.11
C ALA A 54 0.69 -3.82 0.27
N TYR A 55 0.13 -3.38 -0.85
CA TYR A 55 -1.00 -2.45 -0.81
C TYR A 55 -2.14 -2.97 -1.68
N TYR A 56 -3.37 -2.76 -1.22
CA TYR A 56 -4.55 -3.19 -1.96
C TYR A 56 -5.50 -2.02 -2.19
N ASN A 57 -5.90 -1.83 -3.43
CA ASN A 57 -6.80 -0.73 -3.77
C ASN A 57 -8.25 -1.22 -3.81
N ASP A 58 -9.16 -0.41 -3.27
CA ASP A 58 -10.57 -0.76 -3.24
C ASP A 58 -11.38 0.18 -4.13
N THR A 59 -11.03 1.46 -4.10
CA THR A 59 -11.73 2.45 -4.91
C THR A 59 -11.61 2.11 -6.39
N THR A 60 -12.75 1.85 -7.03
CA THR A 60 -12.77 1.50 -8.44
C THR A 60 -12.91 2.74 -9.31
N GLN A 61 -12.83 3.91 -8.66
CA GLN A 61 -12.96 5.17 -9.39
C GLN A 61 -11.70 6.01 -9.21
N TYR A 62 -10.93 5.71 -8.18
CA TYR A 62 -9.70 6.44 -7.92
C TYR A 62 -8.56 5.48 -7.60
N GLU A 63 -7.37 5.80 -8.09
CA GLU A 63 -6.20 4.96 -7.84
C GLU A 63 -5.46 5.46 -6.59
N MET A 64 -4.89 4.51 -5.84
CA MET A 64 -4.17 4.86 -4.62
C MET A 64 -2.67 4.98 -4.90
N HIS A 65 -2.13 6.18 -4.70
CA HIS A 65 -0.71 6.42 -4.92
C HIS A 65 0.05 6.28 -3.61
N VAL A 66 1.09 5.45 -3.61
CA VAL A 66 1.88 5.23 -2.40
C VAL A 66 3.20 5.99 -2.47
N LEU A 67 3.50 6.74 -1.43
CA LEU A 67 4.75 7.50 -1.37
C LEU A 67 5.32 7.48 0.05
N VAL A 68 6.17 6.51 0.33
CA VAL A 68 6.76 6.39 1.66
C VAL A 68 8.26 6.66 1.61
N THR A 69 8.74 7.46 2.56
CA THR A 69 10.16 7.78 2.63
C THR A 69 10.79 7.13 3.86
N PHE A 70 11.99 6.58 3.68
CA PHE A 70 12.69 5.92 4.79
C PHE A 70 14.04 6.59 5.04
N ASN A 71 14.64 6.28 6.19
CA ASN A 71 15.93 6.85 6.54
C ASN A 71 17.06 6.03 5.91
N GLU A 72 18.21 6.68 5.75
CA GLU A 72 19.36 6.01 5.14
C GLU A 72 19.61 4.66 5.82
N ASP A 73 19.68 4.68 7.15
CA ASP A 73 19.92 3.45 7.91
C ASP A 73 18.66 2.59 7.94
N CYS A 74 18.35 1.95 6.82
CA CYS A 74 17.18 1.10 6.75
C CYS A 74 17.36 0.00 5.69
N ASP A 75 17.41 -1.24 6.14
CA ASP A 75 17.61 -2.37 5.23
C ASP A 75 16.31 -2.69 4.50
N ILE A 76 16.02 -1.91 3.46
CA ILE A 76 14.80 -2.11 2.68
C ILE A 76 15.14 -2.34 1.20
N LYS A 77 14.25 -3.06 0.51
CA LYS A 77 14.47 -3.35 -0.91
C LYS A 77 13.23 -3.01 -1.72
N ALA A 78 13.34 -3.13 -3.03
CA ALA A 78 12.20 -2.86 -3.92
C ALA A 78 11.67 -4.16 -4.52
N LEU A 79 10.36 -4.30 -4.52
CA LEU A 79 9.73 -5.51 -5.05
C LEU A 79 9.19 -5.28 -6.46
N GLY A 80 7.90 -5.01 -6.56
CA GLY A 80 7.27 -4.77 -7.86
C GLY A 80 7.99 -3.65 -8.61
N LYS A 81 7.28 -3.04 -9.55
CA LYS A 81 7.86 -1.97 -10.35
C LYS A 81 8.22 -0.78 -9.46
N THR A 82 8.00 -0.94 -8.16
CA THR A 82 8.29 0.14 -7.21
C THR A 82 9.70 0.68 -7.43
N LYS A 83 9.78 1.95 -7.81
CA LYS A 83 11.07 2.58 -8.05
C LYS A 83 11.73 2.96 -6.74
N LEU A 84 12.92 2.41 -6.50
CA LEU A 84 13.64 2.69 -5.27
C LEU A 84 14.94 3.43 -5.57
N GLU A 85 15.17 4.52 -4.85
CA GLU A 85 16.38 5.32 -5.05
C GLU A 85 16.72 6.10 -3.79
N GLN A 86 17.99 6.48 -3.65
CA GLN A 86 18.43 7.22 -2.48
C GLN A 86 18.75 8.67 -2.87
N GLN A 87 18.58 9.58 -1.91
CA GLN A 87 18.85 10.99 -2.15
C GLN A 87 20.18 11.40 -1.52
N GLU A 88 20.65 12.59 -1.86
CA GLU A 88 21.91 13.08 -1.32
C GLU A 88 21.79 13.32 0.18
N ASN A 89 20.61 13.75 0.62
CA ASN A 89 20.37 14.00 2.03
C ASN A 89 20.56 12.72 2.85
N GLY A 90 20.38 11.58 2.20
CA GLY A 90 20.54 10.30 2.87
C GLY A 90 19.19 9.71 3.26
N GLU A 91 18.33 9.53 2.26
CA GLU A 91 17.00 8.95 2.51
C GLU A 91 16.59 8.07 1.34
N TRP A 92 15.78 7.05 1.62
CA TRP A 92 15.32 6.14 0.58
C TRP A 92 13.86 6.44 0.24
N VAL A 93 13.55 6.45 -1.06
CA VAL A 93 12.19 6.73 -1.50
C VAL A 93 11.65 5.57 -2.34
N ALA A 94 10.38 5.25 -2.13
CA ALA A 94 9.76 4.16 -2.88
C ALA A 94 8.32 4.52 -3.24
N SER A 95 8.10 4.89 -4.50
CA SER A 95 6.76 5.27 -4.94
C SER A 95 6.23 4.28 -5.97
N VAL A 96 4.93 4.02 -5.94
CA VAL A 96 4.31 3.10 -6.88
C VAL A 96 2.80 3.32 -6.93
N VAL A 97 2.22 3.18 -8.11
CA VAL A 97 0.79 3.37 -8.28
C VAL A 97 0.07 2.02 -8.32
N VAL A 98 -1.04 1.92 -7.60
CA VAL A 98 -1.80 0.68 -7.55
C VAL A 98 -3.16 0.86 -8.23
N TYR A 99 -3.49 -0.06 -9.12
CA TYR A 99 -4.76 0.01 -9.83
C TYR A 99 -5.81 -0.84 -9.12
N PRO A 100 -7.06 -0.46 -9.25
CA PRO A 100 -8.19 -1.19 -8.59
C PRO A 100 -8.32 -2.62 -9.10
N CYS A 101 -8.80 -3.51 -8.23
CA CYS A 101 -8.98 -4.91 -8.61
C CYS A 101 -7.62 -5.55 -8.93
N GLU A 102 -6.55 -4.92 -8.44
CA GLU A 102 -5.21 -5.44 -8.67
C GLU A 102 -4.31 -5.17 -7.47
N THR A 103 -3.56 -6.17 -7.06
CA THR A 103 -2.65 -6.03 -5.92
C THR A 103 -1.20 -6.10 -6.38
N GLU A 104 -0.37 -5.19 -5.89
CA GLU A 104 1.03 -5.15 -6.27
C GLU A 104 1.92 -5.13 -5.03
N MET A 105 3.17 -5.56 -5.20
CA MET A 105 4.12 -5.57 -4.08
C MET A 105 4.75 -4.20 -3.90
N PHE A 106 5.19 -3.91 -2.67
CA PHE A 106 5.80 -2.63 -2.37
C PHE A 106 7.27 -2.80 -2.04
N ILE A 107 7.59 -2.76 -0.74
CA ILE A 107 8.97 -2.92 -0.30
C ILE A 107 9.06 -3.95 0.82
N GLU A 108 10.26 -4.47 1.05
CA GLU A 108 10.46 -5.46 2.11
C GLU A 108 11.70 -5.12 2.93
N GLY A 109 12.02 -5.97 3.89
CA GLY A 109 13.20 -5.76 4.74
C GLY A 109 12.80 -5.11 6.07
N ARG A 110 13.76 -4.47 6.71
CA ARG A 110 13.51 -3.83 8.00
C ARG A 110 13.22 -2.34 7.81
N VAL A 111 12.35 -1.79 8.66
CA VAL A 111 12.00 -0.39 8.56
C VAL A 111 12.07 0.28 9.94
N ASN A 112 12.61 1.49 9.98
CA ASN A 112 12.73 2.23 11.22
C ASN A 112 12.43 3.71 11.00
N GLY A 113 11.43 4.22 11.72
CA GLY A 113 11.06 5.62 11.59
C GLY A 113 10.96 6.02 10.12
N PHE A 114 9.75 6.01 9.58
CA PHE A 114 9.55 6.36 8.18
C PHE A 114 8.31 7.24 8.02
N LYS A 115 8.27 7.99 6.92
CA LYS A 115 7.14 8.86 6.63
C LYS A 115 6.31 8.30 5.49
N SER A 116 4.99 8.21 5.70
CA SER A 116 4.10 7.67 4.69
C SER A 116 3.15 8.74 4.17
N LYS A 117 3.03 8.83 2.84
CA LYS A 117 2.13 9.79 2.22
C LYS A 117 1.37 9.14 1.07
N MET A 118 0.05 9.25 1.11
CA MET A 118 -0.78 8.64 0.06
C MET A 118 -1.88 9.62 -0.39
N ASP A 119 -2.51 9.29 -1.51
CA ASP A 119 -3.57 10.13 -2.04
C ASP A 119 -4.48 9.30 -2.94
N ALA A 120 -5.62 9.89 -3.33
CA ALA A 120 -6.56 9.19 -4.19
C ALA A 120 -6.79 9.96 -5.49
N LEU A 121 -6.02 9.61 -6.52
CA LEU A 121 -6.14 10.28 -7.81
C LEU A 121 -7.13 9.54 -8.71
N PRO A 122 -7.77 10.24 -9.60
CA PRO A 122 -8.75 9.64 -10.55
C PRO A 122 -8.07 8.86 -11.66
N LEU A 123 -8.56 7.66 -11.93
CA LEU A 123 -7.98 6.82 -12.98
C LEU A 123 -7.88 7.59 -14.28
N SER A 124 -6.65 7.82 -14.73
CA SER A 124 -6.43 8.55 -15.97
C SER A 124 -6.53 7.61 -17.16
N GLU A 125 -6.18 8.12 -18.35
CA GLU A 125 -6.25 7.33 -19.56
C GLU A 125 -5.33 6.11 -19.45
N GLU A 126 -4.23 6.27 -18.72
CA GLU A 126 -3.28 5.17 -18.54
C GLU A 126 -3.99 3.94 -17.98
N TYR A 127 -4.90 4.15 -17.04
CA TYR A 127 -5.65 3.06 -16.44
C TYR A 127 -6.51 2.36 -17.50
N ARG A 128 -7.12 3.15 -18.36
CA ARG A 128 -7.97 2.60 -19.41
C ARG A 128 -7.17 1.66 -20.31
N GLN A 129 -5.96 2.07 -20.65
CA GLN A 129 -5.10 1.24 -21.49
C GLN A 129 -4.62 0.01 -20.72
N HIS A 130 -4.31 0.20 -19.44
CA HIS A 130 -3.85 -0.90 -18.61
C HIS A 130 -4.83 -2.07 -18.67
N GLN A 131 -6.11 -1.77 -18.49
CA GLN A 131 -7.14 -2.80 -18.54
C GLN A 131 -7.20 -3.44 -19.92
N ALA A 132 -6.96 -2.63 -20.94
CA ALA A 132 -6.99 -3.13 -22.32
C ALA A 132 -5.85 -4.12 -22.55
N GLU A 133 -4.70 -3.85 -21.94
CA GLU A 133 -3.56 -4.74 -22.09
C GLU A 133 -3.85 -6.10 -21.49
N LYS A 134 -4.63 -6.11 -20.41
CA LYS A 134 -4.98 -7.37 -19.75
C LYS A 134 -5.71 -8.29 -20.71
N ASP A 135 -6.46 -7.71 -21.65
CA ASP A 135 -7.20 -8.49 -22.63
C ASP A 135 -8.18 -9.43 -21.94
N LYS A 136 -9.23 -9.82 -22.65
CA LYS A 136 -10.23 -10.71 -22.08
C LYS A 136 -9.57 -11.89 -21.37
N MET A 6 -2.02 3.19 14.03
CA MET A 6 -2.70 1.86 14.11
C MET A 6 -3.95 1.99 14.97
N GLY A 7 -5.05 2.40 14.36
CA GLY A 7 -6.31 2.56 15.09
C GLY A 7 -6.81 1.21 15.61
N CYS A 8 -7.31 1.21 16.84
CA CYS A 8 -7.82 0.00 17.46
C CYS A 8 -9.11 0.27 18.23
N GLY A 9 -10.03 -0.67 18.17
CA GLY A 9 -11.31 -0.51 18.87
C GLY A 9 -12.28 0.34 18.06
N ALA A 10 -12.04 0.42 16.76
CA ALA A 10 -12.90 1.21 15.88
C ALA A 10 -13.00 0.57 14.50
N SER A 11 -14.09 0.86 13.78
CA SER A 11 -14.28 0.30 12.46
C SER A 11 -14.20 -1.22 12.49
N SER A 12 -14.69 -1.87 11.44
CA SER A 12 -14.66 -3.32 11.36
C SER A 12 -15.26 -3.93 12.62
N GLU A 13 -15.44 -5.25 12.61
CA GLU A 13 -15.99 -5.96 13.76
C GLU A 13 -15.00 -6.95 14.32
N ASN A 14 -14.92 -7.03 15.65
CA ASN A 14 -13.99 -7.95 16.30
C ASN A 14 -12.57 -7.68 15.85
N SER A 15 -12.20 -6.40 15.76
CA SER A 15 -10.87 -6.03 15.33
C SER A 15 -10.40 -6.89 14.17
N SER A 16 -10.61 -6.41 12.94
CA SER A 16 -10.21 -7.15 11.76
C SER A 16 -10.18 -6.23 10.54
N VAL A 17 -10.54 -6.79 9.39
CA VAL A 17 -10.55 -6.00 8.15
C VAL A 17 -11.77 -6.36 7.30
N THR A 18 -12.42 -5.34 6.76
CA THR A 18 -13.60 -5.55 5.93
C THR A 18 -13.43 -4.87 4.57
N TYR A 19 -13.76 -5.59 3.51
CA TYR A 19 -13.65 -5.05 2.17
C TYR A 19 -15.04 -4.87 1.54
N VAL A 20 -15.08 -4.27 0.36
CA VAL A 20 -16.35 -4.04 -0.33
C VAL A 20 -16.22 -4.34 -1.82
N ASN A 21 -15.28 -3.65 -2.47
CA ASN A 21 -15.08 -3.83 -3.90
C ASN A 21 -14.54 -5.23 -4.20
N GLY A 22 -13.84 -5.80 -3.23
CA GLY A 22 -13.27 -7.13 -3.40
C GLY A 22 -12.21 -7.41 -2.35
N ARG A 23 -11.74 -8.65 -2.29
CA ARG A 23 -10.73 -9.04 -1.32
C ARG A 23 -9.33 -8.91 -1.92
N PRO A 24 -8.35 -8.60 -1.11
CA PRO A 24 -6.94 -8.47 -1.56
C PRO A 24 -6.32 -9.81 -1.92
N THR A 25 -5.57 -9.85 -3.01
CA THR A 25 -4.92 -11.07 -3.45
C THR A 25 -3.71 -11.38 -2.57
N PHE A 26 -3.33 -10.43 -1.74
CA PHE A 26 -2.18 -10.60 -0.86
C PHE A 26 -2.61 -10.45 0.60
N VAL A 27 -2.09 -11.32 1.46
CA VAL A 27 -2.43 -11.27 2.88
C VAL A 27 -1.19 -11.53 3.73
N GLY A 28 -0.92 -10.61 4.66
CA GLY A 28 0.23 -10.74 5.53
C GLY A 28 -0.20 -11.09 6.96
N GLU A 29 -0.13 -10.11 7.85
CA GLU A 29 -0.52 -10.32 9.23
C GLU A 29 -1.13 -9.06 9.81
N GLU A 30 -0.37 -7.97 9.79
CA GLU A 30 -0.85 -6.70 10.31
C GLU A 30 -1.44 -5.84 9.19
N VAL A 31 -2.66 -5.37 9.40
CA VAL A 31 -3.32 -4.54 8.40
C VAL A 31 -3.70 -3.18 9.00
N THR A 32 -3.44 -2.12 8.24
CA THR A 32 -3.75 -0.77 8.70
C THR A 32 -4.36 0.06 7.57
N LYS A 33 -5.46 0.72 7.85
CA LYS A 33 -6.13 1.54 6.85
C LYS A 33 -5.52 2.94 6.80
N GLY A 34 -4.96 3.30 5.65
CA GLY A 34 -4.35 4.62 5.49
C GLY A 34 -5.28 5.71 5.97
N PHE A 35 -6.24 6.08 5.13
CA PHE A 35 -7.20 7.12 5.48
C PHE A 35 -8.34 6.54 6.32
N GLU A 36 -8.52 7.09 7.51
CA GLU A 36 -9.58 6.62 8.40
C GLU A 36 -10.96 6.84 7.77
N LYS A 37 -11.05 7.86 6.92
CA LYS A 37 -12.31 8.17 6.25
C LYS A 37 -12.72 7.02 5.33
N ASP A 38 -14.02 6.93 5.06
CA ASP A 38 -14.53 5.88 4.18
C ASP A 38 -14.24 4.50 4.78
N ASN A 39 -14.26 3.48 3.92
CA ASN A 39 -14.02 2.11 4.38
C ASN A 39 -12.52 1.86 4.48
N GLY A 40 -11.74 2.93 4.57
CA GLY A 40 -10.29 2.80 4.66
C GLY A 40 -9.63 3.02 3.31
N LEU A 41 -10.40 2.84 2.24
CA LEU A 41 -9.88 3.02 0.89
C LEU A 41 -8.72 2.06 0.62
N LEU A 42 -7.55 2.37 1.17
CA LEU A 42 -6.38 1.54 0.97
C LEU A 42 -5.97 0.89 2.29
N PHE A 43 -5.70 -0.42 2.24
CA PHE A 43 -5.28 -1.15 3.42
C PHE A 43 -3.79 -1.43 3.38
N ARG A 44 -3.09 -1.07 4.46
CA ARG A 44 -1.65 -1.29 4.54
C ARG A 44 -1.35 -2.70 5.05
N ILE A 45 -1.08 -3.62 4.13
CA ILE A 45 -0.80 -5.00 4.50
C ILE A 45 0.69 -5.18 4.79
N VAL A 46 0.99 -5.81 5.91
CA VAL A 46 2.38 -6.04 6.30
C VAL A 46 2.56 -7.46 6.82
N ASN A 47 3.52 -8.18 6.22
CA ASN A 47 3.79 -9.55 6.65
C ASN A 47 5.07 -9.61 7.46
N LYS A 48 4.93 -9.68 8.78
CA LYS A 48 6.09 -9.74 9.67
C LYS A 48 7.02 -10.88 9.27
N LYS A 49 6.44 -11.93 8.71
CA LYS A 49 7.23 -13.09 8.28
C LYS A 49 8.34 -12.65 7.33
N LYS A 50 7.95 -12.26 6.12
CA LYS A 50 8.92 -11.83 5.12
C LYS A 50 9.16 -10.32 5.21
N LYS A 51 8.41 -9.67 6.10
CA LYS A 51 8.53 -8.22 6.27
C LYS A 51 8.32 -7.50 4.95
N GLN A 52 7.47 -8.05 4.10
CA GLN A 52 7.19 -7.43 2.80
C GLN A 52 5.87 -6.66 2.86
N TRP A 53 5.94 -5.37 2.51
CA TRP A 53 4.76 -4.53 2.53
C TRP A 53 3.97 -4.67 1.23
N ALA A 54 2.65 -4.59 1.32
CA ALA A 54 1.80 -4.70 0.15
C ALA A 54 0.60 -3.77 0.27
N TYR A 55 0.09 -3.32 -0.87
CA TYR A 55 -1.06 -2.42 -0.88
C TYR A 55 -2.16 -2.95 -1.80
N TYR A 56 -3.40 -2.84 -1.33
CA TYR A 56 -4.54 -3.30 -2.13
C TYR A 56 -5.51 -2.16 -2.37
N ASN A 57 -5.74 -1.84 -3.65
CA ASN A 57 -6.65 -0.76 -4.01
C ASN A 57 -8.09 -1.28 -4.12
N ASP A 58 -9.01 -0.55 -3.50
CA ASP A 58 -10.41 -0.95 -3.53
C ASP A 58 -11.22 0.02 -4.40
N THR A 59 -10.88 1.29 -4.33
CA THR A 59 -11.58 2.31 -5.10
C THR A 59 -11.50 1.99 -6.59
N THR A 60 -12.66 1.88 -7.23
CA THR A 60 -12.71 1.57 -8.66
C THR A 60 -12.86 2.85 -9.48
N GLN A 61 -12.73 4.00 -8.81
CA GLN A 61 -12.86 5.28 -9.49
C GLN A 61 -11.59 6.11 -9.30
N TYR A 62 -10.77 5.72 -8.33
CA TYR A 62 -9.53 6.43 -8.07
C TYR A 62 -8.37 5.46 -7.86
N GLU A 63 -7.18 5.86 -8.29
CA GLU A 63 -6.00 5.02 -8.12
C GLU A 63 -5.28 5.37 -6.82
N MET A 64 -4.67 4.36 -6.21
CA MET A 64 -3.96 4.55 -4.95
C MET A 64 -2.48 4.82 -5.21
N HIS A 65 -2.02 6.00 -4.81
CA HIS A 65 -0.62 6.36 -4.98
C HIS A 65 0.12 6.31 -3.64
N VAL A 66 1.16 5.48 -3.57
CA VAL A 66 1.91 5.33 -2.33
C VAL A 66 3.26 6.05 -2.43
N LEU A 67 3.59 6.81 -1.41
CA LEU A 67 4.86 7.54 -1.38
C LEU A 67 5.43 7.55 0.03
N VAL A 68 6.26 6.56 0.34
CA VAL A 68 6.86 6.46 1.66
C VAL A 68 8.36 6.71 1.60
N THR A 69 8.86 7.52 2.53
CA THR A 69 10.28 7.82 2.59
C THR A 69 10.91 7.22 3.84
N PHE A 70 12.07 6.60 3.68
CA PHE A 70 12.76 5.99 4.81
C PHE A 70 14.13 6.64 5.03
N ASN A 71 14.70 6.40 6.21
CA ASN A 71 16.01 6.96 6.53
C ASN A 71 17.13 6.11 5.92
N GLU A 72 18.27 6.72 5.70
CA GLU A 72 19.41 6.02 5.12
C GLU A 72 19.64 4.70 5.86
N ASP A 73 19.64 4.76 7.18
CA ASP A 73 19.86 3.58 7.99
C ASP A 73 18.60 2.71 8.04
N CYS A 74 18.30 2.06 6.92
CA CYS A 74 17.12 1.20 6.85
C CYS A 74 17.32 0.11 5.81
N ASP A 75 17.37 -1.14 6.27
CA ASP A 75 17.56 -2.27 5.36
C ASP A 75 16.28 -2.57 4.61
N ILE A 76 16.03 -1.82 3.53
CA ILE A 76 14.83 -2.01 2.74
C ILE A 76 15.20 -2.17 1.25
N LYS A 77 14.26 -2.71 0.48
CA LYS A 77 14.51 -2.91 -0.95
C LYS A 77 13.23 -2.65 -1.74
N ALA A 78 13.27 -2.93 -3.04
CA ALA A 78 12.11 -2.74 -3.90
C ALA A 78 11.59 -4.08 -4.40
N LEU A 79 10.27 -4.23 -4.39
CA LEU A 79 9.65 -5.48 -4.83
C LEU A 79 9.13 -5.35 -6.26
N GLY A 80 7.84 -5.07 -6.40
CA GLY A 80 7.24 -4.94 -7.72
C GLY A 80 7.93 -3.86 -8.53
N LYS A 81 7.18 -3.19 -9.39
CA LYS A 81 7.74 -2.14 -10.23
C LYS A 81 8.12 -0.92 -9.38
N THR A 82 7.90 -1.03 -8.08
CA THR A 82 8.20 0.08 -7.18
C THR A 82 9.61 0.59 -7.42
N LYS A 83 9.71 1.86 -7.79
CA LYS A 83 11.01 2.47 -8.06
C LYS A 83 11.69 2.88 -6.75
N LEU A 84 12.89 2.35 -6.52
CA LEU A 84 13.63 2.67 -5.30
C LEU A 84 14.93 3.38 -5.64
N GLU A 85 15.17 4.51 -4.99
CA GLU A 85 16.38 5.28 -5.22
C GLU A 85 16.77 6.07 -3.97
N GLN A 86 18.06 6.35 -3.84
CA GLN A 86 18.54 7.10 -2.69
C GLN A 86 18.96 8.51 -3.09
N GLN A 87 18.86 9.44 -2.17
CA GLN A 87 19.23 10.83 -2.44
C GLN A 87 20.55 11.18 -1.77
N GLU A 88 21.12 12.32 -2.16
CA GLU A 88 22.39 12.75 -1.58
C GLU A 88 22.25 12.98 -0.08
N ASN A 89 21.09 13.50 0.32
CA ASN A 89 20.82 13.78 1.73
C ASN A 89 20.88 12.48 2.54
N GLY A 90 20.63 11.37 1.88
CA GLY A 90 20.66 10.07 2.55
C GLY A 90 19.26 9.62 2.93
N GLU A 91 18.37 9.58 1.95
CA GLU A 91 17.00 9.14 2.18
C GLU A 91 16.54 8.19 1.08
N TRP A 92 15.78 7.16 1.47
CA TRP A 92 15.28 6.20 0.50
C TRP A 92 13.84 6.52 0.11
N VAL A 93 13.57 6.52 -1.19
CA VAL A 93 12.24 6.83 -1.69
C VAL A 93 11.68 5.66 -2.47
N ALA A 94 10.42 5.31 -2.19
CA ALA A 94 9.77 4.19 -2.88
C ALA A 94 8.33 4.56 -3.23
N SER A 95 8.09 4.86 -4.51
CA SER A 95 6.75 5.23 -4.95
C SER A 95 6.23 4.20 -5.95
N VAL A 96 4.91 3.95 -5.90
CA VAL A 96 4.29 3.00 -6.80
C VAL A 96 2.79 3.23 -6.85
N VAL A 97 2.21 3.08 -8.05
CA VAL A 97 0.77 3.27 -8.22
C VAL A 97 0.06 1.92 -8.32
N VAL A 98 -1.03 1.78 -7.58
CA VAL A 98 -1.79 0.53 -7.58
C VAL A 98 -3.16 0.75 -8.22
N TYR A 99 -3.50 -0.13 -9.17
CA TYR A 99 -4.79 -0.02 -9.85
C TYR A 99 -5.85 -0.85 -9.11
N PRO A 100 -7.09 -0.53 -9.32
CA PRO A 100 -8.23 -1.23 -8.66
C PRO A 100 -8.35 -2.69 -9.13
N CYS A 101 -8.92 -3.54 -8.28
CA CYS A 101 -9.10 -4.94 -8.62
C CYS A 101 -7.74 -5.59 -8.89
N GLU A 102 -6.67 -4.94 -8.44
CA GLU A 102 -5.33 -5.46 -8.63
C GLU A 102 -4.46 -5.17 -7.41
N THR A 103 -3.55 -6.09 -7.10
CA THR A 103 -2.66 -5.91 -5.96
C THR A 103 -1.20 -6.03 -6.39
N GLU A 104 -0.36 -5.16 -5.84
CA GLU A 104 1.06 -5.17 -6.19
C GLU A 104 1.92 -5.11 -4.93
N MET A 105 3.16 -5.54 -5.05
CA MET A 105 4.08 -5.53 -3.92
C MET A 105 4.73 -4.15 -3.76
N PHE A 106 5.14 -3.84 -2.54
CA PHE A 106 5.75 -2.54 -2.26
C PHE A 106 7.24 -2.71 -1.95
N ILE A 107 7.58 -2.66 -0.67
CA ILE A 107 8.96 -2.81 -0.25
C ILE A 107 9.08 -3.89 0.83
N GLU A 108 10.28 -4.42 1.00
CA GLU A 108 10.52 -5.46 2.00
C GLU A 108 11.84 -5.20 2.72
N GLY A 109 11.92 -5.69 3.97
CA GLY A 109 13.14 -5.52 4.76
C GLY A 109 12.82 -4.91 6.12
N ARG A 110 13.83 -4.33 6.75
CA ARG A 110 13.65 -3.71 8.06
C ARG A 110 13.34 -2.23 7.91
N VAL A 111 12.38 -1.74 8.69
CA VAL A 111 12.01 -0.33 8.62
C VAL A 111 12.05 0.30 10.01
N ASN A 112 12.61 1.52 10.07
CA ASN A 112 12.72 2.23 11.34
C ASN A 112 12.42 3.71 11.14
N GLY A 113 11.41 4.21 11.84
CA GLY A 113 11.04 5.62 11.72
C GLY A 113 10.98 6.04 10.26
N PHE A 114 9.78 6.04 9.70
CA PHE A 114 9.61 6.41 8.30
C PHE A 114 8.39 7.32 8.12
N LYS A 115 8.41 8.10 7.05
CA LYS A 115 7.30 9.01 6.75
C LYS A 115 6.48 8.48 5.59
N SER A 116 5.18 8.32 5.80
CA SER A 116 4.30 7.79 4.76
C SER A 116 3.38 8.89 4.23
N LYS A 117 3.22 8.92 2.91
CA LYS A 117 2.34 9.90 2.28
C LYS A 117 1.51 9.24 1.19
N MET A 118 0.18 9.26 1.36
CA MET A 118 -0.71 8.63 0.39
C MET A 118 -1.75 9.63 -0.11
N ASP A 119 -2.50 9.22 -1.13
CA ASP A 119 -3.52 10.08 -1.70
C ASP A 119 -4.45 9.27 -2.61
N ALA A 120 -5.52 9.90 -3.08
CA ALA A 120 -6.46 9.21 -3.97
C ALA A 120 -6.64 10.00 -5.27
N LEU A 121 -5.77 9.73 -6.24
CA LEU A 121 -5.83 10.41 -7.53
C LEU A 121 -6.80 9.70 -8.47
N PRO A 122 -7.41 10.43 -9.35
CA PRO A 122 -8.37 9.87 -10.35
C PRO A 122 -7.67 9.02 -11.41
N LEU A 123 -8.38 8.01 -11.91
CA LEU A 123 -7.81 7.14 -12.94
C LEU A 123 -7.70 7.88 -14.27
N SER A 124 -6.48 7.99 -14.77
CA SER A 124 -6.25 8.68 -16.04
C SER A 124 -6.42 7.72 -17.21
N GLU A 125 -6.18 8.21 -18.42
CA GLU A 125 -6.31 7.38 -19.61
C GLU A 125 -5.37 6.19 -19.54
N GLU A 126 -4.28 6.36 -18.78
CA GLU A 126 -3.30 5.28 -18.64
C GLU A 126 -3.95 4.04 -18.04
N TYR A 127 -4.82 4.24 -17.06
CA TYR A 127 -5.51 3.12 -16.43
C TYR A 127 -6.47 2.46 -17.42
N ARG A 128 -7.16 3.28 -18.19
CA ARG A 128 -8.11 2.77 -19.18
C ARG A 128 -7.42 1.79 -20.12
N GLN A 129 -6.19 2.12 -20.51
CA GLN A 129 -5.42 1.25 -21.40
C GLN A 129 -4.98 -0.01 -20.67
N HIS A 130 -4.67 0.13 -19.39
CA HIS A 130 -4.24 -1.01 -18.58
C HIS A 130 -5.33 -2.07 -18.55
N GLN A 131 -6.57 -1.65 -18.70
CA GLN A 131 -7.71 -2.58 -18.69
C GLN A 131 -7.60 -3.55 -19.85
N ALA A 132 -7.08 -3.08 -20.98
CA ALA A 132 -6.93 -3.92 -22.16
C ALA A 132 -5.88 -5.00 -21.93
N GLU A 133 -4.65 -4.57 -21.69
CA GLU A 133 -3.54 -5.50 -21.46
C GLU A 133 -3.81 -6.32 -20.20
N LYS A 134 -4.78 -5.89 -19.40
CA LYS A 134 -5.12 -6.60 -18.18
C LYS A 134 -5.24 -8.09 -18.43
N ASP A 135 -5.91 -8.44 -19.52
CA ASP A 135 -6.09 -9.85 -19.88
C ASP A 135 -5.10 -10.26 -20.96
N LYS A 136 -5.03 -11.56 -21.22
CA LYS A 136 -4.11 -12.08 -22.23
C LYS A 136 -2.68 -11.63 -21.94
N MET A 6 -6.42 0.47 32.19
CA MET A 6 -5.17 -0.04 32.82
C MET A 6 -4.24 -0.59 31.73
N GLY A 7 -4.68 -0.46 30.49
CA GLY A 7 -3.87 -0.95 29.36
C GLY A 7 -3.97 -2.46 29.23
N CYS A 8 -5.12 -3.01 29.59
CA CYS A 8 -5.33 -4.45 29.51
C CYS A 8 -5.10 -4.95 28.09
N GLY A 9 -5.53 -4.16 27.11
CA GLY A 9 -5.37 -4.53 25.72
C GLY A 9 -6.65 -4.25 24.92
N ALA A 10 -6.85 -2.98 24.56
CA ALA A 10 -8.03 -2.59 23.81
C ALA A 10 -8.01 -3.22 22.41
N SER A 11 -6.81 -3.52 21.93
CA SER A 11 -6.66 -4.13 20.61
C SER A 11 -6.90 -5.63 20.68
N SER A 12 -7.42 -6.09 21.81
CA SER A 12 -7.70 -7.51 22.00
C SER A 12 -8.58 -8.04 20.87
N GLU A 13 -9.48 -7.19 20.39
CA GLU A 13 -10.38 -7.58 19.31
C GLU A 13 -9.59 -8.03 18.09
N ASN A 14 -9.94 -9.20 17.56
CA ASN A 14 -9.26 -9.73 16.40
C ASN A 14 -9.63 -8.93 15.14
N SER A 15 -10.89 -8.52 15.07
CA SER A 15 -11.35 -7.74 13.93
C SER A 15 -10.64 -6.39 13.86
N SER A 16 -10.44 -5.89 12.65
CA SER A 16 -9.77 -4.61 12.46
C SER A 16 -9.63 -4.30 10.97
N VAL A 17 -10.35 -5.05 10.15
CA VAL A 17 -10.29 -4.84 8.70
C VAL A 17 -11.64 -5.12 8.07
N THR A 18 -12.03 -4.27 7.12
CA THR A 18 -13.31 -4.44 6.43
C THR A 18 -13.16 -4.19 4.94
N TYR A 19 -13.76 -5.07 4.14
CA TYR A 19 -13.70 -4.95 2.69
C TYR A 19 -15.09 -4.76 2.11
N VAL A 20 -15.16 -4.25 0.88
CA VAL A 20 -16.43 -4.01 0.23
C VAL A 20 -16.35 -4.34 -1.25
N ASN A 21 -15.42 -3.70 -1.95
CA ASN A 21 -15.26 -3.92 -3.38
C ASN A 21 -14.67 -5.30 -3.65
N GLY A 22 -13.96 -5.83 -2.67
CA GLY A 22 -13.34 -7.14 -2.81
C GLY A 22 -12.19 -7.32 -1.82
N ARG A 23 -11.69 -8.55 -1.72
CA ARG A 23 -10.59 -8.83 -0.80
C ARG A 23 -9.26 -8.88 -1.55
N PRO A 24 -8.26 -8.22 -1.03
CA PRO A 24 -6.90 -8.19 -1.64
C PRO A 24 -6.42 -9.57 -2.08
N THR A 25 -5.65 -9.61 -3.16
CA THR A 25 -5.11 -10.88 -3.64
C THR A 25 -3.91 -11.31 -2.81
N PHE A 26 -3.47 -10.43 -1.92
CA PHE A 26 -2.34 -10.73 -1.05
C PHE A 26 -2.73 -10.61 0.42
N VAL A 27 -2.30 -11.58 1.22
CA VAL A 27 -2.62 -11.57 2.64
C VAL A 27 -1.35 -11.72 3.48
N GLY A 28 -1.17 -10.81 4.43
CA GLY A 28 0.00 -10.85 5.30
C GLY A 28 -0.39 -11.21 6.73
N GLU A 29 -0.26 -10.24 7.63
CA GLU A 29 -0.60 -10.47 9.02
C GLU A 29 -1.17 -9.19 9.65
N GLU A 30 -0.37 -8.13 9.63
CA GLU A 30 -0.80 -6.85 10.19
C GLU A 30 -1.41 -5.97 9.10
N VAL A 31 -2.61 -5.44 9.37
CA VAL A 31 -3.28 -4.58 8.41
C VAL A 31 -3.49 -3.19 8.99
N THR A 32 -3.26 -2.17 8.18
CA THR A 32 -3.42 -0.79 8.63
C THR A 32 -3.96 0.08 7.49
N LYS A 33 -4.97 0.89 7.81
CA LYS A 33 -5.57 1.76 6.80
C LYS A 33 -4.84 3.10 6.76
N GLY A 34 -4.63 3.61 5.55
CA GLY A 34 -3.95 4.88 5.38
C GLY A 34 -4.89 6.04 5.69
N PHE A 35 -5.85 6.28 4.80
CA PHE A 35 -6.81 7.35 5.00
C PHE A 35 -7.84 6.97 6.07
N GLU A 36 -8.13 7.91 6.96
CA GLU A 36 -9.11 7.66 8.01
C GLU A 36 -10.50 8.12 7.59
N LYS A 37 -10.97 7.60 6.45
CA LYS A 37 -12.28 7.97 5.95
C LYS A 37 -12.94 6.78 5.26
N ASP A 38 -14.26 6.69 5.38
CA ASP A 38 -15.00 5.59 4.77
C ASP A 38 -14.56 4.25 5.35
N ASN A 39 -14.43 3.25 4.50
CA ASN A 39 -14.03 1.93 4.94
C ASN A 39 -12.51 1.82 4.99
N GLY A 40 -11.83 2.95 4.84
CA GLY A 40 -10.37 2.97 4.85
C GLY A 40 -9.81 3.12 3.44
N LEU A 41 -10.60 2.73 2.45
CA LEU A 41 -10.19 2.84 1.07
C LEU A 41 -8.93 2.00 0.82
N LEU A 42 -7.79 2.51 1.27
CA LEU A 42 -6.53 1.82 1.08
C LEU A 42 -6.12 1.08 2.36
N PHE A 43 -5.77 -0.20 2.21
CA PHE A 43 -5.34 -1.00 3.35
C PHE A 43 -3.86 -1.35 3.23
N ARG A 44 -3.12 -1.14 4.32
CA ARG A 44 -1.69 -1.46 4.32
C ARG A 44 -1.46 -2.89 4.79
N ILE A 45 -1.17 -3.77 3.83
CA ILE A 45 -0.94 -5.17 4.15
C ILE A 45 0.54 -5.43 4.41
N VAL A 46 0.84 -6.08 5.53
CA VAL A 46 2.22 -6.37 5.89
C VAL A 46 2.37 -7.82 6.32
N ASN A 47 3.31 -8.52 5.70
CA ASN A 47 3.56 -9.92 6.04
C ASN A 47 4.85 -10.05 6.84
N LYS A 48 4.71 -10.26 8.15
CA LYS A 48 5.87 -10.40 9.02
C LYS A 48 6.80 -11.49 8.51
N LYS A 49 6.23 -12.52 7.89
CA LYS A 49 7.02 -13.62 7.35
C LYS A 49 8.20 -13.08 6.54
N LYS A 50 7.90 -12.51 5.39
CA LYS A 50 8.95 -11.96 4.54
C LYS A 50 9.12 -10.46 4.79
N LYS A 51 8.26 -9.92 5.66
CA LYS A 51 8.32 -8.50 5.99
C LYS A 51 8.15 -7.65 4.74
N GLN A 52 7.36 -8.14 3.79
CA GLN A 52 7.14 -7.42 2.55
C GLN A 52 5.83 -6.63 2.62
N TRP A 53 5.89 -5.34 2.28
CA TRP A 53 4.71 -4.50 2.32
C TRP A 53 3.92 -4.62 1.02
N ALA A 54 2.59 -4.62 1.14
CA ALA A 54 1.73 -4.73 -0.03
C ALA A 54 0.54 -3.77 0.10
N TYR A 55 0.12 -3.19 -1.02
CA TYR A 55 -1.00 -2.26 -1.02
C TYR A 55 -2.10 -2.73 -1.94
N TYR A 56 -3.34 -2.63 -1.47
CA TYR A 56 -4.49 -3.03 -2.27
C TYR A 56 -5.50 -1.89 -2.39
N ASN A 57 -5.81 -1.50 -3.62
CA ASN A 57 -6.75 -0.41 -3.85
C ASN A 57 -8.18 -0.93 -3.88
N ASP A 58 -8.98 -0.49 -2.90
CA ASP A 58 -10.37 -0.91 -2.82
C ASP A 58 -11.24 -0.03 -3.71
N THR A 59 -10.93 1.26 -3.74
CA THR A 59 -11.69 2.20 -4.56
C THR A 59 -11.64 1.80 -6.03
N THR A 60 -12.80 1.73 -6.67
CA THR A 60 -12.87 1.34 -8.07
C THR A 60 -13.08 2.57 -8.94
N GLN A 61 -12.82 3.74 -8.40
CA GLN A 61 -12.98 4.99 -9.14
C GLN A 61 -11.72 5.84 -9.06
N TYR A 62 -10.86 5.53 -8.10
CA TYR A 62 -9.62 6.28 -7.93
C TYR A 62 -8.46 5.33 -7.68
N GLU A 63 -7.28 5.70 -8.18
CA GLU A 63 -6.08 4.89 -7.98
C GLU A 63 -5.34 5.34 -6.73
N MET A 64 -4.89 4.37 -5.94
CA MET A 64 -4.16 4.68 -4.71
C MET A 64 -2.67 4.83 -4.98
N HIS A 65 -2.15 6.03 -4.75
CA HIS A 65 -0.74 6.29 -4.97
C HIS A 65 0.04 6.13 -3.66
N VAL A 66 1.13 5.37 -3.71
CA VAL A 66 1.94 5.13 -2.52
C VAL A 66 3.26 5.90 -2.61
N LEU A 67 3.54 6.67 -1.56
CA LEU A 67 4.78 7.45 -1.52
C LEU A 67 5.33 7.49 -0.10
N VAL A 68 6.21 6.54 0.23
CA VAL A 68 6.78 6.47 1.57
C VAL A 68 8.29 6.72 1.53
N THR A 69 8.76 7.56 2.44
CA THR A 69 10.18 7.87 2.50
C THR A 69 10.80 7.24 3.75
N PHE A 70 12.00 6.69 3.59
CA PHE A 70 12.68 6.05 4.71
C PHE A 70 14.05 6.71 4.95
N ASN A 71 14.62 6.45 6.12
CA ASN A 71 15.92 7.01 6.47
C ASN A 71 17.04 6.12 5.94
N GLU A 72 18.21 6.71 5.73
CA GLU A 72 19.36 5.97 5.22
C GLU A 72 19.56 4.69 6.02
N ASP A 73 19.46 4.80 7.35
CA ASP A 73 19.64 3.64 8.21
C ASP A 73 18.39 2.78 8.21
N CYS A 74 18.14 2.11 7.08
CA CYS A 74 16.97 1.24 6.97
C CYS A 74 17.22 0.15 5.92
N ASP A 75 17.32 -1.08 6.39
CA ASP A 75 17.56 -2.20 5.48
C ASP A 75 16.28 -2.58 4.74
N ILE A 76 15.98 -1.85 3.68
CA ILE A 76 14.76 -2.10 2.91
C ILE A 76 15.11 -2.37 1.44
N LYS A 77 14.18 -3.01 0.73
CA LYS A 77 14.40 -3.32 -0.68
C LYS A 77 13.15 -2.98 -1.50
N ALA A 78 13.33 -2.92 -2.81
CA ALA A 78 12.21 -2.59 -3.70
C ALA A 78 11.61 -3.86 -4.30
N LEU A 79 10.29 -3.88 -4.44
CA LEU A 79 9.60 -5.04 -5.00
C LEU A 79 8.85 -4.64 -6.26
N GLY A 80 8.41 -5.65 -7.01
CA GLY A 80 7.65 -5.39 -8.24
C GLY A 80 8.35 -4.34 -9.09
N LYS A 81 7.57 -3.36 -9.57
CA LYS A 81 8.12 -2.31 -10.40
C LYS A 81 8.50 -1.10 -9.55
N THR A 82 8.13 -1.15 -8.28
CA THR A 82 8.42 -0.04 -7.37
C THR A 82 9.84 0.46 -7.56
N LYS A 83 9.99 1.76 -7.85
CA LYS A 83 11.30 2.34 -8.05
C LYS A 83 11.91 2.76 -6.72
N LEU A 84 13.15 2.35 -6.50
CA LEU A 84 13.85 2.68 -5.25
C LEU A 84 15.13 3.46 -5.54
N GLU A 85 15.29 4.60 -4.87
CA GLU A 85 16.48 5.42 -5.07
C GLU A 85 16.80 6.20 -3.79
N GLN A 86 18.08 6.45 -3.58
CA GLN A 86 18.52 7.21 -2.40
C GLN A 86 18.88 8.64 -2.79
N GLN A 87 18.66 9.56 -1.86
CA GLN A 87 18.97 10.97 -2.10
C GLN A 87 20.29 11.35 -1.44
N GLU A 88 20.79 12.54 -1.77
CA GLU A 88 22.04 13.02 -1.20
C GLU A 88 21.89 13.24 0.30
N ASN A 89 20.73 13.72 0.71
CA ASN A 89 20.48 13.98 2.12
C ASN A 89 20.66 12.71 2.94
N GLY A 90 20.49 11.57 2.28
CA GLY A 90 20.66 10.28 2.95
C GLY A 90 19.30 9.69 3.31
N GLU A 91 18.41 9.61 2.32
CA GLU A 91 17.09 9.04 2.54
C GLU A 91 16.68 8.15 1.36
N TRP A 92 15.84 7.16 1.63
CA TRP A 92 15.38 6.26 0.58
C TRP A 92 13.96 6.59 0.17
N VAL A 93 13.69 6.51 -1.13
CA VAL A 93 12.35 6.81 -1.64
C VAL A 93 11.81 5.64 -2.44
N ALA A 94 10.56 5.27 -2.17
CA ALA A 94 9.93 4.17 -2.88
C ALA A 94 8.49 4.51 -3.25
N SER A 95 8.25 4.77 -4.52
CA SER A 95 6.92 5.13 -4.99
C SER A 95 6.41 4.14 -6.02
N VAL A 96 5.11 3.87 -5.98
CA VAL A 96 4.50 2.94 -6.93
C VAL A 96 2.99 3.15 -6.99
N VAL A 97 2.43 3.12 -8.19
CA VAL A 97 1.00 3.32 -8.37
C VAL A 97 0.28 1.98 -8.42
N VAL A 98 -0.85 1.91 -7.72
CA VAL A 98 -1.64 0.68 -7.69
C VAL A 98 -3.01 0.91 -8.32
N TYR A 99 -3.37 0.05 -9.27
CA TYR A 99 -4.65 0.17 -9.95
C TYR A 99 -5.72 -0.63 -9.22
N PRO A 100 -6.96 -0.23 -9.36
CA PRO A 100 -8.11 -0.91 -8.68
C PRO A 100 -8.22 -2.38 -9.08
N CYS A 101 -8.75 -3.19 -8.17
CA CYS A 101 -8.91 -4.62 -8.44
C CYS A 101 -7.56 -5.25 -8.73
N GLU A 102 -6.51 -4.74 -8.11
CA GLU A 102 -5.17 -5.27 -8.31
C GLU A 102 -4.32 -5.09 -7.05
N THR A 103 -3.30 -5.93 -6.90
CA THR A 103 -2.42 -5.86 -5.74
C THR A 103 -0.97 -6.05 -6.16
N GLU A 104 -0.15 -5.04 -5.93
CA GLU A 104 1.25 -5.09 -6.30
C GLU A 104 2.15 -5.06 -5.06
N MET A 105 3.41 -5.45 -5.25
CA MET A 105 4.36 -5.46 -4.13
C MET A 105 4.95 -4.07 -3.93
N PHE A 106 5.40 -3.79 -2.71
CA PHE A 106 5.98 -2.49 -2.40
C PHE A 106 7.44 -2.65 -1.97
N ILE A 107 7.68 -2.61 -0.67
CA ILE A 107 9.03 -2.75 -0.14
C ILE A 107 9.06 -3.78 0.98
N GLU A 108 10.23 -4.36 1.21
CA GLU A 108 10.39 -5.35 2.28
C GLU A 108 11.63 -5.05 3.12
N GLY A 109 11.91 -5.91 4.09
CA GLY A 109 13.07 -5.73 4.95
C GLY A 109 12.67 -5.09 6.28
N ARG A 110 13.62 -4.43 6.92
CA ARG A 110 13.36 -3.78 8.20
C ARG A 110 13.06 -2.30 8.00
N VAL A 111 12.16 -1.76 8.81
CA VAL A 111 11.80 -0.36 8.71
C VAL A 111 11.85 0.32 10.08
N ASN A 112 12.41 1.53 10.12
CA ASN A 112 12.51 2.27 11.36
C ASN A 112 12.32 3.77 11.11
N GLY A 113 11.30 4.34 11.72
CA GLY A 113 11.02 5.77 11.56
C GLY A 113 10.98 6.13 10.07
N PHE A 114 9.77 6.27 9.53
CA PHE A 114 9.61 6.60 8.13
C PHE A 114 8.41 7.53 7.92
N LYS A 115 8.41 8.24 6.80
CA LYS A 115 7.32 9.15 6.48
C LYS A 115 6.46 8.57 5.36
N SER A 116 5.15 8.49 5.60
CA SER A 116 4.24 7.93 4.62
C SER A 116 3.31 9.00 4.05
N LYS A 117 3.13 8.99 2.73
CA LYS A 117 2.25 9.95 2.07
C LYS A 117 1.49 9.28 0.94
N MET A 118 0.16 9.36 0.99
CA MET A 118 -0.67 8.74 -0.03
C MET A 118 -1.78 9.69 -0.49
N ASP A 119 -2.39 9.35 -1.62
CA ASP A 119 -3.48 10.17 -2.16
C ASP A 119 -4.38 9.32 -3.06
N ALA A 120 -5.53 9.88 -3.44
CA ALA A 120 -6.46 9.17 -4.29
C ALA A 120 -6.72 9.94 -5.57
N LEU A 121 -5.97 9.63 -6.62
CA LEU A 121 -6.12 10.31 -7.90
C LEU A 121 -7.12 9.57 -8.79
N PRO A 122 -7.79 10.28 -9.65
CA PRO A 122 -8.80 9.68 -10.58
C PRO A 122 -8.13 8.91 -11.72
N LEU A 123 -8.65 7.71 -11.99
CA LEU A 123 -8.10 6.87 -13.05
C LEU A 123 -8.05 7.64 -14.37
N SER A 124 -6.86 7.79 -14.92
CA SER A 124 -6.69 8.50 -16.19
C SER A 124 -6.71 7.53 -17.36
N GLU A 125 -6.23 7.99 -18.51
CA GLU A 125 -6.19 7.15 -19.71
C GLU A 125 -5.27 5.95 -19.48
N GLU A 126 -4.21 6.17 -18.70
CA GLU A 126 -3.26 5.10 -18.42
C GLU A 126 -3.98 3.88 -17.84
N TYR A 127 -4.95 4.14 -16.97
CA TYR A 127 -5.71 3.05 -16.36
C TYR A 127 -6.49 2.28 -17.41
N ARG A 128 -7.07 3.01 -18.36
CA ARG A 128 -7.85 2.38 -19.42
C ARG A 128 -6.99 1.41 -20.22
N GLN A 129 -5.76 1.83 -20.51
CA GLN A 129 -4.83 0.98 -21.26
C GLN A 129 -4.40 -0.22 -20.41
N HIS A 130 -4.23 0.01 -19.11
CA HIS A 130 -3.84 -1.06 -18.20
C HIS A 130 -4.83 -2.21 -18.27
N GLN A 131 -6.09 -1.88 -18.54
CA GLN A 131 -7.13 -2.90 -18.63
C GLN A 131 -7.34 -3.33 -20.08
N ALA A 132 -7.05 -2.42 -21.00
CA ALA A 132 -7.22 -2.71 -22.42
C ALA A 132 -6.24 -3.80 -22.87
N GLU A 133 -5.01 -3.72 -22.35
CA GLU A 133 -3.98 -4.70 -22.69
C GLU A 133 -4.41 -6.10 -22.26
N LYS A 134 -5.06 -6.18 -21.10
CA LYS A 134 -5.51 -7.47 -20.58
C LYS A 134 -6.54 -8.09 -21.52
N ASP A 135 -7.23 -7.25 -22.27
CA ASP A 135 -8.25 -7.72 -23.21
C ASP A 135 -9.30 -8.53 -22.47
N LYS A 136 -10.17 -7.84 -21.74
CA LYS A 136 -11.23 -8.51 -20.99
C LYS A 136 -11.87 -9.60 -21.84
N MET A 6 -10.29 -20.51 30.62
CA MET A 6 -10.11 -20.06 29.21
C MET A 6 -9.06 -18.96 29.18
N GLY A 7 -9.22 -17.96 30.04
CA GLY A 7 -8.29 -16.84 30.09
C GLY A 7 -8.60 -15.81 29.01
N CYS A 8 -9.83 -15.85 28.50
CA CYS A 8 -10.24 -14.92 27.46
C CYS A 8 -11.75 -14.67 27.54
N GLY A 9 -12.18 -13.55 26.96
CA GLY A 9 -13.60 -13.22 26.96
C GLY A 9 -13.98 -12.44 25.70
N ALA A 10 -13.00 -11.79 25.09
CA ALA A 10 -13.24 -11.01 23.88
C ALA A 10 -14.34 -9.98 24.11
N SER A 11 -14.39 -9.44 25.32
CA SER A 11 -15.40 -8.44 25.66
C SER A 11 -15.10 -7.13 24.94
N SER A 12 -16.11 -6.25 24.88
CA SER A 12 -15.94 -4.97 24.22
C SER A 12 -15.45 -5.15 22.79
N GLU A 13 -15.57 -4.10 21.99
CA GLU A 13 -15.12 -4.15 20.60
C GLU A 13 -13.78 -3.45 20.43
N ASN A 14 -13.14 -3.69 19.29
CA ASN A 14 -11.85 -3.07 19.01
C ASN A 14 -11.73 -2.71 17.53
N SER A 15 -10.61 -2.09 17.16
CA SER A 15 -10.39 -1.70 15.78
C SER A 15 -10.19 -2.93 14.89
N SER A 16 -10.39 -2.76 13.59
CA SER A 16 -10.24 -3.86 12.65
C SER A 16 -10.17 -3.34 11.22
N VAL A 17 -10.52 -4.19 10.27
CA VAL A 17 -10.50 -3.80 8.86
C VAL A 17 -11.69 -4.40 8.12
N THR A 18 -12.32 -3.58 7.28
CA THR A 18 -13.48 -4.03 6.53
C THR A 18 -13.29 -3.76 5.04
N TYR A 19 -13.70 -4.72 4.21
CA TYR A 19 -13.58 -4.57 2.77
C TYR A 19 -14.95 -4.35 2.14
N VAL A 20 -14.96 -3.87 0.89
CA VAL A 20 -16.20 -3.61 0.20
C VAL A 20 -16.09 -3.98 -1.28
N ASN A 21 -15.06 -3.45 -1.94
CA ASN A 21 -14.86 -3.70 -3.36
C ASN A 21 -14.19 -5.06 -3.56
N GLY A 22 -13.95 -5.78 -2.47
CA GLY A 22 -13.33 -7.09 -2.55
C GLY A 22 -12.12 -7.17 -1.62
N ARG A 23 -11.65 -8.39 -1.37
CA ARG A 23 -10.50 -8.60 -0.50
C ARG A 23 -9.21 -8.64 -1.32
N PRO A 24 -8.18 -8.01 -0.83
CA PRO A 24 -6.85 -7.98 -1.53
C PRO A 24 -6.44 -9.36 -2.05
N THR A 25 -5.71 -9.37 -3.16
CA THR A 25 -5.24 -10.62 -3.74
C THR A 25 -4.09 -11.19 -2.91
N PHE A 26 -3.34 -10.31 -2.26
CA PHE A 26 -2.22 -10.73 -1.44
C PHE A 26 -2.65 -10.91 0.02
N VAL A 27 -2.12 -11.94 0.68
CA VAL A 27 -2.47 -12.21 2.06
C VAL A 27 -1.34 -11.75 2.99
N GLY A 28 -1.66 -11.52 4.25
CA GLY A 28 -0.68 -11.08 5.23
C GLY A 28 -1.19 -11.26 6.65
N GLU A 29 -0.85 -10.33 7.52
CA GLU A 29 -1.29 -10.40 8.91
C GLU A 29 -1.69 -9.01 9.41
N GLU A 30 -0.71 -8.11 9.51
CA GLU A 30 -0.99 -6.76 9.96
C GLU A 30 -1.62 -5.94 8.85
N VAL A 31 -2.89 -5.57 9.04
CA VAL A 31 -3.61 -4.79 8.04
C VAL A 31 -4.22 -3.54 8.67
N THR A 32 -4.00 -2.40 8.03
CA THR A 32 -4.55 -1.14 8.52
C THR A 32 -4.90 -0.22 7.37
N LYS A 33 -5.76 0.76 7.64
CA LYS A 33 -6.19 1.69 6.59
C LYS A 33 -5.39 2.98 6.68
N GLY A 34 -4.92 3.47 5.54
CA GLY A 34 -4.15 4.70 5.49
C GLY A 34 -5.01 5.90 5.90
N PHE A 35 -6.01 6.20 5.08
CA PHE A 35 -6.91 7.32 5.37
C PHE A 35 -7.97 6.89 6.38
N GLU A 36 -8.37 7.83 7.23
CA GLU A 36 -9.38 7.54 8.24
C GLU A 36 -10.78 7.78 7.67
N LYS A 37 -10.86 7.99 6.36
CA LYS A 37 -12.14 8.24 5.72
C LYS A 37 -12.66 6.96 5.07
N ASP A 38 -13.97 6.90 4.85
CA ASP A 38 -14.58 5.73 4.24
C ASP A 38 -14.13 4.46 4.93
N ASN A 39 -14.43 3.31 4.32
CA ASN A 39 -14.05 2.02 4.90
C ASN A 39 -12.56 2.00 5.22
N GLY A 40 -11.77 2.68 4.38
CA GLY A 40 -10.33 2.73 4.57
C GLY A 40 -9.62 3.07 3.27
N LEU A 41 -10.32 2.89 2.15
CA LEU A 41 -9.74 3.19 0.84
C LEU A 41 -8.51 2.33 0.59
N LEU A 42 -7.39 2.73 1.19
CA LEU A 42 -6.14 1.99 1.02
C LEU A 42 -5.82 1.18 2.27
N PHE A 43 -5.51 -0.09 2.08
CA PHE A 43 -5.16 -0.97 3.20
C PHE A 43 -3.69 -1.34 3.14
N ARG A 44 -3.00 -1.16 4.27
CA ARG A 44 -1.58 -1.48 4.35
C ARG A 44 -1.37 -2.94 4.76
N ILE A 45 -1.04 -3.78 3.79
CA ILE A 45 -0.82 -5.20 4.06
C ILE A 45 0.67 -5.47 4.28
N VAL A 46 0.97 -6.09 5.41
CA VAL A 46 2.37 -6.40 5.74
C VAL A 46 2.51 -7.84 6.21
N ASN A 47 3.49 -8.55 5.66
CA ASN A 47 3.73 -9.94 6.04
C ASN A 47 5.02 -10.06 6.83
N LYS A 48 4.90 -10.18 8.15
CA LYS A 48 6.06 -10.29 9.02
C LYS A 48 6.95 -11.44 8.58
N LYS A 49 6.33 -12.47 8.00
CA LYS A 49 7.09 -13.64 7.54
C LYS A 49 8.22 -13.22 6.61
N LYS A 50 7.88 -12.47 5.56
CA LYS A 50 8.89 -12.01 4.62
C LYS A 50 9.14 -10.51 4.79
N LYS A 51 8.40 -9.90 5.71
CA LYS A 51 8.55 -8.48 5.96
C LYS A 51 8.35 -7.67 4.68
N GLN A 52 7.54 -8.22 3.77
CA GLN A 52 7.27 -7.53 2.51
C GLN A 52 5.96 -6.76 2.58
N TRP A 53 6.02 -5.47 2.30
CA TRP A 53 4.83 -4.64 2.33
C TRP A 53 4.03 -4.77 1.04
N ALA A 54 2.71 -4.65 1.15
CA ALA A 54 1.84 -4.75 -0.02
C ALA A 54 0.68 -3.78 0.09
N TYR A 55 0.24 -3.25 -1.04
CA TYR A 55 -0.87 -2.30 -1.06
C TYR A 55 -1.98 -2.78 -1.98
N TYR A 56 -3.23 -2.61 -1.55
CA TYR A 56 -4.37 -3.03 -2.34
C TYR A 56 -5.37 -1.87 -2.49
N ASN A 57 -5.74 -1.58 -3.74
CA ASN A 57 -6.67 -0.50 -4.01
C ASN A 57 -8.11 -1.01 -4.08
N ASP A 58 -8.98 -0.43 -3.27
CA ASP A 58 -10.38 -0.83 -3.26
C ASP A 58 -11.21 0.10 -4.13
N THR A 59 -10.87 1.38 -4.11
CA THR A 59 -11.60 2.37 -4.91
C THR A 59 -11.50 2.03 -6.40
N THR A 60 -12.66 1.79 -7.01
CA THR A 60 -12.69 1.45 -8.43
C THR A 60 -12.78 2.71 -9.29
N GLN A 61 -12.75 3.86 -8.63
CA GLN A 61 -12.84 5.14 -9.34
C GLN A 61 -11.50 5.86 -9.29
N TYR A 62 -10.88 5.87 -8.12
CA TYR A 62 -9.60 6.55 -7.95
C TYR A 62 -8.50 5.53 -7.60
N GLU A 63 -7.29 5.80 -8.09
CA GLU A 63 -6.15 4.93 -7.81
C GLU A 63 -5.42 5.41 -6.56
N MET A 64 -4.83 4.47 -5.83
CA MET A 64 -4.10 4.81 -4.61
C MET A 64 -2.60 4.92 -4.88
N HIS A 65 -2.06 6.11 -4.67
CA HIS A 65 -0.63 6.34 -4.89
C HIS A 65 0.13 6.24 -3.56
N VAL A 66 1.16 5.39 -3.54
CA VAL A 66 1.94 5.20 -2.33
C VAL A 66 3.26 5.95 -2.41
N LEU A 67 3.56 6.71 -1.36
CA LEU A 67 4.81 7.47 -1.32
C LEU A 67 5.37 7.49 0.10
N VAL A 68 6.22 6.51 0.40
CA VAL A 68 6.81 6.40 1.74
C VAL A 68 8.32 6.67 1.69
N THR A 69 8.77 7.55 2.57
CA THR A 69 10.20 7.87 2.63
C THR A 69 10.82 7.28 3.89
N PHE A 70 11.99 6.66 3.73
CA PHE A 70 12.68 6.05 4.86
C PHE A 70 14.04 6.72 5.09
N ASN A 71 14.63 6.46 6.25
CA ASN A 71 15.93 7.03 6.58
C ASN A 71 17.04 6.23 5.92
N GLU A 72 18.18 6.89 5.70
CA GLU A 72 19.32 6.22 5.08
C GLU A 72 19.59 4.87 5.75
N ASP A 73 19.65 4.88 7.08
CA ASP A 73 19.90 3.66 7.83
C ASP A 73 18.63 2.81 7.92
N CYS A 74 18.32 2.10 6.85
CA CYS A 74 17.13 1.25 6.84
C CYS A 74 17.30 0.11 5.83
N ASP A 75 17.32 -1.11 6.34
CA ASP A 75 17.49 -2.29 5.48
C ASP A 75 16.18 -2.62 4.77
N ILE A 76 15.90 -1.89 3.69
CA ILE A 76 14.67 -2.11 2.93
C ILE A 76 14.99 -2.44 1.48
N LYS A 77 14.05 -3.11 0.81
CA LYS A 77 14.24 -3.48 -0.59
C LYS A 77 13.04 -3.05 -1.43
N ALA A 78 13.24 -3.01 -2.75
CA ALA A 78 12.16 -2.61 -3.66
C ALA A 78 11.55 -3.84 -4.32
N LEU A 79 10.23 -3.91 -4.32
CA LEU A 79 9.52 -5.02 -4.94
C LEU A 79 8.80 -4.58 -6.21
N GLY A 80 8.31 -5.54 -6.97
CA GLY A 80 7.57 -5.23 -8.20
C GLY A 80 8.25 -4.09 -8.96
N LYS A 81 7.44 -3.16 -9.47
CA LYS A 81 7.96 -2.04 -10.22
C LYS A 81 8.36 -0.90 -9.27
N THR A 82 8.13 -1.11 -7.98
CA THR A 82 8.46 -0.10 -6.99
C THR A 82 9.85 0.47 -7.24
N LYS A 83 9.90 1.74 -7.59
CA LYS A 83 11.17 2.41 -7.85
C LYS A 83 11.83 2.85 -6.55
N LEU A 84 13.05 2.38 -6.30
CA LEU A 84 13.76 2.73 -5.08
C LEU A 84 15.03 3.49 -5.42
N GLU A 85 15.24 4.63 -4.75
CA GLU A 85 16.42 5.44 -4.98
C GLU A 85 16.77 6.25 -3.73
N GLN A 86 18.04 6.61 -3.60
CA GLN A 86 18.50 7.38 -2.45
C GLN A 86 18.75 8.83 -2.84
N GLN A 87 18.60 9.73 -1.88
CA GLN A 87 18.82 11.15 -2.13
C GLN A 87 20.15 11.60 -1.55
N GLU A 88 20.59 12.80 -1.92
CA GLU A 88 21.86 13.33 -1.42
C GLU A 88 21.78 13.56 0.08
N ASN A 89 20.61 14.00 0.55
CA ASN A 89 20.42 14.25 1.98
C ASN A 89 20.63 12.98 2.79
N GLY A 90 20.42 11.83 2.14
CA GLY A 90 20.60 10.55 2.81
C GLY A 90 19.26 9.96 3.23
N GLU A 91 18.38 9.74 2.26
CA GLU A 91 17.06 9.16 2.53
C GLU A 91 16.63 8.25 1.39
N TRP A 92 15.81 7.25 1.72
CA TRP A 92 15.33 6.30 0.72
C TRP A 92 13.88 6.61 0.36
N VAL A 93 13.56 6.52 -0.93
CA VAL A 93 12.22 6.79 -1.40
C VAL A 93 11.69 5.64 -2.24
N ALA A 94 10.45 5.24 -1.97
CA ALA A 94 9.83 4.15 -2.73
C ALA A 94 8.40 4.50 -3.09
N SER A 95 8.18 4.82 -4.37
CA SER A 95 6.85 5.20 -4.83
C SER A 95 6.34 4.20 -5.86
N VAL A 96 5.03 3.96 -5.84
CA VAL A 96 4.42 3.03 -6.79
C VAL A 96 2.91 3.25 -6.85
N VAL A 97 2.34 3.03 -8.03
CA VAL A 97 0.91 3.22 -8.22
C VAL A 97 0.19 1.88 -8.22
N VAL A 98 -0.93 1.81 -7.49
CA VAL A 98 -1.70 0.57 -7.41
C VAL A 98 -3.05 0.74 -8.10
N TYR A 99 -3.38 -0.19 -8.99
CA TYR A 99 -4.65 -0.14 -9.70
C TYR A 99 -5.71 -0.95 -8.96
N PRO A 100 -6.95 -0.58 -9.13
CA PRO A 100 -8.09 -1.26 -8.45
C PRO A 100 -8.16 -2.75 -8.78
N CYS A 101 -8.87 -3.51 -7.95
CA CYS A 101 -9.00 -4.94 -8.17
C CYS A 101 -7.66 -5.55 -8.55
N GLU A 102 -6.58 -4.94 -8.08
CA GLU A 102 -5.24 -5.43 -8.38
C GLU A 102 -4.28 -5.12 -7.22
N THR A 103 -3.58 -6.15 -6.76
CA THR A 103 -2.62 -5.98 -5.67
C THR A 103 -1.20 -6.06 -6.18
N GLU A 104 -0.34 -5.16 -5.70
CA GLU A 104 1.05 -5.13 -6.13
C GLU A 104 1.99 -5.14 -4.93
N MET A 105 3.26 -5.44 -5.17
CA MET A 105 4.25 -5.46 -4.10
C MET A 105 4.84 -4.07 -3.89
N PHE A 106 5.34 -3.82 -2.68
CA PHE A 106 5.93 -2.53 -2.36
C PHE A 106 7.40 -2.68 -1.99
N ILE A 107 7.69 -2.60 -0.71
CA ILE A 107 9.08 -2.74 -0.24
C ILE A 107 9.18 -3.84 0.81
N GLU A 108 10.38 -4.41 0.95
CA GLU A 108 10.60 -5.48 1.91
C GLU A 108 11.87 -5.22 2.71
N GLY A 109 11.96 -5.85 3.88
CA GLY A 109 13.14 -5.67 4.73
C GLY A 109 12.75 -5.03 6.07
N ARG A 110 13.74 -4.47 6.75
CA ARG A 110 13.50 -3.83 8.04
C ARG A 110 13.22 -2.34 7.86
N VAL A 111 12.29 -1.82 8.65
CA VAL A 111 11.94 -0.41 8.57
C VAL A 111 12.09 0.27 9.92
N ASN A 112 12.68 1.47 9.92
CA ASN A 112 12.88 2.21 11.15
C ASN A 112 12.80 3.72 10.87
N GLY A 113 11.83 4.38 11.49
CA GLY A 113 11.66 5.81 11.31
C GLY A 113 11.45 6.13 9.83
N PHE A 114 10.20 6.34 9.44
CA PHE A 114 9.88 6.65 8.05
C PHE A 114 8.60 7.46 7.96
N LYS A 115 8.45 8.19 6.86
CA LYS A 115 7.26 9.00 6.65
C LYS A 115 6.41 8.41 5.53
N SER A 116 5.10 8.35 5.76
CA SER A 116 4.18 7.79 4.76
C SER A 116 3.24 8.85 4.23
N LYS A 117 3.07 8.87 2.91
CA LYS A 117 2.19 9.83 2.26
C LYS A 117 1.41 9.15 1.14
N MET A 118 0.08 9.26 1.18
CA MET A 118 -0.76 8.63 0.17
C MET A 118 -1.81 9.61 -0.35
N ASP A 119 -2.52 9.20 -1.40
CA ASP A 119 -3.55 10.04 -1.98
C ASP A 119 -4.47 9.21 -2.88
N ALA A 120 -5.56 9.82 -3.34
CA ALA A 120 -6.49 9.11 -4.21
C ALA A 120 -6.71 9.89 -5.51
N LEU A 121 -5.95 9.52 -6.54
CA LEU A 121 -6.06 10.20 -7.82
C LEU A 121 -7.06 9.48 -8.72
N PRO A 122 -7.68 10.20 -9.62
CA PRO A 122 -8.67 9.61 -10.58
C PRO A 122 -8.00 8.79 -11.67
N LEU A 123 -8.52 7.59 -11.91
CA LEU A 123 -7.96 6.71 -12.93
C LEU A 123 -7.85 7.44 -14.25
N SER A 124 -6.63 7.64 -14.73
CA SER A 124 -6.41 8.33 -15.99
C SER A 124 -6.49 7.36 -17.16
N GLU A 125 -6.13 7.82 -18.35
CA GLU A 125 -6.17 6.99 -19.53
C GLU A 125 -5.22 5.79 -19.38
N GLU A 126 -4.18 5.97 -18.59
CA GLU A 126 -3.21 4.92 -18.37
C GLU A 126 -3.89 3.67 -17.81
N TYR A 127 -4.81 3.87 -16.87
CA TYR A 127 -5.54 2.76 -16.27
C TYR A 127 -6.43 2.08 -17.31
N ARG A 128 -7.09 2.89 -18.13
CA ARG A 128 -7.96 2.35 -19.17
C ARG A 128 -7.20 1.40 -20.07
N GLN A 129 -5.98 1.78 -20.44
CA GLN A 129 -5.15 0.94 -21.28
C GLN A 129 -4.70 -0.31 -20.53
N HIS A 130 -4.41 -0.14 -19.25
CA HIS A 130 -3.97 -1.26 -18.42
C HIS A 130 -5.00 -2.39 -18.47
N GLN A 131 -6.27 -2.02 -18.66
CA GLN A 131 -7.33 -3.00 -18.73
C GLN A 131 -7.14 -3.93 -19.93
N ALA A 132 -6.38 -3.46 -20.90
CA ALA A 132 -6.12 -4.24 -22.11
C ALA A 132 -5.58 -5.62 -21.74
N GLU A 133 -4.74 -5.66 -20.71
CA GLU A 133 -4.15 -6.92 -20.27
C GLU A 133 -5.22 -7.85 -19.71
N LYS A 134 -6.26 -7.27 -19.14
CA LYS A 134 -7.34 -8.06 -18.56
C LYS A 134 -8.30 -8.54 -19.66
N ASP A 135 -9.43 -7.86 -19.80
CA ASP A 135 -10.42 -8.23 -20.80
C ASP A 135 -10.93 -6.99 -21.54
N LYS A 136 -10.07 -5.98 -21.65
CA LYS A 136 -10.45 -4.75 -22.33
C LYS A 136 -11.70 -4.16 -21.71
N MET A 6 3.28 10.59 18.88
CA MET A 6 2.01 11.19 18.36
C MET A 6 1.23 10.13 17.60
N GLY A 7 0.37 9.41 18.32
CA GLY A 7 -0.45 8.37 17.70
C GLY A 7 -1.68 8.97 17.02
N CYS A 8 -2.51 8.11 16.46
CA CYS A 8 -3.72 8.56 15.77
C CYS A 8 -4.61 9.35 16.73
N GLY A 9 -4.69 8.88 17.97
CA GLY A 9 -5.51 9.55 18.97
C GLY A 9 -6.96 9.10 18.88
N ALA A 10 -7.21 8.08 18.07
CA ALA A 10 -8.56 7.55 17.91
C ALA A 10 -8.89 6.56 19.02
N SER A 11 -9.90 6.90 19.82
CA SER A 11 -10.31 6.04 20.92
C SER A 11 -10.83 4.71 20.39
N SER A 12 -11.42 4.74 19.20
CA SER A 12 -11.96 3.53 18.59
C SER A 12 -10.84 2.69 17.98
N GLU A 13 -11.06 1.39 17.89
CA GLU A 13 -10.07 0.49 17.33
C GLU A 13 -10.73 -0.52 16.38
N ASN A 14 -10.63 -0.25 15.08
CA ASN A 14 -11.22 -1.13 14.09
C ASN A 14 -10.65 -2.54 14.21
N SER A 15 -9.36 -2.62 14.49
CA SER A 15 -8.70 -3.91 14.64
C SER A 15 -8.93 -4.77 13.40
N SER A 16 -10.08 -5.43 13.35
CA SER A 16 -10.41 -6.29 12.21
C SER A 16 -10.52 -5.46 10.93
N VAL A 17 -10.64 -6.14 9.80
CA VAL A 17 -10.76 -5.46 8.52
C VAL A 17 -11.89 -6.06 7.70
N THR A 18 -12.69 -5.22 7.07
CA THR A 18 -13.80 -5.68 6.25
C THR A 18 -13.72 -5.10 4.85
N TYR A 19 -13.78 -5.97 3.85
CA TYR A 19 -13.71 -5.54 2.45
C TYR A 19 -15.10 -5.48 1.84
N VAL A 20 -15.22 -4.84 0.69
CA VAL A 20 -16.52 -4.71 0.02
C VAL A 20 -16.36 -4.92 -1.49
N ASN A 21 -15.55 -4.09 -2.12
CA ASN A 21 -15.34 -4.19 -3.56
C ASN A 21 -14.67 -5.51 -3.92
N GLY A 22 -13.91 -6.05 -2.98
CA GLY A 22 -13.21 -7.32 -3.21
C GLY A 22 -12.15 -7.55 -2.14
N ARG A 23 -11.71 -8.80 -2.02
CA ARG A 23 -10.69 -9.15 -1.03
C ARG A 23 -9.29 -9.04 -1.63
N PRO A 24 -8.32 -8.74 -0.82
CA PRO A 24 -6.91 -8.59 -1.28
C PRO A 24 -6.29 -9.93 -1.65
N THR A 25 -5.54 -9.95 -2.76
CA THR A 25 -4.90 -11.17 -3.23
C THR A 25 -3.69 -11.51 -2.35
N PHE A 26 -3.39 -10.61 -1.42
CA PHE A 26 -2.25 -10.82 -0.51
C PHE A 26 -2.68 -10.65 0.94
N VAL A 27 -2.18 -11.52 1.81
CA VAL A 27 -2.52 -11.45 3.22
C VAL A 27 -1.27 -11.60 4.08
N GLY A 28 -1.07 -10.65 4.99
CA GLY A 28 0.10 -10.70 5.87
C GLY A 28 -0.32 -10.95 7.32
N GLU A 29 -0.17 -9.95 8.17
CA GLU A 29 -0.54 -10.08 9.57
C GLU A 29 -1.07 -8.76 10.11
N GLU A 30 -0.24 -7.73 10.07
CA GLU A 30 -0.64 -6.41 10.54
C GLU A 30 -1.28 -5.61 9.42
N VAL A 31 -2.55 -5.27 9.58
CA VAL A 31 -3.27 -4.52 8.56
C VAL A 31 -3.74 -3.18 9.11
N THR A 32 -3.58 -2.12 8.32
CA THR A 32 -4.00 -0.80 8.74
C THR A 32 -4.73 -0.08 7.61
N LYS A 33 -5.31 1.07 7.91
CA LYS A 33 -6.04 1.84 6.91
C LYS A 33 -5.40 3.21 6.71
N GLY A 34 -4.58 3.34 5.68
CA GLY A 34 -3.92 4.61 5.39
C GLY A 34 -4.88 5.77 5.62
N PHE A 35 -5.86 5.91 4.75
CA PHE A 35 -6.84 6.99 4.87
C PHE A 35 -7.84 6.68 5.98
N GLU A 36 -8.11 7.68 6.82
CA GLU A 36 -9.05 7.51 7.91
C GLU A 36 -10.47 7.84 7.46
N LYS A 37 -10.63 8.11 6.16
CA LYS A 37 -11.93 8.45 5.62
C LYS A 37 -12.53 7.24 4.88
N ASP A 38 -13.85 7.16 4.87
CA ASP A 38 -14.54 6.07 4.20
C ASP A 38 -14.10 4.73 4.76
N ASN A 39 -14.35 3.66 4.02
CA ASN A 39 -13.97 2.32 4.46
C ASN A 39 -12.46 2.14 4.41
N GLY A 40 -11.73 3.18 4.81
CA GLY A 40 -10.27 3.11 4.82
C GLY A 40 -9.72 3.19 3.40
N LEU A 41 -10.56 2.86 2.43
CA LEU A 41 -10.15 2.89 1.03
C LEU A 41 -8.97 1.94 0.78
N LEU A 42 -7.78 2.37 1.17
CA LEU A 42 -6.59 1.55 0.98
C LEU A 42 -6.16 0.92 2.30
N PHE A 43 -5.82 -0.36 2.25
CA PHE A 43 -5.38 -1.08 3.44
C PHE A 43 -3.89 -1.41 3.35
N ARG A 44 -3.16 -1.13 4.43
CA ARG A 44 -1.73 -1.40 4.45
C ARG A 44 -1.46 -2.81 4.98
N ILE A 45 -1.21 -3.73 4.06
CA ILE A 45 -0.95 -5.12 4.45
C ILE A 45 0.53 -5.34 4.67
N VAL A 46 0.87 -5.96 5.80
CA VAL A 46 2.27 -6.23 6.13
C VAL A 46 2.45 -7.66 6.60
N ASN A 47 3.39 -8.36 5.99
CA ASN A 47 3.66 -9.75 6.35
C ASN A 47 5.01 -9.85 7.08
N LYS A 48 4.95 -10.02 8.39
CA LYS A 48 6.16 -10.11 9.21
C LYS A 48 7.05 -11.25 8.71
N LYS A 49 6.44 -12.30 8.20
CA LYS A 49 7.18 -13.45 7.70
C LYS A 49 8.28 -13.00 6.74
N LYS A 50 7.90 -12.27 5.71
CA LYS A 50 8.86 -11.79 4.73
C LYS A 50 9.07 -10.28 4.88
N LYS A 51 8.29 -9.67 5.78
CA LYS A 51 8.40 -8.23 6.02
C LYS A 51 8.17 -7.46 4.72
N GLN A 52 7.34 -8.00 3.85
CA GLN A 52 7.03 -7.35 2.58
C GLN A 52 5.71 -6.59 2.68
N TRP A 53 5.75 -5.30 2.38
CA TRP A 53 4.55 -4.47 2.45
C TRP A 53 3.72 -4.63 1.17
N ALA A 54 2.41 -4.57 1.31
CA ALA A 54 1.51 -4.71 0.17
C ALA A 54 0.32 -3.78 0.33
N TYR A 55 -0.18 -3.25 -0.79
CA TYR A 55 -1.33 -2.35 -0.75
C TYR A 55 -2.46 -2.88 -1.62
N TYR A 56 -3.69 -2.78 -1.12
CA TYR A 56 -4.85 -3.24 -1.86
C TYR A 56 -5.84 -2.09 -2.06
N ASN A 57 -6.27 -1.90 -3.30
CA ASN A 57 -7.21 -0.83 -3.60
C ASN A 57 -8.64 -1.36 -3.64
N ASP A 58 -9.49 -0.81 -2.77
CA ASP A 58 -10.88 -1.24 -2.70
C ASP A 58 -11.73 -0.47 -3.70
N THR A 59 -11.41 0.81 -3.86
CA THR A 59 -12.16 1.66 -4.79
C THR A 59 -12.12 1.08 -6.20
N THR A 60 -12.99 1.58 -7.07
CA THR A 60 -13.05 1.09 -8.45
C THR A 60 -12.98 2.26 -9.42
N GLN A 61 -12.75 3.46 -8.90
CA GLN A 61 -12.67 4.65 -9.73
C GLN A 61 -11.55 5.57 -9.25
N TYR A 62 -10.84 5.13 -8.22
CA TYR A 62 -9.74 5.92 -7.67
C TYR A 62 -8.46 5.10 -7.63
N GLU A 63 -7.37 5.69 -8.14
CA GLU A 63 -6.07 5.03 -8.10
C GLU A 63 -5.30 5.42 -6.85
N MET A 64 -4.73 4.43 -6.18
CA MET A 64 -3.99 4.67 -4.94
C MET A 64 -2.52 4.90 -5.24
N HIS A 65 -2.00 6.05 -4.79
CA HIS A 65 -0.59 6.36 -4.98
C HIS A 65 0.16 6.31 -3.66
N VAL A 66 1.13 5.41 -3.56
CA VAL A 66 1.90 5.25 -2.33
C VAL A 66 3.23 6.00 -2.43
N LEU A 67 3.55 6.78 -1.41
CA LEU A 67 4.80 7.52 -1.38
C LEU A 67 5.37 7.55 0.04
N VAL A 68 6.25 6.58 0.33
CA VAL A 68 6.84 6.49 1.66
C VAL A 68 8.34 6.76 1.60
N THR A 69 8.83 7.58 2.52
CA THR A 69 10.25 7.90 2.57
C THR A 69 10.91 7.20 3.77
N PHE A 70 12.14 6.72 3.56
CA PHE A 70 12.85 6.03 4.63
C PHE A 70 14.20 6.70 4.88
N ASN A 71 14.83 6.37 6.00
CA ASN A 71 16.13 6.92 6.34
C ASN A 71 17.25 6.11 5.70
N GLU A 72 18.41 6.73 5.53
CA GLU A 72 19.56 6.06 4.93
C GLU A 72 19.76 4.69 5.56
N ASP A 73 19.82 4.67 6.89
CA ASP A 73 20.04 3.42 7.62
C ASP A 73 18.73 2.63 7.71
N CYS A 74 18.38 1.94 6.63
CA CYS A 74 17.16 1.14 6.60
C CYS A 74 17.29 0.01 5.59
N ASP A 75 17.29 -1.22 6.10
CA ASP A 75 17.41 -2.39 5.22
C ASP A 75 16.08 -2.67 4.54
N ILE A 76 15.82 -1.94 3.46
CA ILE A 76 14.56 -2.10 2.72
C ILE A 76 14.84 -2.45 1.26
N LYS A 77 13.87 -3.10 0.61
CA LYS A 77 14.03 -3.48 -0.78
C LYS A 77 12.81 -3.05 -1.60
N ALA A 78 12.97 -3.02 -2.92
CA ALA A 78 11.88 -2.63 -3.80
C ALA A 78 11.24 -3.85 -4.44
N LEU A 79 9.91 -3.89 -4.41
CA LEU A 79 9.18 -5.01 -5.00
C LEU A 79 8.49 -4.59 -6.29
N GLY A 80 7.93 -5.57 -7.00
CA GLY A 80 7.23 -5.29 -8.25
C GLY A 80 7.99 -4.25 -9.07
N LYS A 81 7.26 -3.31 -9.68
CA LYS A 81 7.88 -2.28 -10.49
C LYS A 81 8.19 -1.05 -9.64
N THR A 82 7.97 -1.16 -8.33
CA THR A 82 8.21 -0.04 -7.43
C THR A 82 9.60 0.54 -7.66
N LYS A 83 9.65 1.82 -8.00
CA LYS A 83 10.93 2.49 -8.24
C LYS A 83 11.59 2.87 -6.93
N LEU A 84 12.84 2.45 -6.77
CA LEU A 84 13.59 2.75 -5.55
C LEU A 84 14.87 3.50 -5.87
N GLU A 85 15.08 4.62 -5.18
CA GLU A 85 16.27 5.43 -5.40
C GLU A 85 16.63 6.21 -4.14
N GLN A 86 17.92 6.44 -3.93
CA GLN A 86 18.39 7.17 -2.77
C GLN A 86 18.75 8.61 -3.16
N GLN A 87 18.61 9.52 -2.20
CA GLN A 87 18.93 10.93 -2.45
C GLN A 87 20.24 11.30 -1.79
N GLU A 88 20.76 12.48 -2.12
CA GLU A 88 22.01 12.95 -1.55
C GLU A 88 21.87 13.17 -0.04
N ASN A 89 20.71 13.68 0.37
CA ASN A 89 20.46 13.92 1.79
C ASN A 89 20.64 12.65 2.59
N GLY A 90 20.46 11.51 1.94
CA GLY A 90 20.63 10.22 2.60
C GLY A 90 19.26 9.63 2.97
N GLU A 91 18.38 9.54 1.98
CA GLU A 91 17.05 8.97 2.20
C GLU A 91 16.64 8.10 1.02
N TRP A 92 15.82 7.09 1.29
CA TRP A 92 15.35 6.19 0.24
C TRP A 92 13.91 6.52 -0.13
N VAL A 93 13.64 6.59 -1.43
CA VAL A 93 12.30 6.90 -1.91
C VAL A 93 11.71 5.72 -2.66
N ALA A 94 10.44 5.41 -2.37
CA ALA A 94 9.77 4.30 -3.03
C ALA A 94 8.32 4.66 -3.32
N SER A 95 8.01 4.82 -4.61
CA SER A 95 6.64 5.18 -5.01
C SER A 95 6.10 4.17 -6.01
N VAL A 96 4.79 3.92 -5.93
CA VAL A 96 4.15 2.99 -6.85
C VAL A 96 2.64 3.21 -6.86
N VAL A 97 2.04 3.08 -8.04
CA VAL A 97 0.60 3.28 -8.17
C VAL A 97 -0.12 1.94 -8.24
N VAL A 98 -1.21 1.81 -7.48
CA VAL A 98 -1.99 0.59 -7.46
C VAL A 98 -3.33 0.79 -8.16
N TYR A 99 -3.66 -0.11 -9.08
CA TYR A 99 -4.92 -0.01 -9.82
C TYR A 99 -6.01 -0.82 -9.11
N PRO A 100 -7.24 -0.41 -9.27
CA PRO A 100 -8.41 -1.09 -8.63
C PRO A 100 -8.58 -2.52 -9.13
N CYS A 101 -9.15 -3.37 -8.28
CA CYS A 101 -9.37 -4.77 -8.64
C CYS A 101 -8.03 -5.46 -8.91
N GLU A 102 -6.97 -4.96 -8.27
CA GLU A 102 -5.65 -5.54 -8.45
C GLU A 102 -4.77 -5.24 -7.24
N THR A 103 -3.75 -6.07 -7.03
CA THR A 103 -2.84 -5.89 -5.91
C THR A 103 -1.40 -5.89 -6.39
N GLU A 104 -0.60 -4.98 -5.85
CA GLU A 104 0.81 -4.88 -6.24
C GLU A 104 1.71 -4.89 -5.02
N MET A 105 2.98 -5.25 -5.22
CA MET A 105 3.94 -5.29 -4.12
C MET A 105 4.59 -3.91 -3.94
N PHE A 106 5.06 -3.65 -2.72
CA PHE A 106 5.68 -2.37 -2.42
C PHE A 106 7.15 -2.56 -2.06
N ILE A 107 7.46 -2.46 -0.77
CA ILE A 107 8.83 -2.62 -0.30
C ILE A 107 8.92 -3.76 0.70
N GLU A 108 10.15 -4.25 0.91
CA GLU A 108 10.37 -5.34 1.85
C GLU A 108 11.67 -5.12 2.62
N GLY A 109 11.75 -5.70 3.81
CA GLY A 109 12.95 -5.58 4.64
C GLY A 109 12.63 -4.95 5.99
N ARG A 110 13.64 -4.35 6.61
CA ARG A 110 13.45 -3.71 7.90
C ARG A 110 13.21 -2.22 7.75
N VAL A 111 12.32 -1.67 8.56
CA VAL A 111 12.01 -0.25 8.50
C VAL A 111 12.13 0.40 9.87
N ASN A 112 12.71 1.59 9.91
CA ASN A 112 12.90 2.31 11.16
C ASN A 112 12.57 3.79 10.98
N GLY A 113 11.61 4.30 11.74
CA GLY A 113 11.22 5.69 11.65
C GLY A 113 11.11 6.12 10.19
N PHE A 114 9.90 6.10 9.65
CA PHE A 114 9.67 6.47 8.26
C PHE A 114 8.44 7.34 8.13
N LYS A 115 8.39 8.13 7.06
CA LYS A 115 7.24 8.99 6.80
C LYS A 115 6.43 8.46 5.63
N SER A 116 5.12 8.33 5.82
CA SER A 116 4.24 7.80 4.77
C SER A 116 3.32 8.90 4.24
N LYS A 117 3.19 8.96 2.93
CA LYS A 117 2.31 9.95 2.29
C LYS A 117 1.52 9.30 1.17
N MET A 118 0.20 9.43 1.23
CA MET A 118 -0.66 8.84 0.21
C MET A 118 -1.70 9.86 -0.28
N ASP A 119 -2.37 9.52 -1.38
CA ASP A 119 -3.39 10.39 -1.95
C ASP A 119 -4.40 9.57 -2.73
N ALA A 120 -5.48 10.22 -3.17
CA ALA A 120 -6.51 9.53 -3.93
C ALA A 120 -6.78 10.25 -5.24
N LEU A 121 -6.04 9.86 -6.28
CA LEU A 121 -6.21 10.47 -7.59
C LEU A 121 -7.13 9.62 -8.46
N PRO A 122 -7.74 10.21 -9.45
CA PRO A 122 -8.63 9.49 -10.40
C PRO A 122 -7.86 8.69 -11.44
N LEU A 123 -8.34 7.50 -11.75
CA LEU A 123 -7.68 6.65 -12.73
C LEU A 123 -7.20 7.48 -13.92
N SER A 124 -5.91 7.77 -13.95
CA SER A 124 -5.34 8.56 -15.04
C SER A 124 -5.46 7.81 -16.36
N GLU A 125 -5.14 8.49 -17.46
CA GLU A 125 -5.21 7.88 -18.78
C GLU A 125 -4.41 6.59 -18.81
N GLU A 126 -3.34 6.54 -18.01
CA GLU A 126 -2.49 5.36 -17.95
C GLU A 126 -3.31 4.14 -17.53
N TYR A 127 -4.27 4.35 -16.64
CA TYR A 127 -5.10 3.25 -16.16
C TYR A 127 -5.80 2.56 -17.34
N ARG A 128 -6.37 3.36 -18.22
CA ARG A 128 -7.06 2.82 -19.40
C ARG A 128 -6.09 2.01 -20.25
N GLN A 129 -4.92 2.57 -20.50
CA GLN A 129 -3.90 1.90 -21.31
C GLN A 129 -3.45 0.62 -20.62
N HIS A 130 -3.38 0.65 -19.29
CA HIS A 130 -2.96 -0.52 -18.53
C HIS A 130 -3.86 -1.71 -18.83
N GLN A 131 -5.16 -1.45 -18.92
CA GLN A 131 -6.13 -2.51 -19.21
C GLN A 131 -5.68 -3.33 -20.42
N ALA A 132 -4.78 -2.76 -21.21
CA ALA A 132 -4.30 -3.44 -22.41
C ALA A 132 -3.62 -4.75 -22.04
N GLU A 133 -3.04 -4.80 -20.85
CA GLU A 133 -2.33 -5.99 -20.39
C GLU A 133 -3.33 -7.09 -20.04
N LYS A 134 -4.41 -6.71 -19.36
CA LYS A 134 -5.42 -7.67 -18.96
C LYS A 134 -6.49 -7.83 -20.04
N ASP A 135 -6.80 -6.74 -20.72
CA ASP A 135 -7.78 -6.76 -21.79
C ASP A 135 -7.11 -6.67 -23.15
N LYS A 136 -7.78 -7.20 -24.17
CA LYS A 136 -7.24 -7.16 -25.52
C LYS A 136 -8.35 -7.38 -26.55
N MET A 6 -29.96 -4.96 20.81
CA MET A 6 -28.69 -4.20 21.01
C MET A 6 -27.56 -5.16 21.32
N GLY A 7 -27.08 -5.86 20.29
CA GLY A 7 -26.00 -6.82 20.47
C GLY A 7 -24.69 -6.10 20.77
N CYS A 8 -23.80 -6.78 21.50
CA CYS A 8 -22.51 -6.20 21.85
C CYS A 8 -21.74 -5.81 20.59
N GLY A 9 -21.89 -6.61 19.54
CA GLY A 9 -21.19 -6.34 18.29
C GLY A 9 -19.77 -6.90 18.30
N ALA A 10 -19.49 -7.75 19.28
CA ALA A 10 -18.18 -8.35 19.41
C ALA A 10 -17.08 -7.30 19.30
N SER A 11 -17.36 -6.11 19.83
CA SER A 11 -16.41 -5.02 19.79
C SER A 11 -15.09 -5.44 20.43
N SER A 12 -15.17 -6.29 21.45
CA SER A 12 -13.98 -6.76 22.14
C SER A 12 -13.00 -7.40 21.16
N GLU A 13 -13.53 -8.09 20.17
CA GLU A 13 -12.69 -8.74 19.16
C GLU A 13 -13.27 -8.54 17.77
N ASN A 14 -12.43 -8.09 16.85
CA ASN A 14 -12.86 -7.86 15.48
C ASN A 14 -11.67 -7.63 14.56
N SER A 15 -11.83 -7.93 13.28
CA SER A 15 -10.75 -7.76 12.31
C SER A 15 -10.36 -6.29 12.22
N SER A 16 -11.31 -5.40 12.49
CA SER A 16 -11.05 -3.97 12.44
C SER A 16 -10.86 -3.51 10.99
N VAL A 17 -11.29 -4.35 10.06
CA VAL A 17 -11.18 -4.02 8.64
C VAL A 17 -12.36 -4.60 7.86
N THR A 18 -12.91 -3.79 6.96
CA THR A 18 -14.05 -4.23 6.16
C THR A 18 -13.80 -3.99 4.68
N TYR A 19 -14.26 -4.90 3.84
CA TYR A 19 -14.08 -4.77 2.40
C TYR A 19 -15.42 -4.63 1.70
N VAL A 20 -15.39 -4.19 0.44
CA VAL A 20 -16.62 -4.00 -0.31
C VAL A 20 -16.39 -4.33 -1.79
N ASN A 21 -15.37 -3.73 -2.37
CA ASN A 21 -15.08 -3.95 -3.78
C ASN A 21 -14.33 -5.25 -3.99
N GLY A 22 -14.07 -5.97 -2.89
CA GLY A 22 -13.37 -7.24 -2.96
C GLY A 22 -12.21 -7.28 -1.96
N ARG A 23 -11.76 -8.48 -1.64
CA ARG A 23 -10.66 -8.64 -0.69
C ARG A 23 -9.33 -8.77 -1.43
N PRO A 24 -8.28 -8.23 -0.87
CA PRO A 24 -6.92 -8.30 -1.47
C PRO A 24 -6.49 -9.73 -1.76
N THR A 25 -5.66 -9.90 -2.79
CA THR A 25 -5.15 -11.21 -3.13
C THR A 25 -3.94 -11.57 -2.27
N PHE A 26 -3.36 -10.56 -1.64
CA PHE A 26 -2.21 -10.78 -0.77
C PHE A 26 -2.57 -10.52 0.69
N VAL A 27 -1.94 -11.27 1.59
CA VAL A 27 -2.21 -11.12 3.01
C VAL A 27 -0.92 -11.06 3.81
N GLY A 28 -1.03 -10.86 5.12
CA GLY A 28 0.14 -10.78 5.97
C GLY A 28 -0.23 -11.03 7.44
N GLU A 29 -0.17 -9.98 8.25
CA GLU A 29 -0.51 -10.10 9.66
C GLU A 29 -1.07 -8.78 10.19
N GLU A 30 -0.26 -7.73 10.12
CA GLU A 30 -0.69 -6.42 10.59
C GLU A 30 -1.35 -5.65 9.46
N VAL A 31 -2.67 -5.45 9.58
CA VAL A 31 -3.42 -4.73 8.56
C VAL A 31 -3.98 -3.43 9.12
N THR A 32 -3.83 -2.36 8.35
CA THR A 32 -4.33 -1.05 8.77
C THR A 32 -5.05 -0.35 7.62
N LYS A 33 -5.71 0.76 7.93
CA LYS A 33 -6.43 1.52 6.91
C LYS A 33 -5.83 2.91 6.74
N GLY A 34 -4.95 3.05 5.76
CA GLY A 34 -4.31 4.34 5.51
C GLY A 34 -5.29 5.48 5.69
N PHE A 35 -6.29 5.54 4.82
CA PHE A 35 -7.30 6.60 4.90
C PHE A 35 -8.36 6.25 5.94
N GLU A 36 -8.48 7.08 6.97
CA GLU A 36 -9.46 6.85 8.02
C GLU A 36 -10.87 7.04 7.48
N LYS A 37 -11.02 7.95 6.52
CA LYS A 37 -12.33 8.22 5.94
C LYS A 37 -12.85 7.00 5.20
N ASP A 38 -14.17 6.94 5.02
CA ASP A 38 -14.78 5.81 4.32
C ASP A 38 -14.40 4.50 4.98
N ASN A 39 -14.77 3.39 4.36
CA ASN A 39 -14.46 2.07 4.90
C ASN A 39 -12.96 1.94 5.16
N GLY A 40 -12.16 2.54 4.30
CA GLY A 40 -10.71 2.49 4.45
C GLY A 40 -10.01 2.77 3.12
N LEU A 41 -10.73 2.56 2.02
CA LEU A 41 -10.17 2.79 0.70
C LEU A 41 -8.95 1.91 0.46
N LEU A 42 -7.83 2.30 1.06
CA LEU A 42 -6.59 1.53 0.90
C LEU A 42 -6.19 0.90 2.22
N PHE A 43 -5.94 -0.41 2.21
CA PHE A 43 -5.54 -1.11 3.42
C PHE A 43 -4.07 -1.55 3.31
N ARG A 44 -3.27 -1.15 4.30
CA ARG A 44 -1.86 -1.50 4.30
C ARG A 44 -1.67 -2.94 4.79
N ILE A 45 -0.94 -3.73 4.01
CA ILE A 45 -0.68 -5.11 4.36
C ILE A 45 0.80 -5.33 4.66
N VAL A 46 1.09 -5.94 5.80
CA VAL A 46 2.48 -6.18 6.20
C VAL A 46 2.65 -7.61 6.69
N ASN A 47 3.64 -8.30 6.12
CA ASN A 47 3.91 -9.68 6.52
C ASN A 47 5.22 -9.75 7.31
N LYS A 48 5.10 -9.86 8.63
CA LYS A 48 6.28 -9.90 9.49
C LYS A 48 7.24 -11.00 9.04
N LYS A 49 6.67 -12.08 8.49
CA LYS A 49 7.48 -13.20 8.03
C LYS A 49 8.58 -12.72 7.08
N LYS A 50 8.16 -12.23 5.92
CA LYS A 50 9.12 -11.75 4.93
C LYS A 50 9.31 -10.24 5.07
N LYS A 51 8.45 -9.61 5.86
CA LYS A 51 8.52 -8.17 6.07
C LYS A 51 8.29 -7.42 4.76
N GLN A 52 7.47 -8.01 3.89
CA GLN A 52 7.17 -7.39 2.60
C GLN A 52 5.85 -6.62 2.68
N TRP A 53 5.88 -5.35 2.28
CA TRP A 53 4.68 -4.52 2.31
C TRP A 53 3.90 -4.65 1.00
N ALA A 54 2.58 -4.60 1.11
CA ALA A 54 1.74 -4.69 -0.07
C ALA A 54 0.52 -3.78 0.07
N TYR A 55 0.07 -3.22 -1.05
CA TYR A 55 -1.07 -2.32 -1.02
C TYR A 55 -2.18 -2.82 -1.96
N TYR A 56 -3.42 -2.71 -1.50
CA TYR A 56 -4.56 -3.15 -2.30
C TYR A 56 -5.55 -2.01 -2.49
N ASN A 57 -5.80 -1.65 -3.75
CA ASN A 57 -6.72 -0.57 -4.06
C ASN A 57 -8.16 -1.07 -4.11
N ASP A 58 -8.99 -0.59 -3.18
CA ASP A 58 -10.38 -1.00 -3.14
C ASP A 58 -11.24 -0.09 -4.01
N THR A 59 -10.90 1.20 -4.02
CA THR A 59 -11.65 2.17 -4.81
C THR A 59 -11.62 1.79 -6.28
N THR A 60 -12.80 1.67 -6.89
CA THR A 60 -12.89 1.31 -8.30
C THR A 60 -13.12 2.54 -9.16
N GLN A 61 -12.86 3.71 -8.58
CA GLN A 61 -13.04 4.97 -9.31
C GLN A 61 -11.79 5.84 -9.20
N TYR A 62 -10.92 5.50 -8.25
CA TYR A 62 -9.70 6.27 -8.05
C TYR A 62 -8.50 5.33 -7.87
N GLU A 63 -7.33 5.78 -8.32
CA GLU A 63 -6.12 4.99 -8.20
C GLU A 63 -5.38 5.34 -6.91
N MET A 64 -4.77 4.34 -6.30
CA MET A 64 -4.04 4.55 -5.05
C MET A 64 -2.56 4.82 -5.32
N HIS A 65 -2.07 5.95 -4.79
CA HIS A 65 -0.67 6.30 -4.98
C HIS A 65 0.08 6.24 -3.65
N VAL A 66 1.17 5.48 -3.61
CA VAL A 66 1.94 5.33 -2.38
C VAL A 66 3.28 6.05 -2.49
N LEU A 67 3.60 6.82 -1.47
CA LEU A 67 4.87 7.56 -1.45
C LEU A 67 5.42 7.61 -0.03
N VAL A 68 6.27 6.65 0.31
CA VAL A 68 6.85 6.59 1.64
C VAL A 68 8.35 6.88 1.60
N THR A 69 8.81 7.74 2.49
CA THR A 69 10.22 8.09 2.55
C THR A 69 10.88 7.42 3.75
N PHE A 70 12.10 6.94 3.56
CA PHE A 70 12.82 6.28 4.64
C PHE A 70 14.20 6.92 4.85
N ASN A 71 14.81 6.64 5.99
CA ASN A 71 16.13 7.17 6.30
C ASN A 71 17.22 6.22 5.81
N GLU A 72 18.39 6.77 5.50
CA GLU A 72 19.50 5.96 5.01
C GLU A 72 19.63 4.68 5.84
N ASP A 73 19.55 4.82 7.15
CA ASP A 73 19.64 3.67 8.05
C ASP A 73 18.42 2.77 7.90
N CYS A 74 18.43 1.93 6.87
CA CYS A 74 17.33 1.02 6.64
C CYS A 74 17.73 -0.07 5.65
N ASP A 75 17.32 -1.31 5.94
CA ASP A 75 17.63 -2.42 5.06
C ASP A 75 16.43 -2.78 4.20
N ILE A 76 15.89 -1.77 3.53
CA ILE A 76 14.71 -1.98 2.68
C ILE A 76 15.12 -2.08 1.21
N LYS A 77 14.27 -2.71 0.41
CA LYS A 77 14.54 -2.85 -1.02
C LYS A 77 13.27 -2.66 -1.83
N ALA A 78 13.35 -2.96 -3.12
CA ALA A 78 12.20 -2.80 -4.01
C ALA A 78 11.69 -4.17 -4.46
N LEU A 79 10.37 -4.32 -4.51
CA LEU A 79 9.77 -5.58 -4.92
C LEU A 79 9.30 -5.51 -6.36
N GLY A 80 8.00 -5.30 -6.56
CA GLY A 80 7.45 -5.23 -7.90
C GLY A 80 8.09 -4.10 -8.71
N LYS A 81 7.28 -3.39 -9.48
CA LYS A 81 7.78 -2.30 -10.31
C LYS A 81 8.15 -1.10 -9.43
N THR A 82 7.88 -1.22 -8.13
CA THR A 82 8.19 -0.14 -7.19
C THR A 82 9.58 0.41 -7.46
N LYS A 83 9.64 1.69 -7.85
CA LYS A 83 10.92 2.33 -8.12
C LYS A 83 11.62 2.72 -6.82
N LEU A 84 12.84 2.21 -6.64
CA LEU A 84 13.60 2.51 -5.43
C LEU A 84 14.88 3.27 -5.78
N GLU A 85 15.12 4.36 -5.07
CA GLU A 85 16.30 5.18 -5.30
C GLU A 85 16.67 5.97 -4.05
N GLN A 86 17.96 6.21 -3.86
CA GLN A 86 18.43 6.96 -2.70
C GLN A 86 18.81 8.38 -3.12
N GLN A 87 18.67 9.31 -2.19
CA GLN A 87 18.99 10.71 -2.46
C GLN A 87 20.28 11.11 -1.73
N GLU A 88 20.78 12.30 -2.05
CA GLU A 88 22.01 12.78 -1.43
C GLU A 88 21.81 12.98 0.07
N ASN A 89 20.63 13.46 0.44
CA ASN A 89 20.32 13.69 1.85
C ASN A 89 20.49 12.41 2.66
N GLY A 90 20.38 11.27 1.98
CA GLY A 90 20.52 9.98 2.64
C GLY A 90 19.16 9.37 2.96
N GLU A 91 18.24 9.43 2.00
CA GLU A 91 16.92 8.87 2.19
C GLU A 91 16.54 7.99 1.00
N TRP A 92 15.67 7.01 1.24
CA TRP A 92 15.23 6.11 0.18
C TRP A 92 13.81 6.45 -0.25
N VAL A 93 13.61 6.53 -1.57
CA VAL A 93 12.29 6.86 -2.10
C VAL A 93 11.67 5.64 -2.76
N ALA A 94 10.44 5.32 -2.37
CA ALA A 94 9.74 4.18 -2.95
C ALA A 94 8.30 4.54 -3.30
N SER A 95 8.06 4.77 -4.59
CA SER A 95 6.72 5.16 -5.04
C SER A 95 6.18 4.13 -6.03
N VAL A 96 4.87 3.89 -5.97
CA VAL A 96 4.24 2.94 -6.87
C VAL A 96 2.73 3.17 -6.91
N VAL A 97 2.14 3.01 -8.09
CA VAL A 97 0.70 3.20 -8.24
C VAL A 97 0.00 1.85 -8.38
N VAL A 98 -1.08 1.68 -7.63
CA VAL A 98 -1.84 0.44 -7.65
C VAL A 98 -3.23 0.67 -8.23
N TYR A 99 -3.62 -0.17 -9.19
CA TYR A 99 -4.94 -0.05 -9.80
C TYR A 99 -5.96 -0.90 -9.05
N PRO A 100 -7.21 -0.56 -9.15
CA PRO A 100 -8.31 -1.30 -8.46
C PRO A 100 -8.41 -2.75 -8.93
N CYS A 101 -8.92 -3.60 -8.04
CA CYS A 101 -9.06 -5.02 -8.37
C CYS A 101 -7.70 -5.64 -8.65
N GLU A 102 -6.64 -4.99 -8.19
CA GLU A 102 -5.29 -5.48 -8.40
C GLU A 102 -4.42 -5.20 -7.17
N THR A 103 -3.48 -6.10 -6.90
CA THR A 103 -2.58 -5.95 -5.76
C THR A 103 -1.13 -6.04 -6.21
N GLU A 104 -0.35 -5.02 -5.88
CA GLU A 104 1.07 -5.00 -6.27
C GLU A 104 1.96 -4.95 -5.03
N MET A 105 3.19 -5.42 -5.19
CA MET A 105 4.14 -5.42 -4.08
C MET A 105 4.78 -4.05 -3.92
N PHE A 106 5.22 -3.74 -2.70
CA PHE A 106 5.83 -2.44 -2.42
C PHE A 106 7.31 -2.61 -2.11
N ILE A 107 7.63 -2.68 -0.81
CA ILE A 107 9.01 -2.84 -0.38
C ILE A 107 9.12 -3.93 0.68
N GLU A 108 10.35 -4.40 0.91
CA GLU A 108 10.57 -5.45 1.91
C GLU A 108 11.89 -5.20 2.65
N GLY A 109 11.99 -5.74 3.86
CA GLY A 109 13.21 -5.59 4.65
C GLY A 109 12.89 -5.00 6.03
N ARG A 110 13.88 -4.35 6.63
CA ARG A 110 13.69 -3.75 7.95
C ARG A 110 13.34 -2.27 7.82
N VAL A 111 12.35 -1.83 8.58
CA VAL A 111 11.94 -0.43 8.53
C VAL A 111 12.07 0.23 9.90
N ASN A 112 12.60 1.44 9.93
CA ASN A 112 12.78 2.17 11.17
C ASN A 112 12.62 3.66 10.95
N GLY A 113 11.61 4.26 11.58
CA GLY A 113 11.35 5.69 11.43
C GLY A 113 11.21 6.05 9.96
N PHE A 114 9.98 6.36 9.55
CA PHE A 114 9.73 6.71 8.16
C PHE A 114 8.47 7.57 8.04
N LYS A 115 8.35 8.26 6.91
CA LYS A 115 7.17 9.10 6.67
C LYS A 115 6.37 8.56 5.49
N SER A 116 5.05 8.46 5.68
CA SER A 116 4.18 7.94 4.64
C SER A 116 3.21 9.01 4.14
N LYS A 117 3.08 9.11 2.83
CA LYS A 117 2.16 10.08 2.23
C LYS A 117 1.36 9.42 1.11
N MET A 118 0.07 9.23 1.35
CA MET A 118 -0.80 8.59 0.36
C MET A 118 -1.90 9.55 -0.11
N ASP A 119 -2.50 9.22 -1.25
CA ASP A 119 -3.56 10.05 -1.80
C ASP A 119 -4.47 9.21 -2.70
N ALA A 120 -5.57 9.80 -3.15
CA ALA A 120 -6.51 9.10 -4.01
C ALA A 120 -6.75 9.88 -5.31
N LEU A 121 -5.92 9.64 -6.30
CA LEU A 121 -6.06 10.33 -7.58
C LEU A 121 -6.99 9.55 -8.51
N PRO A 122 -7.66 10.25 -9.39
CA PRO A 122 -8.60 9.63 -10.36
C PRO A 122 -7.88 8.82 -11.42
N LEU A 123 -8.45 7.67 -11.77
CA LEU A 123 -7.85 6.79 -12.78
C LEU A 123 -7.43 7.61 -13.99
N SER A 124 -6.14 7.95 -14.05
CA SER A 124 -5.62 8.73 -15.16
C SER A 124 -5.72 7.94 -16.46
N GLU A 125 -5.47 8.63 -17.58
CA GLU A 125 -5.54 7.97 -18.88
C GLU A 125 -4.70 6.71 -18.89
N GLU A 126 -3.66 6.69 -18.06
CA GLU A 126 -2.78 5.53 -17.97
C GLU A 126 -3.57 4.30 -17.55
N TYR A 127 -4.54 4.51 -16.67
CA TYR A 127 -5.36 3.41 -16.18
C TYR A 127 -6.08 2.72 -17.34
N ARG A 128 -6.58 3.52 -18.27
CA ARG A 128 -7.29 2.99 -19.44
C ARG A 128 -6.37 2.05 -20.23
N GLN A 129 -5.11 2.44 -20.36
CA GLN A 129 -4.15 1.63 -21.08
C GLN A 129 -3.86 0.34 -20.32
N HIS A 130 -3.82 0.43 -19.00
CA HIS A 130 -3.56 -0.72 -18.16
C HIS A 130 -4.60 -1.81 -18.42
N GLN A 131 -5.75 -1.41 -18.95
CA GLN A 131 -6.82 -2.36 -19.24
C GLN A 131 -6.49 -3.16 -20.50
N ALA A 132 -5.69 -2.57 -21.38
CA ALA A 132 -5.33 -3.22 -22.63
C ALA A 132 -4.19 -4.21 -22.41
N GLU A 133 -3.08 -3.72 -21.88
CA GLU A 133 -1.92 -4.56 -21.64
C GLU A 133 -2.33 -5.86 -20.95
N LYS A 134 -3.28 -5.76 -20.04
CA LYS A 134 -3.75 -6.94 -19.31
C LYS A 134 -4.87 -7.63 -20.09
N ASP A 135 -5.31 -7.00 -21.17
CA ASP A 135 -6.37 -7.56 -21.99
C ASP A 135 -7.60 -7.85 -21.14
N LYS A 136 -7.98 -6.90 -20.29
CA LYS A 136 -9.14 -7.05 -19.44
C LYS A 136 -9.14 -8.44 -18.78
N MET A 6 -4.91 -1.89 35.06
CA MET A 6 -5.22 -2.20 33.64
C MET A 6 -5.09 -0.93 32.80
N GLY A 7 -5.37 0.21 33.43
CA GLY A 7 -5.28 1.49 32.73
C GLY A 7 -6.53 1.73 31.89
N CYS A 8 -7.65 1.13 32.30
CA CYS A 8 -8.90 1.30 31.57
C CYS A 8 -8.73 0.91 30.11
N GLY A 9 -7.55 0.37 29.79
CA GLY A 9 -7.27 -0.04 28.42
C GLY A 9 -5.98 -0.84 28.34
N ALA A 10 -6.09 -2.10 27.92
CA ALA A 10 -4.92 -2.96 27.81
C ALA A 10 -3.98 -2.46 26.71
N SER A 11 -2.68 -2.60 26.94
CA SER A 11 -1.70 -2.16 25.96
C SER A 11 -1.90 -2.88 24.64
N SER A 12 -2.33 -4.14 24.71
CA SER A 12 -2.56 -4.93 23.50
C SER A 12 -4.05 -5.02 23.20
N GLU A 13 -4.39 -5.00 21.91
CA GLU A 13 -5.79 -5.08 21.50
C GLU A 13 -5.92 -5.87 20.21
N ASN A 14 -7.12 -6.39 19.96
CA ASN A 14 -7.36 -7.17 18.74
C ASN A 14 -7.57 -6.24 17.54
N SER A 15 -7.61 -6.82 16.36
CA SER A 15 -7.79 -6.03 15.14
C SER A 15 -8.55 -6.84 14.08
N SER A 16 -9.11 -6.14 13.10
CA SER A 16 -9.87 -6.80 12.05
C SER A 16 -9.80 -6.00 10.75
N VAL A 17 -10.32 -6.58 9.68
CA VAL A 17 -10.30 -5.90 8.38
C VAL A 17 -11.55 -6.24 7.59
N THR A 18 -12.14 -5.23 6.95
CA THR A 18 -13.35 -5.43 6.16
C THR A 18 -13.20 -4.81 4.78
N TYR A 19 -13.51 -5.57 3.74
CA TYR A 19 -13.42 -5.08 2.37
C TYR A 19 -14.81 -4.89 1.78
N VAL A 20 -14.87 -4.23 0.63
CA VAL A 20 -16.15 -3.98 -0.03
C VAL A 20 -16.05 -4.26 -1.52
N ASN A 21 -15.13 -3.58 -2.18
CA ASN A 21 -14.96 -3.75 -3.62
C ASN A 21 -14.45 -5.15 -3.95
N GLY A 22 -13.72 -5.74 -3.01
CA GLY A 22 -13.18 -7.09 -3.20
C GLY A 22 -12.08 -7.38 -2.18
N ARG A 23 -11.65 -8.64 -2.14
CA ARG A 23 -10.60 -9.04 -1.20
C ARG A 23 -9.23 -8.87 -1.83
N PRO A 24 -8.24 -8.58 -1.02
CA PRO A 24 -6.84 -8.41 -1.50
C PRO A 24 -6.18 -9.73 -1.88
N THR A 25 -5.49 -9.74 -3.01
CA THR A 25 -4.83 -10.96 -3.48
C THR A 25 -3.70 -11.35 -2.51
N PHE A 26 -3.08 -10.35 -1.90
CA PHE A 26 -1.99 -10.60 -0.96
C PHE A 26 -2.46 -10.38 0.47
N VAL A 27 -2.04 -11.26 1.37
CA VAL A 27 -2.42 -11.14 2.78
C VAL A 27 -1.22 -11.37 3.68
N GLY A 28 -1.05 -10.50 4.67
CA GLY A 28 0.08 -10.62 5.60
C GLY A 28 -0.42 -10.90 7.02
N GLU A 29 -0.14 -9.97 7.93
CA GLU A 29 -0.56 -10.14 9.32
C GLU A 29 -1.13 -8.84 9.86
N GLU A 30 -0.30 -7.79 9.89
CA GLU A 30 -0.74 -6.49 10.38
C GLU A 30 -1.38 -5.68 9.26
N VAL A 31 -2.58 -5.18 9.52
CA VAL A 31 -3.30 -4.40 8.52
C VAL A 31 -3.78 -3.08 9.11
N THR A 32 -3.63 -2.00 8.35
CA THR A 32 -4.05 -0.69 8.80
C THR A 32 -4.85 0.03 7.71
N LYS A 33 -5.45 1.16 8.07
CA LYS A 33 -6.23 1.94 7.11
C LYS A 33 -5.60 3.30 6.88
N GLY A 34 -4.80 3.41 5.83
CA GLY A 34 -4.14 4.67 5.51
C GLY A 34 -5.11 5.85 5.69
N PHE A 35 -6.14 5.89 4.86
CA PHE A 35 -7.13 6.96 4.94
C PHE A 35 -8.14 6.67 6.04
N GLU A 36 -8.32 7.64 6.94
CA GLU A 36 -9.26 7.47 8.05
C GLU A 36 -10.70 7.59 7.55
N LYS A 37 -10.86 8.18 6.37
CA LYS A 37 -12.19 8.36 5.79
C LYS A 37 -12.71 7.04 5.21
N ASP A 38 -14.02 6.92 5.11
CA ASP A 38 -14.62 5.70 4.57
C ASP A 38 -14.12 4.47 5.33
N ASN A 39 -14.47 3.29 4.82
CA ASN A 39 -14.06 2.05 5.47
C ASN A 39 -12.54 2.03 5.66
N GLY A 40 -11.82 2.60 4.71
CA GLY A 40 -10.37 2.64 4.78
C GLY A 40 -9.75 2.84 3.40
N LEU A 41 -10.53 2.54 2.37
CA LEU A 41 -10.05 2.70 0.99
C LEU A 41 -8.85 1.79 0.74
N LEU A 42 -7.68 2.23 1.21
CA LEU A 42 -6.47 1.44 1.02
C LEU A 42 -6.03 0.81 2.33
N PHE A 43 -5.73 -0.49 2.28
CA PHE A 43 -5.30 -1.21 3.47
C PHE A 43 -3.81 -1.56 3.37
N ARG A 44 -3.05 -1.15 4.38
CA ARG A 44 -1.62 -1.43 4.39
C ARG A 44 -1.35 -2.85 4.88
N ILE A 45 -1.07 -3.75 3.94
CA ILE A 45 -0.81 -5.15 4.29
C ILE A 45 0.67 -5.35 4.55
N VAL A 46 0.99 -6.00 5.67
CA VAL A 46 2.38 -6.25 6.03
C VAL A 46 2.55 -7.68 6.55
N ASN A 47 3.51 -8.39 5.98
CA ASN A 47 3.77 -9.77 6.39
C ASN A 47 5.04 -9.84 7.23
N LYS A 48 4.87 -9.94 8.54
CA LYS A 48 6.02 -9.98 9.44
C LYS A 48 6.99 -11.09 9.03
N LYS A 49 6.46 -12.16 8.46
CA LYS A 49 7.29 -13.28 8.03
C LYS A 49 8.43 -12.79 7.13
N LYS A 50 8.07 -12.34 5.94
CA LYS A 50 9.06 -11.85 4.99
C LYS A 50 9.23 -10.33 5.11
N LYS A 51 8.38 -9.72 5.93
CA LYS A 51 8.44 -8.28 6.13
C LYS A 51 8.25 -7.55 4.80
N GLN A 52 7.46 -8.12 3.92
CA GLN A 52 7.19 -7.51 2.62
C GLN A 52 5.89 -6.72 2.66
N TRP A 53 5.97 -5.42 2.37
CA TRP A 53 4.79 -4.56 2.39
C TRP A 53 4.02 -4.69 1.08
N ALA A 54 2.70 -4.59 1.18
CA ALA A 54 1.85 -4.70 -0.01
C ALA A 54 0.64 -3.77 0.13
N TYR A 55 0.14 -3.29 -1.00
CA TYR A 55 -1.02 -2.40 -0.99
C TYR A 55 -2.13 -2.93 -1.89
N TYR A 56 -3.36 -2.84 -1.43
CA TYR A 56 -4.51 -3.31 -2.20
C TYR A 56 -5.48 -2.17 -2.47
N ASN A 57 -5.65 -1.82 -3.74
CA ASN A 57 -6.56 -0.75 -4.11
C ASN A 57 -7.99 -1.25 -4.23
N ASP A 58 -8.90 -0.63 -3.48
CA ASP A 58 -10.30 -1.02 -3.50
C ASP A 58 -11.13 -0.04 -4.31
N THR A 59 -10.77 1.23 -4.23
CA THR A 59 -11.49 2.27 -4.95
C THR A 59 -11.40 2.03 -6.46
N THR A 60 -12.55 1.77 -7.08
CA THR A 60 -12.59 1.50 -8.51
C THR A 60 -12.69 2.82 -9.29
N GLN A 61 -12.82 3.91 -8.57
CA GLN A 61 -12.92 5.23 -9.20
C GLN A 61 -11.58 5.96 -9.17
N TYR A 62 -10.92 5.91 -8.02
CA TYR A 62 -9.64 6.58 -7.85
C TYR A 62 -8.52 5.56 -7.64
N GLU A 63 -7.33 5.88 -8.14
CA GLU A 63 -6.18 4.99 -7.98
C GLU A 63 -5.40 5.36 -6.71
N MET A 64 -4.82 4.36 -6.07
CA MET A 64 -4.06 4.58 -4.84
C MET A 64 -2.60 4.83 -5.15
N HIS A 65 -2.11 6.00 -4.78
CA HIS A 65 -0.70 6.35 -5.00
C HIS A 65 0.09 6.23 -3.71
N VAL A 66 1.13 5.40 -3.72
CA VAL A 66 1.95 5.18 -2.54
C VAL A 66 3.27 5.94 -2.64
N LEU A 67 3.56 6.73 -1.62
CA LEU A 67 4.80 7.49 -1.60
C LEU A 67 5.37 7.55 -0.17
N VAL A 68 6.22 6.59 0.15
CA VAL A 68 6.80 6.51 1.49
C VAL A 68 8.31 6.75 1.43
N THR A 69 8.80 7.61 2.31
CA THR A 69 10.23 7.90 2.38
C THR A 69 10.84 7.32 3.64
N PHE A 70 12.00 6.69 3.51
CA PHE A 70 12.68 6.09 4.65
C PHE A 70 14.04 6.72 4.87
N ASN A 71 14.58 6.56 6.07
CA ASN A 71 15.89 7.11 6.39
C ASN A 71 17.00 6.16 5.94
N GLU A 72 18.21 6.70 5.80
CA GLU A 72 19.35 5.89 5.37
C GLU A 72 19.43 4.61 6.20
N ASP A 73 19.30 4.75 7.51
CA ASP A 73 19.37 3.60 8.40
C ASP A 73 18.10 2.75 8.29
N CYS A 74 17.93 2.12 7.13
CA CYS A 74 16.76 1.27 6.90
C CYS A 74 17.08 0.21 5.85
N ASP A 75 17.23 -1.03 6.30
CA ASP A 75 17.52 -2.14 5.39
C ASP A 75 16.27 -2.52 4.60
N ILE A 76 15.96 -1.74 3.57
CA ILE A 76 14.79 -2.00 2.76
C ILE A 76 15.17 -2.13 1.28
N LYS A 77 14.28 -2.71 0.49
CA LYS A 77 14.53 -2.87 -0.94
C LYS A 77 13.24 -2.68 -1.74
N ALA A 78 13.30 -2.99 -3.03
CA ALA A 78 12.15 -2.84 -3.90
C ALA A 78 11.63 -4.21 -4.35
N LEU A 79 10.32 -4.36 -4.39
CA LEU A 79 9.70 -5.62 -4.79
C LEU A 79 9.25 -5.56 -6.24
N GLY A 80 7.96 -5.28 -6.44
CA GLY A 80 7.41 -5.20 -7.78
C GLY A 80 8.12 -4.13 -8.61
N LYS A 81 7.36 -3.40 -9.40
CA LYS A 81 7.93 -2.36 -10.25
C LYS A 81 8.30 -1.13 -9.41
N THR A 82 8.01 -1.21 -8.12
CA THR A 82 8.31 -0.10 -7.22
C THR A 82 9.74 0.40 -7.44
N LYS A 83 9.88 1.67 -7.80
CA LYS A 83 11.19 2.25 -8.03
C LYS A 83 11.83 2.68 -6.71
N LEU A 84 13.00 2.12 -6.42
CA LEU A 84 13.70 2.45 -5.19
C LEU A 84 15.01 3.20 -5.50
N GLU A 85 15.21 4.32 -4.83
CA GLU A 85 16.41 5.12 -5.04
C GLU A 85 16.76 5.91 -3.78
N GLN A 86 18.05 6.13 -3.57
CA GLN A 86 18.51 6.88 -2.41
C GLN A 86 18.94 8.29 -2.81
N GLN A 87 18.78 9.23 -1.89
CA GLN A 87 19.16 10.62 -2.16
C GLN A 87 20.48 10.97 -1.48
N GLU A 88 21.03 12.12 -1.83
CA GLU A 88 22.30 12.55 -1.25
C GLU A 88 22.13 12.81 0.25
N ASN A 89 20.99 13.37 0.63
CA ASN A 89 20.72 13.66 2.02
C ASN A 89 20.84 12.40 2.87
N GLY A 90 20.65 11.24 2.23
CA GLY A 90 20.75 9.97 2.94
C GLY A 90 19.36 9.43 3.29
N GLU A 91 18.49 9.37 2.29
CA GLU A 91 17.14 8.85 2.50
C GLU A 91 16.72 7.97 1.33
N TRP A 92 15.85 7.00 1.60
CA TRP A 92 15.37 6.10 0.56
C TRP A 92 13.95 6.46 0.16
N VAL A 93 13.65 6.34 -1.14
CA VAL A 93 12.33 6.67 -1.64
C VAL A 93 11.76 5.52 -2.45
N ALA A 94 10.49 5.19 -2.21
CA ALA A 94 9.84 4.10 -2.93
C ALA A 94 8.42 4.48 -3.30
N SER A 95 8.19 4.76 -4.59
CA SER A 95 6.88 5.16 -5.05
C SER A 95 6.33 4.13 -6.05
N VAL A 96 5.03 3.89 -5.99
CA VAL A 96 4.40 2.94 -6.91
C VAL A 96 2.88 3.15 -6.93
N VAL A 97 2.29 3.02 -8.11
CA VAL A 97 0.85 3.21 -8.26
C VAL A 97 0.14 1.86 -8.37
N VAL A 98 -0.95 1.71 -7.63
CA VAL A 98 -1.71 0.47 -7.66
C VAL A 98 -3.10 0.70 -8.26
N TYR A 99 -3.46 -0.13 -9.23
CA TYR A 99 -4.76 0.00 -9.87
C TYR A 99 -5.79 -0.90 -9.19
N PRO A 100 -7.04 -0.52 -9.24
CA PRO A 100 -8.14 -1.28 -8.61
C PRO A 100 -8.26 -2.70 -9.18
N CYS A 101 -8.77 -3.61 -8.37
CA CYS A 101 -8.92 -5.00 -8.80
C CYS A 101 -7.55 -5.64 -9.05
N GLU A 102 -6.50 -4.91 -8.67
CA GLU A 102 -5.15 -5.41 -8.86
C GLU A 102 -4.30 -5.14 -7.61
N THR A 103 -3.41 -6.08 -7.29
CA THR A 103 -2.54 -5.93 -6.13
C THR A 103 -1.08 -6.05 -6.54
N GLU A 104 -0.24 -5.18 -6.00
CA GLU A 104 1.18 -5.20 -6.32
C GLU A 104 2.02 -5.15 -5.06
N MET A 105 3.28 -5.59 -5.17
CA MET A 105 4.18 -5.58 -4.02
C MET A 105 4.82 -4.21 -3.86
N PHE A 106 5.17 -3.87 -2.62
CA PHE A 106 5.78 -2.58 -2.34
C PHE A 106 7.26 -2.74 -2.02
N ILE A 107 7.60 -2.71 -0.74
CA ILE A 107 8.99 -2.86 -0.33
C ILE A 107 9.10 -3.93 0.76
N GLU A 108 10.32 -4.43 0.96
CA GLU A 108 10.56 -5.45 1.98
C GLU A 108 11.83 -5.16 2.75
N GLY A 109 11.91 -5.70 3.97
CA GLY A 109 13.10 -5.49 4.79
C GLY A 109 12.72 -4.85 6.12
N ARG A 110 13.71 -4.30 6.83
CA ARG A 110 13.47 -3.67 8.11
C ARG A 110 13.14 -2.19 7.92
N VAL A 111 12.19 -1.69 8.71
CA VAL A 111 11.78 -0.30 8.61
C VAL A 111 11.85 0.39 9.98
N ASN A 112 12.39 1.59 10.00
CA ASN A 112 12.51 2.34 11.25
C ASN A 112 12.38 3.84 10.98
N GLY A 113 11.37 4.46 11.57
CA GLY A 113 11.15 5.89 11.38
C GLY A 113 11.09 6.23 9.89
N PHE A 114 9.88 6.45 9.39
CA PHE A 114 9.71 6.77 7.97
C PHE A 114 8.50 7.68 7.78
N LYS A 115 8.47 8.37 6.65
CA LYS A 115 7.35 9.27 6.33
C LYS A 115 6.49 8.66 5.23
N SER A 116 5.19 8.60 5.47
CA SER A 116 4.26 8.03 4.50
C SER A 116 3.27 9.08 4.00
N LYS A 117 3.09 9.13 2.68
CA LYS A 117 2.15 10.06 2.09
C LYS A 117 1.35 9.38 0.98
N MET A 118 0.03 9.40 1.11
CA MET A 118 -0.83 8.76 0.11
C MET A 118 -1.92 9.72 -0.36
N ASP A 119 -2.55 9.37 -1.49
CA ASP A 119 -3.61 10.19 -2.05
C ASP A 119 -4.53 9.34 -2.93
N ALA A 120 -5.64 9.92 -3.35
CA ALA A 120 -6.59 9.20 -4.20
C ALA A 120 -6.85 9.99 -5.48
N LEU A 121 -6.09 9.66 -6.53
CA LEU A 121 -6.24 10.34 -7.81
C LEU A 121 -7.26 9.61 -8.68
N PRO A 122 -7.92 10.33 -9.55
CA PRO A 122 -8.94 9.75 -10.47
C PRO A 122 -8.30 8.96 -11.61
N LEU A 123 -8.79 7.74 -11.84
CA LEU A 123 -8.25 6.90 -12.90
C LEU A 123 -8.23 7.65 -14.23
N SER A 124 -7.05 8.07 -14.66
CA SER A 124 -6.91 8.81 -15.90
C SER A 124 -6.89 7.84 -17.09
N GLU A 125 -6.73 8.39 -18.29
CA GLU A 125 -6.71 7.58 -19.49
C GLU A 125 -5.65 6.48 -19.37
N GLU A 126 -4.61 6.75 -18.60
CA GLU A 126 -3.53 5.78 -18.41
C GLU A 126 -4.09 4.49 -17.82
N TYR A 127 -5.04 4.62 -16.91
CA TYR A 127 -5.65 3.45 -16.27
C TYR A 127 -6.40 2.62 -17.32
N ARG A 128 -7.10 3.31 -18.21
CA ARG A 128 -7.86 2.63 -19.26
C ARG A 128 -6.95 1.70 -20.05
N GLN A 129 -5.74 2.17 -20.34
CA GLN A 129 -4.78 1.37 -21.08
C GLN A 129 -4.40 0.11 -20.29
N HIS A 130 -4.30 0.25 -18.98
CA HIS A 130 -3.95 -0.88 -18.13
C HIS A 130 -5.05 -1.95 -18.19
N GLN A 131 -6.21 -1.56 -18.69
CA GLN A 131 -7.33 -2.50 -18.80
C GLN A 131 -7.29 -3.19 -20.16
N ALA A 132 -6.77 -2.50 -21.17
CA ALA A 132 -6.70 -3.07 -22.51
C ALA A 132 -5.75 -4.27 -22.53
N GLU A 133 -4.60 -4.12 -21.90
CA GLU A 133 -3.61 -5.19 -21.87
C GLU A 133 -4.18 -6.42 -21.17
N LYS A 134 -4.96 -6.20 -20.11
CA LYS A 134 -5.56 -7.30 -19.37
C LYS A 134 -6.54 -8.06 -20.26
N ASP A 135 -7.18 -7.35 -21.17
CA ASP A 135 -8.14 -7.98 -22.08
C ASP A 135 -7.42 -8.85 -23.09
N LYS A 136 -8.07 -9.95 -23.50
CA LYS A 136 -7.48 -10.86 -24.47
C LYS A 136 -8.53 -11.32 -25.48
N MET A 6 -5.64 7.28 19.35
CA MET A 6 -6.34 6.53 18.27
C MET A 6 -7.45 5.69 18.88
N GLY A 7 -8.29 6.33 19.70
CA GLY A 7 -9.39 5.63 20.34
C GLY A 7 -8.88 4.58 21.31
N CYS A 8 -9.21 3.32 21.04
CA CYS A 8 -8.78 2.22 21.90
C CYS A 8 -9.40 2.35 23.28
N GLY A 9 -10.26 3.34 23.45
CA GLY A 9 -10.91 3.56 24.74
C GLY A 9 -11.75 2.35 25.14
N ALA A 10 -11.74 2.03 26.43
CA ALA A 10 -12.50 0.89 26.92
C ALA A 10 -12.36 -0.31 26.00
N SER A 11 -13.49 -0.87 25.57
CA SER A 11 -13.46 -2.02 24.68
C SER A 11 -12.79 -1.66 23.36
N SER A 12 -12.22 -2.67 22.70
CA SER A 12 -11.55 -2.45 21.43
C SER A 12 -11.44 -3.75 20.65
N GLU A 13 -11.55 -4.88 21.35
CA GLU A 13 -11.47 -6.19 20.71
C GLU A 13 -10.35 -6.21 19.68
N ASN A 14 -10.72 -6.25 18.40
CA ASN A 14 -9.74 -6.27 17.33
C ASN A 14 -10.14 -5.31 16.21
N SER A 15 -9.16 -4.64 15.62
CA SER A 15 -9.42 -3.70 14.55
C SER A 15 -10.04 -4.41 13.34
N SER A 16 -9.62 -5.65 13.13
CA SER A 16 -10.13 -6.44 12.01
C SER A 16 -10.05 -5.64 10.71
N VAL A 17 -10.48 -6.26 9.62
CA VAL A 17 -10.45 -5.59 8.31
C VAL A 17 -11.70 -5.92 7.52
N THR A 18 -12.26 -4.91 6.86
CA THR A 18 -13.47 -5.11 6.07
C THR A 18 -13.29 -4.52 4.67
N TYR A 19 -13.70 -5.28 3.66
CA TYR A 19 -13.58 -4.82 2.27
C TYR A 19 -14.97 -4.66 1.66
N VAL A 20 -15.01 -4.07 0.47
CA VAL A 20 -16.28 -3.85 -0.22
C VAL A 20 -16.14 -4.13 -1.71
N ASN A 21 -15.23 -3.41 -2.36
CA ASN A 21 -15.02 -3.59 -3.80
C ASN A 21 -14.51 -4.99 -4.10
N GLY A 22 -13.82 -5.58 -3.15
CA GLY A 22 -13.27 -6.93 -3.33
C GLY A 22 -12.22 -7.24 -2.27
N ARG A 23 -11.80 -8.50 -2.22
CA ARG A 23 -10.79 -8.91 -1.25
C ARG A 23 -9.39 -8.81 -1.84
N PRO A 24 -8.42 -8.54 -1.01
CA PRO A 24 -7.00 -8.43 -1.45
C PRO A 24 -6.39 -9.78 -1.80
N THR A 25 -5.65 -9.83 -2.91
CA THR A 25 -5.02 -11.07 -3.35
C THR A 25 -3.83 -11.40 -2.47
N PHE A 26 -3.41 -10.43 -1.65
CA PHE A 26 -2.26 -10.62 -0.77
C PHE A 26 -2.66 -10.34 0.68
N VAL A 27 -2.35 -11.27 1.57
CA VAL A 27 -2.67 -11.10 2.98
C VAL A 27 -1.48 -11.48 3.85
N GLY A 28 -1.08 -10.57 4.73
CA GLY A 28 0.05 -10.82 5.62
C GLY A 28 -0.43 -11.09 7.05
N GLU A 29 -0.20 -10.12 7.93
CA GLU A 29 -0.62 -10.27 9.32
C GLU A 29 -1.10 -8.93 9.87
N GLU A 30 -0.23 -7.92 9.81
CA GLU A 30 -0.58 -6.59 10.31
C GLU A 30 -1.21 -5.76 9.20
N VAL A 31 -2.43 -5.31 9.43
CA VAL A 31 -3.14 -4.50 8.43
C VAL A 31 -3.55 -3.15 9.03
N THR A 32 -3.42 -2.09 8.24
CA THR A 32 -3.77 -0.76 8.70
C THR A 32 -4.56 -0.01 7.63
N LYS A 33 -5.07 1.16 7.99
CA LYS A 33 -5.84 1.97 7.04
C LYS A 33 -5.28 3.39 6.97
N GLY A 34 -4.44 3.64 5.98
CA GLY A 34 -3.85 4.96 5.81
C GLY A 34 -4.86 6.06 6.15
N PHE A 35 -5.88 6.20 5.32
CA PHE A 35 -6.92 7.20 5.55
C PHE A 35 -7.96 6.68 6.53
N GLU A 36 -8.26 7.47 7.55
CA GLU A 36 -9.25 7.07 8.55
C GLU A 36 -10.66 7.36 8.05
N LYS A 37 -10.75 8.00 6.88
CA LYS A 37 -12.05 8.32 6.31
C LYS A 37 -12.54 7.20 5.41
N ASP A 38 -13.86 7.10 5.25
CA ASP A 38 -14.44 6.06 4.40
C ASP A 38 -14.04 4.68 4.91
N ASN A 39 -14.13 3.69 4.03
CA ASN A 39 -13.79 2.32 4.40
C ASN A 39 -12.27 2.11 4.36
N GLY A 40 -11.53 3.09 4.85
CA GLY A 40 -10.08 3.01 4.86
C GLY A 40 -9.50 3.23 3.46
N LEU A 41 -10.24 2.81 2.46
CA LEU A 41 -9.81 2.96 1.08
C LEU A 41 -8.51 2.19 0.83
N LEU A 42 -7.40 2.72 1.34
CA LEU A 42 -6.11 2.07 1.16
C LEU A 42 -5.73 1.29 2.41
N PHE A 43 -5.37 0.02 2.22
CA PHE A 43 -4.96 -0.83 3.34
C PHE A 43 -3.48 -1.17 3.24
N ARG A 44 -2.79 -1.10 4.37
CA ARG A 44 -1.36 -1.42 4.40
C ARG A 44 -1.14 -2.84 4.91
N ILE A 45 -0.90 -3.76 3.98
CA ILE A 45 -0.68 -5.16 4.35
C ILE A 45 0.81 -5.44 4.55
N VAL A 46 1.14 -6.06 5.67
CA VAL A 46 2.53 -6.37 5.98
C VAL A 46 2.67 -7.83 6.41
N ASN A 47 3.59 -8.55 5.76
CA ASN A 47 3.82 -9.94 6.10
C ASN A 47 5.15 -10.11 6.83
N LYS A 48 5.08 -10.34 8.13
CA LYS A 48 6.28 -10.50 8.93
C LYS A 48 7.15 -11.63 8.39
N LYS A 49 6.51 -12.60 7.75
CA LYS A 49 7.24 -13.74 7.19
C LYS A 49 8.39 -13.26 6.31
N LYS A 50 8.06 -12.54 5.25
CA LYS A 50 9.08 -12.01 4.35
C LYS A 50 9.24 -10.52 4.54
N LYS A 51 8.48 -9.95 5.46
CA LYS A 51 8.54 -8.52 5.73
C LYS A 51 8.30 -7.71 4.47
N GLN A 52 7.47 -8.25 3.58
CA GLN A 52 7.15 -7.57 2.33
C GLN A 52 5.86 -6.77 2.46
N TRP A 53 5.91 -5.50 2.11
CA TRP A 53 4.74 -4.65 2.20
C TRP A 53 3.91 -4.74 0.92
N ALA A 54 2.59 -4.71 1.08
CA ALA A 54 1.69 -4.79 -0.07
C ALA A 54 0.51 -3.85 0.12
N TYR A 55 0.01 -3.31 -0.99
CA TYR A 55 -1.12 -2.38 -0.94
C TYR A 55 -2.27 -2.88 -1.81
N TYR A 56 -3.48 -2.80 -1.28
CA TYR A 56 -4.67 -3.23 -2.03
C TYR A 56 -5.62 -2.06 -2.24
N ASN A 57 -5.90 -1.75 -3.50
CA ASN A 57 -6.79 -0.65 -3.82
C ASN A 57 -8.23 -1.14 -3.94
N ASP A 58 -9.15 -0.40 -3.33
CA ASP A 58 -10.56 -0.78 -3.37
C ASP A 58 -11.34 0.19 -4.25
N THR A 59 -10.98 1.47 -4.19
CA THR A 59 -11.66 2.48 -5.00
C THR A 59 -11.56 2.15 -6.48
N THR A 60 -12.71 1.95 -7.12
CA THR A 60 -12.73 1.62 -8.54
C THR A 60 -12.75 2.90 -9.38
N GLN A 61 -12.95 4.03 -8.72
CA GLN A 61 -13.00 5.30 -9.42
C GLN A 61 -11.63 5.98 -9.41
N TYR A 62 -10.99 5.98 -8.24
CA TYR A 62 -9.67 6.60 -8.11
C TYR A 62 -8.61 5.54 -7.83
N GLU A 63 -7.38 5.81 -8.25
CA GLU A 63 -6.27 4.90 -8.01
C GLU A 63 -5.54 5.27 -6.73
N MET A 64 -4.96 4.27 -6.07
CA MET A 64 -4.24 4.50 -4.83
C MET A 64 -2.75 4.73 -5.09
N HIS A 65 -2.26 5.90 -4.71
CA HIS A 65 -0.86 6.23 -4.90
C HIS A 65 -0.09 6.11 -3.58
N VAL A 66 1.00 5.37 -3.60
CA VAL A 66 1.80 5.18 -2.40
C VAL A 66 3.12 5.97 -2.48
N LEU A 67 3.41 6.73 -1.44
CA LEU A 67 4.64 7.51 -1.40
C LEU A 67 5.22 7.52 0.01
N VAL A 68 6.12 6.58 0.28
CA VAL A 68 6.72 6.47 1.61
C VAL A 68 8.22 6.74 1.54
N THR A 69 8.71 7.57 2.44
CA THR A 69 10.13 7.88 2.48
C THR A 69 10.77 7.28 3.73
N PHE A 70 11.94 6.67 3.56
CA PHE A 70 12.64 6.05 4.68
C PHE A 70 14.00 6.70 4.88
N ASN A 71 14.51 6.60 6.11
CA ASN A 71 15.82 7.18 6.44
C ASN A 71 16.95 6.27 5.95
N GLU A 72 18.13 6.84 5.79
CA GLU A 72 19.28 6.07 5.33
C GLU A 72 19.42 4.78 6.15
N ASP A 73 19.20 4.90 7.45
CA ASP A 73 19.31 3.73 8.32
C ASP A 73 18.05 2.88 8.25
N CYS A 74 17.86 2.22 7.11
CA CYS A 74 16.69 1.37 6.92
C CYS A 74 16.99 0.27 5.91
N ASP A 75 17.01 -0.98 6.37
CA ASP A 75 17.29 -2.11 5.49
C ASP A 75 16.05 -2.47 4.69
N ILE A 76 15.77 -1.70 3.65
CA ILE A 76 14.59 -1.94 2.82
C ILE A 76 15.02 -2.20 1.37
N LYS A 77 14.15 -2.90 0.62
CA LYS A 77 14.44 -3.20 -0.77
C LYS A 77 13.21 -3.01 -1.64
N ALA A 78 13.41 -2.86 -2.94
CA ALA A 78 12.30 -2.68 -3.86
C ALA A 78 11.80 -4.03 -4.38
N LEU A 79 10.48 -4.17 -4.46
CA LEU A 79 9.89 -5.42 -4.92
C LEU A 79 9.39 -5.29 -6.36
N GLY A 80 8.10 -5.05 -6.52
CA GLY A 80 7.52 -4.91 -7.85
C GLY A 80 8.21 -3.81 -8.64
N LYS A 81 7.45 -3.14 -9.51
CA LYS A 81 8.01 -2.07 -10.33
C LYS A 81 8.34 -0.86 -9.46
N THR A 82 8.05 -0.96 -8.17
CA THR A 82 8.31 0.15 -7.25
C THR A 82 9.72 0.69 -7.46
N LYS A 83 9.80 1.96 -7.84
CA LYS A 83 11.09 2.59 -8.08
C LYS A 83 11.74 2.98 -6.75
N LEU A 84 12.95 2.49 -6.53
CA LEU A 84 13.66 2.78 -5.29
C LEU A 84 14.96 3.54 -5.59
N GLU A 85 15.16 4.65 -4.89
CA GLU A 85 16.36 5.47 -5.08
C GLU A 85 16.70 6.22 -3.80
N GLN A 86 17.98 6.55 -3.64
CA GLN A 86 18.42 7.28 -2.46
C GLN A 86 18.78 8.72 -2.81
N GLN A 87 18.61 9.61 -1.84
CA GLN A 87 18.91 11.03 -2.06
C GLN A 87 20.23 11.40 -1.39
N GLU A 88 20.73 12.59 -1.71
CA GLU A 88 21.99 13.05 -1.14
C GLU A 88 21.86 13.25 0.37
N ASN A 89 20.69 13.72 0.80
CA ASN A 89 20.45 13.95 2.22
C ASN A 89 20.63 12.65 3.01
N GLY A 90 20.45 11.52 2.33
CA GLY A 90 20.61 10.23 2.98
C GLY A 90 19.25 9.64 3.34
N GLU A 91 18.36 9.53 2.35
CA GLU A 91 17.05 8.96 2.58
C GLU A 91 16.63 8.10 1.39
N TRP A 92 15.77 7.12 1.66
CA TRP A 92 15.31 6.22 0.61
C TRP A 92 13.86 6.55 0.24
N VAL A 93 13.56 6.50 -1.05
CA VAL A 93 12.21 6.81 -1.52
C VAL A 93 11.66 5.66 -2.37
N ALA A 94 10.40 5.33 -2.14
CA ALA A 94 9.77 4.24 -2.88
C ALA A 94 8.31 4.59 -3.22
N SER A 95 8.07 4.92 -4.49
CA SER A 95 6.74 5.30 -4.93
C SER A 95 6.21 4.32 -5.97
N VAL A 96 4.91 4.05 -5.92
CA VAL A 96 4.29 3.14 -6.87
C VAL A 96 2.78 3.33 -6.89
N VAL A 97 2.19 3.21 -8.07
CA VAL A 97 0.75 3.38 -8.21
C VAL A 97 0.05 2.03 -8.26
N VAL A 98 -1.07 1.92 -7.56
CA VAL A 98 -1.83 0.66 -7.53
C VAL A 98 -3.21 0.86 -8.13
N TYR A 99 -3.59 -0.03 -9.04
CA TYR A 99 -4.90 0.06 -9.67
C TYR A 99 -5.93 -0.74 -8.89
N PRO A 100 -7.19 -0.46 -9.09
CA PRO A 100 -8.30 -1.15 -8.38
C PRO A 100 -8.46 -2.60 -8.83
N CYS A 101 -9.08 -3.41 -7.99
CA CYS A 101 -9.29 -4.82 -8.30
C CYS A 101 -7.94 -5.49 -8.61
N GLU A 102 -6.85 -4.81 -8.28
CA GLU A 102 -5.52 -5.35 -8.53
C GLU A 102 -4.62 -5.12 -7.32
N THR A 103 -3.65 -6.00 -7.13
CA THR A 103 -2.73 -5.89 -6.01
C THR A 103 -1.28 -5.99 -6.50
N GLU A 104 -0.44 -5.10 -5.99
CA GLU A 104 0.97 -5.09 -6.40
C GLU A 104 1.88 -5.08 -5.16
N MET A 105 3.14 -5.42 -5.38
CA MET A 105 4.12 -5.45 -4.28
C MET A 105 4.72 -4.06 -4.06
N PHE A 106 5.19 -3.81 -2.85
CA PHE A 106 5.78 -2.52 -2.52
C PHE A 106 7.27 -2.67 -2.21
N ILE A 107 7.59 -2.77 -0.93
CA ILE A 107 8.98 -2.91 -0.50
C ILE A 107 9.11 -3.99 0.58
N GLU A 108 10.31 -4.52 0.74
CA GLU A 108 10.55 -5.54 1.74
C GLU A 108 11.82 -5.23 2.54
N GLY A 109 11.91 -5.80 3.74
CA GLY A 109 13.08 -5.58 4.59
C GLY A 109 12.67 -5.00 5.94
N ARG A 110 13.63 -4.40 6.64
CA ARG A 110 13.36 -3.82 7.95
C ARG A 110 13.06 -2.32 7.81
N VAL A 111 12.08 -1.84 8.56
CA VAL A 111 11.71 -0.43 8.51
C VAL A 111 11.81 0.20 9.90
N ASN A 112 12.40 1.39 9.94
CA ASN A 112 12.55 2.11 11.21
C ASN A 112 12.40 3.61 11.00
N GLY A 113 11.41 4.21 11.65
CA GLY A 113 11.17 5.63 11.51
C GLY A 113 11.11 6.03 10.04
N PHE A 114 9.90 6.20 9.52
CA PHE A 114 9.72 6.56 8.12
C PHE A 114 8.50 7.47 7.94
N LYS A 115 8.47 8.20 6.83
CA LYS A 115 7.35 9.09 6.55
C LYS A 115 6.47 8.49 5.45
N SER A 116 5.18 8.41 5.71
CA SER A 116 4.25 7.83 4.75
C SER A 116 3.30 8.89 4.20
N LYS A 117 3.10 8.88 2.89
CA LYS A 117 2.21 9.83 2.24
C LYS A 117 1.44 9.14 1.12
N MET A 118 0.11 9.22 1.18
CA MET A 118 -0.73 8.59 0.17
C MET A 118 -1.83 9.53 -0.30
N ASP A 119 -2.52 9.14 -1.37
CA ASP A 119 -3.60 9.95 -1.92
C ASP A 119 -4.44 9.13 -2.90
N ALA A 120 -5.54 9.70 -3.36
CA ALA A 120 -6.41 9.00 -4.29
C ALA A 120 -6.70 9.87 -5.52
N LEU A 121 -5.84 9.75 -6.53
CA LEU A 121 -6.01 10.54 -7.75
C LEU A 121 -6.85 9.78 -8.76
N PRO A 122 -7.55 10.49 -9.60
CA PRO A 122 -8.39 9.88 -10.68
C PRO A 122 -7.61 8.85 -11.50
N LEU A 123 -8.35 8.01 -12.21
CA LEU A 123 -7.71 6.99 -13.04
C LEU A 123 -7.33 7.56 -14.39
N SER A 124 -6.03 7.74 -14.61
CA SER A 124 -5.56 8.29 -15.87
C SER A 124 -5.81 7.33 -17.02
N GLU A 125 -5.60 7.78 -18.25
CA GLU A 125 -5.81 6.95 -19.42
C GLU A 125 -5.01 5.66 -19.30
N GLU A 126 -3.88 5.73 -18.59
CA GLU A 126 -3.02 4.56 -18.41
C GLU A 126 -3.83 3.42 -17.81
N TYR A 127 -4.73 3.74 -16.89
CA TYR A 127 -5.55 2.71 -16.25
C TYR A 127 -6.44 2.03 -17.29
N ARG A 128 -7.01 2.84 -18.20
CA ARG A 128 -7.88 2.30 -19.23
C ARG A 128 -7.15 1.23 -20.05
N GLN A 129 -5.89 1.50 -20.37
CA GLN A 129 -5.09 0.57 -21.14
C GLN A 129 -4.74 -0.65 -20.30
N HIS A 130 -4.47 -0.43 -19.01
CA HIS A 130 -4.13 -1.52 -18.11
C HIS A 130 -5.22 -2.58 -18.13
N GLN A 131 -6.44 -2.17 -18.42
CA GLN A 131 -7.56 -3.10 -18.48
C GLN A 131 -7.35 -4.14 -19.57
N ALA A 132 -6.59 -3.76 -20.59
CA ALA A 132 -6.30 -4.67 -21.71
C ALA A 132 -5.47 -5.86 -21.22
N GLU A 133 -4.28 -5.56 -20.71
CA GLU A 133 -3.39 -6.60 -20.22
C GLU A 133 -3.97 -7.25 -18.96
N LYS A 134 -4.86 -6.54 -18.29
CA LYS A 134 -5.49 -7.06 -17.08
C LYS A 134 -6.01 -8.47 -17.31
N ASP A 135 -6.56 -8.71 -18.50
CA ASP A 135 -7.10 -10.02 -18.84
C ASP A 135 -8.09 -10.47 -17.78
N LYS A 136 -9.37 -10.18 -18.01
CA LYS A 136 -10.42 -10.56 -17.07
C LYS A 136 -10.17 -9.93 -15.71
N MET A 6 -14.47 2.27 33.75
CA MET A 6 -13.05 2.67 33.98
C MET A 6 -12.13 1.54 33.53
N GLY A 7 -11.33 1.79 32.51
CA GLY A 7 -10.40 0.79 31.99
C GLY A 7 -11.11 -0.15 31.01
N CYS A 8 -12.28 0.27 30.53
CA CYS A 8 -13.04 -0.54 29.60
C CYS A 8 -12.58 -0.28 28.17
N GLY A 9 -11.93 -1.26 27.56
CA GLY A 9 -11.44 -1.12 26.19
C GLY A 9 -12.53 -1.48 25.19
N ALA A 10 -12.14 -1.61 23.93
CA ALA A 10 -13.09 -1.95 22.87
C ALA A 10 -13.69 -3.33 23.11
N SER A 11 -13.09 -4.08 24.03
CA SER A 11 -13.57 -5.41 24.34
C SER A 11 -13.32 -6.36 23.17
N SER A 12 -12.29 -7.18 23.30
CA SER A 12 -11.95 -8.14 22.24
C SER A 12 -11.84 -7.42 20.90
N GLU A 13 -11.39 -8.16 19.89
CA GLU A 13 -11.24 -7.59 18.55
C GLU A 13 -11.20 -8.70 17.50
N ASN A 14 -12.32 -9.37 17.32
CA ASN A 14 -12.41 -10.45 16.34
C ASN A 14 -12.06 -9.93 14.95
N SER A 15 -12.52 -8.73 14.65
CA SER A 15 -12.26 -8.13 13.35
C SER A 15 -12.18 -6.61 13.45
N SER A 16 -11.39 -6.00 12.57
CA SER A 16 -11.23 -4.54 12.58
C SER A 16 -11.04 -4.02 11.17
N VAL A 17 -11.42 -4.83 10.19
CA VAL A 17 -11.28 -4.43 8.79
C VAL A 17 -12.43 -4.99 7.96
N THR A 18 -13.00 -4.15 7.09
CA THR A 18 -14.10 -4.57 6.25
C THR A 18 -13.81 -4.27 4.78
N TYR A 19 -14.25 -5.16 3.89
CA TYR A 19 -14.03 -4.97 2.47
C TYR A 19 -15.36 -4.77 1.74
N VAL A 20 -15.29 -4.24 0.54
CA VAL A 20 -16.50 -3.98 -0.25
C VAL A 20 -16.26 -4.26 -1.73
N ASN A 21 -15.20 -3.68 -2.27
CA ASN A 21 -14.89 -3.87 -3.68
C ASN A 21 -14.15 -5.18 -3.90
N GLY A 22 -13.97 -5.94 -2.82
CA GLY A 22 -13.30 -7.23 -2.91
C GLY A 22 -12.14 -7.31 -1.92
N ARG A 23 -11.68 -8.53 -1.65
CA ARG A 23 -10.58 -8.72 -0.72
C ARG A 23 -9.24 -8.72 -1.45
N PRO A 24 -8.25 -8.09 -0.87
CA PRO A 24 -6.88 -8.02 -1.47
C PRO A 24 -6.42 -9.36 -2.02
N THR A 25 -5.71 -9.32 -3.14
CA THR A 25 -5.19 -10.54 -3.75
C THR A 25 -4.01 -11.08 -2.94
N PHE A 26 -3.28 -10.18 -2.29
CA PHE A 26 -2.14 -10.58 -1.48
C PHE A 26 -2.54 -10.75 -0.03
N VAL A 27 -1.98 -11.77 0.62
CA VAL A 27 -2.29 -12.04 2.03
C VAL A 27 -1.10 -11.71 2.91
N GLY A 28 -1.35 -11.52 4.20
CA GLY A 28 -0.29 -11.20 5.14
C GLY A 28 -0.71 -11.52 6.57
N GLU A 29 -0.45 -10.58 7.48
CA GLU A 29 -0.80 -10.77 8.88
C GLU A 29 -1.43 -9.50 9.46
N GLU A 30 -0.59 -8.48 9.65
CA GLU A 30 -1.06 -7.21 10.18
C GLU A 30 -1.68 -6.36 9.08
N VAL A 31 -2.91 -5.89 9.31
CA VAL A 31 -3.60 -5.06 8.33
C VAL A 31 -3.94 -3.70 8.93
N THR A 32 -3.68 -2.65 8.15
CA THR A 32 -3.96 -1.29 8.60
C THR A 32 -4.57 -0.46 7.48
N LYS A 33 -5.03 0.74 7.81
CA LYS A 33 -5.63 1.61 6.80
C LYS A 33 -4.99 3.00 6.86
N GLY A 34 -4.75 3.59 5.69
CA GLY A 34 -4.16 4.92 5.62
C GLY A 34 -5.16 5.99 5.99
N PHE A 35 -6.13 6.23 5.11
CA PHE A 35 -7.16 7.24 5.36
C PHE A 35 -8.28 6.66 6.22
N GLU A 36 -8.56 7.30 7.34
CA GLU A 36 -9.60 6.85 8.24
C GLU A 36 -10.97 7.08 7.61
N LYS A 37 -11.06 8.07 6.74
CA LYS A 37 -12.33 8.39 6.08
C LYS A 37 -12.84 7.19 5.29
N ASP A 38 -14.15 7.13 5.09
CA ASP A 38 -14.76 6.03 4.35
C ASP A 38 -14.52 4.71 5.08
N ASN A 39 -14.34 3.64 4.31
CA ASN A 39 -14.11 2.32 4.89
C ASN A 39 -12.62 2.04 5.02
N GLY A 40 -11.81 3.04 4.72
CA GLY A 40 -10.36 2.90 4.80
C GLY A 40 -9.71 3.10 3.44
N LEU A 41 -10.51 2.95 2.39
CA LEU A 41 -10.00 3.12 1.02
C LEU A 41 -8.85 2.15 0.75
N LEU A 42 -7.66 2.50 1.25
CA LEU A 42 -6.49 1.66 1.04
C LEU A 42 -6.11 0.94 2.34
N PHE A 43 -5.94 -0.37 2.24
CA PHE A 43 -5.56 -1.17 3.40
C PHE A 43 -4.11 -1.61 3.31
N ARG A 44 -3.32 -1.26 4.33
CA ARG A 44 -1.91 -1.64 4.34
C ARG A 44 -1.74 -3.09 4.80
N ILE A 45 -1.10 -3.90 3.95
CA ILE A 45 -0.88 -5.30 4.27
C ILE A 45 0.60 -5.56 4.55
N VAL A 46 0.87 -6.23 5.66
CA VAL A 46 2.24 -6.52 6.05
C VAL A 46 2.40 -8.00 6.39
N ASN A 47 3.40 -8.64 5.79
CA ASN A 47 3.66 -10.05 6.05
C ASN A 47 4.88 -10.22 6.94
N LYS A 48 4.64 -10.46 8.23
CA LYS A 48 5.73 -10.61 9.19
C LYS A 48 6.72 -11.66 8.71
N LYS A 49 6.25 -12.59 7.89
CA LYS A 49 7.10 -13.65 7.36
C LYS A 49 8.30 -13.05 6.65
N LYS A 50 8.04 -12.38 5.53
CA LYS A 50 9.11 -11.76 4.75
C LYS A 50 9.16 -10.26 5.01
N LYS A 51 8.23 -9.78 5.83
CA LYS A 51 8.16 -8.35 6.15
C LYS A 51 8.05 -7.52 4.88
N GLN A 52 7.28 -8.02 3.92
CA GLN A 52 7.08 -7.30 2.67
C GLN A 52 5.77 -6.52 2.70
N TRP A 53 5.86 -5.21 2.46
CA TRP A 53 4.68 -4.37 2.48
C TRP A 53 3.91 -4.47 1.17
N ALA A 54 2.59 -4.44 1.26
CA ALA A 54 1.74 -4.52 0.08
C ALA A 54 0.52 -3.61 0.23
N TYR A 55 0.07 -3.04 -0.89
CA TYR A 55 -1.08 -2.14 -0.86
C TYR A 55 -2.15 -2.62 -1.83
N TYR A 56 -3.39 -2.63 -1.37
CA TYR A 56 -4.51 -3.05 -2.21
C TYR A 56 -5.52 -1.92 -2.35
N ASN A 57 -5.85 -1.58 -3.59
CA ASN A 57 -6.80 -0.50 -3.85
C ASN A 57 -8.22 -1.05 -3.96
N ASP A 58 -9.14 -0.43 -3.23
CA ASP A 58 -10.54 -0.86 -3.26
C ASP A 58 -11.36 0.07 -4.14
N THR A 59 -11.05 1.37 -4.08
CA THR A 59 -11.76 2.36 -4.88
C THR A 59 -11.66 2.02 -6.36
N THR A 60 -12.81 1.78 -6.98
CA THR A 60 -12.83 1.45 -8.41
C THR A 60 -12.98 2.70 -9.26
N GLN A 61 -12.82 3.86 -8.62
CA GLN A 61 -12.95 5.13 -9.32
C GLN A 61 -11.70 5.97 -9.12
N TYR A 62 -10.88 5.60 -8.14
CA TYR A 62 -9.65 6.34 -7.86
C TYR A 62 -8.49 5.37 -7.61
N GLU A 63 -7.31 5.74 -8.09
CA GLU A 63 -6.12 4.92 -7.90
C GLU A 63 -5.38 5.34 -6.63
N MET A 64 -4.73 4.38 -5.99
CA MET A 64 -3.99 4.66 -4.75
C MET A 64 -2.51 4.88 -5.05
N HIS A 65 -2.00 6.04 -4.68
CA HIS A 65 -0.59 6.35 -4.89
C HIS A 65 0.19 6.22 -3.59
N VAL A 66 1.25 5.42 -3.60
CA VAL A 66 2.06 5.22 -2.41
C VAL A 66 3.39 5.96 -2.52
N LEU A 67 3.70 6.76 -1.50
CA LEU A 67 4.95 7.51 -1.48
C LEU A 67 5.52 7.55 -0.07
N VAL A 68 6.38 6.58 0.25
CA VAL A 68 6.97 6.51 1.58
C VAL A 68 8.48 6.74 1.51
N THR A 69 8.99 7.62 2.36
CA THR A 69 10.41 7.90 2.40
C THR A 69 11.04 7.35 3.68
N PHE A 70 12.17 6.67 3.53
CA PHE A 70 12.86 6.09 4.68
C PHE A 70 14.23 6.73 4.87
N ASN A 71 14.81 6.53 6.04
CA ASN A 71 16.12 7.08 6.34
C ASN A 71 17.22 6.18 5.78
N GLU A 72 18.38 6.77 5.51
CA GLU A 72 19.51 6.00 4.97
C GLU A 72 19.70 4.72 5.76
N ASP A 73 19.74 4.84 7.07
CA ASP A 73 19.93 3.67 7.94
C ASP A 73 18.65 2.85 8.03
N CYS A 74 18.32 2.15 6.95
CA CYS A 74 17.12 1.32 6.91
C CYS A 74 17.29 0.18 5.93
N ASP A 75 17.29 -1.05 6.43
CA ASP A 75 17.44 -2.22 5.57
C ASP A 75 16.12 -2.53 4.86
N ILE A 76 15.85 -1.81 3.79
CA ILE A 76 14.63 -2.01 3.02
C ILE A 76 14.95 -2.35 1.56
N LYS A 77 14.01 -3.02 0.90
CA LYS A 77 14.20 -3.39 -0.50
C LYS A 77 13.01 -2.96 -1.34
N ALA A 78 13.18 -3.00 -2.66
CA ALA A 78 12.10 -2.60 -3.57
C ALA A 78 11.47 -3.84 -4.21
N LEU A 79 10.14 -3.85 -4.26
CA LEU A 79 9.43 -4.97 -4.85
C LEU A 79 8.71 -4.56 -6.13
N GLY A 80 8.14 -5.53 -6.84
CA GLY A 80 7.42 -5.24 -8.08
C GLY A 80 8.18 -4.22 -8.92
N LYS A 81 7.45 -3.29 -9.51
CA LYS A 81 8.06 -2.27 -10.35
C LYS A 81 8.38 -1.02 -9.53
N THR A 82 8.15 -1.11 -8.22
CA THR A 82 8.41 0.02 -7.32
C THR A 82 9.82 0.54 -7.54
N LYS A 83 9.92 1.83 -7.87
CA LYS A 83 11.21 2.46 -8.10
C LYS A 83 11.85 2.86 -6.77
N LEU A 84 13.10 2.46 -6.58
CA LEU A 84 13.82 2.77 -5.34
C LEU A 84 15.12 3.50 -5.65
N GLU A 85 15.33 4.64 -4.99
CA GLU A 85 16.55 5.42 -5.21
C GLU A 85 16.94 6.14 -3.92
N GLN A 86 18.22 6.50 -3.82
CA GLN A 86 18.72 7.19 -2.65
C GLN A 86 18.80 8.69 -2.90
N GLN A 87 18.65 9.48 -1.84
CA GLN A 87 18.71 10.93 -1.96
C GLN A 87 20.09 11.44 -1.62
N GLU A 88 20.30 12.75 -1.79
CA GLU A 88 21.60 13.35 -1.49
C GLU A 88 21.81 13.46 0.02
N ASN A 89 20.72 13.75 0.73
CA ASN A 89 20.81 13.90 2.19
C ASN A 89 20.87 12.54 2.86
N GLY A 90 20.87 11.49 2.06
CA GLY A 90 20.95 10.13 2.59
C GLY A 90 19.57 9.62 3.02
N GLU A 91 18.70 9.41 2.04
CA GLU A 91 17.37 8.90 2.33
C GLU A 91 16.90 7.96 1.22
N TRP A 92 15.97 7.07 1.56
CA TRP A 92 15.45 6.12 0.57
C TRP A 92 13.99 6.44 0.25
N VAL A 93 13.66 6.38 -1.03
CA VAL A 93 12.29 6.68 -1.47
C VAL A 93 11.75 5.55 -2.33
N ALA A 94 10.49 5.19 -2.09
CA ALA A 94 9.85 4.13 -2.86
C ALA A 94 8.43 4.53 -3.25
N SER A 95 8.22 4.78 -4.54
CA SER A 95 6.92 5.21 -5.02
C SER A 95 6.37 4.20 -6.04
N VAL A 96 5.06 3.96 -5.99
CA VAL A 96 4.44 3.04 -6.92
C VAL A 96 2.93 3.25 -6.93
N VAL A 97 2.34 3.20 -8.13
CA VAL A 97 0.90 3.39 -8.27
C VAL A 97 0.18 2.06 -8.29
N VAL A 98 -0.93 1.98 -7.56
CA VAL A 98 -1.71 0.74 -7.49
C VAL A 98 -3.04 0.92 -8.20
N TYR A 99 -3.42 -0.08 -8.99
CA TYR A 99 -4.68 -0.02 -9.72
C TYR A 99 -5.76 -0.81 -9.01
N PRO A 100 -7.00 -0.45 -9.19
CA PRO A 100 -8.15 -1.12 -8.52
C PRO A 100 -8.25 -2.59 -8.90
N CYS A 101 -8.67 -3.42 -7.94
CA CYS A 101 -8.81 -4.85 -8.19
C CYS A 101 -7.45 -5.46 -8.53
N GLU A 102 -6.39 -4.80 -8.09
CA GLU A 102 -5.04 -5.28 -8.36
C GLU A 102 -4.13 -4.99 -7.17
N THR A 103 -3.48 -6.04 -6.66
CA THR A 103 -2.56 -5.88 -5.53
C THR A 103 -1.12 -6.00 -5.99
N GLU A 104 -0.31 -5.00 -5.66
CA GLU A 104 1.09 -4.99 -6.07
C GLU A 104 2.00 -4.96 -4.85
N MET A 105 3.25 -5.36 -5.03
CA MET A 105 4.22 -5.36 -3.94
C MET A 105 4.84 -3.98 -3.77
N PHE A 106 5.29 -3.68 -2.56
CA PHE A 106 5.89 -2.38 -2.27
C PHE A 106 7.36 -2.55 -1.89
N ILE A 107 7.65 -2.45 -0.59
CA ILE A 107 9.02 -2.59 -0.11
C ILE A 107 9.10 -3.68 0.95
N GLU A 108 10.28 -4.26 1.12
CA GLU A 108 10.48 -5.31 2.11
C GLU A 108 11.77 -5.07 2.89
N GLY A 109 11.84 -5.66 4.08
CA GLY A 109 13.03 -5.51 4.92
C GLY A 109 12.68 -4.85 6.25
N ARG A 110 13.69 -4.27 6.90
CA ARG A 110 13.47 -3.61 8.18
C ARG A 110 13.20 -2.13 7.98
N VAL A 111 12.27 -1.58 8.77
CA VAL A 111 11.92 -0.18 8.66
C VAL A 111 12.07 0.53 10.01
N ASN A 112 12.66 1.71 9.99
CA ASN A 112 12.86 2.48 11.22
C ASN A 112 12.82 3.98 10.92
N GLY A 113 11.83 4.66 11.48
CA GLY A 113 11.69 6.09 11.27
C GLY A 113 11.54 6.41 9.79
N PHE A 114 10.30 6.63 9.36
CA PHE A 114 10.04 6.92 7.95
C PHE A 114 8.77 7.77 7.80
N LYS A 115 8.66 8.47 6.68
CA LYS A 115 7.49 9.29 6.42
C LYS A 115 6.63 8.66 5.32
N SER A 116 5.32 8.61 5.55
CA SER A 116 4.41 8.02 4.59
C SER A 116 3.44 9.06 4.03
N LYS A 117 3.26 9.05 2.71
CA LYS A 117 2.35 9.98 2.07
C LYS A 117 1.53 9.25 1.01
N MET A 118 0.21 9.34 1.12
CA MET A 118 -0.68 8.67 0.16
C MET A 118 -1.75 9.63 -0.35
N ASP A 119 -2.47 9.19 -1.38
CA ASP A 119 -3.53 10.01 -1.96
C ASP A 119 -4.42 9.14 -2.86
N ALA A 120 -5.53 9.72 -3.30
CA ALA A 120 -6.46 8.99 -4.17
C ALA A 120 -6.79 9.81 -5.41
N LEU A 121 -6.01 9.61 -6.47
CA LEU A 121 -6.23 10.35 -7.71
C LEU A 121 -7.24 9.63 -8.60
N PRO A 122 -7.74 10.30 -9.60
CA PRO A 122 -8.73 9.72 -10.55
C PRO A 122 -8.06 8.91 -11.65
N LEU A 123 -8.60 7.73 -11.93
CA LEU A 123 -8.06 6.86 -12.96
C LEU A 123 -7.98 7.60 -14.28
N SER A 124 -6.78 7.70 -14.84
CA SER A 124 -6.58 8.40 -16.10
C SER A 124 -6.61 7.40 -17.26
N GLU A 125 -6.10 7.83 -18.40
CA GLU A 125 -6.07 6.97 -19.59
C GLU A 125 -5.17 5.77 -19.35
N GLU A 126 -4.14 5.95 -18.52
CA GLU A 126 -3.21 4.87 -18.22
C GLU A 126 -3.97 3.65 -17.70
N TYR A 127 -4.79 3.86 -16.68
CA TYR A 127 -5.57 2.76 -16.11
C TYR A 127 -6.42 2.10 -17.20
N ARG A 128 -7.05 2.92 -18.03
CA ARG A 128 -7.89 2.40 -19.11
C ARG A 128 -7.08 1.48 -20.03
N GLN A 129 -5.87 1.92 -20.37
CA GLN A 129 -5.00 1.13 -21.22
C GLN A 129 -4.47 -0.10 -20.48
N HIS A 130 -4.16 0.09 -19.19
CA HIS A 130 -3.65 -1.00 -18.38
C HIS A 130 -4.56 -2.23 -18.48
N GLN A 131 -5.85 -2.01 -18.28
CA GLN A 131 -6.82 -3.09 -18.37
C GLN A 131 -6.89 -3.63 -19.79
N ALA A 132 -6.76 -2.74 -20.77
CA ALA A 132 -6.80 -3.15 -22.16
C ALA A 132 -5.64 -4.07 -22.49
N GLU A 133 -4.47 -3.78 -21.91
CA GLU A 133 -3.29 -4.61 -22.14
C GLU A 133 -3.52 -6.02 -21.64
N LYS A 134 -4.35 -6.16 -20.60
CA LYS A 134 -4.65 -7.46 -20.05
C LYS A 134 -5.67 -8.20 -20.90
N ASP A 135 -6.15 -7.53 -21.95
CA ASP A 135 -7.13 -8.14 -22.84
C ASP A 135 -8.35 -8.63 -22.07
N LYS A 136 -8.83 -7.78 -21.15
CA LYS A 136 -9.99 -8.14 -20.35
C LYS A 136 -11.18 -8.48 -21.24
N MET A 6 -23.98 -6.90 34.00
CA MET A 6 -23.02 -7.67 33.15
C MET A 6 -23.34 -7.44 31.68
N GLY A 7 -22.80 -6.37 31.12
CA GLY A 7 -23.04 -6.05 29.71
C GLY A 7 -22.33 -7.04 28.80
N CYS A 8 -22.93 -7.30 27.65
CA CYS A 8 -22.34 -8.24 26.69
C CYS A 8 -20.98 -7.74 26.22
N GLY A 9 -20.84 -6.42 26.13
CA GLY A 9 -19.57 -5.83 25.70
C GLY A 9 -18.51 -5.93 26.80
N ALA A 10 -18.57 -7.01 27.57
CA ALA A 10 -17.62 -7.22 28.64
C ALA A 10 -16.20 -7.33 28.09
N SER A 11 -16.09 -7.85 26.87
CA SER A 11 -14.78 -8.01 26.24
C SER A 11 -14.70 -7.16 24.97
N SER A 12 -13.50 -6.69 24.67
CA SER A 12 -13.29 -5.87 23.48
C SER A 12 -12.90 -6.73 22.29
N GLU A 13 -13.35 -6.33 21.10
CA GLU A 13 -13.04 -7.09 19.89
C GLU A 13 -11.94 -6.39 19.09
N ASN A 14 -11.32 -7.13 18.18
CA ASN A 14 -10.25 -6.58 17.36
C ASN A 14 -10.83 -5.75 16.21
N SER A 15 -10.06 -4.78 15.73
CA SER A 15 -10.51 -3.92 14.64
C SER A 15 -10.73 -4.75 13.38
N SER A 16 -9.99 -5.86 13.26
CA SER A 16 -10.11 -6.72 12.10
C SER A 16 -10.08 -5.90 10.81
N VAL A 17 -10.39 -6.55 9.70
CA VAL A 17 -10.40 -5.86 8.41
C VAL A 17 -11.66 -6.20 7.62
N THR A 18 -12.19 -5.22 6.90
CA THR A 18 -13.39 -5.44 6.10
C THR A 18 -13.20 -4.89 4.70
N TYR A 19 -13.88 -5.51 3.73
CA TYR A 19 -13.79 -5.08 2.34
C TYR A 19 -15.19 -4.93 1.74
N VAL A 20 -15.24 -4.37 0.54
CA VAL A 20 -16.53 -4.16 -0.13
C VAL A 20 -16.40 -4.46 -1.62
N ASN A 21 -15.49 -3.76 -2.29
CA ASN A 21 -15.29 -3.93 -3.72
C ASN A 21 -14.74 -5.31 -4.02
N GLY A 22 -14.01 -5.88 -3.06
CA GLY A 22 -13.44 -7.21 -3.24
C GLY A 22 -12.36 -7.46 -2.19
N ARG A 23 -11.89 -8.71 -2.13
CA ARG A 23 -10.86 -9.08 -1.17
C ARG A 23 -9.47 -8.91 -1.79
N PRO A 24 -8.49 -8.61 -0.98
CA PRO A 24 -7.08 -8.45 -1.44
C PRO A 24 -6.44 -9.78 -1.82
N THR A 25 -5.77 -9.80 -2.97
CA THR A 25 -5.12 -11.02 -3.44
C THR A 25 -3.91 -11.35 -2.59
N PHE A 26 -3.44 -10.36 -1.84
CA PHE A 26 -2.28 -10.55 -0.98
C PHE A 26 -2.65 -10.33 0.49
N VAL A 27 -2.02 -11.09 1.38
CA VAL A 27 -2.29 -10.98 2.80
C VAL A 27 -0.99 -11.02 3.60
N GLY A 28 -1.10 -10.85 4.91
CA GLY A 28 0.07 -10.86 5.78
C GLY A 28 -0.33 -11.12 7.23
N GLU A 29 -0.21 -10.09 8.06
CA GLU A 29 -0.56 -10.21 9.47
C GLU A 29 -1.05 -8.88 10.02
N GLU A 30 -0.19 -7.87 9.99
CA GLU A 30 -0.56 -6.54 10.47
C GLU A 30 -1.18 -5.71 9.35
N VAL A 31 -2.47 -5.45 9.46
CA VAL A 31 -3.17 -4.67 8.44
C VAL A 31 -3.56 -3.30 8.99
N THR A 32 -3.39 -2.28 8.16
CA THR A 32 -3.72 -0.92 8.57
C THR A 32 -4.41 -0.17 7.43
N LYS A 33 -5.02 0.96 7.76
CA LYS A 33 -5.71 1.76 6.75
C LYS A 33 -5.12 3.16 6.68
N GLY A 34 -4.39 3.45 5.60
CA GLY A 34 -3.79 4.75 5.41
C GLY A 34 -4.76 5.87 5.81
N PHE A 35 -5.80 6.05 5.01
CA PHE A 35 -6.80 7.07 5.29
C PHE A 35 -7.88 6.52 6.22
N GLU A 36 -8.05 7.17 7.37
CA GLU A 36 -9.05 6.74 8.33
C GLU A 36 -10.46 7.02 7.80
N LYS A 37 -10.57 8.03 6.94
CA LYS A 37 -11.87 8.39 6.37
C LYS A 37 -12.36 7.29 5.42
N ASP A 38 -13.66 7.31 5.13
CA ASP A 38 -14.23 6.32 4.23
C ASP A 38 -14.00 4.90 4.76
N ASN A 39 -14.14 3.92 3.89
CA ASN A 39 -13.96 2.53 4.28
C ASN A 39 -12.47 2.18 4.35
N GLY A 40 -11.64 3.21 4.44
CA GLY A 40 -10.19 3.00 4.51
C GLY A 40 -9.54 3.26 3.16
N LEU A 41 -10.30 3.07 2.09
CA LEU A 41 -9.78 3.29 0.75
C LEU A 41 -8.64 2.32 0.45
N LEU A 42 -7.52 2.52 1.14
CA LEU A 42 -6.35 1.66 0.93
C LEU A 42 -5.94 1.00 2.23
N PHE A 43 -5.68 -0.31 2.17
CA PHE A 43 -5.26 -1.05 3.35
C PHE A 43 -3.77 -1.38 3.27
N ARG A 44 -3.04 -1.10 4.34
CA ARG A 44 -1.61 -1.38 4.38
C ARG A 44 -1.37 -2.80 4.91
N ILE A 45 -0.93 -3.68 4.02
CA ILE A 45 -0.67 -5.07 4.39
C ILE A 45 0.82 -5.27 4.66
N VAL A 46 1.13 -5.95 5.77
CA VAL A 46 2.52 -6.20 6.13
C VAL A 46 2.69 -7.64 6.63
N ASN A 47 3.59 -8.38 5.98
CA ASN A 47 3.84 -9.76 6.37
C ASN A 47 5.15 -9.87 7.12
N LYS A 48 5.06 -10.03 8.43
CA LYS A 48 6.26 -10.14 9.27
C LYS A 48 7.14 -11.28 8.80
N LYS A 49 6.51 -12.33 8.27
CA LYS A 49 7.25 -13.49 7.78
C LYS A 49 8.34 -13.07 6.81
N LYS A 50 7.94 -12.56 5.66
CA LYS A 50 8.89 -12.12 4.65
C LYS A 50 9.16 -10.62 4.77
N LYS A 51 8.46 -9.98 5.71
CA LYS A 51 8.63 -8.55 5.93
C LYS A 51 8.41 -7.78 4.62
N GLN A 52 7.50 -8.28 3.79
CA GLN A 52 7.20 -7.62 2.53
C GLN A 52 5.91 -6.81 2.64
N TRP A 53 5.97 -5.54 2.27
CA TRP A 53 4.81 -4.67 2.32
C TRP A 53 3.98 -4.78 1.04
N ALA A 54 2.66 -4.71 1.19
CA ALA A 54 1.77 -4.80 0.04
C ALA A 54 0.59 -3.86 0.20
N TYR A 55 0.01 -3.42 -0.91
CA TYR A 55 -1.13 -2.51 -0.87
C TYR A 55 -2.27 -3.03 -1.73
N TYR A 56 -3.50 -2.86 -1.24
CA TYR A 56 -4.68 -3.30 -1.98
C TYR A 56 -5.64 -2.14 -2.19
N ASN A 57 -6.00 -1.88 -3.44
CA ASN A 57 -6.90 -0.79 -3.76
C ASN A 57 -8.33 -1.31 -3.97
N ASP A 58 -9.28 -0.71 -3.25
CA ASP A 58 -10.67 -1.12 -3.37
C ASP A 58 -11.46 -0.13 -4.22
N THR A 59 -11.07 1.15 -4.14
CA THR A 59 -11.74 2.19 -4.92
C THR A 59 -11.69 1.86 -6.40
N THR A 60 -12.86 1.70 -7.01
CA THR A 60 -12.93 1.39 -8.43
C THR A 60 -13.17 2.65 -9.24
N GLN A 61 -12.91 3.80 -8.64
CA GLN A 61 -13.10 5.08 -9.32
C GLN A 61 -11.85 5.93 -9.22
N TYR A 62 -10.96 5.58 -8.30
CA TYR A 62 -9.72 6.33 -8.11
C TYR A 62 -8.54 5.37 -7.96
N GLU A 63 -7.37 5.83 -8.39
CA GLU A 63 -6.16 5.02 -8.27
C GLU A 63 -5.42 5.35 -6.98
N MET A 64 -4.79 4.34 -6.38
CA MET A 64 -4.07 4.53 -5.14
C MET A 64 -2.60 4.82 -5.40
N HIS A 65 -2.12 5.95 -4.88
CA HIS A 65 -0.72 6.33 -5.04
C HIS A 65 0.01 6.27 -3.70
N VAL A 66 1.08 5.48 -3.65
CA VAL A 66 1.84 5.33 -2.42
C VAL A 66 3.18 6.06 -2.52
N LEU A 67 3.49 6.85 -1.48
CA LEU A 67 4.75 7.58 -1.45
C LEU A 67 5.31 7.61 -0.03
N VAL A 68 6.16 6.65 0.29
CA VAL A 68 6.74 6.56 1.62
C VAL A 68 8.25 6.81 1.57
N THR A 69 8.74 7.64 2.48
CA THR A 69 10.16 7.95 2.54
C THR A 69 10.79 7.31 3.78
N PHE A 70 11.95 6.69 3.58
CA PHE A 70 12.64 6.03 4.68
C PHE A 70 14.00 6.68 4.93
N ASN A 71 14.58 6.42 6.10
CA ASN A 71 15.88 6.98 6.44
C ASN A 71 16.99 6.10 5.89
N GLU A 72 18.15 6.71 5.63
CA GLU A 72 19.29 5.97 5.10
C GLU A 72 19.51 4.69 5.89
N ASP A 73 19.46 4.80 7.22
CA ASP A 73 19.65 3.65 8.08
C ASP A 73 18.40 2.79 8.12
N CYS A 74 18.11 2.10 7.02
CA CYS A 74 16.93 1.23 6.94
C CYS A 74 17.16 0.13 5.92
N ASP A 75 17.17 -1.11 6.39
CA ASP A 75 17.38 -2.25 5.51
C ASP A 75 16.10 -2.57 4.74
N ILE A 76 15.85 -1.81 3.68
CA ILE A 76 14.65 -2.00 2.86
C ILE A 76 15.03 -2.27 1.41
N LYS A 77 14.12 -2.89 0.67
CA LYS A 77 14.36 -3.19 -0.74
C LYS A 77 13.09 -3.02 -1.56
N ALA A 78 13.26 -2.89 -2.87
CA ALA A 78 12.10 -2.73 -3.76
C ALA A 78 11.62 -4.08 -4.27
N LEU A 79 10.30 -4.22 -4.38
CA LEU A 79 9.72 -5.48 -4.84
C LEU A 79 9.28 -5.36 -6.29
N GLY A 80 8.00 -5.12 -6.50
CA GLY A 80 7.45 -5.01 -7.84
C GLY A 80 8.13 -3.88 -8.62
N LYS A 81 7.38 -3.23 -9.49
CA LYS A 81 7.93 -2.13 -10.29
C LYS A 81 8.27 -0.94 -9.40
N THR A 82 7.98 -1.06 -8.12
CA THR A 82 8.25 0.02 -7.17
C THR A 82 9.65 0.59 -7.39
N LYS A 83 9.71 1.85 -7.81
CA LYS A 83 10.99 2.49 -8.06
C LYS A 83 11.65 2.90 -6.75
N LEU A 84 12.82 2.34 -6.48
CA LEU A 84 13.55 2.66 -5.26
C LEU A 84 14.85 3.39 -5.57
N GLU A 85 15.05 4.54 -4.93
CA GLU A 85 16.24 5.33 -5.15
C GLU A 85 16.59 6.14 -3.91
N GLN A 86 17.90 6.37 -3.70
CA GLN A 86 18.35 7.13 -2.54
C GLN A 86 18.71 8.56 -2.96
N GLN A 87 18.48 9.51 -2.06
CA GLN A 87 18.79 10.91 -2.33
C GLN A 87 20.14 11.29 -1.73
N GLU A 88 20.61 12.49 -2.06
CA GLU A 88 21.89 12.96 -1.53
C GLU A 88 21.79 13.23 -0.03
N ASN A 89 20.61 13.66 0.40
CA ASN A 89 20.39 13.95 1.82
C ASN A 89 20.58 12.70 2.67
N GLY A 90 20.39 11.54 2.04
CA GLY A 90 20.56 10.27 2.73
C GLY A 90 19.20 9.68 3.12
N GLU A 91 18.32 9.58 2.14
CA GLU A 91 16.99 9.01 2.37
C GLU A 91 16.56 8.14 1.20
N TRP A 92 15.70 7.16 1.47
CA TRP A 92 15.21 6.27 0.42
C TRP A 92 13.78 6.61 0.05
N VAL A 93 13.46 6.52 -1.24
CA VAL A 93 12.12 6.84 -1.71
C VAL A 93 11.55 5.69 -2.52
N ALA A 94 10.30 5.33 -2.25
CA ALA A 94 9.64 4.25 -2.97
C ALA A 94 8.23 4.64 -3.37
N SER A 95 8.05 4.93 -4.65
CA SER A 95 6.73 5.33 -5.15
C SER A 95 6.18 4.29 -6.12
N VAL A 96 4.88 4.06 -6.05
CA VAL A 96 4.24 3.09 -6.94
C VAL A 96 2.73 3.32 -6.97
N VAL A 97 2.13 3.12 -8.13
CA VAL A 97 0.69 3.29 -8.29
C VAL A 97 -0.02 1.94 -8.36
N VAL A 98 -1.09 1.79 -7.58
CA VAL A 98 -1.84 0.55 -7.56
C VAL A 98 -3.23 0.76 -8.13
N TYR A 99 -3.61 -0.08 -9.09
CA TYR A 99 -4.93 0.02 -9.71
C TYR A 99 -5.96 -0.80 -8.93
N PRO A 100 -7.22 -0.48 -9.08
CA PRO A 100 -8.32 -1.20 -8.38
C PRO A 100 -8.38 -2.67 -8.77
N CYS A 101 -9.17 -3.44 -8.01
CA CYS A 101 -9.31 -4.86 -8.28
C CYS A 101 -7.97 -5.48 -8.65
N GLU A 102 -6.89 -4.81 -8.25
CA GLU A 102 -5.55 -5.30 -8.52
C GLU A 102 -4.65 -5.11 -7.30
N THR A 103 -3.67 -6.00 -7.16
CA THR A 103 -2.74 -5.92 -6.02
C THR A 103 -1.29 -5.98 -6.52
N GLU A 104 -0.45 -5.15 -5.95
CA GLU A 104 0.96 -5.11 -6.34
C GLU A 104 1.85 -5.09 -5.11
N MET A 105 3.11 -5.48 -5.30
CA MET A 105 4.07 -5.50 -4.20
C MET A 105 4.68 -4.11 -4.00
N PHE A 106 5.07 -3.83 -2.76
CA PHE A 106 5.66 -2.53 -2.44
C PHE A 106 7.15 -2.68 -2.11
N ILE A 107 7.47 -2.65 -0.83
CA ILE A 107 8.86 -2.81 -0.40
C ILE A 107 8.97 -3.86 0.70
N GLU A 108 10.18 -4.37 0.91
CA GLU A 108 10.41 -5.38 1.93
C GLU A 108 11.63 -5.03 2.77
N GLY A 109 11.96 -5.89 3.72
CA GLY A 109 13.11 -5.65 4.60
C GLY A 109 12.67 -5.06 5.93
N ARG A 110 13.61 -4.45 6.64
CA ARG A 110 13.31 -3.86 7.94
C ARG A 110 13.04 -2.37 7.78
N VAL A 111 12.08 -1.86 8.56
CA VAL A 111 11.72 -0.45 8.49
C VAL A 111 11.82 0.20 9.87
N ASN A 112 12.41 1.38 9.92
CA ASN A 112 12.58 2.10 11.17
C ASN A 112 12.50 3.61 10.94
N GLY A 113 11.51 4.25 11.55
CA GLY A 113 11.34 5.69 11.40
C GLY A 113 11.21 6.06 9.92
N PHE A 114 9.99 6.33 9.49
CA PHE A 114 9.75 6.68 8.09
C PHE A 114 8.48 7.53 7.97
N LYS A 115 8.43 8.32 6.90
CA LYS A 115 7.27 9.17 6.65
C LYS A 115 6.42 8.61 5.51
N SER A 116 5.12 8.51 5.74
CA SER A 116 4.22 7.96 4.73
C SER A 116 3.27 9.04 4.19
N LYS A 117 3.08 9.05 2.88
CA LYS A 117 2.19 10.02 2.25
C LYS A 117 1.44 9.37 1.09
N MET A 118 0.12 9.40 1.15
CA MET A 118 -0.70 8.80 0.10
C MET A 118 -1.77 9.76 -0.38
N ASP A 119 -2.47 9.37 -1.44
CA ASP A 119 -3.53 10.20 -2.00
C ASP A 119 -4.46 9.36 -2.86
N ALA A 120 -5.56 9.96 -3.31
CA ALA A 120 -6.53 9.25 -4.15
C ALA A 120 -6.78 10.01 -5.44
N LEU A 121 -5.96 9.74 -6.46
CA LEU A 121 -6.10 10.40 -7.75
C LEU A 121 -7.06 9.62 -8.64
N PRO A 122 -7.73 10.30 -9.53
CA PRO A 122 -8.69 9.66 -10.48
C PRO A 122 -7.98 8.82 -11.54
N LEU A 123 -8.56 7.66 -11.85
CA LEU A 123 -7.96 6.78 -12.85
C LEU A 123 -7.56 7.57 -14.09
N SER A 124 -6.27 7.81 -14.24
CA SER A 124 -5.77 8.56 -15.39
C SER A 124 -5.81 7.69 -16.65
N GLU A 125 -5.30 8.23 -17.75
CA GLU A 125 -5.30 7.51 -19.02
C GLU A 125 -4.52 6.21 -18.88
N GLU A 126 -3.51 6.21 -18.02
CA GLU A 126 -2.69 5.02 -17.80
C GLU A 126 -3.56 3.86 -17.36
N TYR A 127 -4.56 4.14 -16.54
CA TYR A 127 -5.47 3.10 -16.06
C TYR A 127 -6.19 2.44 -17.22
N ARG A 128 -6.60 3.25 -18.19
CA ARG A 128 -7.30 2.74 -19.36
C ARG A 128 -6.45 1.72 -20.09
N GLN A 129 -5.16 2.02 -20.22
CA GLN A 129 -4.23 1.12 -20.89
C GLN A 129 -4.01 -0.14 -20.06
N HIS A 130 -3.96 0.02 -18.75
CA HIS A 130 -3.76 -1.12 -17.85
C HIS A 130 -4.82 -2.17 -18.08
N GLN A 131 -6.03 -1.73 -18.43
CA GLN A 131 -7.13 -2.66 -18.68
C GLN A 131 -7.21 -3.01 -20.15
N ALA A 132 -6.78 -2.09 -21.00
CA ALA A 132 -6.81 -2.32 -22.44
C ALA A 132 -5.87 -3.45 -22.83
N GLU A 133 -4.72 -3.51 -22.16
CA GLU A 133 -3.72 -4.54 -22.44
C GLU A 133 -4.27 -5.91 -22.07
N LYS A 134 -5.06 -5.96 -21.00
CA LYS A 134 -5.62 -7.23 -20.55
C LYS A 134 -6.52 -7.82 -21.63
N ASP A 135 -7.10 -6.96 -22.46
CA ASP A 135 -7.98 -7.41 -23.53
C ASP A 135 -9.05 -8.34 -22.98
N LYS A 136 -8.74 -9.62 -22.92
CA LYS A 136 -9.69 -10.61 -22.40
C LYS A 136 -9.73 -10.57 -20.88
N MET A 6 -16.33 9.04 28.95
CA MET A 6 -17.39 9.36 27.96
C MET A 6 -18.19 8.10 27.64
N GLY A 7 -19.49 8.16 27.87
CA GLY A 7 -20.36 7.02 27.60
C GLY A 7 -20.35 6.03 28.77
N CYS A 8 -20.83 4.83 28.52
CA CYS A 8 -20.88 3.80 29.56
C CYS A 8 -19.47 3.35 29.92
N GLY A 9 -18.46 4.04 29.37
CA GLY A 9 -17.08 3.69 29.64
C GLY A 9 -16.61 2.56 28.73
N ALA A 10 -17.27 2.42 27.59
CA ALA A 10 -16.92 1.37 26.63
C ALA A 10 -15.50 1.57 26.12
N SER A 11 -15.05 2.82 26.12
CA SER A 11 -13.70 3.13 25.65
C SER A 11 -13.49 2.63 24.23
N SER A 12 -12.30 2.85 23.70
CA SER A 12 -11.98 2.40 22.34
C SER A 12 -11.93 0.87 22.28
N GLU A 13 -12.02 0.34 21.07
CA GLU A 13 -11.98 -1.11 20.88
C GLU A 13 -11.19 -1.47 19.62
N ASN A 14 -10.77 -2.72 19.55
CA ASN A 14 -10.00 -3.18 18.38
C ASN A 14 -10.92 -3.49 17.22
N SER A 15 -10.37 -3.46 16.01
CA SER A 15 -11.17 -3.74 14.82
C SER A 15 -10.41 -4.68 13.88
N SER A 16 -11.16 -5.41 13.06
CA SER A 16 -10.56 -6.35 12.13
C SER A 16 -10.39 -5.71 10.75
N VAL A 17 -10.66 -6.49 9.70
CA VAL A 17 -10.53 -5.98 8.34
C VAL A 17 -11.78 -6.32 7.53
N THR A 18 -12.21 -5.36 6.71
CA THR A 18 -13.40 -5.57 5.88
C THR A 18 -13.16 -5.05 4.46
N TYR A 19 -13.79 -5.71 3.49
CA TYR A 19 -13.65 -5.31 2.10
C TYR A 19 -15.01 -5.21 1.43
N VAL A 20 -15.05 -4.58 0.25
CA VAL A 20 -16.31 -4.41 -0.47
C VAL A 20 -16.08 -4.57 -1.97
N ASN A 21 -15.28 -3.68 -2.54
CA ASN A 21 -15.00 -3.72 -3.97
C ASN A 21 -14.34 -5.03 -4.35
N GLY A 22 -13.59 -5.61 -3.42
CA GLY A 22 -12.90 -6.87 -3.66
C GLY A 22 -11.92 -7.19 -2.55
N ARG A 23 -11.46 -8.44 -2.49
CA ARG A 23 -10.52 -8.86 -1.47
C ARG A 23 -9.08 -8.75 -1.98
N PRO A 24 -8.15 -8.58 -1.10
CA PRO A 24 -6.71 -8.44 -1.45
C PRO A 24 -6.07 -9.79 -1.81
N THR A 25 -5.35 -9.82 -2.92
CA THR A 25 -4.70 -11.04 -3.36
C THR A 25 -3.61 -11.45 -2.37
N PHE A 26 -3.01 -10.47 -1.73
CA PHE A 26 -1.94 -10.73 -0.75
C PHE A 26 -2.44 -10.44 0.66
N VAL A 27 -2.11 -11.33 1.59
CA VAL A 27 -2.53 -11.17 2.98
C VAL A 27 -1.37 -11.48 3.92
N GLY A 28 -1.05 -10.54 4.80
CA GLY A 28 0.04 -10.72 5.75
C GLY A 28 -0.52 -11.03 7.14
N GLU A 29 -0.33 -10.10 8.06
CA GLU A 29 -0.81 -10.29 9.43
C GLU A 29 -1.31 -8.96 10.01
N GLU A 30 -0.60 -7.88 9.68
CA GLU A 30 -1.00 -6.57 10.16
C GLU A 30 -1.69 -5.78 9.05
N VAL A 31 -2.89 -5.28 9.34
CA VAL A 31 -3.66 -4.53 8.36
C VAL A 31 -4.22 -3.25 8.97
N THR A 32 -4.02 -2.13 8.28
CA THR A 32 -4.53 -0.85 8.76
C THR A 32 -4.89 0.04 7.58
N LYS A 33 -5.95 0.83 7.75
CA LYS A 33 -6.39 1.74 6.69
C LYS A 33 -5.67 3.07 6.80
N GLY A 34 -5.16 3.56 5.67
CA GLY A 34 -4.47 4.83 5.64
C GLY A 34 -5.40 5.97 6.05
N PHE A 35 -6.38 6.26 5.20
CA PHE A 35 -7.34 7.31 5.49
C PHE A 35 -8.53 6.76 6.28
N GLU A 36 -8.83 7.41 7.41
CA GLU A 36 -9.93 6.97 8.26
C GLU A 36 -11.25 7.14 7.52
N LYS A 37 -11.33 8.14 6.65
CA LYS A 37 -12.55 8.40 5.90
C LYS A 37 -12.86 7.24 4.96
N ASP A 38 -14.15 6.93 4.81
CA ASP A 38 -14.57 5.84 3.93
C ASP A 38 -14.18 4.50 4.53
N ASN A 39 -14.52 3.43 3.82
CA ASN A 39 -14.21 2.08 4.29
C ASN A 39 -12.72 1.97 4.66
N GLY A 40 -11.89 2.72 3.95
CA GLY A 40 -10.45 2.70 4.20
C GLY A 40 -9.67 3.06 2.94
N LEU A 41 -10.33 2.96 1.79
CA LEU A 41 -9.69 3.29 0.53
C LEU A 41 -8.52 2.36 0.26
N LEU A 42 -7.48 2.46 1.09
CA LEU A 42 -6.29 1.62 0.92
C LEU A 42 -5.92 0.96 2.25
N PHE A 43 -5.63 -0.34 2.20
CA PHE A 43 -5.23 -1.07 3.39
C PHE A 43 -3.76 -1.44 3.33
N ARG A 44 -3.05 -1.24 4.43
CA ARG A 44 -1.63 -1.54 4.50
C ARG A 44 -1.41 -2.99 4.92
N ILE A 45 -1.06 -3.83 3.95
CA ILE A 45 -0.81 -5.25 4.23
C ILE A 45 0.68 -5.49 4.46
N VAL A 46 1.01 -6.00 5.64
CA VAL A 46 2.41 -6.25 5.98
C VAL A 46 2.57 -7.68 6.49
N ASN A 47 3.55 -8.39 5.93
CA ASN A 47 3.82 -9.77 6.34
C ASN A 47 5.15 -9.85 7.08
N LYS A 48 5.09 -9.92 8.41
CA LYS A 48 6.30 -9.99 9.22
C LYS A 48 7.18 -11.15 8.77
N LYS A 49 6.57 -12.22 8.30
CA LYS A 49 7.31 -13.38 7.83
C LYS A 49 8.40 -12.96 6.86
N LYS A 50 7.99 -12.49 5.68
CA LYS A 50 8.94 -12.04 4.67
C LYS A 50 9.20 -10.54 4.80
N LYS A 51 8.50 -9.91 5.73
CA LYS A 51 8.66 -8.47 5.96
C LYS A 51 8.44 -7.69 4.66
N GLN A 52 7.55 -8.22 3.81
CA GLN A 52 7.26 -7.55 2.55
C GLN A 52 5.95 -6.77 2.65
N TRP A 53 6.01 -5.49 2.28
CA TRP A 53 4.83 -4.64 2.33
C TRP A 53 4.01 -4.77 1.05
N ALA A 54 2.69 -4.63 1.17
CA ALA A 54 1.81 -4.72 0.02
C ALA A 54 0.61 -3.79 0.19
N TYR A 55 0.10 -3.29 -0.92
CA TYR A 55 -1.04 -2.38 -0.88
C TYR A 55 -2.19 -2.91 -1.74
N TYR A 56 -3.42 -2.71 -1.25
CA TYR A 56 -4.60 -3.17 -1.98
C TYR A 56 -5.56 -2.01 -2.21
N ASN A 57 -5.90 -1.75 -3.47
CA ASN A 57 -6.80 -0.66 -3.81
C ASN A 57 -8.23 -1.17 -3.94
N ASP A 58 -9.17 -0.46 -3.32
CA ASP A 58 -10.57 -0.85 -3.38
C ASP A 58 -11.36 0.16 -4.20
N THR A 59 -10.91 1.41 -4.20
CA THR A 59 -11.58 2.46 -4.95
C THR A 59 -11.56 2.15 -6.44
N THR A 60 -12.74 2.01 -7.03
CA THR A 60 -12.85 1.71 -8.45
C THR A 60 -13.04 2.99 -9.26
N GLN A 61 -12.78 4.13 -8.63
CA GLN A 61 -12.92 5.41 -9.30
C GLN A 61 -11.67 6.25 -9.14
N TYR A 62 -10.80 5.84 -8.21
CA TYR A 62 -9.56 6.56 -7.96
C TYR A 62 -8.39 5.59 -7.83
N GLU A 63 -7.21 6.02 -8.26
CA GLU A 63 -6.01 5.20 -8.15
C GLU A 63 -5.27 5.50 -6.85
N MET A 64 -4.65 4.46 -6.28
CA MET A 64 -3.92 4.63 -5.02
C MET A 64 -2.45 4.89 -5.29
N HIS A 65 -1.97 6.05 -4.83
CA HIS A 65 -0.56 6.40 -5.01
C HIS A 65 0.16 6.37 -3.66
N VAL A 66 1.18 5.51 -3.56
CA VAL A 66 1.93 5.38 -2.31
C VAL A 66 3.26 6.11 -2.41
N LEU A 67 3.59 6.87 -1.37
CA LEU A 67 4.85 7.60 -1.33
C LEU A 67 5.42 7.59 0.08
N VAL A 68 6.26 6.60 0.37
CA VAL A 68 6.85 6.47 1.70
C VAL A 68 8.36 6.73 1.64
N THR A 69 8.84 7.57 2.55
CA THR A 69 10.27 7.88 2.59
C THR A 69 10.90 7.26 3.84
N PHE A 70 12.05 6.61 3.65
CA PHE A 70 12.74 5.97 4.77
C PHE A 70 14.10 6.61 4.99
N ASN A 71 14.62 6.47 6.21
CA ASN A 71 15.93 7.04 6.54
C ASN A 71 17.04 6.15 6.02
N GLU A 72 18.22 6.74 5.80
CA GLU A 72 19.36 5.98 5.30
C GLU A 72 19.54 4.69 6.10
N ASP A 73 19.43 4.80 7.42
CA ASP A 73 19.57 3.63 8.28
C ASP A 73 18.31 2.76 8.23
N CYS A 74 18.08 2.11 7.10
CA CYS A 74 16.90 1.26 6.94
C CYS A 74 17.17 0.18 5.90
N ASP A 75 17.20 -1.08 6.35
CA ASP A 75 17.45 -2.19 5.45
C ASP A 75 16.17 -2.55 4.69
N ILE A 76 15.86 -1.75 3.66
CA ILE A 76 14.66 -1.99 2.86
C ILE A 76 15.03 -2.25 1.40
N LYS A 77 14.16 -2.94 0.68
CA LYS A 77 14.41 -3.25 -0.71
C LYS A 77 13.16 -3.01 -1.55
N ALA A 78 13.34 -2.94 -2.87
CA ALA A 78 12.22 -2.71 -3.77
C ALA A 78 11.70 -4.04 -4.32
N LEU A 79 10.38 -4.17 -4.40
CA LEU A 79 9.77 -5.39 -4.89
C LEU A 79 9.29 -5.22 -6.33
N GLY A 80 7.98 -5.02 -6.50
CA GLY A 80 7.41 -4.85 -7.83
C GLY A 80 8.05 -3.67 -8.55
N LYS A 81 7.28 -3.04 -9.44
CA LYS A 81 7.79 -1.91 -10.19
C LYS A 81 8.21 -0.79 -9.26
N THR A 82 7.97 -0.99 -7.97
CA THR A 82 8.32 0.02 -6.97
C THR A 82 9.73 0.57 -7.23
N LYS A 83 9.80 1.81 -7.67
CA LYS A 83 11.08 2.45 -7.95
C LYS A 83 11.75 2.89 -6.66
N LEU A 84 12.94 2.35 -6.41
CA LEU A 84 13.68 2.69 -5.19
C LEU A 84 14.96 3.44 -5.54
N GLU A 85 15.17 4.57 -4.85
CA GLU A 85 16.36 5.38 -5.09
C GLU A 85 16.74 6.15 -3.83
N GLN A 86 18.04 6.43 -3.68
CA GLN A 86 18.51 7.17 -2.52
C GLN A 86 18.93 8.58 -2.92
N GLN A 87 18.85 9.51 -1.96
CA GLN A 87 19.23 10.89 -2.23
C GLN A 87 20.54 11.23 -1.53
N GLU A 88 21.10 12.39 -1.87
CA GLU A 88 22.35 12.82 -1.27
C GLU A 88 22.18 13.05 0.22
N ASN A 89 21.03 13.57 0.62
CA ASN A 89 20.75 13.84 2.02
C ASN A 89 20.85 12.55 2.84
N GLY A 90 20.64 11.42 2.17
CA GLY A 90 20.73 10.13 2.84
C GLY A 90 19.34 9.62 3.21
N GLU A 91 18.46 9.56 2.22
CA GLU A 91 17.10 9.07 2.44
C GLU A 91 16.65 8.18 1.29
N TRP A 92 15.86 7.16 1.61
CA TRP A 92 15.36 6.25 0.59
C TRP A 92 13.93 6.59 0.21
N VAL A 93 13.62 6.51 -1.08
CA VAL A 93 12.28 6.82 -1.57
C VAL A 93 11.72 5.66 -2.39
N ALA A 94 10.47 5.30 -2.12
CA ALA A 94 9.83 4.20 -2.83
C ALA A 94 8.39 4.56 -3.18
N SER A 95 8.15 4.93 -4.44
CA SER A 95 6.81 5.30 -4.87
C SER A 95 6.28 4.30 -5.88
N VAL A 96 4.96 4.08 -5.85
CA VAL A 96 4.33 3.15 -6.77
C VAL A 96 2.83 3.40 -6.83
N VAL A 97 2.22 3.08 -7.97
CA VAL A 97 0.78 3.26 -8.14
C VAL A 97 0.07 1.92 -8.23
N VAL A 98 -1.06 1.80 -7.54
CA VAL A 98 -1.83 0.57 -7.54
C VAL A 98 -3.21 0.80 -8.15
N TYR A 99 -3.60 -0.07 -9.08
CA TYR A 99 -4.89 0.06 -9.73
C TYR A 99 -5.95 -0.75 -8.97
N PRO A 100 -7.19 -0.39 -9.14
CA PRO A 100 -8.33 -1.07 -8.45
C PRO A 100 -8.47 -2.53 -8.88
N CYS A 101 -9.05 -3.35 -8.01
CA CYS A 101 -9.25 -4.76 -8.31
C CYS A 101 -7.91 -5.42 -8.64
N GLU A 102 -6.83 -4.86 -8.10
CA GLU A 102 -5.50 -5.40 -8.34
C GLU A 102 -4.62 -5.18 -7.13
N THR A 103 -3.58 -6.01 -7.00
CA THR A 103 -2.65 -5.90 -5.88
C THR A 103 -1.21 -5.94 -6.36
N GLU A 104 -0.39 -5.05 -5.84
CA GLU A 104 1.02 -4.99 -6.24
C GLU A 104 1.93 -4.97 -5.01
N MET A 105 3.15 -5.43 -5.18
CA MET A 105 4.12 -5.46 -4.09
C MET A 105 4.76 -4.09 -3.90
N PHE A 106 5.20 -3.81 -2.67
CA PHE A 106 5.81 -2.52 -2.37
C PHE A 106 7.29 -2.69 -2.07
N ILE A 107 7.64 -2.67 -0.78
CA ILE A 107 9.02 -2.83 -0.37
C ILE A 107 9.15 -3.93 0.69
N GLU A 108 10.36 -4.43 0.86
CA GLU A 108 10.61 -5.49 1.84
C GLU A 108 11.88 -5.21 2.62
N GLY A 109 11.98 -5.81 3.80
CA GLY A 109 13.16 -5.62 4.64
C GLY A 109 12.80 -4.99 5.98
N ARG A 110 13.79 -4.43 6.66
CA ARG A 110 13.57 -3.79 7.95
C ARG A 110 13.27 -2.30 7.77
N VAL A 111 12.26 -1.81 8.50
CA VAL A 111 11.89 -0.40 8.41
C VAL A 111 12.25 0.34 9.68
N ASN A 112 12.96 1.46 9.53
CA ASN A 112 13.36 2.26 10.68
C ASN A 112 13.13 3.74 10.41
N GLY A 113 12.30 4.37 11.24
CA GLY A 113 12.00 5.79 11.07
C GLY A 113 11.72 6.10 9.61
N PHE A 114 10.44 6.20 9.27
CA PHE A 114 10.06 6.49 7.89
C PHE A 114 8.79 7.35 7.84
N LYS A 115 8.65 8.13 6.78
CA LYS A 115 7.48 8.98 6.62
C LYS A 115 6.58 8.44 5.50
N SER A 116 5.28 8.37 5.78
CA SER A 116 4.33 7.84 4.80
C SER A 116 3.42 8.95 4.28
N LYS A 117 3.23 8.98 2.96
CA LYS A 117 2.35 9.96 2.35
C LYS A 117 1.54 9.32 1.23
N MET A 118 0.22 9.25 1.42
CA MET A 118 -0.65 8.64 0.43
C MET A 118 -1.69 9.63 -0.08
N ASP A 119 -2.37 9.26 -1.15
CA ASP A 119 -3.40 10.11 -1.74
C ASP A 119 -4.31 9.30 -2.65
N ALA A 120 -5.40 9.93 -3.11
CA ALA A 120 -6.33 9.24 -3.98
C ALA A 120 -6.59 10.06 -5.25
N LEU A 121 -5.77 9.85 -6.27
CA LEU A 121 -5.92 10.58 -7.52
C LEU A 121 -6.91 9.88 -8.44
N PRO A 122 -7.36 10.56 -9.45
CA PRO A 122 -8.34 10.00 -10.43
C PRO A 122 -7.67 9.08 -11.45
N LEU A 123 -8.43 8.11 -11.95
CA LEU A 123 -7.90 7.17 -12.93
C LEU A 123 -7.81 7.83 -14.31
N SER A 124 -6.61 7.91 -14.85
CA SER A 124 -6.40 8.52 -16.16
C SER A 124 -6.55 7.48 -17.26
N GLU A 125 -6.29 7.88 -18.50
CA GLU A 125 -6.40 6.98 -19.63
C GLU A 125 -5.46 5.79 -19.45
N GLU A 126 -4.36 6.02 -18.74
CA GLU A 126 -3.39 4.96 -18.50
C GLU A 126 -4.06 3.75 -17.84
N TYR A 127 -4.95 4.03 -16.89
CA TYR A 127 -5.66 2.97 -16.19
C TYR A 127 -6.57 2.21 -17.16
N ARG A 128 -7.23 2.95 -18.04
CA ARG A 128 -8.13 2.34 -19.02
C ARG A 128 -7.39 1.29 -19.84
N GLN A 129 -6.14 1.60 -20.18
CA GLN A 129 -5.33 0.67 -20.96
C GLN A 129 -4.96 -0.56 -20.12
N HIS A 130 -4.67 -0.33 -18.85
CA HIS A 130 -4.32 -1.43 -17.95
C HIS A 130 -5.42 -2.48 -17.92
N GLN A 131 -6.67 -2.02 -18.05
CA GLN A 131 -7.81 -2.93 -18.04
C GLN A 131 -7.67 -3.98 -19.14
N ALA A 132 -7.16 -3.56 -20.29
CA ALA A 132 -6.97 -4.47 -21.42
C ALA A 132 -5.97 -5.56 -21.06
N GLU A 133 -4.94 -5.19 -20.30
CA GLU A 133 -3.92 -6.14 -19.91
C GLU A 133 -4.50 -7.22 -19.00
N LYS A 134 -5.44 -6.82 -18.14
CA LYS A 134 -6.07 -7.76 -17.22
C LYS A 134 -6.81 -8.85 -18.00
N ASP A 135 -7.44 -8.46 -19.10
CA ASP A 135 -8.17 -9.40 -19.92
C ASP A 135 -7.29 -9.94 -21.04
N LYS A 136 -6.70 -9.04 -21.81
CA LYS A 136 -5.83 -9.44 -22.91
C LYS A 136 -4.48 -9.89 -22.39
#